data_7UGP
#
_entry.id   7UGP
#
loop_
_entity.id
_entity.type
_entity.pdbx_description
1 polymer 'Envelope glycoprotein gp120'
2 polymer 'Envelope glycoprotein gp41'
3 polymer '10-1074 Fab heavy chain'
4 polymer 'BG24 mature Fab heavy chain'
5 polymer '10-1074 Fab light chain'
6 polymer 'BG24 mature Fab light chain'
7 branched alpha-D-mannopyranose-(1-2)-alpha-D-mannopyranose-(1-4)-[alpha-D-mannopyranose-(1-6)]beta-D-mannopyranose-(1-4)-2-acetamido-2-deoxy-beta-D-glucopyranose-(1-4)-2-acetamido-2-deoxy-beta-D-glucopyranose
8 branched 2-acetamido-2-deoxy-beta-D-glucopyranose-(1-4)-2-acetamido-2-deoxy-beta-D-glucopyranose
9 branched beta-D-mannopyranose-(1-4)-2-acetamido-2-deoxy-beta-D-glucopyranose-(1-4)-2-acetamido-2-deoxy-beta-D-glucopyranose
10 non-polymer 2-acetamido-2-deoxy-beta-D-glucopyranose
#
loop_
_entity_poly.entity_id
_entity_poly.type
_entity_poly.pdbx_seq_one_letter_code
_entity_poly.pdbx_strand_id
1 'polypeptide(L)'
;ENLWVTVYYGVPVWKDAETTLFCASDKKHNVWATHACVPTDPNPQEIHLENVTEEFNMWKNNMVEQMHTDIISLWDQSLK
PCVKLTPLCVTLQCTNVTNNIGELKNCSFNMTTELRDKRQKVHALFYKLDIVPINENQNTSYRLINCNTAAITQACPKVS
FEPIPIHYCAPAGFAILKCKDKKFNGTGPCPSVSTVQCTHGIKPVVSTQLLLNGSLAEEEVMIRSENITNNAKNILVQFN
TPVQINCTRPNNNTRKSIRIGPGQWFYATGDIIGDIRQAHCNVSKATWNETLGKVVKQLRKHFGNNTIIRFANSSGGDLE
VTTHSFNCGGEFFYCDTSGLFNSTWISNDSITLPCRIKQIINMWQRIGQAMYAPPIQGVIRCVSNITGLILTRDGGSTDS
TTETFRPSGGDMRDNWRSELYKYKVVKIEPLGVAPTRCKRRVV
;
A,B,C
2 'polypeptide(L)'
;FLGFLGAAGSTMGAASMTLTVQARNLLSLLKLTVWGIKQLQARVLAVERYLRDQQLLGIWGCSGKLICCTNVPWNSSWSN
RNLSEIWDNMTWLQWDKEISNYTQIIYGLLEESQNQQEKNEQDLLALD
;
D,E,F
3 'polypeptide(L)'
;QVQLQESGPGLVKPSETLSVTCSVSGDSMNNYYWTWIRQSPGKGLEWIGYISDRESATYNPSLNSRVVISRDTSKNQLSL
KLNSVTPADTAVYYCATARRGQRIYGVVSFGEFFYYYSMDVWGKGTTVTVSSA
;
M,N,O
4 'polypeptide(L)'
;VQLVQSRAEVKKPGASVKVSCEASGYNFVDHYIHWVRQAPGQRPQWVGWMNPRGGGVAYSQRFQGRVTMTRDTSIDTAYM
QLNRLTSGDTAVYYCATQVKLDSSAGYPFDIWGQGTMVTV
;
G,H,I
5 'polypeptide(L)'
;VRPLSVALGETARISCGRQALGSRAVQWYQHRPGQAPILLIYNNQDRPSGIPERFSGTPDINFGTRATLTISGVEAGDEA
DYYCHMWDSRSGFSWSFGGATRLTVLG
;
P,Q,R
6 'polypeptide(L)'
;SALTQPRSVSGSPGQSVTISCTGTSSDVGGYNYVSWYQQHPGKAPKLMIYDVSKRPSGVPDRFSGSKSGNTASLTISGLQ
AEDEADYYCSSYEYFGGGTKLTVLS
;
J,K,L
#
# COMPACT_ATOMS: atom_id res chain seq x y z
N GLU A 1 35.03 -5.62 -62.59
CA GLU A 1 34.45 -6.20 -61.38
C GLU A 1 33.24 -5.39 -60.93
N ASN A 2 32.11 -6.09 -60.76
CA ASN A 2 30.86 -5.47 -60.34
C ASN A 2 30.51 -6.01 -58.96
N LEU A 3 30.63 -5.17 -57.94
CA LEU A 3 30.30 -5.53 -56.58
C LEU A 3 28.82 -5.26 -56.31
N TRP A 4 28.10 -6.29 -55.90
CA TRP A 4 26.71 -6.17 -55.49
C TRP A 4 26.60 -6.47 -54.00
N VAL A 5 25.46 -6.09 -53.40
CA VAL A 5 25.36 -6.06 -51.95
C VAL A 5 25.15 -7.47 -51.40
N THR A 6 25.59 -7.67 -50.15
CA THR A 6 25.37 -8.89 -49.40
C THR A 6 24.84 -8.50 -48.03
N VAL A 7 24.03 -9.37 -47.44
CA VAL A 7 23.62 -9.19 -46.05
C VAL A 7 24.28 -10.26 -45.22
N TYR A 8 24.40 -9.99 -43.93
CA TYR A 8 25.07 -10.89 -43.00
C TYR A 8 24.36 -10.86 -41.67
N TYR A 9 24.00 -12.04 -41.16
CA TYR A 9 23.37 -12.17 -39.85
C TYR A 9 24.37 -12.79 -38.89
N GLY A 10 24.54 -12.16 -37.74
CA GLY A 10 25.53 -12.56 -36.77
C GLY A 10 26.78 -11.71 -36.72
N VAL A 11 26.71 -10.46 -37.17
CA VAL A 11 27.86 -9.57 -37.23
C VAL A 11 28.24 -9.09 -35.84
N PRO A 12 29.48 -9.26 -35.40
CA PRO A 12 29.89 -8.76 -34.07
C PRO A 12 30.27 -7.28 -34.10
N VAL A 13 29.26 -6.42 -34.25
CA VAL A 13 29.43 -4.97 -34.21
C VAL A 13 28.57 -4.44 -33.07
N TRP A 14 29.20 -3.73 -32.14
CA TRP A 14 28.51 -3.22 -30.98
C TRP A 14 28.37 -1.70 -31.04
N LYS A 15 27.30 -1.21 -30.40
CA LYS A 15 27.02 0.21 -30.30
C LYS A 15 26.66 0.53 -28.85
N ASP A 16 27.18 1.65 -28.35
CA ASP A 16 27.03 2.03 -26.96
C ASP A 16 25.61 2.49 -26.63
N ALA A 17 24.90 1.74 -25.80
CA ALA A 17 23.53 2.06 -25.42
C ALA A 17 23.36 1.76 -23.94
N GLU A 18 22.11 1.79 -23.47
CA GLU A 18 21.79 1.55 -22.08
C GLU A 18 20.63 0.56 -21.99
N THR A 19 20.76 -0.39 -21.07
CA THR A 19 19.86 -1.52 -20.95
C THR A 19 19.62 -1.69 -19.44
N THR A 20 18.53 -2.36 -19.06
CA THR A 20 18.33 -2.82 -17.69
C THR A 20 18.95 -4.19 -17.51
N LEU A 21 19.48 -4.44 -16.31
CA LEU A 21 20.29 -5.63 -16.03
C LEU A 21 19.82 -6.24 -14.71
N PHE A 22 19.57 -7.55 -14.72
CA PHE A 22 19.09 -8.22 -13.54
C PHE A 22 20.26 -8.67 -12.66
N CYS A 23 19.95 -9.32 -11.54
CA CYS A 23 20.97 -9.84 -10.64
C CYS A 23 21.11 -11.34 -10.85
N ALA A 24 21.89 -11.96 -9.99
CA ALA A 24 22.07 -13.41 -9.99
C ALA A 24 22.03 -13.96 -8.58
N SER A 25 22.38 -15.24 -8.46
CA SER A 25 22.34 -15.97 -7.20
C SER A 25 23.76 -16.28 -6.74
N ASP A 26 23.83 -17.00 -5.61
CA ASP A 26 25.03 -17.64 -5.05
C ASP A 26 26.20 -16.70 -4.74
N LYS A 27 20.86 -17.91 4.71
CA LYS A 27 20.28 -17.39 3.49
C LYS A 27 18.76 -17.33 3.56
N LYS A 28 18.25 -16.83 4.70
CA LYS A 28 16.80 -16.73 4.88
C LYS A 28 16.22 -15.58 4.09
N HIS A 29 16.64 -14.34 4.41
CA HIS A 29 16.16 -13.13 3.76
C HIS A 29 17.14 -12.00 4.00
N ASN A 30 17.66 -11.40 2.93
CA ASN A 30 18.39 -10.16 3.02
C ASN A 30 17.54 -9.05 2.43
N VAL A 31 18.04 -7.82 2.48
CA VAL A 31 17.24 -6.70 2.02
C VAL A 31 17.28 -6.54 0.50
N TRP A 32 18.26 -7.14 -0.19
CA TRP A 32 18.34 -6.93 -1.63
C TRP A 32 17.84 -8.12 -2.44
N ALA A 33 18.54 -9.25 -2.37
CA ALA A 33 18.30 -10.32 -3.34
C ALA A 33 18.80 -11.68 -2.86
N THR A 34 17.89 -12.59 -2.54
CA THR A 34 18.28 -13.97 -2.21
C THR A 34 17.45 -15.01 -2.95
N HIS A 35 16.14 -14.85 -3.06
CA HIS A 35 15.24 -15.88 -3.54
C HIS A 35 14.72 -15.61 -4.94
N ALA A 36 14.24 -14.40 -5.20
CA ALA A 36 13.74 -14.02 -6.53
C ALA A 36 14.94 -13.60 -7.36
N CYS A 37 15.66 -14.59 -7.89
CA CYS A 37 16.93 -14.36 -8.55
C CYS A 37 17.08 -15.36 -9.69
N VAL A 38 17.89 -15.01 -10.68
CA VAL A 38 18.30 -15.95 -11.72
C VAL A 38 19.43 -16.80 -11.17
N PRO A 39 19.32 -18.13 -11.19
CA PRO A 39 20.45 -18.97 -10.78
C PRO A 39 21.56 -18.96 -11.82
N THR A 40 22.71 -18.42 -11.43
CA THR A 40 23.80 -18.18 -12.38
C THR A 40 24.55 -19.46 -12.69
N ASP A 41 25.47 -19.34 -13.65
CA ASP A 41 26.32 -20.46 -14.02
C ASP A 41 27.39 -20.68 -12.95
N PRO A 42 27.76 -21.94 -12.67
CA PRO A 42 28.81 -22.18 -11.66
C PRO A 42 30.20 -21.81 -12.15
N ASN A 43 30.48 -22.00 -13.44
CA ASN A 43 31.76 -21.62 -14.01
C ASN A 43 31.54 -20.51 -15.04
N PRO A 44 32.12 -19.33 -14.85
CA PRO A 44 31.97 -18.27 -15.86
C PRO A 44 32.88 -18.53 -17.05
N GLN A 45 32.51 -17.92 -18.19
CA GLN A 45 33.24 -18.10 -19.43
C GLN A 45 33.92 -16.80 -19.80
N GLU A 46 35.25 -16.81 -19.81
CA GLU A 46 36.05 -15.68 -20.24
C GLU A 46 36.62 -15.96 -21.63
N ILE A 47 36.47 -14.99 -22.54
CA ILE A 47 36.89 -15.19 -23.91
C ILE A 47 38.27 -14.58 -24.18
N HIS A 48 38.56 -13.43 -23.51
CA HIS A 48 39.77 -12.58 -23.61
C HIS A 48 40.21 -12.32 -25.06
N LEU A 49 39.36 -11.59 -25.77
CA LEU A 49 39.58 -11.29 -27.17
C LEU A 49 40.73 -10.30 -27.37
N GLU A 50 41.65 -10.65 -28.27
CA GLU A 50 42.77 -9.80 -28.65
C GLU A 50 42.41 -8.98 -29.89
N ASN A 51 43.27 -7.99 -30.17
CA ASN A 51 43.21 -7.06 -31.31
C ASN A 51 41.90 -6.29 -31.35
N VAL A 52 41.55 -5.69 -30.22
CA VAL A 52 40.27 -5.00 -30.07
C VAL A 52 40.48 -3.80 -29.14
N THR A 53 39.75 -2.73 -29.39
CA THR A 53 39.81 -1.54 -28.55
C THR A 53 38.43 -0.91 -28.46
N GLU A 54 38.20 -0.21 -27.35
CA GLU A 54 36.94 0.46 -27.08
C GLU A 54 37.19 1.57 -26.06
N GLU A 55 36.65 2.76 -26.34
CA GLU A 55 36.80 3.90 -25.43
C GLU A 55 35.86 3.70 -24.24
N PHE A 56 36.40 3.31 -23.11
CA PHE A 56 35.60 3.10 -21.91
C PHE A 56 35.42 4.40 -21.15
N ASN A 57 34.40 4.43 -20.30
CA ASN A 57 34.14 5.58 -19.44
C ASN A 57 33.46 5.07 -18.18
N MET A 58 34.06 5.34 -17.02
CA MET A 58 33.50 4.93 -15.75
C MET A 58 32.67 6.03 -15.09
N TRP A 59 32.65 7.23 -15.66
CA TRP A 59 31.95 8.35 -15.05
C TRP A 59 30.61 8.62 -15.73
N LYS A 60 30.58 8.54 -17.06
CA LYS A 60 29.34 8.72 -17.80
C LYS A 60 28.61 7.41 -18.07
N ASN A 61 29.01 6.33 -17.40
CA ASN A 61 28.34 5.05 -17.55
C ASN A 61 27.01 5.05 -16.81
N ASN A 62 26.01 4.42 -17.40
CA ASN A 62 24.67 4.35 -16.84
C ASN A 62 24.49 3.15 -15.92
N MET A 63 25.51 2.30 -15.79
CA MET A 63 25.40 1.10 -14.97
C MET A 63 25.38 1.43 -13.49
N VAL A 64 26.19 2.42 -13.07
CA VAL A 64 26.23 2.80 -11.66
C VAL A 64 24.98 3.60 -11.27
N GLU A 65 24.42 4.37 -12.21
CA GLU A 65 23.18 5.11 -11.97
C GLU A 65 21.99 4.17 -11.88
N GLN A 66 21.93 3.19 -12.79
CA GLN A 66 20.90 2.16 -12.76
C GLN A 66 21.02 1.25 -11.55
N MET A 67 22.26 0.97 -11.10
CA MET A 67 22.45 0.17 -9.90
C MET A 67 22.08 0.95 -8.64
N HIS A 68 22.29 2.27 -8.64
CA HIS A 68 21.89 3.11 -7.52
C HIS A 68 20.36 3.20 -7.44
N THR A 69 19.71 3.26 -8.61
CA THR A 69 18.24 3.26 -8.68
C THR A 69 17.67 1.91 -8.22
N ASP A 70 18.36 0.82 -8.55
CA ASP A 70 17.93 -0.52 -8.14
C ASP A 70 18.11 -0.74 -6.64
N ILE A 71 19.22 -0.27 -6.07
CA ILE A 71 19.46 -0.46 -4.64
C ILE A 71 18.55 0.45 -3.79
N ILE A 72 18.22 1.65 -4.31
CA ILE A 72 17.23 2.52 -3.66
C ILE A 72 15.83 1.92 -3.74
N SER A 73 15.49 1.25 -4.86
CA SER A 73 14.18 0.61 -4.97
C SER A 73 14.08 -0.66 -4.12
N LEU A 74 15.21 -1.36 -3.93
CA LEU A 74 15.21 -2.53 -3.05
C LEU A 74 15.13 -2.13 -1.58
N TRP A 75 15.82 -1.03 -1.21
CA TRP A 75 15.72 -0.48 0.13
C TRP A 75 14.34 0.12 0.41
N ASP A 76 13.66 0.61 -0.62
CA ASP A 76 12.31 1.11 -0.44
C ASP A 76 11.31 -0.02 -0.28
N GLN A 77 11.43 -1.09 -1.08
CA GLN A 77 10.47 -2.17 -0.97
C GLN A 77 10.78 -3.16 0.15
N SER A 78 11.96 -3.10 0.75
CA SER A 78 12.27 -3.94 1.90
C SER A 78 11.75 -3.39 3.22
N LEU A 79 11.35 -2.12 3.26
CA LEU A 79 10.79 -1.49 4.45
C LEU A 79 9.27 -1.39 4.44
N LYS A 80 8.63 -1.78 3.35
CA LYS A 80 7.16 -1.74 3.24
C LYS A 80 6.39 -2.72 4.14
N PRO A 81 6.55 -4.06 4.13
CA PRO A 81 5.53 -4.90 4.78
C PRO A 81 5.69 -5.09 6.28
N CYS A 82 6.55 -4.34 6.95
CA CYS A 82 6.68 -4.45 8.39
C CYS A 82 6.53 -3.09 9.08
N VAL A 83 6.91 -3.03 10.36
CA VAL A 83 6.31 -2.11 11.33
C VAL A 83 6.69 -0.65 11.08
N LYS A 84 5.67 0.21 11.01
CA LYS A 84 5.80 1.65 10.94
C LYS A 84 5.77 2.23 12.35
N LEU A 85 6.72 3.10 12.66
CA LEU A 85 6.86 3.63 14.02
C LEU A 85 6.19 5.00 14.13
N THR A 86 4.90 5.03 13.85
CA THR A 86 4.13 6.22 14.16
C THR A 86 3.85 6.64 15.62
N PRO A 87 3.83 5.81 16.68
CA PRO A 87 3.63 6.42 18.01
C PRO A 87 4.91 6.69 18.80
N LEU A 88 6.09 6.62 18.19
CA LEU A 88 7.33 6.78 18.93
C LEU A 88 7.70 8.25 19.13
N CYS A 89 6.97 9.17 18.51
CA CYS A 89 7.31 10.59 18.55
C CYS A 89 6.69 11.32 19.74
N VAL A 90 6.49 10.63 20.88
CA VAL A 90 5.90 11.24 22.07
C VAL A 90 6.94 12.09 22.78
N THR A 91 6.48 12.90 23.74
CA THR A 91 7.40 13.68 24.56
C THR A 91 8.09 12.77 25.56
N LEU A 92 9.42 12.73 25.52
CA LEU A 92 10.18 11.80 26.34
C LEU A 92 10.57 12.45 27.66
N GLN A 93 10.90 11.60 28.64
CA GLN A 93 11.25 12.00 29.99
C GLN A 93 12.62 11.45 30.35
N CYS A 94 13.59 11.69 29.46
CA CYS A 94 14.89 11.04 29.53
C CYS A 94 15.77 11.63 30.64
N THR A 95 16.82 10.91 30.98
CA THR A 95 17.78 11.32 32.00
C THR A 95 19.17 10.80 31.63
N ASN A 96 20.16 11.33 32.34
CA ASN A 96 21.57 11.00 32.09
C ASN A 96 21.89 9.61 32.64
N VAL A 97 23.06 9.08 32.24
CA VAL A 97 23.47 7.72 32.57
C VAL A 97 24.93 7.76 33.01
N THR A 98 25.32 6.76 33.81
CA THR A 98 26.66 6.29 34.20
C THR A 98 27.53 7.25 35.03
N ASN A 99 27.06 8.48 35.26
CA ASN A 99 27.67 9.54 36.09
C ASN A 99 29.10 9.87 35.63
N ASN A 100 29.19 10.43 34.43
CA ASN A 100 30.45 10.90 33.89
C ASN A 100 30.31 12.35 33.45
N ILE A 101 31.45 12.98 33.18
CA ILE A 101 31.47 14.36 32.75
C ILE A 101 31.54 14.45 31.24
N GLY A 102 28.71 10.44 29.22
CA GLY A 102 27.97 9.31 28.67
C GLY A 102 27.30 9.63 27.35
N GLU A 103 27.62 8.84 26.32
CA GLU A 103 27.01 9.05 25.01
C GLU A 103 25.63 8.42 24.96
N LEU A 104 25.37 7.42 25.81
CA LEU A 104 24.05 6.83 25.91
C LEU A 104 23.14 7.71 26.75
N LYS A 105 21.85 7.39 26.76
CA LYS A 105 20.88 8.17 27.49
C LYS A 105 19.73 7.27 27.92
N ASN A 106 19.40 7.33 29.21
CA ASN A 106 18.32 6.54 29.79
C ASN A 106 17.00 7.22 29.48
N CYS A 107 16.40 6.85 28.35
CA CYS A 107 15.13 7.43 27.94
C CYS A 107 13.98 6.72 28.63
N SER A 108 12.89 7.46 28.87
CA SER A 108 11.71 6.91 29.52
C SER A 108 10.48 7.64 28.99
N PHE A 109 9.48 6.87 28.60
CA PHE A 109 8.27 7.45 28.02
C PHE A 109 7.11 6.50 28.24
N ASN A 110 5.92 6.97 27.90
CA ASN A 110 4.71 6.17 27.94
C ASN A 110 4.02 6.17 26.57
N MET A 111 3.73 4.95 26.08
CA MET A 111 3.17 4.78 24.76
C MET A 111 2.06 3.72 24.84
N THR A 112 1.35 3.55 23.73
CA THR A 112 0.19 2.68 23.69
C THR A 112 0.59 1.21 23.64
N THR A 113 -0.23 0.37 24.28
CA THR A 113 -0.12 -1.07 24.21
C THR A 113 -1.03 -1.58 23.08
N GLU A 114 -1.30 -2.90 23.08
CA GLU A 114 -2.29 -3.46 22.15
C GLU A 114 -3.69 -2.94 22.43
N LEU A 115 -4.01 -2.71 23.69
CA LEU A 115 -5.27 -2.05 24.04
C LEU A 115 -5.17 -0.57 23.73
N ARG A 116 -6.25 -0.01 23.19
CA ARG A 116 -6.22 1.37 22.71
C ARG A 116 -6.33 2.36 23.86
N ASP A 117 -7.01 2.01 24.94
CA ASP A 117 -7.28 2.93 26.03
C ASP A 117 -6.44 2.60 27.26
N LYS A 118 -5.25 2.05 27.04
CA LYS A 118 -4.31 1.77 28.12
C LYS A 118 -2.92 2.17 27.67
N ARG A 119 -2.14 2.73 28.60
CA ARG A 119 -0.78 3.18 28.32
C ARG A 119 0.18 2.52 29.28
N GLN A 120 1.31 2.05 28.76
CA GLN A 120 2.36 1.45 29.57
C GLN A 120 3.57 2.37 29.61
N LYS A 121 4.15 2.52 30.79
CA LYS A 121 5.32 3.37 30.99
C LYS A 121 6.56 2.50 30.86
N VAL A 122 7.30 2.69 29.78
CA VAL A 122 8.47 1.87 29.47
C VAL A 122 9.72 2.73 29.58
N HIS A 123 10.87 2.09 29.37
CA HIS A 123 12.15 2.79 29.34
C HIS A 123 13.07 2.11 28.35
N ALA A 124 13.80 2.91 27.58
CA ALA A 124 14.75 2.43 26.60
C ALA A 124 16.07 3.19 26.75
N LEU A 125 17.02 2.85 25.89
CA LEU A 125 18.33 3.51 25.88
C LEU A 125 18.61 4.02 24.47
N PHE A 126 18.40 5.31 24.27
CA PHE A 126 18.64 5.96 22.98
C PHE A 126 19.99 6.66 22.99
N TYR A 127 20.62 6.71 21.82
CA TYR A 127 21.87 7.43 21.66
C TYR A 127 21.64 8.94 21.67
N LYS A 128 22.73 9.68 21.89
CA LYS A 128 22.61 11.13 21.94
C LYS A 128 22.48 11.77 20.57
N LEU A 129 22.90 11.07 19.51
CA LEU A 129 22.77 11.62 18.17
C LEU A 129 21.35 11.47 17.64
N ASP A 130 20.58 10.53 18.17
CA ASP A 130 19.19 10.31 17.77
C ASP A 130 18.20 11.07 18.63
N ILE A 131 18.65 12.07 19.37
CA ILE A 131 17.78 12.79 20.28
C ILE A 131 18.10 14.28 20.16
N VAL A 132 17.05 15.10 20.29
CA VAL A 132 17.16 16.56 20.31
C VAL A 132 16.26 17.10 21.42
N PRO A 133 16.62 18.20 22.08
CA PRO A 133 15.67 18.88 22.97
C PRO A 133 14.72 19.76 22.17
N ILE A 134 13.44 19.69 22.48
CA ILE A 134 12.43 20.38 21.67
C ILE A 134 12.11 21.77 22.24
N ASN A 135 11.99 21.92 23.56
CA ASN A 135 11.55 23.17 24.15
C ASN A 135 12.69 24.14 24.42
N GLU A 136 13.93 23.78 24.06
CA GLU A 136 15.18 24.51 24.24
C GLU A 136 15.48 24.86 25.69
N ASN A 137 15.03 24.04 26.63
CA ASN A 137 15.31 24.22 28.04
C ASN A 137 16.56 23.42 28.41
N GLN A 138 16.77 23.21 29.71
CA GLN A 138 17.94 22.48 30.17
C GLN A 138 17.81 20.98 29.90
N ASN A 139 16.76 20.35 30.44
CA ASN A 139 16.63 18.91 30.39
C ASN A 139 15.15 18.53 30.35
N THR A 140 14.85 17.26 30.62
CA THR A 140 13.57 16.54 30.85
C THR A 140 12.50 16.72 29.77
N SER A 141 12.84 17.20 28.57
CA SER A 141 11.88 17.28 27.48
C SER A 141 12.64 17.07 26.17
N TYR A 142 12.71 15.82 25.72
CA TYR A 142 13.50 15.46 24.57
C TYR A 142 12.62 14.75 23.54
N ARG A 143 13.06 14.76 22.29
CA ARG A 143 12.34 14.11 21.21
C ARG A 143 13.34 13.59 20.18
N LEU A 144 12.84 12.79 19.24
CA LEU A 144 13.70 12.17 18.25
C LEU A 144 14.08 13.18 17.17
N ILE A 145 15.15 12.86 16.44
CA ILE A 145 15.70 13.80 15.46
C ILE A 145 14.95 13.73 14.13
N ASN A 146 14.22 12.65 13.86
CA ASN A 146 13.50 12.50 12.60
C ASN A 146 12.00 12.37 12.80
N CYS A 147 11.47 12.93 13.89
CA CYS A 147 10.04 13.11 14.06
C CYS A 147 9.59 14.50 13.64
N ASN A 148 10.39 15.20 12.87
CA ASN A 148 10.11 16.58 12.47
C ASN A 148 10.01 16.70 10.96
N THR A 149 10.92 16.04 10.24
CA THR A 149 10.98 16.14 8.78
C THR A 149 10.66 14.84 8.06
N ALA A 150 10.43 13.74 8.78
CA ALA A 150 10.21 12.46 8.13
C ALA A 150 9.29 11.60 8.99
N ALA A 151 8.85 10.50 8.41
CA ALA A 151 8.05 9.49 9.11
C ALA A 151 8.98 8.33 9.44
N ILE A 152 9.19 8.11 10.75
CA ILE A 152 10.18 7.13 11.18
C ILE A 152 9.62 5.71 11.05
N THR A 153 10.41 4.85 10.40
CA THR A 153 10.04 3.46 10.12
C THR A 153 11.05 2.58 10.82
N GLN A 154 10.59 1.51 11.46
CA GLN A 154 11.52 0.51 11.99
C GLN A 154 12.09 -0.30 10.83
N ALA A 155 13.41 -0.49 10.85
CA ALA A 155 14.02 -1.44 9.92
C ALA A 155 13.63 -2.86 10.33
N CYS A 156 13.59 -3.74 9.36
CA CYS A 156 12.76 -4.92 9.51
C CYS A 156 13.57 -6.02 10.19
N PRO A 157 13.06 -6.65 11.25
CA PRO A 157 13.93 -7.44 12.12
C PRO A 157 14.26 -8.84 11.59
N LYS A 158 13.40 -9.41 10.74
CA LYS A 158 13.68 -10.76 10.24
C LYS A 158 14.71 -10.74 9.12
N VAL A 159 14.74 -9.69 8.31
CA VAL A 159 15.71 -9.60 7.22
C VAL A 159 17.03 -9.08 7.77
N SER A 160 18.08 -9.18 6.97
CA SER A 160 19.44 -8.83 7.38
C SER A 160 20.06 -7.88 6.38
N PHE A 161 20.97 -7.03 6.86
CA PHE A 161 21.56 -5.97 6.06
C PHE A 161 22.96 -6.31 5.55
N GLU A 162 23.29 -7.59 5.44
CA GLU A 162 24.65 -7.95 5.04
C GLU A 162 24.80 -7.84 3.53
N PRO A 163 25.91 -7.28 3.03
CA PRO A 163 26.19 -7.36 1.60
C PRO A 163 26.63 -8.77 1.22
N ILE A 164 25.86 -9.40 0.35
CA ILE A 164 26.23 -10.69 -0.20
C ILE A 164 26.68 -10.46 -1.64
N PRO A 165 27.62 -11.25 -2.19
CA PRO A 165 28.07 -11.00 -3.57
C PRO A 165 27.05 -11.36 -4.62
N ILE A 166 26.46 -10.35 -5.25
CA ILE A 166 25.54 -10.53 -6.36
C ILE A 166 26.31 -10.32 -7.65
N HIS A 167 25.71 -10.75 -8.76
CA HIS A 167 26.30 -10.59 -10.08
C HIS A 167 25.30 -9.80 -10.94
N TYR A 168 25.64 -8.55 -11.22
CA TYR A 168 24.80 -7.63 -11.99
C TYR A 168 24.83 -8.09 -13.45
N CYS A 169 23.82 -8.85 -13.84
CA CYS A 169 23.93 -9.68 -15.04
C CYS A 169 23.02 -9.18 -16.16
N ALA A 170 23.55 -9.24 -17.39
CA ALA A 170 22.94 -8.75 -18.61
C ALA A 170 22.06 -9.81 -19.26
N PRO A 171 21.01 -9.41 -19.99
CA PRO A 171 20.22 -10.40 -20.74
C PRO A 171 20.93 -10.84 -22.01
N ALA A 172 20.30 -11.79 -22.69
CA ALA A 172 20.83 -12.30 -23.95
C ALA A 172 20.59 -11.28 -25.06
N GLY A 173 21.55 -11.19 -25.98
CA GLY A 173 21.50 -10.19 -27.02
C GLY A 173 22.39 -9.00 -26.70
N PHE A 174 22.41 -8.61 -25.44
CA PHE A 174 23.29 -7.55 -24.97
C PHE A 174 24.56 -8.18 -24.41
N ALA A 175 25.55 -7.36 -24.08
CA ALA A 175 26.83 -7.89 -23.66
C ALA A 175 27.52 -6.92 -22.72
N ILE A 176 28.45 -7.47 -21.93
CA ILE A 176 29.24 -6.71 -20.97
C ILE A 176 30.70 -6.86 -21.37
N LEU A 177 31.34 -5.74 -21.72
CA LEU A 177 32.75 -5.72 -22.03
C LEU A 177 33.57 -5.59 -20.74
N LYS A 178 34.78 -6.13 -20.76
CA LYS A 178 35.62 -6.19 -19.57
C LYS A 178 37.03 -5.71 -19.92
N CYS A 179 37.60 -4.92 -19.03
CA CYS A 179 38.97 -4.41 -19.17
C CYS A 179 39.86 -5.17 -18.18
N LYS A 180 40.54 -6.19 -18.68
CA LYS A 180 41.51 -6.91 -17.86
C LYS A 180 42.86 -6.21 -17.82
N ASP A 181 43.06 -5.21 -18.66
CA ASP A 181 44.31 -4.44 -18.64
C ASP A 181 44.31 -3.51 -17.43
N LYS A 182 45.46 -3.44 -16.76
CA LYS A 182 45.58 -2.69 -15.51
C LYS A 182 46.14 -1.28 -15.70
N LYS A 183 46.49 -0.90 -16.93
CA LYS A 183 46.97 0.46 -17.17
C LYS A 183 45.86 1.44 -17.47
N PHE A 184 44.60 1.02 -17.36
CA PHE A 184 43.45 1.91 -17.56
C PHE A 184 43.33 2.86 -16.37
N ASN A 185 43.62 4.15 -16.63
CA ASN A 185 43.65 5.15 -15.58
C ASN A 185 42.28 5.70 -15.22
N GLY A 186 41.24 5.36 -15.96
CA GLY A 186 39.91 5.86 -15.65
C GLY A 186 39.19 6.43 -16.85
N THR A 187 39.95 6.84 -17.87
CA THR A 187 39.37 7.34 -19.11
C THR A 187 40.35 7.05 -20.24
N GLY A 188 39.89 6.30 -21.23
CA GLY A 188 40.72 6.01 -22.38
C GLY A 188 40.37 4.69 -23.03
N PRO A 189 41.02 4.38 -24.17
CA PRO A 189 40.78 3.07 -24.81
C PRO A 189 41.46 1.95 -24.05
N CYS A 190 40.68 0.94 -23.69
CA CYS A 190 41.25 -0.23 -23.04
C CYS A 190 41.93 -1.10 -24.09
N PRO A 191 43.18 -1.53 -23.85
CA PRO A 191 43.86 -2.35 -24.88
C PRO A 191 43.35 -3.78 -24.95
N SER A 192 42.98 -4.37 -23.82
CA SER A 192 42.47 -5.73 -23.76
C SER A 192 40.99 -5.67 -23.37
N VAL A 193 40.13 -5.47 -24.36
CA VAL A 193 38.69 -5.48 -24.15
C VAL A 193 38.26 -6.94 -24.15
N SER A 194 38.29 -7.54 -22.97
CA SER A 194 37.94 -8.94 -22.83
C SER A 194 36.42 -9.11 -22.79
N THR A 195 36.00 -10.37 -22.76
CA THR A 195 34.58 -10.70 -22.72
C THR A 195 34.33 -11.67 -21.56
N VAL A 196 33.47 -11.26 -20.64
CA VAL A 196 32.91 -12.15 -19.65
C VAL A 196 31.47 -12.39 -20.08
N GLN A 197 30.85 -13.45 -19.53
CA GLN A 197 29.42 -13.67 -19.72
C GLN A 197 28.62 -12.55 -19.07
N CYS A 198 28.73 -12.42 -17.75
CA CYS A 198 28.34 -11.23 -17.01
C CYS A 198 29.23 -11.15 -15.77
N THR A 199 28.97 -10.15 -14.93
CA THR A 199 29.95 -9.65 -13.96
C THR A 199 30.14 -10.61 -12.79
N HIS A 200 31.19 -10.34 -12.02
CA HIS A 200 31.59 -11.17 -10.90
C HIS A 200 30.84 -10.74 -9.64
N GLY A 201 31.25 -11.28 -8.49
CA GLY A 201 30.58 -11.02 -7.23
C GLY A 201 30.77 -9.60 -6.71
N ILE A 202 29.69 -8.82 -6.78
CA ILE A 202 29.70 -7.42 -6.35
C ILE A 202 28.95 -7.34 -5.02
N LYS A 203 29.62 -6.78 -4.02
CA LYS A 203 29.01 -6.58 -2.71
C LYS A 203 28.44 -5.17 -2.65
N PRO A 204 27.11 -5.00 -2.55
CA PRO A 204 26.55 -3.64 -2.48
C PRO A 204 26.73 -3.00 -1.11
N VAL A 205 27.93 -2.53 -0.84
CA VAL A 205 28.30 -2.00 0.46
C VAL A 205 28.05 -0.49 0.47
N VAL A 206 27.53 0.02 1.57
CA VAL A 206 27.33 1.45 1.77
C VAL A 206 28.47 1.96 2.63
N SER A 207 29.30 2.84 2.06
CA SER A 207 30.44 3.38 2.77
C SER A 207 30.78 4.76 2.22
N THR A 208 31.07 5.69 3.13
CA THR A 208 31.59 7.00 2.77
C THR A 208 33.02 7.09 3.29
N GLN A 209 33.89 7.75 2.49
CA GLN A 209 35.31 8.07 2.68
C GLN A 209 36.26 6.89 2.61
N LEU A 210 35.74 5.66 2.55
CA LEU A 210 36.55 4.45 2.47
C LEU A 210 35.79 3.45 1.61
N LEU A 211 36.49 2.45 1.11
CA LEU A 211 35.89 1.38 0.32
C LEU A 211 36.20 0.06 1.02
N LEU A 212 35.16 -0.68 1.39
CA LEU A 212 35.29 -1.87 2.22
C LEU A 212 34.82 -3.09 1.45
N ASN A 213 35.58 -4.19 1.60
CA ASN A 213 35.40 -5.50 0.94
C ASN A 213 35.35 -5.38 -0.59
N GLY A 214 36.22 -4.52 -1.13
CA GLY A 214 36.23 -4.23 -2.55
C GLY A 214 37.27 -5.05 -3.30
N SER A 215 37.12 -5.05 -4.61
CA SER A 215 38.11 -5.68 -5.48
C SER A 215 39.34 -4.79 -5.58
N LEU A 216 40.50 -5.34 -5.24
CA LEU A 216 41.72 -4.56 -5.12
C LEU A 216 42.35 -4.37 -6.49
N ALA A 217 43.36 -3.51 -6.56
CA ALA A 217 44.09 -3.27 -7.80
C ALA A 217 45.21 -4.30 -7.94
N GLU A 218 46.01 -4.16 -8.99
CA GLU A 218 47.11 -5.09 -9.26
C GLU A 218 48.42 -4.32 -9.28
N GLU A 219 49.18 -4.45 -8.18
CA GLU A 219 50.58 -4.03 -7.98
C GLU A 219 50.85 -2.53 -8.01
N GLU A 220 49.81 -1.70 -8.15
CA GLU A 220 49.97 -0.26 -8.25
C GLU A 220 48.63 0.38 -7.91
N VAL A 221 48.65 1.38 -7.02
CA VAL A 221 47.44 2.12 -6.70
C VAL A 221 47.10 3.04 -7.87
N MET A 222 45.81 3.27 -8.08
CA MET A 222 45.31 4.02 -9.23
C MET A 222 44.48 5.22 -8.77
N ILE A 223 44.82 6.39 -9.29
CA ILE A 223 44.07 7.62 -9.00
C ILE A 223 43.12 7.80 -10.18
N ARG A 224 41.93 7.22 -10.07
CA ARG A 224 40.94 7.27 -11.15
C ARG A 224 39.96 8.39 -10.85
N SER A 225 40.27 9.58 -11.35
CA SER A 225 39.42 10.75 -11.14
C SER A 225 39.22 11.48 -12.45
N GLU A 226 37.97 11.87 -12.71
CA GLU A 226 37.66 12.61 -13.93
C GLU A 226 38.13 14.06 -13.78
N ASN A 227 39.09 14.45 -14.63
CA ASN A 227 39.69 15.78 -14.75
C ASN A 227 40.31 16.25 -13.44
N ILE A 228 41.43 15.57 -13.11
CA ILE A 228 42.17 15.72 -11.85
C ILE A 228 42.77 17.12 -11.65
N THR A 229 42.95 17.90 -12.73
CA THR A 229 43.39 19.28 -12.59
C THR A 229 42.28 20.19 -12.08
N ASN A 230 41.03 19.80 -12.28
CA ASN A 230 39.88 20.54 -11.80
C ASN A 230 39.39 19.96 -10.48
N ASN A 231 38.99 20.83 -9.57
CA ASN A 231 38.45 20.41 -8.27
C ASN A 231 36.94 20.23 -8.39
N ALA A 232 36.30 20.13 -7.21
CA ALA A 232 34.86 19.85 -7.00
C ALA A 232 34.40 18.56 -7.68
N LYS A 233 35.27 17.55 -7.68
CA LYS A 233 34.95 16.22 -8.19
C LYS A 233 35.55 15.21 -7.22
N ASN A 234 34.84 14.11 -6.99
CA ASN A 234 35.29 13.10 -6.04
C ASN A 234 36.45 12.29 -6.60
N ILE A 235 37.64 12.46 -6.02
CA ILE A 235 38.83 11.75 -6.48
C ILE A 235 38.79 10.34 -5.91
N LEU A 236 38.73 9.35 -6.79
CA LEU A 236 38.64 7.95 -6.38
C LEU A 236 40.01 7.31 -6.43
N VAL A 237 40.37 6.62 -5.34
CA VAL A 237 41.62 5.88 -5.21
C VAL A 237 41.25 4.41 -5.06
N GLN A 238 42.00 3.53 -5.70
CA GLN A 238 41.96 2.10 -5.42
C GLN A 238 43.28 1.67 -4.78
N PHE A 239 43.25 0.53 -4.10
CA PHE A 239 44.40 0.02 -3.38
C PHE A 239 44.85 -1.32 -3.95
N ASN A 240 46.15 -1.61 -3.81
CA ASN A 240 46.71 -2.87 -4.26
C ASN A 240 46.97 -3.85 -3.12
N THR A 241 47.27 -3.36 -1.92
CA THR A 241 47.43 -4.13 -0.70
C THR A 241 46.30 -3.81 0.27
N PRO A 242 45.79 -4.79 1.03
CA PRO A 242 44.65 -4.50 1.91
C PRO A 242 45.08 -3.75 3.17
N VAL A 243 44.30 -2.73 3.52
CA VAL A 243 44.52 -1.97 4.75
C VAL A 243 43.55 -2.55 5.76
N GLN A 244 44.05 -3.47 6.59
CA GLN A 244 43.22 -4.28 7.48
C GLN A 244 42.70 -3.44 8.66
N ILE A 245 41.38 -3.40 8.78
CA ILE A 245 40.71 -2.57 9.77
C ILE A 245 39.89 -3.45 10.71
N ASN A 246 40.13 -3.33 12.01
CA ASN A 246 39.28 -3.93 13.01
C ASN A 246 38.45 -2.85 13.67
N CYS A 247 37.20 -3.19 13.98
CA CYS A 247 36.26 -2.18 14.47
C CYS A 247 35.19 -2.93 15.24
N THR A 248 34.80 -2.43 16.41
CA THR A 248 33.87 -3.17 17.24
C THR A 248 33.04 -2.23 18.09
N ARG A 249 31.98 -2.78 18.67
CA ARG A 249 31.19 -2.13 19.70
C ARG A 249 31.25 -3.00 20.95
N PRO A 250 31.90 -2.56 22.03
CA PRO A 250 32.14 -3.48 23.16
C PRO A 250 30.96 -3.64 24.09
N ASN A 251 29.90 -2.86 23.92
CA ASN A 251 28.72 -3.01 24.77
C ASN A 251 27.93 -4.23 24.35
N ASN A 252 27.13 -4.76 25.28
CA ASN A 252 26.28 -5.91 24.98
C ASN A 252 25.10 -5.55 24.09
N ASN A 253 24.45 -4.41 24.38
CA ASN A 253 23.26 -3.88 23.71
C ASN A 253 22.11 -4.88 23.74
N THR A 254 21.61 -5.10 24.96
CA THR A 254 20.53 -6.05 25.21
C THR A 254 19.22 -5.58 24.58
N ARG A 255 18.53 -6.50 23.93
CA ARG A 255 17.35 -6.20 23.15
C ARG A 255 16.10 -6.53 23.96
N LYS A 256 15.23 -5.53 24.14
CA LYS A 256 13.96 -5.73 24.81
C LYS A 256 12.82 -5.54 23.81
N SER A 257 11.66 -6.13 24.14
CA SER A 257 10.53 -6.17 23.23
C SER A 257 9.33 -5.51 23.88
N ILE A 258 8.87 -4.40 23.31
CA ILE A 258 7.63 -3.76 23.70
C ILE A 258 6.77 -3.61 22.45
N ARG A 259 5.46 -3.62 22.63
CA ARG A 259 4.53 -3.62 21.50
C ARG A 259 3.77 -2.31 21.43
N ILE A 260 3.60 -1.81 20.19
CA ILE A 260 2.98 -0.51 19.95
C ILE A 260 1.58 -0.63 19.40
N GLY A 261 1.11 -1.83 19.08
CA GLY A 261 -0.22 -2.02 18.55
C GLY A 261 -0.60 -3.47 18.45
N PRO A 262 -1.71 -3.77 17.75
CA PRO A 262 -2.09 -5.18 17.56
C PRO A 262 -1.21 -5.91 16.56
N GLY A 263 -0.33 -6.78 17.06
CA GLY A 263 0.56 -7.55 16.23
C GLY A 263 1.87 -6.89 15.91
N GLN A 264 2.02 -5.60 16.15
CA GLN A 264 3.28 -4.92 15.87
C GLN A 264 4.28 -5.18 17.01
N TRP A 265 5.56 -5.10 16.66
CA TRP A 265 6.62 -5.31 17.62
C TRP A 265 7.71 -4.27 17.37
N PHE A 266 8.13 -3.59 18.43
CA PHE A 266 9.17 -2.57 18.35
C PHE A 266 10.31 -2.98 19.29
N TYR A 267 11.48 -3.19 18.71
CA TYR A 267 12.66 -3.64 19.45
C TYR A 267 13.46 -2.43 19.87
N ALA A 268 13.56 -2.20 21.17
CA ALA A 268 14.31 -1.08 21.72
C ALA A 268 15.56 -1.60 22.42
N THR A 269 16.55 -0.72 22.55
CA THR A 269 17.79 -1.04 23.24
C THR A 269 17.52 -1.01 24.73
N GLY A 270 17.58 -2.18 25.36
CA GLY A 270 17.25 -2.29 26.77
C GLY A 270 18.42 -1.93 27.66
N ASP A 271 18.32 -2.39 28.92
CA ASP A 271 19.31 -2.07 29.94
C ASP A 271 20.57 -2.89 29.70
N ILE A 272 21.69 -2.19 29.46
CA ILE A 272 22.94 -2.87 29.14
C ILE A 272 23.57 -3.41 30.41
N ILE A 273 23.71 -4.72 30.49
CA ILE A 273 24.44 -5.38 31.56
C ILE A 273 25.88 -5.53 31.08
N GLY A 274 26.81 -4.94 31.80
CA GLY A 274 28.19 -4.87 31.37
C GLY A 274 28.77 -3.50 31.67
N ASP A 275 29.79 -3.15 30.91
CA ASP A 275 30.50 -1.88 31.09
C ASP A 275 30.18 -0.96 29.91
N ILE A 276 29.86 0.29 30.22
CA ILE A 276 29.57 1.28 29.18
C ILE A 276 30.88 1.75 28.59
N ARG A 277 31.19 1.29 27.37
CA ARG A 277 32.40 1.66 26.67
C ARG A 277 32.04 2.41 25.39
N GLN A 278 33.07 2.90 24.71
CA GLN A 278 32.92 3.60 23.44
C GLN A 278 33.36 2.69 22.31
N ALA A 279 32.60 2.68 21.22
CA ALA A 279 32.89 1.85 20.07
C ALA A 279 34.10 2.37 19.30
N HIS A 280 35.23 1.70 19.43
CA HIS A 280 36.47 2.13 18.79
C HIS A 280 36.63 1.48 17.42
N CYS A 281 37.67 1.89 16.71
CA CYS A 281 37.90 1.44 15.34
C CYS A 281 39.40 1.53 15.08
N ASN A 282 40.02 0.40 14.77
CA ASN A 282 41.47 0.31 14.70
C ASN A 282 41.97 0.15 13.27
N VAL A 283 43.27 0.38 13.12
CA VAL A 283 44.00 0.14 11.87
C VAL A 283 45.45 -0.16 12.27
N SER A 284 46.09 -1.04 11.51
CA SER A 284 47.52 -1.25 11.70
C SER A 284 48.28 -0.06 11.14
N LYS A 285 49.16 0.53 11.96
CA LYS A 285 49.76 1.82 11.63
C LYS A 285 50.85 1.68 10.56
N ALA A 286 51.49 0.51 10.48
CA ALA A 286 52.57 0.32 9.53
C ALA A 286 52.06 0.16 8.11
N THR A 287 50.99 -0.63 7.93
CA THR A 287 50.40 -0.81 6.61
C THR A 287 49.65 0.44 6.17
N TRP A 288 49.10 1.19 7.12
CA TRP A 288 48.44 2.45 6.80
C TRP A 288 49.46 3.51 6.40
N ASN A 289 50.62 3.53 7.06
CA ASN A 289 51.69 4.45 6.68
C ASN A 289 52.32 4.06 5.35
N GLU A 290 52.37 2.75 5.06
CA GLU A 290 52.90 2.28 3.78
C GLU A 290 51.95 2.60 2.62
N THR A 291 50.64 2.45 2.84
CA THR A 291 49.68 2.80 1.80
C THR A 291 49.53 4.31 1.65
N LEU A 292 49.80 5.07 2.73
CA LEU A 292 49.85 6.51 2.62
C LEU A 292 51.06 6.97 1.83
N GLY A 293 52.21 6.31 2.02
CA GLY A 293 53.38 6.61 1.20
C GLY A 293 53.20 6.19 -0.25
N LYS A 294 52.43 5.12 -0.49
CA LYS A 294 52.11 4.71 -1.86
C LYS A 294 51.15 5.67 -2.55
N VAL A 295 50.17 6.21 -1.81
CA VAL A 295 49.24 7.14 -2.48
C VAL A 295 49.88 8.52 -2.64
N VAL A 296 50.83 8.90 -1.78
CA VAL A 296 51.58 10.14 -2.00
C VAL A 296 52.58 9.97 -3.16
N LYS A 297 53.11 8.74 -3.35
CA LYS A 297 53.97 8.47 -4.51
C LYS A 297 53.17 8.47 -5.82
N GLN A 298 51.93 7.95 -5.79
CA GLN A 298 51.10 7.97 -6.98
C GLN A 298 50.56 9.37 -7.29
N LEU A 299 50.29 10.17 -6.26
CA LEU A 299 49.87 11.55 -6.52
C LEU A 299 51.06 12.44 -6.88
N ARG A 300 52.28 12.04 -6.52
CA ARG A 300 53.45 12.72 -7.04
C ARG A 300 53.70 12.35 -8.49
N LYS A 301 53.32 11.12 -8.87
CA LYS A 301 53.38 10.74 -10.29
C LYS A 301 52.30 11.44 -11.09
N HIS A 302 51.14 11.68 -10.49
CA HIS A 302 50.04 12.37 -11.17
C HIS A 302 50.18 13.88 -11.16
N PHE A 303 50.91 14.45 -10.18
CA PHE A 303 50.98 15.90 -10.00
C PHE A 303 52.35 16.46 -10.29
N GLY A 304 53.38 15.99 -9.60
CA GLY A 304 54.71 16.56 -9.75
C GLY A 304 55.73 16.01 -8.79
N ASN A 305 57.01 16.21 -9.10
CA ASN A 305 58.09 15.63 -8.30
C ASN A 305 58.28 16.39 -6.98
N ASN A 306 57.93 17.67 -6.94
CA ASN A 306 58.08 18.50 -5.75
C ASN A 306 56.72 19.03 -5.32
N THR A 307 55.97 18.18 -4.61
CA THR A 307 54.67 18.53 -4.06
C THR A 307 54.59 18.05 -2.62
N ILE A 308 54.12 18.93 -1.74
CA ILE A 308 53.82 18.59 -0.35
C ILE A 308 52.37 18.11 -0.30
N ILE A 309 52.16 16.88 0.12
CA ILE A 309 50.82 16.31 0.20
C ILE A 309 50.43 16.29 1.68
N ARG A 310 49.60 17.27 2.07
CA ARG A 310 49.06 17.32 3.41
C ARG A 310 47.76 16.53 3.47
N PHE A 311 47.41 16.09 4.68
CA PHE A 311 46.19 15.36 4.91
C PHE A 311 45.48 15.94 6.12
N ALA A 312 44.27 16.42 5.92
CA ALA A 312 43.45 16.98 6.97
C ALA A 312 42.15 16.19 7.05
N ASN A 313 41.36 16.48 8.08
CA ASN A 313 40.08 15.82 8.27
C ASN A 313 39.02 16.51 7.41
N SER A 314 37.77 16.06 7.51
CA SER A 314 36.68 16.64 6.75
C SER A 314 36.29 17.99 7.33
N SER A 315 35.73 18.84 6.47
CA SER A 315 35.53 20.24 6.81
C SER A 315 34.28 20.44 7.66
N GLY A 316 33.13 20.03 7.16
CA GLY A 316 31.90 20.22 7.92
C GLY A 316 30.68 19.82 7.11
N GLY A 317 29.52 20.04 7.73
CA GLY A 317 28.23 19.67 7.23
C GLY A 317 27.48 18.83 8.24
N ASP A 318 26.63 17.95 7.74
CA ASP A 318 25.92 17.02 8.61
C ASP A 318 26.86 15.90 9.06
N LEU A 319 26.39 15.11 10.02
CA LEU A 319 27.22 14.04 10.58
C LEU A 319 27.00 12.73 9.86
N GLU A 320 27.12 12.74 8.52
CA GLU A 320 27.04 11.53 7.72
C GLU A 320 28.20 11.47 6.74
N VAL A 321 28.66 12.64 6.31
CA VAL A 321 29.75 12.73 5.35
C VAL A 321 31.03 13.28 5.96
N THR A 322 31.00 13.76 7.19
CA THR A 322 32.23 14.18 7.85
C THR A 322 32.96 13.02 8.50
N THR A 323 32.24 11.98 8.90
CA THR A 323 32.82 10.79 9.49
C THR A 323 32.69 9.62 8.52
N HIS A 324 33.49 8.58 8.75
CA HIS A 324 33.40 7.35 7.97
C HIS A 324 32.18 6.58 8.42
N SER A 325 31.15 6.54 7.58
CA SER A 325 29.90 5.86 7.87
C SER A 325 29.88 4.52 7.17
N PHE A 326 29.76 3.44 7.93
CA PHE A 326 29.72 2.11 7.35
C PHE A 326 28.79 1.24 8.18
N ASN A 327 28.18 0.27 7.51
CA ASN A 327 27.15 -0.58 8.09
C ASN A 327 27.76 -1.93 8.43
N CYS A 328 27.56 -2.38 9.66
CA CYS A 328 28.13 -3.65 10.08
C CYS A 328 27.25 -4.29 11.13
N GLY A 329 26.80 -5.50 10.84
CA GLY A 329 26.13 -6.35 11.82
C GLY A 329 24.70 -5.98 12.17
N GLY A 330 24.13 -5.01 11.47
CA GLY A 330 22.82 -4.49 11.80
C GLY A 330 22.83 -3.13 12.47
N GLU A 331 24.00 -2.61 12.83
CA GLU A 331 24.15 -1.28 13.38
C GLU A 331 24.93 -0.41 12.42
N PHE A 332 24.75 0.90 12.54
CA PHE A 332 25.33 1.86 11.60
C PHE A 332 26.33 2.74 12.35
N PHE A 333 27.60 2.41 12.24
CA PHE A 333 28.64 3.20 12.88
C PHE A 333 28.93 4.46 12.09
N TYR A 334 29.38 5.49 12.79
CA TYR A 334 29.81 6.75 12.19
C TYR A 334 31.15 7.09 12.81
N CYS A 335 32.23 6.60 12.21
CA CYS A 335 33.57 6.64 12.79
C CYS A 335 34.30 7.89 12.32
N ASP A 336 34.69 8.73 13.27
CA ASP A 336 35.40 9.97 12.96
C ASP A 336 36.84 9.68 12.58
N THR A 337 37.28 10.19 11.43
CA THR A 337 38.59 9.92 10.88
C THR A 337 39.56 11.10 11.04
N SER A 338 39.51 11.78 12.18
CA SER A 338 40.47 12.84 12.43
C SER A 338 41.86 12.28 12.75
N GLY A 339 41.92 11.08 13.32
CA GLY A 339 43.19 10.45 13.60
C GLY A 339 43.84 9.73 12.44
N LEU A 340 43.10 9.51 11.36
CA LEU A 340 43.63 8.84 10.18
C LEU A 340 44.31 9.82 9.23
N PHE A 341 43.59 10.86 8.82
CA PHE A 341 44.08 11.81 7.82
C PHE A 341 44.72 12.98 8.55
N ASN A 342 45.91 12.72 9.11
CA ASN A 342 46.69 13.76 9.77
C ASN A 342 48.17 13.42 9.56
N SER A 343 48.74 13.95 8.47
CA SER A 343 50.13 13.73 8.10
C SER A 343 50.54 14.83 7.14
N THR A 344 51.86 15.00 6.99
CA THR A 344 52.43 15.99 6.08
C THR A 344 53.64 15.35 5.42
N TRP A 345 53.46 14.88 4.19
CA TRP A 345 54.54 14.29 3.42
C TRP A 345 55.19 15.37 2.57
N ILE A 346 56.51 15.53 2.70
CA ILE A 346 57.26 16.52 1.94
C ILE A 346 58.43 15.81 1.26
N SER A 347 58.56 16.03 -0.05
CA SER A 347 59.62 15.51 -0.95
C SER A 347 59.76 14.00 -0.97
N ASN A 348 52.55 -2.61 15.94
CA ASN A 348 51.63 -2.12 16.95
C ASN A 348 51.37 -0.62 16.77
N ASP A 349 51.04 0.03 17.89
CA ASP A 349 50.59 1.44 17.99
C ASP A 349 49.42 1.73 17.05
N SER A 350 48.31 1.02 17.29
CA SER A 350 47.16 1.10 16.41
C SER A 350 46.36 2.37 16.67
N ILE A 351 45.99 3.05 15.59
CA ILE A 351 45.22 4.28 15.70
C ILE A 351 43.77 3.96 16.01
N THR A 352 43.25 4.52 17.09
CA THR A 352 41.86 4.32 17.47
C THR A 352 41.01 5.49 16.99
N LEU A 353 39.74 5.19 16.69
CA LEU A 353 38.80 6.17 16.15
C LEU A 353 37.52 6.15 16.96
N PRO A 354 37.01 7.29 17.41
CA PRO A 354 35.70 7.30 18.09
C PRO A 354 34.56 7.17 17.09
N CYS A 355 33.62 6.28 17.39
CA CYS A 355 32.46 6.04 16.55
C CYS A 355 31.20 6.16 17.39
N ARG A 356 30.34 7.10 17.03
CA ARG A 356 29.02 7.21 17.62
C ARG A 356 28.03 6.50 16.70
N ILE A 357 27.18 5.66 17.28
CA ILE A 357 26.25 4.84 16.51
C ILE A 357 24.90 5.53 16.43
N LYS A 358 24.38 5.70 15.22
CA LYS A 358 23.05 6.22 15.00
C LYS A 358 22.13 5.06 14.68
N GLN A 359 20.92 5.08 15.24
CA GLN A 359 19.90 4.14 14.86
C GLN A 359 18.82 4.76 13.98
N ILE A 360 18.46 6.02 14.24
CA ILE A 360 17.49 6.74 13.40
C ILE A 360 18.29 7.43 12.30
N ILE A 361 18.44 6.75 11.18
CA ILE A 361 19.27 7.23 10.08
C ILE A 361 18.38 7.64 8.91
N ASN A 362 18.98 8.39 7.98
CA ASN A 362 18.33 8.83 6.76
C ASN A 362 19.17 8.33 5.60
N MET A 363 18.79 7.20 5.03
CA MET A 363 19.57 6.62 3.94
C MET A 363 19.27 7.34 2.63
N TRP A 364 20.29 7.34 1.76
CA TRP A 364 20.29 7.84 0.38
C TRP A 364 19.97 9.34 0.26
N GLN A 365 20.25 10.10 1.33
CA GLN A 365 20.03 11.55 1.47
C GLN A 365 18.58 11.95 1.20
N ARG A 366 17.63 11.12 1.62
CA ARG A 366 16.22 11.35 1.34
C ARG A 366 15.53 12.03 2.51
N ILE A 367 14.45 12.72 2.21
CA ILE A 367 13.63 13.40 3.20
C ILE A 367 12.21 12.85 3.12
N GLY A 368 11.54 12.80 4.26
CA GLY A 368 10.20 12.27 4.34
C GLY A 368 10.09 10.79 4.62
N GLN A 369 11.22 10.08 4.68
CA GLN A 369 11.19 8.62 4.91
C GLN A 369 12.46 8.25 5.67
N ALA A 370 12.37 8.14 6.98
CA ALA A 370 13.50 7.79 7.83
C ALA A 370 13.48 6.30 8.13
N MET A 371 14.56 5.84 8.76
CA MET A 371 14.69 4.44 9.12
C MET A 371 15.28 4.30 10.52
N TYR A 372 14.63 3.50 11.36
CA TYR A 372 15.12 3.18 12.70
C TYR A 372 15.77 1.81 12.64
N ALA A 373 17.10 1.78 12.80
CA ALA A 373 17.80 0.51 12.84
C ALA A 373 17.57 -0.17 14.19
N PRO A 374 17.34 -1.49 14.20
CA PRO A 374 17.09 -2.18 15.47
C PRO A 374 18.39 -2.45 16.21
N PRO A 375 18.34 -2.59 17.54
CA PRO A 375 19.55 -2.97 18.27
C PRO A 375 19.89 -4.44 18.07
N ILE A 376 21.18 -4.74 18.18
CA ILE A 376 21.70 -6.08 17.98
C ILE A 376 22.21 -6.60 19.32
N GLN A 377 21.72 -7.76 19.74
CA GLN A 377 22.16 -8.35 20.99
C GLN A 377 23.52 -9.00 20.82
N GLY A 378 24.34 -8.90 21.86
CA GLY A 378 25.70 -9.40 21.81
C GLY A 378 26.66 -8.38 21.24
N VAL A 379 27.96 -8.67 21.37
CA VAL A 379 28.97 -7.78 20.84
C VAL A 379 29.09 -7.97 19.33
N ILE A 380 29.46 -6.90 18.64
CA ILE A 380 29.61 -6.90 17.20
C ILE A 380 31.11 -6.78 16.90
N ARG A 381 31.67 -7.78 16.24
CA ARG A 381 33.04 -7.73 15.76
C ARG A 381 33.03 -7.59 14.24
N CYS A 382 33.72 -6.57 13.75
CA CYS A 382 33.71 -6.24 12.32
C CYS A 382 35.14 -6.29 11.80
N VAL A 383 35.49 -7.35 11.09
CA VAL A 383 36.77 -7.46 10.42
C VAL A 383 36.57 -7.27 8.92
N SER A 384 37.31 -6.32 8.36
CA SER A 384 37.25 -6.01 6.93
C SER A 384 38.61 -5.44 6.55
N ASN A 385 38.75 -5.02 5.29
CA ASN A 385 39.97 -4.32 4.89
C ASN A 385 39.64 -3.22 3.90
N ILE A 386 40.28 -2.06 4.09
CA ILE A 386 40.03 -0.88 3.27
C ILE A 386 40.69 -1.05 1.92
N THR A 387 39.90 -0.98 0.85
CA THR A 387 40.40 -1.15 -0.51
C THR A 387 40.37 0.13 -1.33
N GLY A 388 40.27 1.30 -0.68
CA GLY A 388 40.32 2.52 -1.46
C GLY A 388 40.01 3.75 -0.64
N LEU A 389 40.00 4.88 -1.33
CA LEU A 389 39.81 6.18 -0.69
C LEU A 389 38.91 7.04 -1.58
N ILE A 390 38.20 7.97 -0.93
CA ILE A 390 37.45 9.01 -1.62
C ILE A 390 37.99 10.33 -1.13
N LEU A 391 38.73 11.04 -1.97
CA LEU A 391 39.39 12.29 -1.60
C LEU A 391 38.83 13.45 -2.39
N THR A 392 39.13 14.66 -1.94
CA THR A 392 38.68 15.90 -2.58
C THR A 392 39.86 16.86 -2.65
N ARG A 393 40.07 17.46 -3.82
CA ARG A 393 41.12 18.46 -3.98
C ARG A 393 40.70 19.77 -3.33
N ASP A 394 41.67 20.47 -2.75
CA ASP A 394 41.38 21.69 -2.00
C ASP A 394 41.17 22.87 -2.95
N GLY A 395 42.18 23.22 -3.73
CA GLY A 395 42.10 24.39 -4.57
C GLY A 395 42.27 25.68 -3.77
N GLY A 396 41.82 26.78 -4.37
CA GLY A 396 41.90 28.05 -3.67
C GLY A 396 43.28 28.66 -3.74
N SER A 397 43.70 29.26 -2.62
CA SER A 397 45.00 29.89 -2.53
C SER A 397 46.09 28.82 -2.41
N THR A 398 46.77 28.56 -3.53
CA THR A 398 47.80 27.53 -3.57
C THR A 398 49.00 28.08 -4.30
N ASP A 399 50.18 27.97 -3.69
CA ASP A 399 51.44 28.38 -4.30
C ASP A 399 52.15 27.22 -5.00
N SER A 400 51.40 26.20 -5.42
CA SER A 400 51.80 25.06 -6.25
C SER A 400 52.87 24.18 -5.61
N THR A 401 52.97 24.19 -4.28
CA THR A 401 53.85 23.27 -3.57
C THR A 401 53.10 22.43 -2.54
N THR A 402 52.15 23.00 -1.82
CA THR A 402 51.40 22.27 -0.80
C THR A 402 49.97 22.00 -1.27
N GLU A 403 49.52 20.76 -1.04
CA GLU A 403 48.17 20.34 -1.40
C GLU A 403 47.59 19.50 -0.28
N THR A 404 46.35 19.82 0.11
CA THR A 404 45.63 19.07 1.13
C THR A 404 44.48 18.32 0.46
N PHE A 405 44.20 17.12 0.95
CA PHE A 405 43.13 16.29 0.42
C PHE A 405 42.21 15.88 1.57
N ARG A 406 40.91 16.15 1.40
CA ARG A 406 39.94 16.01 2.47
C ARG A 406 38.99 14.84 2.19
N PRO A 407 38.59 14.08 3.22
CA PRO A 407 37.66 12.95 3.00
C PRO A 407 36.21 13.39 2.86
N SER A 408 35.85 13.88 1.67
CA SER A 408 34.52 14.39 1.42
C SER A 408 33.92 13.69 0.21
N GLY A 409 32.60 13.77 0.10
CA GLY A 409 31.90 13.23 -1.04
C GLY A 409 31.30 11.85 -0.80
N GLY A 410 31.39 10.99 -1.80
CA GLY A 410 30.81 9.66 -1.73
C GLY A 410 29.37 9.63 -2.17
N ASP A 411 28.48 10.17 -1.30
CA ASP A 411 27.02 10.28 -1.39
C ASP A 411 26.28 9.04 -1.91
N MET A 412 26.80 7.85 -1.58
CA MET A 412 26.35 6.52 -2.02
C MET A 412 26.25 6.37 -3.54
N ARG A 413 27.12 7.05 -4.29
CA ARG A 413 27.14 6.98 -5.74
C ARG A 413 28.49 6.56 -6.28
N ASP A 414 29.58 7.10 -5.74
CA ASP A 414 30.92 6.81 -6.20
C ASP A 414 31.60 5.70 -5.40
N ASN A 415 30.82 4.77 -4.84
CA ASN A 415 31.36 3.58 -4.21
C ASN A 415 31.41 2.41 -5.19
N TRP A 416 30.39 2.28 -6.04
CA TRP A 416 30.34 1.18 -6.99
C TRP A 416 31.10 1.47 -8.28
N ARG A 417 31.63 2.69 -8.44
CA ARG A 417 32.41 3.00 -9.64
C ARG A 417 33.78 2.33 -9.60
N SER A 418 34.31 2.08 -8.41
CA SER A 418 35.53 1.29 -8.25
C SER A 418 35.34 -0.19 -8.56
N GLU A 419 34.09 -0.68 -8.56
CA GLU A 419 33.79 -2.02 -9.02
C GLU A 419 33.36 -2.07 -10.48
N LEU A 420 32.75 -1.00 -10.99
CA LEU A 420 32.21 -0.99 -12.35
C LEU A 420 33.02 -0.13 -13.32
N TYR A 421 34.27 0.20 -12.96
CA TYR A 421 35.15 0.82 -13.94
C TYR A 421 35.59 -0.15 -15.03
N LYS A 422 35.64 -1.45 -14.73
CA LYS A 422 36.08 -2.46 -15.67
C LYS A 422 34.90 -3.20 -16.31
N TYR A 423 33.73 -2.58 -16.33
CA TYR A 423 32.56 -3.17 -16.95
C TYR A 423 31.79 -2.08 -17.70
N LYS A 424 31.23 -2.46 -18.84
CA LYS A 424 30.40 -1.55 -19.62
C LYS A 424 29.40 -2.38 -20.43
N VAL A 425 28.12 -2.08 -20.27
CA VAL A 425 27.08 -2.79 -21.01
C VAL A 425 27.03 -2.22 -22.42
N VAL A 426 26.64 -3.06 -23.38
CA VAL A 426 26.64 -2.66 -24.78
C VAL A 426 25.51 -3.42 -25.49
N LYS A 427 25.05 -2.87 -26.60
CA LYS A 427 24.05 -3.54 -27.43
C LYS A 427 24.70 -4.08 -28.70
N ILE A 428 24.02 -5.02 -29.35
CA ILE A 428 24.54 -5.71 -30.52
C ILE A 428 23.63 -5.44 -31.71
N GLU A 429 24.21 -4.90 -32.79
CA GLU A 429 23.56 -4.79 -34.09
C GLU A 429 24.18 -5.84 -34.99
N PRO A 430 23.55 -7.02 -35.11
CA PRO A 430 24.13 -8.10 -35.92
C PRO A 430 23.73 -8.07 -37.38
N LEU A 431 23.19 -6.97 -37.88
CA LEU A 431 22.77 -6.85 -39.27
C LEU A 431 23.72 -5.89 -39.98
N GLY A 432 24.72 -6.45 -40.64
CA GLY A 432 25.70 -5.64 -41.36
C GLY A 432 25.79 -6.05 -42.80
N VAL A 433 26.07 -5.07 -43.66
CA VAL A 433 26.14 -5.28 -45.10
C VAL A 433 27.54 -4.95 -45.58
N ALA A 434 27.92 -5.55 -46.72
CA ALA A 434 29.21 -5.35 -47.38
C ALA A 434 29.06 -5.79 -48.83
N PRO A 435 29.73 -5.14 -49.78
CA PRO A 435 29.66 -5.61 -51.17
C PRO A 435 30.80 -6.54 -51.56
N THR A 436 30.43 -7.61 -52.28
CA THR A 436 31.40 -8.50 -52.94
C THR A 436 30.72 -9.09 -54.17
N ARG A 437 31.34 -10.13 -54.75
CA ARG A 437 30.86 -10.71 -56.01
C ARG A 437 29.81 -11.77 -55.73
N CYS A 438 28.55 -11.47 -56.01
CA CYS A 438 27.50 -12.48 -56.00
C CYS A 438 26.42 -12.11 -57.01
N LYS A 439 25.66 -13.12 -57.43
CA LYS A 439 24.49 -12.91 -58.29
C LYS A 439 23.38 -13.84 -57.82
N ARG A 440 22.14 -13.39 -57.94
CA ARG A 440 21.00 -14.25 -57.62
C ARG A 440 20.79 -15.28 -58.72
N ARG A 441 20.76 -16.56 -58.31
CA ARG A 441 20.56 -17.63 -59.28
C ARG A 441 19.09 -17.72 -59.67
N VAL A 442 18.83 -17.66 -60.98
CA VAL A 442 17.46 -17.74 -61.48
C VAL A 442 17.02 -19.20 -61.43
N VAL A 443 15.94 -19.46 -60.69
CA VAL A 443 15.29 -20.76 -60.34
C VAL A 443 16.23 -21.94 -60.08
N GLU B 1 24.17 -49.21 -46.69
CA GLU B 1 23.21 -48.20 -46.25
C GLU B 1 23.89 -47.17 -45.35
N ASN B 2 23.77 -45.91 -45.72
CA ASN B 2 24.38 -44.80 -44.98
C ASN B 2 23.26 -43.92 -44.43
N LEU B 3 23.10 -43.93 -43.11
CA LEU B 3 22.09 -43.11 -42.45
C LEU B 3 22.68 -41.76 -42.08
N TRP B 4 22.04 -40.70 -42.55
CA TRP B 4 22.41 -39.34 -42.18
C TRP B 4 21.27 -38.72 -41.37
N VAL B 5 21.55 -37.58 -40.75
CA VAL B 5 20.64 -37.06 -39.73
C VAL B 5 19.46 -36.34 -40.37
N THR B 6 18.36 -36.29 -39.63
CA THR B 6 17.16 -35.56 -39.99
C THR B 6 16.77 -34.69 -38.81
N VAL B 7 16.11 -33.58 -39.09
CA VAL B 7 15.45 -32.82 -38.04
C VAL B 7 13.95 -32.96 -38.23
N TYR B 8 13.21 -32.72 -37.15
CA TYR B 8 11.77 -32.84 -37.16
C TYR B 8 11.20 -31.79 -36.21
N TYR B 9 10.28 -30.98 -36.70
CA TYR B 9 9.61 -29.97 -35.89
C TYR B 9 8.17 -30.39 -35.67
N GLY B 10 7.75 -30.42 -34.41
CA GLY B 10 6.41 -30.82 -34.09
C GLY B 10 6.34 -32.20 -33.47
N VAL B 11 7.45 -32.63 -32.88
CA VAL B 11 7.58 -33.95 -32.28
C VAL B 11 6.79 -34.01 -30.98
N PRO B 12 5.86 -34.96 -30.81
CA PRO B 12 5.13 -35.06 -29.55
C PRO B 12 5.92 -35.82 -28.48
N VAL B 13 6.98 -35.20 -27.96
CA VAL B 13 7.76 -35.75 -26.86
C VAL B 13 7.67 -34.79 -25.70
N TRP B 14 7.19 -35.27 -24.55
CA TRP B 14 7.01 -34.45 -23.37
C TRP B 14 8.09 -34.75 -22.34
N LYS B 15 8.45 -33.72 -21.58
CA LYS B 15 9.41 -33.83 -20.50
C LYS B 15 8.83 -33.18 -19.24
N ASP B 16 8.94 -33.89 -18.12
CA ASP B 16 8.30 -33.48 -16.87
C ASP B 16 8.96 -32.26 -16.25
N ALA B 17 8.24 -31.13 -16.25
CA ALA B 17 8.76 -29.87 -15.73
C ALA B 17 7.62 -29.13 -15.04
N GLU B 18 7.86 -27.85 -14.75
CA GLU B 18 6.90 -27.01 -14.05
C GLU B 18 6.82 -25.65 -14.73
N THR B 19 5.65 -25.02 -14.62
CA THR B 19 5.40 -23.73 -15.26
C THR B 19 4.31 -23.00 -14.47
N THR B 20 3.80 -21.92 -15.04
CA THR B 20 2.69 -21.17 -14.47
C THR B 20 1.40 -21.47 -15.23
N LEU B 21 0.29 -21.45 -14.52
CA LEU B 21 -1.02 -21.83 -15.06
C LEU B 21 -2.08 -20.85 -14.55
N PHE B 22 -2.81 -20.24 -15.48
CA PHE B 22 -3.81 -19.25 -15.11
C PHE B 22 -5.16 -19.93 -14.83
N CYS B 23 -6.17 -19.12 -14.55
CA CYS B 23 -7.53 -19.62 -14.34
C CYS B 23 -8.36 -19.33 -15.58
N ALA B 24 -9.64 -19.67 -15.51
CA ALA B 24 -10.57 -19.38 -16.58
C ALA B 24 -11.86 -18.79 -16.01
N SER B 25 -12.85 -18.63 -16.89
CA SER B 25 -14.13 -18.05 -16.56
C SER B 25 -15.20 -19.15 -16.49
N ASP B 26 -16.44 -18.72 -16.24
CA ASP B 26 -17.68 -19.51 -16.30
C ASP B 26 -17.72 -20.75 -15.41
N LYS B 27 -22.54 -12.86 -9.86
CA LYS B 27 -21.20 -12.82 -10.43
C LYS B 27 -20.61 -11.41 -10.39
N LYS B 28 -20.93 -10.68 -9.32
CA LYS B 28 -20.44 -9.31 -9.18
C LYS B 28 -18.97 -9.29 -8.80
N HIS B 29 -18.64 -9.81 -7.61
CA HIS B 29 -17.27 -9.88 -7.14
C HIS B 29 -17.12 -10.98 -6.10
N ASN B 30 -16.34 -12.01 -6.38
CA ASN B 30 -15.99 -13.01 -5.40
C ASN B 30 -14.58 -12.74 -4.89
N VAL B 31 -14.12 -13.59 -3.99
CA VAL B 31 -12.80 -13.38 -3.40
C VAL B 31 -11.69 -13.83 -4.34
N TRP B 32 -11.91 -14.83 -5.20
CA TRP B 32 -10.82 -15.32 -6.04
C TRP B 32 -10.80 -14.76 -7.46
N ALA B 33 -11.82 -15.09 -8.27
CA ALA B 33 -11.70 -14.86 -9.71
C ALA B 33 -13.04 -14.83 -10.44
N THR B 34 -13.48 -13.62 -10.85
CA THR B 34 -14.66 -13.53 -11.70
C THR B 34 -14.45 -12.70 -12.95
N HIS B 35 -13.72 -11.59 -12.90
CA HIS B 35 -13.65 -10.63 -13.99
C HIS B 35 -12.32 -10.66 -14.72
N ALA B 36 -11.21 -10.79 -13.99
CA ALA B 36 -9.88 -10.80 -14.61
C ALA B 36 -9.51 -12.24 -14.92
N CYS B 37 -10.20 -12.83 -15.88
CA CYS B 37 -10.00 -14.21 -16.29
C CYS B 37 -10.12 -14.29 -17.80
N VAL B 38 -9.45 -15.25 -18.41
CA VAL B 38 -9.69 -15.53 -19.83
C VAL B 38 -10.98 -16.35 -19.96
N PRO B 39 -11.87 -16.02 -20.90
CA PRO B 39 -13.07 -16.86 -21.11
C PRO B 39 -12.70 -18.19 -21.74
N THR B 40 -13.12 -19.28 -21.11
CA THR B 40 -12.74 -20.61 -21.56
C THR B 40 -13.59 -21.04 -22.76
N ASP B 41 -13.21 -22.18 -23.33
CA ASP B 41 -13.99 -22.76 -24.41
C ASP B 41 -15.27 -23.38 -23.86
N PRO B 42 -16.39 -23.29 -24.58
CA PRO B 42 -17.64 -23.88 -24.07
C PRO B 42 -17.66 -25.40 -24.14
N ASN B 43 -17.02 -25.98 -25.15
CA ASN B 43 -16.93 -27.43 -25.27
C ASN B 43 -15.47 -27.85 -25.16
N PRO B 44 -15.09 -28.68 -24.20
CA PRO B 44 -13.70 -29.14 -24.11
C PRO B 44 -13.43 -30.23 -25.14
N GLN B 45 -12.14 -30.45 -25.37
CA GLN B 45 -11.70 -31.43 -26.37
C GLN B 45 -10.94 -32.54 -25.67
N GLU B 46 -11.48 -33.76 -25.75
CA GLU B 46 -10.82 -34.95 -25.24
C GLU B 46 -10.26 -35.75 -26.39
N ILE B 47 -9.07 -36.31 -26.21
CA ILE B 47 -8.35 -36.98 -27.29
C ILE B 47 -8.33 -38.48 -27.02
N HIS B 48 -8.21 -38.86 -25.72
CA HIS B 48 -8.08 -40.20 -25.14
C HIS B 48 -7.13 -41.11 -25.89
N LEU B 49 -5.84 -40.78 -25.84
CA LEU B 49 -4.80 -41.47 -26.59
C LEU B 49 -4.60 -42.91 -26.13
N GLU B 50 -4.60 -43.82 -27.09
CA GLU B 50 -4.58 -45.25 -26.84
C GLU B 50 -3.15 -45.78 -26.88
N ASN B 51 -2.90 -46.75 -25.97
CA ASN B 51 -1.65 -47.51 -25.82
C ASN B 51 -0.44 -46.61 -25.56
N VAL B 52 -0.51 -45.91 -24.43
CA VAL B 52 0.50 -44.97 -24.00
C VAL B 52 0.60 -45.05 -22.48
N THR B 53 1.74 -44.66 -21.93
CA THR B 53 1.96 -44.72 -20.49
C THR B 53 2.81 -43.53 -20.03
N GLU B 54 2.62 -43.15 -18.77
CA GLU B 54 3.36 -42.06 -18.16
C GLU B 54 3.29 -42.24 -16.64
N GLU B 55 4.44 -42.14 -15.98
CA GLU B 55 4.50 -42.28 -14.53
C GLU B 55 4.00 -41.00 -13.87
N PHE B 56 2.79 -41.04 -13.33
CA PHE B 56 2.22 -39.89 -12.67
C PHE B 56 2.62 -39.83 -11.20
N ASN B 57 2.47 -38.63 -10.63
CA ASN B 57 2.75 -38.42 -9.22
C ASN B 57 1.89 -37.25 -8.74
N MET B 58 1.09 -37.49 -7.70
CA MET B 58 0.23 -36.45 -7.14
C MET B 58 0.83 -35.80 -5.91
N TRP B 59 1.80 -36.44 -5.25
CA TRP B 59 2.36 -35.93 -4.02
C TRP B 59 3.56 -35.02 -4.27
N LYS B 60 4.39 -35.36 -5.25
CA LYS B 60 5.50 -34.51 -5.65
C LYS B 60 5.14 -33.55 -6.78
N ASN B 61 3.86 -33.40 -7.08
CA ASN B 61 3.42 -32.49 -8.12
C ASN B 61 3.48 -31.05 -7.62
N ASN B 62 3.80 -30.13 -8.54
CA ASN B 62 3.91 -28.72 -8.23
C ASN B 62 2.61 -27.96 -8.48
N MET B 63 1.58 -28.65 -8.99
CA MET B 63 0.31 -27.99 -9.32
C MET B 63 -0.46 -27.60 -8.07
N VAL B 64 -0.46 -28.46 -7.06
CA VAL B 64 -1.20 -28.16 -5.82
C VAL B 64 -0.44 -27.13 -4.98
N GLU B 65 0.90 -27.10 -5.08
CA GLU B 65 1.69 -26.11 -4.37
C GLU B 65 1.55 -24.72 -5.01
N GLN B 66 1.58 -24.68 -6.35
CA GLN B 66 1.33 -23.45 -7.09
C GLN B 66 -0.10 -22.95 -6.94
N MET B 67 -1.08 -23.87 -6.82
CA MET B 67 -2.45 -23.48 -6.58
C MET B 67 -2.65 -22.96 -5.16
N HIS B 68 -1.92 -23.53 -4.19
CA HIS B 68 -1.97 -23.04 -2.81
C HIS B 68 -1.35 -21.65 -2.69
N THR B 69 -0.27 -21.41 -3.45
CA THR B 69 0.35 -20.08 -3.50
C THR B 69 -0.56 -19.07 -4.20
N ASP B 70 -1.31 -19.52 -5.21
CA ASP B 70 -2.24 -18.63 -5.91
C ASP B 70 -3.46 -18.28 -5.04
N ILE B 71 -3.97 -19.25 -4.28
CA ILE B 71 -5.14 -18.99 -3.43
C ILE B 71 -4.75 -18.15 -2.21
N ILE B 72 -3.52 -18.32 -1.70
CA ILE B 72 -3.00 -17.45 -0.63
C ILE B 72 -2.76 -16.03 -1.15
N SER B 73 -2.30 -15.90 -2.41
CA SER B 73 -2.11 -14.58 -3.00
C SER B 73 -3.43 -13.87 -3.30
N LEU B 74 -4.46 -14.63 -3.67
CA LEU B 74 -5.78 -14.02 -3.89
C LEU B 74 -6.46 -13.63 -2.59
N TRP B 75 -6.27 -14.45 -1.54
CA TRP B 75 -6.78 -14.11 -0.22
C TRP B 75 -6.04 -12.94 0.41
N ASP B 76 -4.76 -12.76 0.06
CA ASP B 76 -4.03 -11.59 0.52
C ASP B 76 -4.43 -10.34 -0.26
N GLN B 77 -4.67 -10.46 -1.57
CA GLN B 77 -5.00 -9.29 -2.35
C GLN B 77 -6.47 -8.89 -2.27
N SER B 78 -7.35 -9.75 -1.77
CA SER B 78 -8.75 -9.38 -1.61
C SER B 78 -9.05 -8.75 -0.25
N LEU B 79 -8.10 -8.78 0.67
CA LEU B 79 -8.29 -8.15 1.97
C LEU B 79 -7.64 -6.77 2.06
N LYS B 80 -6.80 -6.45 1.08
CA LYS B 80 -6.09 -5.18 1.07
C LYS B 80 -7.00 -3.95 0.94
N PRO B 81 -7.99 -4.02 0.04
CA PRO B 81 -8.98 -2.97 -0.22
C PRO B 81 -9.91 -2.67 0.95
N CYS B 82 -10.32 -3.73 1.65
CA CYS B 82 -11.26 -3.60 2.77
C CYS B 82 -10.70 -2.92 4.02
N VAL B 83 -11.62 -2.44 4.85
CA VAL B 83 -11.29 -1.70 6.06
C VAL B 83 -10.43 -2.48 7.04
N LYS B 84 -9.45 -1.79 7.60
CA LYS B 84 -8.55 -2.39 8.58
C LYS B 84 -9.13 -2.10 9.95
N LEU B 85 -9.30 -3.16 10.74
CA LEU B 85 -9.88 -3.03 12.07
C LEU B 85 -8.80 -2.79 13.11
N THR B 86 -8.13 -1.65 12.99
CA THR B 86 -7.27 -1.23 14.09
C THR B 86 -7.91 -0.79 15.43
N PRO B 87 -9.05 -0.09 15.56
CA PRO B 87 -9.45 0.34 16.91
C PRO B 87 -10.33 -0.63 17.68
N LEU B 88 -10.47 -1.89 17.24
CA LEU B 88 -11.40 -2.82 17.87
C LEU B 88 -10.79 -3.51 19.09
N CYS B 89 -9.50 -3.29 19.37
CA CYS B 89 -8.81 -3.99 20.44
C CYS B 89 -8.91 -3.27 21.79
N VAL B 90 -10.00 -2.55 22.04
CA VAL B 90 -10.21 -1.82 23.28
C VAL B 90 -10.57 -2.78 24.41
N THR B 91 -10.51 -2.29 25.65
CA THR B 91 -10.93 -3.09 26.79
C THR B 91 -12.45 -3.17 26.83
N LEU B 92 -12.99 -4.38 26.76
CA LEU B 92 -14.42 -4.59 26.66
C LEU B 92 -15.05 -4.72 28.05
N GLN B 93 -16.36 -4.53 28.10
CA GLN B 93 -17.15 -4.54 29.32
C GLN B 93 -18.28 -5.56 29.19
N CYS B 94 -17.92 -6.78 28.81
CA CYS B 94 -18.88 -7.77 28.36
C CYS B 94 -19.64 -8.42 29.51
N THR B 95 -20.74 -9.10 29.16
CA THR B 95 -21.58 -9.79 30.12
C THR B 95 -22.24 -10.99 29.45
N ASN B 96 -22.75 -11.90 30.28
CA ASN B 96 -23.36 -13.13 29.81
C ASN B 96 -24.77 -12.87 29.28
N VAL B 97 -25.32 -13.88 28.58
CA VAL B 97 -26.67 -13.81 28.02
C VAL B 97 -27.48 -15.01 28.50
N THR B 98 -28.77 -15.00 28.11
CA THR B 98 -29.78 -16.07 27.99
C THR B 98 -30.21 -16.77 29.28
N ASN B 99 -29.56 -16.48 30.41
CA ASN B 99 -29.83 -17.00 31.77
C ASN B 99 -29.84 -18.52 31.83
N ASN B 100 -28.71 -19.12 31.47
CA ASN B 100 -28.56 -20.56 31.47
C ASN B 100 -27.24 -20.94 32.14
N ILE B 101 -27.07 -22.24 32.39
CA ILE B 101 -25.85 -22.74 33.01
C ILE B 101 -24.89 -23.22 31.94
N GLY B 102 -24.71 -20.77 27.25
CA GLY B 102 -24.47 -19.48 26.65
C GLY B 102 -23.20 -19.43 25.82
N GLU B 103 -23.29 -19.89 24.56
CA GLU B 103 -22.12 -19.88 23.69
C GLU B 103 -21.83 -18.49 23.16
N LEU B 104 -22.85 -17.64 23.07
CA LEU B 104 -22.72 -16.26 22.62
C LEU B 104 -22.53 -15.37 23.84
N LYS B 105 -22.02 -14.17 23.62
CA LYS B 105 -21.71 -13.24 24.69
C LYS B 105 -22.03 -11.82 24.28
N ASN B 106 -22.73 -11.10 25.15
CA ASN B 106 -23.03 -9.69 24.92
C ASN B 106 -21.81 -8.85 25.25
N CYS B 107 -21.21 -8.24 24.24
CA CYS B 107 -20.01 -7.44 24.41
C CYS B 107 -20.35 -5.96 24.23
N SER B 108 -19.95 -5.15 25.20
CA SER B 108 -20.23 -3.72 25.18
C SER B 108 -18.93 -2.96 25.38
N PHE B 109 -18.73 -1.92 24.57
CA PHE B 109 -17.50 -1.15 24.59
C PHE B 109 -17.78 0.23 24.03
N ASN B 110 -16.80 1.11 24.17
CA ASN B 110 -16.85 2.43 23.57
C ASN B 110 -15.64 2.64 22.67
N MET B 111 -15.91 3.02 21.41
CA MET B 111 -14.87 3.21 20.41
C MET B 111 -15.14 4.51 19.68
N THR B 112 -14.22 4.89 18.80
CA THR B 112 -14.27 6.18 18.14
C THR B 112 -15.32 6.21 17.02
N THR B 113 -15.92 7.37 16.83
CA THR B 113 -16.81 7.66 15.71
C THR B 113 -15.99 8.27 14.57
N GLU B 114 -16.68 8.88 13.60
CA GLU B 114 -15.99 9.64 12.55
C GLU B 114 -15.29 10.87 13.11
N LEU B 115 -15.88 11.50 14.12
CA LEU B 115 -15.21 12.57 14.83
C LEU B 115 -14.12 11.98 15.71
N ARG B 116 -12.97 12.66 15.74
CA ARG B 116 -11.80 12.11 16.42
C ARG B 116 -11.89 12.27 17.94
N ASP B 117 -12.55 13.31 18.41
CA ASP B 117 -12.59 13.65 19.83
C ASP B 117 -13.96 13.34 20.43
N LYS B 118 -14.64 12.32 19.89
CA LYS B 118 -15.91 11.87 20.43
C LYS B 118 -15.94 10.35 20.42
N ARG B 119 -16.50 9.77 21.47
CA ARG B 119 -16.61 8.32 21.60
C ARG B 119 -18.08 7.92 21.78
N GLN B 120 -18.50 6.90 21.05
CA GLN B 120 -19.85 6.36 21.16
C GLN B 120 -19.79 5.01 21.86
N LYS B 121 -20.73 4.78 22.77
CA LYS B 121 -20.80 3.54 23.54
C LYS B 121 -21.78 2.60 22.85
N VAL B 122 -21.25 1.54 22.25
CA VAL B 122 -22.04 0.61 21.47
C VAL B 122 -22.09 -0.74 22.20
N HIS B 123 -22.87 -1.66 21.64
CA HIS B 123 -22.91 -3.04 22.13
C HIS B 123 -22.99 -3.97 20.94
N ALA B 124 -22.22 -5.05 20.98
CA ALA B 124 -22.19 -6.04 19.93
C ALA B 124 -22.34 -7.43 20.52
N LEU B 125 -22.27 -8.44 19.66
CA LEU B 125 -22.38 -9.84 20.07
C LEU B 125 -21.17 -10.58 19.54
N PHE B 126 -20.31 -11.03 20.44
CA PHE B 126 -19.13 -11.80 20.07
C PHE B 126 -19.24 -13.21 20.64
N TYR B 127 -18.68 -14.17 19.92
CA TYR B 127 -18.67 -15.55 20.37
C TYR B 127 -17.63 -15.75 21.45
N LYS B 128 -17.72 -16.89 22.15
CA LYS B 128 -16.80 -17.18 23.23
C LYS B 128 -15.43 -17.60 22.72
N LEU B 129 -15.36 -18.16 21.51
CA LEU B 129 -14.07 -18.55 20.94
C LEU B 129 -13.27 -17.36 20.44
N ASP B 130 -13.95 -16.25 20.12
CA ASP B 130 -13.30 -15.03 19.66
C ASP B 130 -13.00 -14.07 20.80
N ILE B 131 -12.98 -14.54 22.03
CA ILE B 131 -12.81 -13.67 23.19
C ILE B 131 -11.92 -14.39 24.20
N VAL B 132 -11.09 -13.62 24.90
CA VAL B 132 -10.25 -14.10 25.99
C VAL B 132 -10.31 -13.10 27.14
N PRO B 133 -10.21 -13.54 28.39
CA PRO B 133 -10.01 -12.59 29.50
C PRO B 133 -8.54 -12.22 29.61
N ILE B 134 -8.27 -10.92 29.75
CA ILE B 134 -6.89 -10.45 29.70
C ILE B 134 -6.26 -10.36 31.10
N ASN B 135 -6.99 -9.87 32.10
CA ASN B 135 -6.39 -9.64 33.42
C ASN B 135 -6.44 -10.87 34.33
N GLU B 136 -6.95 -12.00 33.83
CA GLU B 136 -7.14 -13.28 34.51
C GLU B 136 -8.03 -13.18 35.76
N ASN B 137 -8.96 -12.23 35.79
CA ASN B 137 -9.91 -12.09 36.88
C ASN B 137 -11.18 -12.86 36.54
N GLN B 138 -12.27 -12.59 37.26
CA GLN B 138 -13.52 -13.29 37.02
C GLN B 138 -14.20 -12.82 35.73
N ASN B 139 -14.59 -11.54 35.69
CA ASN B 139 -15.35 -11.04 34.54
C ASN B 139 -14.98 -9.58 34.30
N THR B 140 -15.73 -8.94 33.39
CA THR B 140 -15.83 -7.50 33.10
C THR B 140 -14.50 -6.93 32.53
N SER B 141 -13.59 -7.78 32.05
CA SER B 141 -12.40 -7.31 31.34
C SER B 141 -12.03 -8.37 30.31
N TYR B 142 -12.52 -8.21 29.09
CA TYR B 142 -12.32 -9.19 28.03
C TYR B 142 -11.72 -8.49 26.81
N ARG B 143 -11.07 -9.29 25.95
CA ARG B 143 -10.46 -8.77 24.74
C ARG B 143 -10.49 -9.85 23.67
N LEU B 144 -10.17 -9.45 22.43
CA LEU B 144 -10.21 -10.36 21.31
C LEU B 144 -9.01 -11.31 21.33
N ILE B 145 -9.16 -12.44 20.63
CA ILE B 145 -8.14 -13.47 20.66
C ILE B 145 -6.99 -13.15 19.71
N ASN B 146 -7.19 -12.26 18.74
CA ASN B 146 -6.16 -11.95 17.77
C ASN B 146 -5.74 -10.48 17.81
N CYS B 147 -5.93 -9.82 18.95
CA CYS B 147 -5.34 -8.52 19.22
C CYS B 147 -4.05 -8.63 19.99
N ASN B 148 -3.38 -9.79 19.93
CA ASN B 148 -2.18 -10.05 20.71
C ASN B 148 -1.03 -10.45 19.80
N THR B 149 -1.34 -11.15 18.71
CA THR B 149 -0.32 -11.66 17.81
C THR B 149 -0.52 -11.30 16.36
N ALA B 150 -1.58 -10.57 16.02
CA ALA B 150 -1.87 -10.25 14.63
C ALA B 150 -2.60 -8.92 14.56
N ALA B 151 -2.69 -8.39 13.34
CA ALA B 151 -3.46 -7.19 13.05
C ALA B 151 -4.79 -7.64 12.45
N ILE B 152 -5.88 -7.40 13.18
CA ILE B 152 -7.19 -7.91 12.78
C ILE B 152 -7.77 -7.05 11.67
N THR B 153 -8.20 -7.71 10.60
CA THR B 153 -8.74 -7.08 9.40
C THR B 153 -10.16 -7.55 9.21
N GLN B 154 -11.08 -6.64 8.88
CA GLN B 154 -12.42 -7.05 8.51
C GLN B 154 -12.41 -7.69 7.13
N ALA B 155 -13.04 -8.86 7.02
CA ALA B 155 -13.29 -9.43 5.70
C ALA B 155 -14.36 -8.59 5.00
N CYS B 156 -14.26 -8.53 3.70
CA CYS B 156 -14.81 -7.39 3.01
C CYS B 156 -16.27 -7.67 2.66
N PRO B 157 -17.19 -6.73 2.94
CA PRO B 157 -18.62 -7.09 2.87
C PRO B 157 -19.20 -7.14 1.46
N LYS B 158 -18.60 -6.42 0.50
CA LYS B 158 -19.13 -6.43 -0.85
C LYS B 158 -18.72 -7.69 -1.61
N VAL B 159 -17.54 -8.24 -1.29
CA VAL B 159 -17.09 -9.47 -1.95
C VAL B 159 -17.74 -10.66 -1.25
N SER B 160 -17.67 -11.82 -1.88
CA SER B 160 -18.28 -13.04 -1.35
C SER B 160 -17.26 -14.17 -1.36
N PHE B 161 -17.41 -15.09 -0.42
CA PHE B 161 -16.43 -16.16 -0.22
C PHE B 161 -16.85 -17.49 -0.83
N GLU B 162 -17.71 -17.49 -1.85
CA GLU B 162 -18.24 -18.75 -2.34
C GLU B 162 -17.26 -19.40 -3.31
N PRO B 163 -17.07 -20.72 -3.25
CA PRO B 163 -16.30 -21.41 -4.28
C PRO B 163 -17.13 -21.51 -5.57
N ILE B 164 -16.62 -20.91 -6.63
CA ILE B 164 -17.21 -21.06 -7.96
C ILE B 164 -16.27 -21.97 -8.75
N PRO B 165 -16.79 -22.77 -9.71
CA PRO B 165 -15.90 -23.67 -10.45
C PRO B 165 -14.99 -22.96 -11.43
N ILE B 166 -13.71 -22.87 -11.10
CA ILE B 166 -12.70 -22.30 -11.99
C ILE B 166 -12.02 -23.43 -12.73
N HIS B 167 -11.32 -23.07 -13.81
CA HIS B 167 -10.59 -24.03 -14.62
C HIS B 167 -9.12 -23.61 -14.61
N TYR B 168 -8.30 -24.34 -13.87
CA TYR B 168 -6.87 -24.06 -13.70
C TYR B 168 -6.18 -24.42 -15.02
N CYS B 169 -6.00 -23.42 -15.87
CA CYS B 169 -5.71 -23.64 -17.27
C CYS B 169 -4.26 -23.34 -17.62
N ALA B 170 -3.67 -24.19 -18.47
CA ALA B 170 -2.30 -24.13 -18.94
C ALA B 170 -2.20 -23.24 -20.18
N PRO B 171 -1.06 -22.58 -20.39
CA PRO B 171 -0.87 -21.83 -21.63
C PRO B 171 -0.52 -22.75 -22.80
N ALA B 172 -0.37 -22.12 -23.96
CA ALA B 172 0.03 -22.85 -25.16
C ALA B 172 1.50 -23.22 -25.09
N GLY B 173 1.82 -24.39 -25.64
CA GLY B 173 3.17 -24.90 -25.56
C GLY B 173 3.30 -25.97 -24.49
N PHE B 174 2.68 -25.71 -23.34
CA PHE B 174 2.58 -26.70 -22.27
C PHE B 174 1.31 -27.50 -22.47
N ALA B 175 1.15 -28.57 -21.69
CA ALA B 175 -0.02 -29.42 -21.82
C ALA B 175 -0.33 -30.09 -20.50
N ILE B 176 -1.59 -30.51 -20.36
CA ILE B 176 -2.08 -31.16 -19.15
C ILE B 176 -2.49 -32.58 -19.53
N LEU B 177 -1.84 -33.56 -18.93
CA LEU B 177 -2.21 -34.95 -19.13
C LEU B 177 -3.29 -35.35 -18.13
N LYS B 178 -4.12 -36.31 -18.52
CA LYS B 178 -5.27 -36.72 -17.73
C LYS B 178 -5.31 -38.23 -17.61
N CYS B 179 -5.63 -38.72 -16.41
CA CYS B 179 -5.75 -40.15 -16.14
C CYS B 179 -7.25 -40.46 -16.01
N LYS B 180 -7.84 -41.01 -17.08
CA LYS B 180 -9.22 -41.46 -17.01
C LYS B 180 -9.34 -42.87 -16.47
N ASP B 181 -8.23 -43.56 -16.24
CA ASP B 181 -8.26 -44.89 -15.65
C ASP B 181 -8.55 -44.77 -14.16
N LYS B 182 -9.37 -45.69 -13.65
CA LYS B 182 -9.82 -45.63 -12.27
C LYS B 182 -9.08 -46.60 -11.35
N LYS B 183 -8.08 -47.32 -11.83
CA LYS B 183 -7.30 -48.20 -10.97
C LYS B 183 -6.07 -47.51 -10.38
N PHE B 184 -6.01 -46.19 -10.44
CA PHE B 184 -4.84 -45.45 -9.97
C PHE B 184 -4.85 -45.35 -8.45
N ASN B 185 -3.80 -45.88 -7.81
CA ASN B 185 -3.68 -45.78 -6.35
C ASN B 185 -2.78 -44.65 -5.90
N GLY B 186 -2.46 -43.70 -6.77
CA GLY B 186 -1.78 -42.49 -6.37
C GLY B 186 -0.41 -42.29 -6.97
N THR B 187 0.41 -43.34 -6.99
CA THR B 187 1.70 -43.31 -7.69
C THR B 187 1.76 -44.54 -8.59
N GLY B 188 2.16 -44.34 -9.84
CA GLY B 188 2.28 -45.43 -10.77
C GLY B 188 2.04 -45.00 -12.20
N PRO B 189 2.28 -45.89 -13.16
CA PRO B 189 1.98 -45.55 -14.56
C PRO B 189 0.48 -45.63 -14.82
N CYS B 190 -0.08 -44.53 -15.32
CA CYS B 190 -1.48 -44.53 -15.70
C CYS B 190 -1.64 -45.27 -17.04
N PRO B 191 -2.58 -46.21 -17.15
CA PRO B 191 -2.72 -46.92 -18.43
C PRO B 191 -3.36 -46.11 -19.53
N SER B 192 -4.30 -45.22 -19.18
CA SER B 192 -4.98 -44.37 -20.15
C SER B 192 -4.58 -42.92 -19.86
N VAL B 193 -3.45 -42.51 -20.42
CA VAL B 193 -2.98 -41.13 -20.31
C VAL B 193 -3.73 -40.36 -21.40
N SER B 194 -4.91 -39.84 -21.03
CA SER B 194 -5.72 -39.10 -21.96
C SER B 194 -5.22 -37.65 -22.05
N THR B 195 -5.87 -36.89 -22.93
CA THR B 195 -5.51 -35.49 -23.15
C THR B 195 -6.78 -34.64 -23.09
N VAL B 196 -6.78 -33.68 -22.17
CA VAL B 196 -7.78 -32.62 -22.13
C VAL B 196 -7.07 -31.35 -22.61
N GLN B 197 -7.86 -30.35 -22.99
CA GLN B 197 -7.30 -29.04 -23.29
C GLN B 197 -6.72 -28.40 -22.03
N CYS B 198 -7.57 -28.14 -21.05
CA CYS B 198 -7.15 -27.91 -19.67
C CYS B 198 -8.28 -28.39 -18.77
N THR B 199 -8.10 -28.16 -17.46
CA THR B 199 -8.85 -28.87 -16.43
C THR B 199 -10.30 -28.40 -16.34
N HIS B 200 -11.12 -29.20 -15.66
CA HIS B 200 -12.55 -28.96 -15.54
C HIS B 200 -12.81 -28.02 -14.35
N GLY B 201 -14.09 -27.89 -13.98
CA GLY B 201 -14.49 -26.99 -12.92
C GLY B 201 -14.04 -27.42 -11.54
N ILE B 202 -13.05 -26.70 -11.01
CA ILE B 202 -12.47 -26.98 -9.70
C ILE B 202 -13.00 -25.94 -8.72
N LYS B 203 -13.64 -26.41 -7.66
CA LYS B 203 -14.12 -25.52 -6.60
C LYS B 203 -13.03 -25.39 -5.56
N PRO B 204 -12.46 -24.19 -5.34
CA PRO B 204 -11.40 -24.06 -4.33
C PRO B 204 -11.96 -23.95 -2.92
N VAL B 205 -12.45 -25.07 -2.39
CA VAL B 205 -13.11 -25.09 -1.09
C VAL B 205 -12.03 -25.26 -0.02
N VAL B 206 -12.32 -24.79 1.19
CA VAL B 206 -11.44 -24.93 2.35
C VAL B 206 -12.14 -25.83 3.34
N SER B 207 -11.58 -27.01 3.59
CA SER B 207 -12.17 -27.97 4.50
C SER B 207 -11.08 -28.80 5.14
N THR B 208 -11.24 -29.04 6.44
CA THR B 208 -10.39 -29.96 7.18
C THR B 208 -11.23 -31.15 7.61
N GLN B 209 -10.61 -32.35 7.57
CA GLN B 209 -11.09 -33.70 7.91
C GLN B 209 -12.18 -34.27 6.99
N LEU B 210 -12.67 -33.49 6.03
CA LEU B 210 -13.69 -33.91 5.08
C LEU B 210 -13.43 -33.17 3.77
N LEU B 211 -14.02 -33.66 2.69
CA LEU B 211 -13.91 -33.05 1.37
C LEU B 211 -15.31 -32.73 0.87
N LEU B 212 -15.63 -31.44 0.74
CA LEU B 212 -17.00 -31.00 0.56
C LEU B 212 -17.26 -30.48 -0.85
N ASN B 213 -18.20 -31.14 -1.52
CA ASN B 213 -18.75 -30.81 -2.85
C ASN B 213 -17.66 -30.73 -3.92
N GLY B 214 -16.96 -31.85 -4.09
CA GLY B 214 -15.95 -31.98 -5.12
C GLY B 214 -16.27 -33.16 -6.03
N SER B 215 -15.31 -33.50 -6.87
CA SER B 215 -15.47 -34.60 -7.81
C SER B 215 -15.32 -35.92 -7.06
N LEU B 216 -16.28 -36.82 -7.27
CA LEU B 216 -16.29 -38.10 -6.58
C LEU B 216 -15.46 -39.12 -7.35
N ALA B 217 -15.35 -40.32 -6.82
CA ALA B 217 -14.66 -41.40 -7.52
C ALA B 217 -15.67 -42.16 -8.37
N GLU B 218 -15.23 -43.24 -8.99
CA GLU B 218 -16.09 -44.10 -9.82
C GLU B 218 -16.12 -45.49 -9.20
N GLU B 219 -17.29 -45.87 -8.67
CA GLU B 219 -17.79 -47.18 -8.21
C GLU B 219 -16.98 -47.85 -7.09
N GLU B 220 -15.93 -47.23 -6.56
CA GLU B 220 -15.08 -47.88 -5.56
C GLU B 220 -14.35 -46.81 -4.76
N VAL B 221 -14.32 -46.99 -3.44
CA VAL B 221 -13.52 -46.16 -2.55
C VAL B 221 -12.04 -46.40 -2.82
N MET B 222 -11.24 -45.33 -2.82
CA MET B 222 -9.80 -45.41 -3.04
C MET B 222 -9.05 -44.87 -1.83
N ILE B 223 -8.21 -45.71 -1.24
CA ILE B 223 -7.30 -45.26 -0.17
C ILE B 223 -6.05 -44.76 -0.88
N ARG B 224 -6.08 -43.48 -1.24
CA ARG B 224 -5.06 -42.88 -2.10
C ARG B 224 -4.06 -42.11 -1.24
N SER B 225 -3.12 -42.84 -0.64
CA SER B 225 -2.14 -42.24 0.24
C SER B 225 -0.73 -42.54 -0.23
N GLU B 226 0.21 -41.72 0.24
CA GLU B 226 1.62 -41.88 -0.10
C GLU B 226 2.30 -42.67 1.01
N ASN B 227 2.77 -43.88 0.67
CA ASN B 227 3.50 -44.82 1.54
C ASN B 227 2.68 -45.20 2.78
N ILE B 228 1.61 -45.96 2.51
CA ILE B 228 0.61 -46.37 3.50
C ILE B 228 1.16 -47.29 4.60
N THR B 229 2.33 -47.92 4.38
CA THR B 229 2.92 -48.76 5.42
C THR B 229 3.64 -47.93 6.47
N ASN B 230 3.81 -46.63 6.25
CA ASN B 230 4.38 -45.73 7.25
C ASN B 230 3.37 -44.66 7.64
N ASN B 231 3.44 -44.24 8.90
CA ASN B 231 2.58 -43.20 9.44
C ASN B 231 3.22 -41.84 9.25
N ALA B 232 2.69 -40.84 9.99
CA ALA B 232 3.02 -39.41 9.89
C ALA B 232 2.85 -38.87 8.47
N LYS B 233 1.74 -39.26 7.83
CA LYS B 233 1.39 -38.82 6.50
C LYS B 233 -0.12 -38.84 6.39
N ASN B 234 -0.69 -37.81 5.74
CA ASN B 234 -2.13 -37.67 5.64
C ASN B 234 -2.72 -38.66 4.65
N ILE B 235 -3.47 -39.63 5.16
CA ILE B 235 -4.10 -40.64 4.31
C ILE B 235 -5.33 -40.03 3.65
N LEU B 236 -5.29 -39.90 2.32
CA LEU B 236 -6.37 -39.30 1.58
C LEU B 236 -7.29 -40.40 1.04
N VAL B 237 -8.58 -40.23 1.30
CA VAL B 237 -9.62 -41.17 0.88
C VAL B 237 -10.52 -40.42 -0.10
N GLN B 238 -10.95 -41.09 -1.16
CA GLN B 238 -12.00 -40.57 -2.04
C GLN B 238 -13.25 -41.46 -1.94
N PHE B 239 -14.41 -40.85 -2.19
CA PHE B 239 -15.69 -41.52 -2.05
C PHE B 239 -16.33 -41.71 -3.42
N ASN B 240 -17.12 -42.79 -3.54
CA ASN B 240 -17.82 -43.11 -4.78
C ASN B 240 -19.29 -42.71 -4.75
N THR B 241 -19.95 -42.81 -3.59
CA THR B 241 -21.31 -42.37 -3.39
C THR B 241 -21.35 -41.15 -2.47
N PRO B 242 -22.25 -40.19 -2.70
CA PRO B 242 -22.24 -38.95 -1.90
C PRO B 242 -22.80 -39.15 -0.49
N VAL B 243 -22.06 -38.64 0.49
CA VAL B 243 -22.50 -38.64 1.88
C VAL B 243 -23.15 -37.28 2.12
N GLN B 244 -24.47 -37.22 1.94
CA GLN B 244 -25.18 -35.95 1.92
C GLN B 244 -25.32 -35.38 3.33
N ILE B 245 -24.72 -34.21 3.54
CA ILE B 245 -24.62 -33.59 4.85
C ILE B 245 -25.43 -32.29 4.84
N ASN B 246 -26.36 -32.18 5.78
CA ASN B 246 -27.09 -30.94 5.99
C ASN B 246 -26.57 -30.27 7.26
N CYS B 247 -26.49 -28.94 7.20
CA CYS B 247 -25.81 -28.18 8.24
C CYS B 247 -26.41 -26.79 8.23
N THR B 248 -26.71 -26.23 9.40
CA THR B 248 -27.36 -24.94 9.45
C THR B 248 -27.02 -24.22 10.74
N ARG B 249 -27.40 -22.94 10.77
CA ARG B 249 -27.34 -22.10 11.96
C ARG B 249 -28.72 -21.51 12.18
N PRO B 250 -29.41 -21.85 13.27
CA PRO B 250 -30.83 -21.47 13.37
C PRO B 250 -31.06 -20.04 13.84
N ASN B 251 -30.02 -19.34 14.28
CA ASN B 251 -30.17 -17.96 14.73
C ASN B 251 -30.32 -17.03 13.53
N ASN B 252 -30.99 -15.89 13.76
CA ASN B 252 -31.15 -14.90 12.71
C ASN B 252 -29.87 -14.15 12.40
N ASN B 253 -29.11 -13.77 13.45
CA ASN B 253 -27.86 -12.99 13.41
C ASN B 253 -28.05 -11.67 12.67
N THR B 254 -28.84 -10.79 13.32
CA THR B 254 -29.14 -9.47 12.81
C THR B 254 -27.88 -8.60 12.74
N ARG B 255 -27.72 -7.91 11.61
CA ARG B 255 -26.50 -7.18 11.30
C ARG B 255 -26.71 -5.70 11.56
N LYS B 256 -25.85 -5.13 12.40
CA LYS B 256 -25.88 -3.71 12.71
C LYS B 256 -24.63 -3.05 12.16
N SER B 257 -24.71 -1.74 11.94
CA SER B 257 -23.65 -0.98 11.31
C SER B 257 -23.21 0.15 12.22
N ILE B 258 -21.95 0.11 12.65
CA ILE B 258 -21.32 1.20 13.38
C ILE B 258 -20.05 1.60 12.65
N ARG B 259 -19.72 2.88 12.71
CA ARG B 259 -18.60 3.42 11.94
C ARG B 259 -17.43 3.75 12.86
N ILE B 260 -16.23 3.38 12.42
CA ILE B 260 -15.03 3.51 13.24
C ILE B 260 -14.12 4.62 12.77
N GLY B 261 -14.44 5.28 11.66
CA GLY B 261 -13.62 6.36 11.15
C GLY B 261 -14.28 7.08 10.00
N PRO B 262 -13.54 7.97 9.32
CA PRO B 262 -14.11 8.65 8.15
C PRO B 262 -14.23 7.74 6.94
N GLY B 263 -15.46 7.32 6.64
CA GLY B 263 -15.73 6.45 5.52
C GLY B 263 -15.64 4.96 5.80
N GLN B 264 -15.07 4.56 6.93
CA GLN B 264 -14.96 3.16 7.27
C GLN B 264 -16.29 2.65 7.83
N TRP B 265 -16.53 1.35 7.64
CA TRP B 265 -17.74 0.72 8.13
C TRP B 265 -17.38 -0.63 8.72
N PHE B 266 -17.78 -0.85 9.96
CA PHE B 266 -17.53 -2.12 10.65
C PHE B 266 -18.87 -2.75 10.97
N TYR B 267 -19.10 -3.93 10.41
CA TYR B 267 -20.38 -4.64 10.54
C TYR B 267 -20.28 -5.57 11.73
N ALA B 268 -21.04 -5.27 12.77
CA ALA B 268 -21.05 -6.07 13.99
C ALA B 268 -22.33 -6.89 14.08
N THR B 269 -22.26 -7.94 14.88
CA THR B 269 -23.42 -8.81 15.12
C THR B 269 -24.32 -8.12 16.14
N GLY B 270 -25.52 -7.75 15.72
CA GLY B 270 -26.44 -7.06 16.59
C GLY B 270 -27.23 -8.02 17.49
N ASP B 271 -28.30 -7.48 18.06
CA ASP B 271 -29.14 -8.24 18.96
C ASP B 271 -30.00 -9.22 18.18
N ILE B 272 -29.91 -10.51 18.52
CA ILE B 272 -30.66 -11.53 17.81
C ILE B 272 -32.12 -11.50 18.26
N ILE B 273 -33.02 -11.22 17.32
CA ILE B 273 -34.44 -11.39 17.56
C ILE B 273 -34.80 -12.82 17.13
N GLY B 274 -35.36 -13.58 18.03
CA GLY B 274 -35.57 -14.99 17.81
C GLY B 274 -35.14 -15.78 19.04
N ASP B 275 -34.80 -17.05 18.80
CA ASP B 275 -34.39 -17.95 19.87
C ASP B 275 -32.91 -18.28 19.74
N ILE B 276 -32.20 -18.26 20.86
CA ILE B 276 -30.78 -18.59 20.87
C ILE B 276 -30.65 -20.10 20.81
N ARG B 277 -30.24 -20.63 19.66
CA ARG B 277 -30.02 -22.05 19.48
C ARG B 277 -28.56 -22.29 19.12
N GLN B 278 -28.20 -23.58 19.02
CA GLN B 278 -26.85 -23.99 18.66
C GLN B 278 -26.87 -24.49 17.23
N ALA B 279 -25.83 -24.15 16.47
CA ALA B 279 -25.71 -24.56 15.08
C ALA B 279 -25.38 -26.04 14.97
N HIS B 280 -26.36 -26.86 14.62
CA HIS B 280 -26.17 -28.30 14.51
C HIS B 280 -25.75 -28.67 13.10
N CYS B 281 -25.41 -29.95 12.91
CA CYS B 281 -24.93 -30.40 11.61
C CYS B 281 -25.31 -31.88 11.48
N ASN B 282 -26.14 -32.19 10.50
CA ASN B 282 -26.71 -33.52 10.37
C ASN B 282 -26.04 -34.33 9.28
N VAL B 283 -26.25 -35.66 9.35
CA VAL B 283 -25.84 -36.59 8.32
C VAL B 283 -26.82 -37.76 8.37
N SER B 284 -27.14 -38.33 7.21
CA SER B 284 -27.96 -39.53 7.18
C SER B 284 -27.14 -40.72 7.68
N LYS B 285 -27.69 -41.45 8.66
CA LYS B 285 -26.91 -42.44 9.39
C LYS B 285 -26.70 -43.71 8.56
N ALA B 286 -27.64 -44.01 7.66
CA ALA B 286 -27.55 -45.24 6.88
C ALA B 286 -26.50 -45.14 5.78
N THR B 287 -26.44 -44.00 5.09
CA THR B 287 -25.44 -43.81 4.05
C THR B 287 -24.05 -43.58 4.65
N TRP B 288 -24.01 -42.98 5.85
CA TRP B 288 -22.73 -42.83 6.54
C TRP B 288 -22.21 -44.16 7.07
N ASN B 289 -23.10 -45.02 7.53
CA ASN B 289 -22.72 -46.36 7.97
C ASN B 289 -22.31 -47.24 6.79
N GLU B 290 -22.95 -47.02 5.62
CA GLU B 290 -22.59 -47.76 4.42
C GLU B 290 -21.24 -47.32 3.87
N THR B 291 -20.93 -46.02 3.91
CA THR B 291 -19.63 -45.56 3.47
C THR B 291 -18.54 -45.90 4.47
N LEU B 292 -18.90 -46.02 5.76
CA LEU B 292 -17.95 -46.51 6.75
C LEU B 292 -17.63 -47.99 6.54
N GLY B 293 -18.65 -48.78 6.18
CA GLY B 293 -18.41 -50.17 5.83
C GLY B 293 -17.61 -50.33 4.55
N LYS B 294 -17.80 -49.41 3.60
CA LYS B 294 -17.03 -49.43 2.36
C LYS B 294 -15.57 -49.03 2.59
N VAL B 295 -15.31 -48.07 3.48
CA VAL B 295 -13.93 -47.66 3.69
C VAL B 295 -13.21 -48.68 4.60
N VAL B 296 -13.93 -49.38 5.49
CA VAL B 296 -13.30 -50.46 6.25
C VAL B 296 -13.06 -51.69 5.35
N LYS B 297 -13.92 -51.90 4.34
CA LYS B 297 -13.69 -52.97 3.37
C LYS B 297 -12.49 -52.66 2.46
N GLN B 298 -12.33 -51.39 2.08
CA GLN B 298 -11.17 -51.00 1.28
C GLN B 298 -9.89 -50.98 2.10
N LEU B 299 -9.97 -50.63 3.39
CA LEU B 299 -8.80 -50.69 4.25
C LEU B 299 -8.45 -52.12 4.63
N ARG B 300 -9.43 -53.04 4.60
CA ARG B 300 -9.12 -54.45 4.75
C ARG B 300 -8.49 -55.02 3.48
N LYS B 301 -8.85 -54.45 2.32
CA LYS B 301 -8.18 -54.82 1.09
C LYS B 301 -6.76 -54.28 1.04
N HIS B 302 -6.54 -53.10 1.62
CA HIS B 302 -5.22 -52.49 1.65
C HIS B 302 -4.33 -53.03 2.76
N PHE B 303 -4.91 -53.56 3.84
CA PHE B 303 -4.14 -53.95 5.02
C PHE B 303 -4.16 -55.45 5.26
N GLY B 304 -5.34 -56.05 5.40
CA GLY B 304 -5.42 -57.47 5.69
C GLY B 304 -6.82 -57.95 5.98
N ASN B 305 -7.02 -59.27 5.93
CA ASN B 305 -8.36 -59.85 6.07
C ASN B 305 -8.82 -59.83 7.52
N ASN B 306 -7.89 -59.84 8.49
CA ASN B 306 -8.23 -59.83 9.91
C ASN B 306 -7.63 -58.58 10.56
N THR B 307 -8.34 -57.46 10.43
CA THR B 307 -7.96 -56.20 11.05
C THR B 307 -9.19 -55.58 11.68
N ILE B 308 -9.05 -55.10 12.91
CA ILE B 308 -10.09 -54.32 13.57
C ILE B 308 -9.83 -52.85 13.29
N ILE B 309 -10.78 -52.19 12.63
CA ILE B 309 -10.64 -50.78 12.29
C ILE B 309 -11.53 -50.00 13.25
N ARG B 310 -10.89 -49.40 14.25
CA ARG B 310 -11.57 -48.52 15.19
C ARG B 310 -11.55 -47.09 14.66
N PHE B 311 -12.53 -46.32 15.09
CA PHE B 311 -12.62 -44.91 14.71
C PHE B 311 -12.81 -44.07 15.97
N ALA B 312 -11.88 -43.15 16.20
CA ALA B 312 -11.94 -42.25 17.33
C ALA B 312 -11.90 -40.82 16.83
N ASN B 313 -12.10 -39.87 17.75
CA ASN B 313 -12.08 -38.47 17.39
C ASN B 313 -10.64 -37.97 17.33
N SER B 314 -10.49 -36.67 17.06
CA SER B 314 -9.18 -36.07 16.93
C SER B 314 -8.52 -35.91 18.30
N SER B 315 -7.19 -35.85 18.29
CA SER B 315 -6.43 -35.95 19.54
C SER B 315 -6.38 -34.62 20.27
N GLY B 316 -5.80 -33.60 19.66
CA GLY B 316 -5.68 -32.33 20.33
C GLY B 316 -4.87 -31.34 19.52
N GLY B 317 -4.74 -30.14 20.09
CA GLY B 317 -4.10 -29.00 19.49
C GLY B 317 -5.00 -27.78 19.55
N ASP B 318 -4.87 -26.90 18.56
CA ASP B 318 -5.73 -25.75 18.46
C ASP B 318 -7.10 -26.14 17.94
N LEU B 319 -8.05 -25.22 18.01
CA LEU B 319 -9.43 -25.52 17.60
C LEU B 319 -9.67 -25.19 16.14
N GLU B 320 -8.82 -25.69 15.25
CA GLU B 320 -9.00 -25.55 13.81
C GLU B 320 -8.85 -26.91 13.13
N VAL B 321 -8.00 -27.77 13.70
CA VAL B 321 -7.74 -29.09 13.13
C VAL B 321 -8.30 -30.22 13.97
N THR B 322 -8.80 -29.93 15.18
CA THR B 322 -9.48 -30.97 15.94
C THR B 322 -10.94 -31.12 15.52
N THR B 323 -11.55 -30.03 15.07
CA THR B 323 -12.92 -30.05 14.59
C THR B 323 -12.93 -29.86 13.07
N HIS B 324 -14.03 -30.29 12.45
CA HIS B 324 -14.22 -30.10 11.02
C HIS B 324 -14.56 -28.63 10.76
N SER B 325 -13.64 -27.94 10.08
CA SER B 325 -13.79 -26.53 9.76
C SER B 325 -14.17 -26.38 8.31
N PHE B 326 -15.25 -25.67 8.04
CA PHE B 326 -15.71 -25.44 6.68
C PHE B 326 -16.42 -24.09 6.61
N ASN B 327 -16.38 -23.51 5.41
CA ASN B 327 -16.89 -22.17 5.17
C ASN B 327 -18.17 -22.27 4.36
N CYS B 328 -19.23 -21.65 4.85
CA CYS B 328 -20.52 -21.75 4.17
C CYS B 328 -21.35 -20.52 4.50
N GLY B 329 -21.75 -19.79 3.45
CA GLY B 329 -22.65 -18.67 3.59
C GLY B 329 -22.02 -17.37 4.05
N GLY B 330 -20.70 -17.34 4.28
CA GLY B 330 -20.05 -16.18 4.84
C GLY B 330 -19.61 -16.33 6.28
N GLU B 331 -20.04 -17.40 6.95
CA GLU B 331 -19.60 -17.70 8.30
C GLU B 331 -18.76 -18.96 8.29
N PHE B 332 -17.90 -19.08 9.30
CA PHE B 332 -16.90 -20.16 9.36
C PHE B 332 -17.25 -21.07 10.52
N PHE B 333 -17.92 -22.18 10.23
CA PHE B 333 -18.29 -23.14 11.24
C PHE B 333 -17.08 -24.01 11.61
N TYR B 334 -17.09 -24.49 12.85
CA TYR B 334 -16.07 -25.41 13.35
C TYR B 334 -16.81 -26.56 14.03
N CYS B 335 -17.13 -27.60 13.26
CA CYS B 335 -18.03 -28.66 13.70
C CYS B 335 -17.24 -29.81 14.32
N ASP B 336 -17.54 -30.13 15.57
CA ASP B 336 -16.85 -31.22 16.26
C ASP B 336 -17.36 -32.57 15.77
N THR B 337 -16.44 -33.46 15.40
CA THR B 337 -16.77 -34.76 14.86
C THR B 337 -16.55 -35.90 15.84
N SER B 338 -16.91 -35.69 17.11
CA SER B 338 -16.84 -36.80 18.07
C SER B 338 -17.95 -37.81 17.83
N GLY B 339 -19.09 -37.36 17.29
CA GLY B 339 -20.19 -38.26 17.00
C GLY B 339 -20.11 -38.97 15.66
N LEU B 340 -19.21 -38.55 14.77
CA LEU B 340 -19.07 -39.20 13.47
C LEU B 340 -18.12 -40.39 13.54
N PHE B 341 -16.91 -40.18 14.05
CA PHE B 341 -15.91 -41.24 14.13
C PHE B 341 -15.99 -41.89 15.51
N ASN B 342 -17.04 -42.69 15.69
CA ASN B 342 -17.22 -43.49 16.90
C ASN B 342 -17.84 -44.81 16.46
N SER B 343 -16.99 -45.77 16.14
CA SER B 343 -17.41 -47.09 15.67
C SER B 343 -16.25 -48.06 15.87
N THR B 344 -16.58 -49.35 15.84
CA THR B 344 -15.57 -50.41 15.96
C THR B 344 -16.01 -51.54 15.03
N TRP B 345 -15.30 -51.69 13.91
CA TRP B 345 -15.59 -52.76 12.96
C TRP B 345 -14.61 -53.89 13.18
N ILE B 346 -15.12 -55.10 13.43
CA ILE B 346 -14.32 -56.29 13.64
C ILE B 346 -14.77 -57.37 12.66
N SER B 347 -13.80 -57.94 11.93
CA SER B 347 -13.95 -59.03 10.93
C SER B 347 -14.93 -58.74 9.80
N ASN B 348 -33.88 -42.26 8.99
CA ASN B 348 -33.84 -41.29 10.09
C ASN B 348 -32.67 -41.57 11.03
N ASP B 349 -32.84 -41.16 12.30
CA ASP B 349 -31.82 -41.18 13.36
C ASP B 349 -30.54 -40.46 12.94
N SER B 350 -30.68 -39.18 12.59
CA SER B 350 -29.55 -38.42 12.04
C SER B 350 -28.61 -37.99 13.15
N ILE B 351 -27.31 -38.15 12.90
CA ILE B 351 -26.31 -37.76 13.89
C ILE B 351 -26.11 -36.26 13.85
N THR B 352 -26.30 -35.62 15.00
CA THR B 352 -26.10 -34.19 15.12
C THR B 352 -24.70 -33.89 15.62
N LEU B 353 -24.18 -32.71 15.26
CA LEU B 353 -22.81 -32.31 15.59
C LEU B 353 -22.83 -30.90 16.14
N PRO B 354 -22.15 -30.63 17.26
CA PRO B 354 -22.05 -29.24 17.73
C PRO B 354 -21.02 -28.46 16.92
N CYS B 355 -21.41 -27.27 16.49
CA CYS B 355 -20.54 -26.39 15.71
C CYS B 355 -20.50 -25.01 16.36
N ARG B 356 -19.32 -24.61 16.82
CA ARG B 356 -19.11 -23.26 17.29
C ARG B 356 -18.56 -22.42 16.15
N ILE B 357 -19.08 -21.22 15.98
CA ILE B 357 -18.71 -20.36 14.87
C ILE B 357 -17.67 -19.34 15.33
N LYS B 358 -16.56 -19.26 14.61
CA LYS B 358 -15.54 -18.25 14.84
C LYS B 358 -15.67 -17.19 13.76
N GLN B 359 -15.59 -15.92 14.16
CA GLN B 359 -15.52 -14.82 13.20
C GLN B 359 -14.11 -14.29 13.05
N ILE B 360 -13.32 -14.28 14.12
CA ILE B 360 -11.93 -13.83 14.08
C ILE B 360 -11.09 -15.06 13.84
N ILE B 361 -10.81 -15.35 12.57
CA ILE B 361 -10.11 -16.56 12.19
C ILE B 361 -8.72 -16.20 11.68
N ASN B 362 -7.86 -17.22 11.62
CA ASN B 362 -6.50 -17.10 11.09
C ASN B 362 -6.39 -18.11 9.95
N MET B 363 -6.54 -17.63 8.72
CA MET B 363 -6.49 -18.52 7.58
C MET B 363 -5.04 -18.85 7.21
N TRP B 364 -4.87 -20.04 6.62
CA TRP B 364 -3.63 -20.59 6.05
C TRP B 364 -2.50 -20.73 7.06
N GLN B 365 -2.84 -20.89 8.35
CA GLN B 365 -1.95 -21.04 9.51
C GLN B 365 -0.92 -19.92 9.62
N ARG B 366 -1.32 -18.69 9.30
CA ARG B 366 -0.40 -17.57 9.28
C ARG B 366 -0.50 -16.77 10.57
N ILE B 367 0.57 -16.03 10.86
CA ILE B 367 0.64 -15.17 12.03
C ILE B 367 0.94 -13.74 11.57
N GLY B 368 0.40 -12.76 12.29
CA GLY B 368 0.58 -11.37 11.96
C GLY B 368 -0.48 -10.77 11.06
N GLN B 369 -1.42 -11.59 10.57
CA GLN B 369 -2.46 -11.09 9.67
C GLN B 369 -3.72 -11.92 9.91
N ALA B 370 -4.62 -11.40 10.74
CA ALA B 370 -5.86 -12.08 11.06
C ALA B 370 -6.99 -11.58 10.16
N MET B 371 -8.14 -12.24 10.27
CA MET B 371 -9.31 -11.88 9.48
C MET B 371 -10.56 -11.94 10.34
N TYR B 372 -11.36 -10.88 10.32
CA TYR B 372 -12.65 -10.84 10.99
C TYR B 372 -13.73 -11.08 9.95
N ALA B 373 -14.40 -12.23 10.05
CA ALA B 373 -15.51 -12.50 9.16
C ALA B 373 -16.75 -11.70 9.57
N PRO B 374 -17.49 -11.13 8.63
CA PRO B 374 -18.67 -10.35 8.99
C PRO B 374 -19.84 -11.24 9.31
N PRO B 375 -20.80 -10.77 10.11
CA PRO B 375 -22.02 -11.57 10.33
C PRO B 375 -22.94 -11.53 9.12
N ILE B 376 -23.71 -12.59 8.97
CA ILE B 376 -24.63 -12.76 7.85
C ILE B 376 -26.05 -12.69 8.38
N GLN B 377 -26.85 -11.79 7.82
CA GLN B 377 -28.23 -11.66 8.22
C GLN B 377 -29.08 -12.78 7.64
N GLY B 378 -30.03 -13.27 8.43
CA GLY B 378 -30.86 -14.37 8.04
C GLY B 378 -30.23 -15.72 8.39
N VAL B 379 -31.04 -16.77 8.25
CA VAL B 379 -30.54 -18.11 8.53
C VAL B 379 -29.69 -18.60 7.36
N ILE B 380 -28.74 -19.47 7.68
CA ILE B 380 -27.82 -20.03 6.69
C ILE B 380 -28.16 -21.51 6.54
N ARG B 381 -28.56 -21.91 5.34
CA ARG B 381 -28.76 -23.31 5.01
C ARG B 381 -27.63 -23.78 4.11
N CYS B 382 -27.06 -24.93 4.45
CA CYS B 382 -25.84 -25.39 3.80
C CYS B 382 -26.03 -26.86 3.43
N VAL B 383 -26.43 -27.11 2.18
CA VAL B 383 -26.56 -28.46 1.66
C VAL B 383 -25.34 -28.78 0.79
N SER B 384 -24.65 -29.86 1.14
CA SER B 384 -23.47 -30.31 0.40
C SER B 384 -23.38 -31.81 0.58
N ASN B 385 -22.35 -32.43 -0.01
CA ASN B 385 -22.14 -33.85 0.22
C ASN B 385 -20.65 -34.14 0.33
N ILE B 386 -20.29 -34.99 1.28
CA ILE B 386 -18.91 -35.31 1.60
C ILE B 386 -18.35 -36.25 0.53
N THR B 387 -17.24 -35.84 -0.09
CA THR B 387 -16.63 -36.62 -1.15
C THR B 387 -15.28 -37.23 -0.75
N GLY B 388 -14.99 -37.35 0.54
CA GLY B 388 -13.75 -37.99 0.92
C GLY B 388 -13.42 -37.80 2.38
N LEU B 389 -12.20 -38.22 2.74
CA LEU B 389 -11.76 -38.22 4.13
C LEU B 389 -10.27 -37.90 4.18
N ILE B 390 -9.86 -37.28 5.28
CA ILE B 390 -8.45 -37.07 5.59
C ILE B 390 -8.20 -37.78 6.91
N LEU B 391 -7.52 -38.93 6.86
CA LEU B 391 -7.28 -39.77 8.03
C LEU B 391 -5.79 -39.85 8.31
N THR B 392 -5.46 -40.35 9.49
CA THR B 392 -4.07 -40.49 9.94
C THR B 392 -3.88 -41.86 10.57
N ARG B 393 -2.83 -42.56 10.17
CA ARG B 393 -2.51 -43.84 10.78
C ARG B 393 -1.91 -43.64 12.17
N ASP B 394 -2.28 -44.53 13.09
CA ASP B 394 -1.93 -44.31 14.49
C ASP B 394 -0.51 -44.79 14.78
N GLY B 395 -0.23 -46.06 14.55
CA GLY B 395 1.07 -46.61 14.85
C GLY B 395 1.29 -46.86 16.32
N GLY B 396 2.56 -46.90 16.71
CA GLY B 396 2.90 -47.08 18.11
C GLY B 396 2.77 -48.52 18.57
N SER B 397 2.22 -48.69 19.77
CA SER B 397 2.02 -50.01 20.34
C SER B 397 0.85 -50.70 19.67
N THR B 398 1.14 -51.58 18.71
CA THR B 398 0.10 -52.24 17.95
C THR B 398 0.43 -53.73 17.89
N ASP B 399 -0.55 -54.56 18.24
CA ASP B 399 -0.41 -56.01 18.14
C ASP B 399 -0.95 -56.57 16.83
N SER B 400 -1.00 -55.73 15.79
CA SER B 400 -1.31 -56.05 14.39
C SER B 400 -2.73 -56.61 14.20
N THR B 401 -3.66 -56.30 15.10
CA THR B 401 -5.06 -56.66 14.91
C THR B 401 -5.97 -55.45 14.97
N THR B 402 -5.72 -54.50 15.87
CA THR B 402 -6.55 -53.31 16.01
C THR B 402 -5.83 -52.07 15.47
N GLU B 403 -6.58 -51.23 14.77
CA GLU B 403 -6.05 -50.00 14.20
C GLU B 403 -7.07 -48.89 14.38
N THR B 404 -6.60 -47.72 14.80
CA THR B 404 -7.43 -46.53 14.93
C THR B 404 -6.99 -45.50 13.90
N PHE B 405 -7.94 -44.77 13.34
CA PHE B 405 -7.66 -43.73 12.36
C PHE B 405 -8.26 -42.42 12.83
N ARG B 406 -7.44 -41.39 12.92
CA ARG B 406 -7.84 -40.14 13.53
C ARG B 406 -8.04 -39.04 12.49
N PRO B 407 -9.07 -38.19 12.64
CA PRO B 407 -9.26 -37.07 11.68
C PRO B 407 -8.30 -35.91 11.91
N SER B 408 -7.08 -36.06 11.41
CA SER B 408 -6.04 -35.06 11.61
C SER B 408 -5.42 -34.69 10.28
N GLY B 409 -4.75 -33.54 10.27
CA GLY B 409 -4.03 -33.08 9.09
C GLY B 409 -4.78 -32.07 8.26
N GLY B 410 -4.71 -32.23 6.94
CA GLY B 410 -5.35 -31.30 6.02
C GLY B 410 -4.47 -30.12 5.68
N ASP B 411 -4.34 -29.20 6.65
CA ASP B 411 -3.58 -27.92 6.65
C ASP B 411 -3.71 -27.07 5.39
N MET B 412 -4.89 -27.10 4.75
CA MET B 412 -5.25 -26.45 3.49
C MET B 412 -4.29 -26.77 2.34
N ARG B 413 -3.73 -27.96 2.31
CA ARG B 413 -2.83 -28.42 1.25
C ARG B 413 -3.29 -29.71 0.63
N ASP B 414 -3.78 -30.66 1.44
CA ASP B 414 -4.22 -31.97 0.97
C ASP B 414 -5.71 -32.00 0.67
N ASN B 415 -6.30 -30.87 0.30
CA ASN B 415 -7.69 -30.82 -0.13
C ASN B 415 -7.80 -30.84 -1.66
N TRP B 416 -6.90 -30.14 -2.34
CA TRP B 416 -6.92 -30.08 -3.79
C TRP B 416 -6.18 -31.23 -4.45
N ARG B 417 -5.53 -32.09 -3.66
CA ARG B 417 -4.83 -33.24 -4.25
C ARG B 417 -5.83 -34.31 -4.69
N SER B 418 -7.00 -34.37 -4.06
CA SER B 418 -8.09 -35.23 -4.52
C SER B 418 -8.72 -34.74 -5.81
N GLU B 419 -8.53 -33.48 -6.20
CA GLU B 419 -8.93 -32.97 -7.49
C GLU B 419 -7.81 -33.01 -8.52
N LEU B 420 -6.55 -32.89 -8.09
CA LEU B 420 -5.43 -32.83 -9.02
C LEU B 420 -4.61 -34.11 -9.05
N TYR B 421 -5.14 -35.23 -8.54
CA TYR B 421 -4.48 -36.51 -8.72
C TYR B 421 -4.56 -37.01 -10.16
N LYS B 422 -5.57 -36.59 -10.92
CA LYS B 422 -5.74 -37.03 -12.30
C LYS B 422 -5.29 -35.96 -13.29
N TYR B 423 -4.38 -35.08 -12.87
CA TYR B 423 -3.87 -34.04 -13.75
C TYR B 423 -2.39 -33.87 -13.49
N LYS B 424 -1.65 -33.56 -14.56
CA LYS B 424 -0.21 -33.28 -14.46
C LYS B 424 0.17 -32.36 -15.60
N VAL B 425 0.79 -31.23 -15.27
CA VAL B 425 1.25 -30.30 -16.30
C VAL B 425 2.60 -30.78 -16.81
N VAL B 426 2.86 -30.54 -18.10
CA VAL B 426 4.08 -31.05 -18.73
C VAL B 426 4.47 -30.09 -19.85
N LYS B 427 5.76 -30.05 -20.17
CA LYS B 427 6.27 -29.21 -21.25
C LYS B 427 6.48 -30.05 -22.51
N ILE B 428 6.60 -29.37 -23.65
CA ILE B 428 6.78 -30.01 -24.94
C ILE B 428 8.12 -29.59 -25.51
N GLU B 429 8.96 -30.58 -25.84
CA GLU B 429 10.18 -30.39 -26.64
C GLU B 429 9.90 -30.92 -28.03
N PRO B 430 9.50 -30.06 -28.96
CA PRO B 430 9.12 -30.54 -30.30
C PRO B 430 10.26 -30.65 -31.30
N LEU B 431 11.52 -30.65 -30.84
CA LEU B 431 12.67 -30.76 -31.73
C LEU B 431 13.34 -32.11 -31.48
N GLY B 432 13.11 -33.06 -32.37
CA GLY B 432 13.70 -34.38 -32.25
C GLY B 432 14.40 -34.78 -33.52
N VAL B 433 15.48 -35.55 -33.37
CA VAL B 433 16.30 -35.99 -34.49
C VAL B 433 16.24 -37.50 -34.60
N ALA B 434 16.49 -38.00 -35.81
CA ALA B 434 16.52 -39.43 -36.11
C ALA B 434 17.32 -39.63 -37.39
N PRO B 435 18.02 -40.75 -37.55
CA PRO B 435 18.70 -41.01 -38.82
C PRO B 435 17.90 -41.86 -39.80
N THR B 436 17.89 -41.47 -41.08
CA THR B 436 17.42 -42.30 -42.19
C THR B 436 18.13 -41.85 -43.46
N ARG B 437 17.67 -42.36 -44.61
CA ARG B 437 18.32 -42.08 -45.90
C ARG B 437 17.78 -40.78 -46.49
N CYS B 438 18.63 -39.76 -46.57
CA CYS B 438 18.37 -38.55 -47.35
C CYS B 438 19.68 -37.88 -47.68
N LYS B 439 19.65 -36.99 -48.68
CA LYS B 439 20.82 -36.21 -49.08
C LYS B 439 20.34 -34.81 -49.44
N ARG B 440 21.16 -33.80 -49.16
CA ARG B 440 20.85 -32.44 -49.59
C ARG B 440 21.08 -32.28 -51.08
N ARG B 441 20.05 -31.84 -51.80
CA ARG B 441 20.16 -31.65 -53.24
C ARG B 441 20.90 -30.35 -53.56
N VAL B 442 21.92 -30.45 -54.39
CA VAL B 442 22.68 -29.27 -54.80
C VAL B 442 21.89 -28.51 -55.85
N VAL B 443 21.58 -27.24 -55.53
CA VAL B 443 20.81 -26.23 -56.30
C VAL B 443 19.53 -26.74 -57.00
N GLU C 1 -8.97 -22.48 -67.86
CA GLU C 1 -8.30 -21.75 -66.79
C GLU C 1 -8.62 -22.36 -65.43
N ASN C 2 -7.58 -22.80 -64.73
CA ASN C 2 -7.70 -23.42 -63.41
C ASN C 2 -7.09 -22.48 -62.38
N LEU C 3 -7.94 -21.90 -61.54
CA LEU C 3 -7.47 -21.01 -60.48
C LEU C 3 -7.12 -21.82 -59.23
N TRP C 4 -5.88 -21.68 -58.78
CA TRP C 4 -5.43 -22.31 -57.53
C TRP C 4 -5.12 -21.21 -56.53
N VAL C 5 -4.94 -21.61 -55.26
CA VAL C 5 -4.92 -20.62 -54.19
C VAL C 5 -3.55 -19.94 -54.09
N THR C 6 -3.57 -18.69 -53.63
CA THR C 6 -2.37 -17.92 -53.34
C THR C 6 -2.48 -17.41 -51.91
N VAL C 7 -1.34 -17.17 -51.29
CA VAL C 7 -1.33 -16.50 -49.99
C VAL C 7 -0.63 -15.16 -50.15
N TYR C 8 -0.92 -14.24 -49.24
CA TYR C 8 -0.43 -12.87 -49.32
C TYR C 8 -0.16 -12.36 -47.92
N TYR C 9 1.07 -11.93 -47.66
CA TYR C 9 1.44 -11.33 -46.38
C TYR C 9 1.54 -9.82 -46.58
N GLY C 10 0.74 -9.08 -45.83
CA GLY C 10 0.72 -7.64 -45.98
C GLY C 10 -0.56 -7.14 -46.61
N VAL C 11 -1.66 -7.83 -46.34
CA VAL C 11 -2.95 -7.43 -46.88
C VAL C 11 -3.50 -6.27 -46.05
N PRO C 12 -3.81 -5.13 -46.65
CA PRO C 12 -4.35 -4.01 -45.86
C PRO C 12 -5.86 -4.12 -45.60
N VAL C 13 -6.26 -5.12 -44.82
CA VAL C 13 -7.65 -5.34 -44.44
C VAL C 13 -7.76 -5.17 -42.93
N TRP C 14 -8.60 -4.24 -42.51
CA TRP C 14 -8.78 -3.93 -41.10
C TRP C 14 -10.08 -4.52 -40.57
N LYS C 15 -10.07 -4.87 -39.29
CA LYS C 15 -11.24 -5.40 -38.59
C LYS C 15 -11.40 -4.68 -37.28
N ASP C 16 -12.64 -4.29 -36.96
CA ASP C 16 -12.93 -3.47 -35.79
C ASP C 16 -12.79 -4.25 -34.48
N ALA C 17 -11.80 -3.88 -33.67
CA ALA C 17 -11.54 -4.53 -32.40
C ALA C 17 -11.17 -3.47 -31.38
N GLU C 18 -10.71 -3.92 -30.21
CA GLU C 18 -10.30 -3.04 -29.13
C GLU C 18 -8.92 -3.43 -28.64
N THR C 19 -8.10 -2.42 -28.37
CA THR C 19 -6.67 -2.58 -28.16
C THR C 19 -6.32 -1.72 -26.94
N THR C 20 -5.20 -2.01 -26.27
CA THR C 20 -4.63 -1.10 -25.29
C THR C 20 -3.71 -0.09 -25.99
N LEU C 21 -3.82 1.17 -25.58
CA LEU C 21 -3.15 2.28 -26.22
C LEU C 21 -2.44 3.13 -25.18
N PHE C 22 -1.16 3.39 -25.39
CA PHE C 22 -0.38 4.16 -24.43
C PHE C 22 -0.49 5.66 -24.74
N CYS C 23 0.25 6.46 -23.98
CA CYS C 23 0.32 7.90 -24.21
C CYS C 23 1.69 8.25 -24.78
N ALA C 24 1.92 9.55 -24.93
CA ALA C 24 3.17 10.06 -25.48
C ALA C 24 3.66 11.26 -24.68
N SER C 25 4.68 11.92 -25.20
CA SER C 25 5.38 13.00 -24.52
C SER C 25 5.24 14.28 -25.33
N ASP C 26 5.93 15.33 -24.86
CA ASP C 26 6.06 16.67 -25.47
C ASP C 26 4.73 17.38 -25.74
N LYS C 27 7.94 21.24 -16.18
CA LYS C 27 7.74 19.83 -16.50
C LYS C 27 8.32 18.92 -15.41
N LYS C 28 8.10 19.30 -14.15
CA LYS C 28 8.59 18.49 -13.05
C LYS C 28 7.71 17.26 -12.84
N HIS C 29 6.45 17.50 -12.45
CA HIS C 29 5.52 16.40 -12.18
C HIS C 29 4.09 16.88 -12.33
N ASN C 30 3.34 16.30 -13.27
CA ASN C 30 1.91 16.48 -13.31
C ASN C 30 1.24 15.19 -12.87
N VAL C 31 -0.09 15.18 -12.84
CA VAL C 31 -0.77 14.01 -12.31
C VAL C 31 -0.89 12.91 -13.36
N TRP C 32 -0.78 13.23 -14.64
CA TRP C 32 -0.98 12.19 -15.65
C TRP C 32 0.31 11.60 -16.21
N ALA C 33 1.08 12.40 -16.95
CA ALA C 33 2.22 11.87 -17.69
C ALA C 33 3.21 12.95 -18.10
N THR C 34 4.40 12.93 -17.51
CA THR C 34 5.48 13.80 -17.95
C THR C 34 6.78 13.04 -18.20
N HIS C 35 7.12 12.06 -17.37
CA HIS C 35 8.39 11.34 -17.42
C HIS C 35 8.23 9.93 -17.94
N ALA C 36 7.25 9.18 -17.44
CA ALA C 36 7.03 7.78 -17.83
C ALA C 36 6.07 7.78 -19.01
N CYS C 37 6.60 8.09 -20.19
CA CYS C 37 5.85 8.15 -21.43
C CYS C 37 6.81 7.98 -22.60
N VAL C 38 6.28 7.49 -23.72
CA VAL C 38 7.08 7.28 -24.93
C VAL C 38 7.37 8.63 -25.58
N PRO C 39 8.62 8.93 -25.94
CA PRO C 39 8.89 10.15 -26.70
C PRO C 39 8.39 10.02 -28.14
N THR C 40 7.44 10.89 -28.49
CA THR C 40 6.77 10.79 -29.78
C THR C 40 7.64 11.35 -30.90
N ASP C 41 7.17 11.17 -32.13
CA ASP C 41 7.86 11.71 -33.29
C ASP C 41 7.62 13.23 -33.36
N PRO C 42 8.62 14.00 -33.81
CA PRO C 42 8.41 15.46 -33.90
C PRO C 42 7.51 15.88 -35.06
N ASN C 43 7.52 15.12 -36.15
CA ASN C 43 6.67 15.40 -37.30
C ASN C 43 5.73 14.22 -37.52
N PRO C 44 4.41 14.42 -37.48
CA PRO C 44 3.49 13.31 -37.75
C PRO C 44 3.40 13.04 -39.25
N GLN C 45 2.85 11.88 -39.57
CA GLN C 45 2.71 11.43 -40.96
C GLN C 45 1.25 11.26 -41.30
N GLU C 46 0.74 12.11 -42.19
CA GLU C 46 -0.61 12.00 -42.71
C GLU C 46 -0.56 11.41 -44.12
N ILE C 47 -1.54 10.57 -44.43
CA ILE C 47 -1.52 9.78 -45.66
C ILE C 47 -2.62 10.24 -46.59
N HIS C 48 -3.79 10.60 -46.01
CA HIS C 48 -5.07 11.00 -46.61
C HIS C 48 -5.47 10.11 -47.79
N LEU C 49 -5.79 8.85 -47.49
CA LEU C 49 -6.08 7.83 -48.48
C LEU C 49 -7.37 8.12 -49.25
N GLU C 50 -7.27 8.08 -50.58
CA GLU C 50 -8.32 8.51 -51.47
C GLU C 50 -9.22 7.35 -51.88
N ASN C 51 -10.52 7.66 -51.99
CA ASN C 51 -11.62 6.78 -52.42
C ASN C 51 -11.72 5.52 -51.55
N VAL C 52 -12.02 5.75 -50.28
CA VAL C 52 -12.15 4.68 -49.28
C VAL C 52 -13.27 5.08 -48.33
N THR C 53 -13.87 4.10 -47.66
CA THR C 53 -14.96 4.35 -46.74
C THR C 53 -14.90 3.38 -45.57
N GLU C 54 -15.42 3.83 -44.44
CA GLU C 54 -15.50 3.06 -43.20
C GLU C 54 -16.57 3.67 -42.31
N GLU C 55 -17.49 2.84 -41.82
CA GLU C 55 -18.55 3.29 -40.92
C GLU C 55 -17.96 3.58 -39.55
N PHE C 56 -17.86 4.85 -39.19
CA PHE C 56 -17.34 5.24 -37.89
C PHE C 56 -18.45 5.29 -36.85
N ASN C 57 -18.05 5.20 -35.60
CA ASN C 57 -18.97 5.30 -34.47
C ASN C 57 -18.22 5.87 -33.28
N MET C 58 -18.72 6.97 -32.74
CA MET C 58 -18.09 7.62 -31.59
C MET C 58 -18.75 7.27 -30.27
N TRP C 59 -19.97 6.73 -30.30
CA TRP C 59 -20.71 6.44 -29.08
C TRP C 59 -20.46 5.02 -28.58
N LYS C 60 -20.34 4.07 -29.49
CA LYS C 60 -20.00 2.70 -29.15
C LYS C 60 -18.50 2.43 -29.21
N ASN C 61 -17.69 3.48 -29.31
CA ASN C 61 -16.24 3.33 -29.32
C ASN C 61 -15.72 3.04 -27.92
N ASN C 62 -14.66 2.23 -27.86
CA ASN C 62 -14.04 1.85 -26.60
C ASN C 62 -12.88 2.75 -26.21
N MET C 63 -12.54 3.73 -27.06
CA MET C 63 -11.39 4.59 -26.80
C MET C 63 -11.66 5.57 -25.69
N VAL C 64 -12.88 6.13 -25.64
CA VAL C 64 -13.23 7.08 -24.59
C VAL C 64 -13.48 6.35 -23.26
N GLU C 65 -13.94 5.09 -23.31
CA GLU C 65 -14.13 4.30 -22.11
C GLU C 65 -12.78 3.88 -21.51
N GLN C 66 -11.86 3.47 -22.37
CA GLN C 66 -10.50 3.16 -21.96
C GLN C 66 -9.74 4.40 -21.48
N MET C 67 -10.02 5.56 -22.09
CA MET C 67 -9.37 6.79 -21.64
C MET C 67 -9.92 7.27 -20.31
N HIS C 68 -11.22 7.05 -20.06
CA HIS C 68 -11.81 7.37 -18.77
C HIS C 68 -11.27 6.46 -17.67
N THR C 69 -11.05 5.18 -18.01
CA THR C 69 -10.43 4.24 -17.07
C THR C 69 -8.97 4.58 -16.81
N ASP C 70 -8.27 5.09 -17.83
CA ASP C 70 -6.86 5.47 -17.67
C ASP C 70 -6.70 6.75 -16.85
N ILE C 71 -7.59 7.73 -17.04
CA ILE C 71 -7.50 8.97 -16.28
C ILE C 71 -7.95 8.74 -14.83
N ILE C 72 -8.89 7.81 -14.60
CA ILE C 72 -9.26 7.41 -13.24
C ILE C 72 -8.12 6.65 -12.56
N SER C 73 -7.39 5.81 -13.31
CA SER C 73 -6.24 5.10 -12.73
C SER C 73 -5.05 6.02 -12.45
N LEU C 74 -4.87 7.05 -13.28
CA LEU C 74 -3.81 8.02 -13.02
C LEU C 74 -4.15 8.93 -11.84
N TRP C 75 -5.43 9.30 -11.71
CA TRP C 75 -5.90 10.07 -10.57
C TRP C 75 -5.88 9.24 -9.29
N ASP C 76 -6.05 7.92 -9.39
CA ASP C 76 -5.95 7.07 -8.22
C ASP C 76 -4.50 6.89 -7.78
N GLN C 77 -3.58 6.70 -8.72
CA GLN C 77 -2.20 6.48 -8.31
C GLN C 77 -1.42 7.77 -8.09
N SER C 78 -1.98 8.93 -8.43
CA SER C 78 -1.35 10.21 -8.09
C SER C 78 -1.65 10.69 -6.69
N LEU C 79 -2.64 10.09 -6.03
CA LEU C 79 -2.98 10.48 -4.66
C LEU C 79 -2.41 9.54 -3.60
N LYS C 80 -1.81 8.43 -4.03
CA LYS C 80 -1.26 7.47 -3.08
C LYS C 80 -0.11 8.03 -2.25
N PRO C 81 0.81 8.75 -2.91
CA PRO C 81 1.98 9.40 -2.28
C PRO C 81 1.60 10.52 -1.32
N CYS C 82 0.59 11.31 -1.68
CA CYS C 82 0.17 12.45 -0.87
C CYS C 82 -0.37 12.05 0.51
N VAL C 83 -0.14 12.91 1.49
CA VAL C 83 -0.55 12.66 2.86
C VAL C 83 -2.05 12.50 3.03
N LYS C 84 -2.44 11.45 3.75
CA LYS C 84 -3.84 11.19 4.04
C LYS C 84 -4.30 12.17 5.11
N LEU C 85 -5.57 12.57 5.05
CA LEU C 85 -6.08 13.50 6.05
C LEU C 85 -7.06 12.78 6.99
N THR C 86 -6.54 11.82 7.73
CA THR C 86 -7.33 11.26 8.81
C THR C 86 -7.64 12.10 10.07
N PRO C 87 -6.83 13.05 10.59
CA PRO C 87 -7.31 13.74 11.81
C PRO C 87 -8.05 15.05 11.57
N LEU C 88 -8.47 15.35 10.34
CA LEU C 88 -9.15 16.61 10.04
C LEU C 88 -10.64 16.57 10.35
N CYS C 89 -11.17 15.43 10.76
CA CYS C 89 -12.61 15.28 10.99
C CYS C 89 -13.03 15.61 12.42
N VAL C 90 -12.30 16.49 13.10
CA VAL C 90 -12.60 16.85 14.48
C VAL C 90 -13.79 17.81 14.53
N THR C 91 -14.34 18.03 15.72
CA THR C 91 -15.42 18.99 15.89
C THR C 91 -14.86 20.42 15.82
N LEU C 92 -15.39 21.22 14.90
CA LEU C 92 -14.86 22.54 14.64
C LEU C 92 -15.64 23.60 15.41
N GLN C 93 -15.00 24.76 15.59
CA GLN C 93 -15.51 25.87 16.39
C GLN C 93 -15.54 27.14 15.55
N CYS C 94 -16.15 27.05 14.37
CA CYS C 94 -16.07 28.08 13.34
C CYS C 94 -16.88 29.33 13.69
N THR C 95 -16.55 30.42 13.00
CA THR C 95 -17.25 31.68 13.13
C THR C 95 -17.25 32.39 11.77
N ASN C 96 -18.10 33.41 11.66
CA ASN C 96 -18.27 34.11 10.39
C ASN C 96 -17.16 35.15 10.19
N VAL C 97 -17.06 35.64 8.95
CA VAL C 97 -16.14 36.71 8.60
C VAL C 97 -16.96 37.89 8.11
N THR C 98 -16.32 39.07 8.07
CA THR C 98 -16.61 40.35 7.36
C THR C 98 -17.88 41.09 7.77
N ASN C 99 -18.71 40.49 8.63
CA ASN C 99 -19.97 41.02 9.17
C ASN C 99 -20.95 41.49 8.07
N ASN C 100 -21.38 40.52 7.26
CA ASN C 100 -22.30 40.79 6.17
C ASN C 100 -23.58 39.98 6.38
N ILE C 101 -24.60 40.32 5.61
CA ILE C 101 -25.88 39.61 5.68
C ILE C 101 -25.93 38.52 4.61
N GLY C 102 -21.10 35.68 1.48
CA GLY C 102 -19.98 35.33 2.35
C GLY C 102 -19.80 33.83 2.51
N GLU C 103 -19.18 33.20 1.52
CA GLU C 103 -19.02 31.75 1.56
C GLU C 103 -17.83 31.35 2.41
N LEU C 104 -16.92 32.29 2.67
CA LEU C 104 -15.74 32.00 3.47
C LEU C 104 -16.11 31.98 4.96
N LYS C 105 -15.62 30.98 5.68
CA LYS C 105 -15.89 30.83 7.10
C LYS C 105 -14.58 30.69 7.87
N ASN C 106 -14.48 31.39 9.00
CA ASN C 106 -13.28 31.35 9.82
C ASN C 106 -13.38 30.17 10.77
N CYS C 107 -12.84 29.02 10.36
CA CYS C 107 -12.88 27.82 11.17
C CYS C 107 -11.77 27.85 12.20
N SER C 108 -11.98 27.11 13.30
CA SER C 108 -11.00 27.04 14.37
C SER C 108 -11.15 25.71 15.08
N PHE C 109 -10.03 25.01 15.26
CA PHE C 109 -10.05 23.68 15.84
C PHE C 109 -8.70 23.38 16.46
N ASN C 110 -8.63 22.27 17.18
CA ASN C 110 -7.39 21.78 17.74
C ASN C 110 -7.13 20.34 17.31
N MET C 111 -5.95 20.12 16.74
CA MET C 111 -5.57 18.83 16.20
C MET C 111 -4.16 18.49 16.66
N THR C 112 -3.74 17.27 16.34
CA THR C 112 -2.46 16.76 16.81
C THR C 112 -1.29 17.37 16.05
N THR C 113 -0.18 17.56 16.76
CA THR C 113 1.10 17.95 16.19
C THR C 113 1.91 16.69 15.89
N GLU C 114 3.23 16.85 15.67
CA GLU C 114 4.13 15.72 15.54
C GLU C 114 4.23 14.93 16.84
N LEU C 115 4.17 15.60 17.98
CA LEU C 115 4.07 14.91 19.25
C LEU C 115 2.67 14.34 19.42
N ARG C 116 2.59 13.11 19.93
CA ARG C 116 1.31 12.42 20.01
C ARG C 116 0.46 12.93 21.17
N ASP C 117 1.09 13.38 22.26
CA ASP C 117 0.38 13.77 23.48
C ASP C 117 0.33 15.28 23.63
N LYS C 118 0.32 16.00 22.51
CA LYS C 118 0.21 17.45 22.52
C LYS C 118 -0.73 17.88 21.40
N ARG C 119 -1.57 18.87 21.68
CA ARG C 119 -2.52 19.40 20.71
C ARG C 119 -2.30 20.90 20.54
N GLN C 120 -2.28 21.34 19.29
CA GLN C 120 -2.15 22.76 18.97
C GLN C 120 -3.47 23.29 18.45
N LYS C 121 -3.85 24.48 18.90
CA LYS C 121 -5.10 25.11 18.51
C LYS C 121 -4.82 26.03 17.33
N VAL C 122 -5.32 25.66 16.15
CA VAL C 122 -5.06 26.39 14.92
C VAL C 122 -6.37 26.99 14.42
N HIS C 123 -6.28 27.74 13.32
CA HIS C 123 -7.45 28.33 12.69
C HIS C 123 -7.24 28.40 11.18
N ALA C 124 -8.16 27.81 10.44
CA ALA C 124 -8.11 27.79 8.98
C ALA C 124 -9.35 28.48 8.42
N LEU C 125 -9.43 28.56 7.10
CA LEU C 125 -10.54 29.18 6.40
C LEU C 125 -11.13 28.16 5.43
N PHE C 126 -12.30 27.63 5.77
CA PHE C 126 -13.01 26.69 4.91
C PHE C 126 -14.20 27.37 4.27
N TYR C 127 -14.53 26.93 3.05
CA TYR C 127 -15.69 27.47 2.35
C TYR C 127 -16.98 26.89 2.93
N LYS C 128 -18.10 27.51 2.57
CA LYS C 128 -19.38 27.07 3.11
C LYS C 128 -19.90 25.81 2.45
N LEU C 129 -19.42 25.48 1.24
CA LEU C 129 -19.84 24.25 0.59
C LEU C 129 -19.10 23.03 1.14
N ASP C 130 -17.93 23.23 1.74
CA ASP C 130 -17.16 22.15 2.33
C ASP C 130 -17.44 21.97 3.82
N ILE C 131 -18.56 22.50 4.31
CA ILE C 131 -18.86 22.46 5.73
C ILE C 131 -20.34 22.14 5.89
N VAL C 132 -20.65 21.37 6.93
CA VAL C 132 -22.02 21.04 7.33
C VAL C 132 -22.13 21.15 8.85
N PRO C 133 -23.27 21.55 9.39
CA PRO C 133 -23.49 21.44 10.84
C PRO C 133 -23.92 20.02 11.19
N ILE C 134 -23.33 19.45 12.24
CA ILE C 134 -23.56 18.05 12.56
C ILE C 134 -24.69 17.88 13.58
N ASN C 135 -24.78 18.72 14.61
CA ASN C 135 -25.75 18.53 15.67
C ASN C 135 -27.10 19.16 15.38
N GLU C 136 -27.26 19.78 14.20
CA GLU C 136 -28.44 20.50 13.70
C GLU C 136 -28.88 21.64 14.60
N ASN C 137 -27.95 22.27 15.33
CA ASN C 137 -28.23 23.42 16.16
C ASN C 137 -27.94 24.69 15.35
N GLN C 138 -27.84 25.83 16.04
CA GLN C 138 -27.60 27.11 15.38
C GLN C 138 -26.18 27.23 14.85
N ASN C 139 -25.18 27.21 15.73
CA ASN C 139 -23.80 27.45 15.32
C ASN C 139 -22.87 26.63 16.21
N THR C 140 -21.57 26.91 16.09
CA THR C 140 -20.43 26.49 16.91
C THR C 140 -20.22 24.96 16.96
N SER C 141 -20.80 24.21 16.03
CA SER C 141 -20.53 22.77 15.93
C SER C 141 -20.64 22.38 14.46
N TYR C 142 -19.52 22.42 13.74
CA TYR C 142 -19.50 22.18 12.31
C TYR C 142 -18.48 21.10 11.97
N ARG C 143 -18.69 20.45 10.84
CA ARG C 143 -17.79 19.38 10.38
C ARG C 143 -17.73 19.40 8.86
N LEU C 144 -16.79 18.63 8.32
CA LEU C 144 -16.58 18.59 6.89
C LEU C 144 -17.66 17.76 6.20
N ILE C 145 -17.83 17.99 4.89
CA ILE C 145 -18.91 17.34 4.16
C ILE C 145 -18.54 15.92 3.74
N ASN C 146 -17.25 15.57 3.75
CA ASN C 146 -16.82 14.25 3.32
C ASN C 146 -16.12 13.47 4.43
N CYS C 147 -16.39 13.82 5.69
CA CYS C 147 -16.00 13.00 6.82
C CYS C 147 -17.11 12.07 7.28
N ASN C 148 -18.05 11.77 6.39
CA ASN C 148 -19.22 10.97 6.74
C ASN C 148 -19.33 9.76 5.81
N THR C 149 -18.91 9.91 4.56
CA THR C 149 -19.07 8.86 3.57
C THR C 149 -17.78 8.51 2.84
N ALA C 150 -16.67 9.18 3.13
CA ALA C 150 -15.43 8.92 2.42
C ALA C 150 -14.26 9.19 3.35
N ALA C 151 -13.07 8.76 2.90
CA ALA C 151 -11.81 9.03 3.57
C ALA C 151 -11.15 10.20 2.85
N ILE C 152 -11.07 11.34 3.54
CA ILE C 152 -10.60 12.56 2.91
C ILE C 152 -9.08 12.53 2.78
N THR C 153 -8.60 12.79 1.56
CA THR C 153 -7.19 12.75 1.21
C THR C 153 -6.78 14.14 0.76
N GLN C 154 -5.63 14.62 1.22
CA GLN C 154 -5.08 15.84 0.65
C GLN C 154 -4.58 15.58 -0.74
N ALA C 155 -4.92 16.47 -1.68
CA ALA C 155 -4.28 16.42 -2.99
C ALA C 155 -2.83 16.90 -2.86
N CYS C 156 -2.00 16.44 -3.76
CA CYS C 156 -0.58 16.37 -3.47
C CYS C 156 0.06 17.72 -3.82
N PRO C 157 0.88 18.30 -2.95
CA PRO C 157 1.28 19.71 -3.13
C PRO C 157 2.36 19.94 -4.17
N LYS C 158 3.22 18.94 -4.39
CA LYS C 158 4.31 19.12 -5.34
C LYS C 158 3.84 18.95 -6.78
N VAL C 159 2.79 18.15 -6.99
CA VAL C 159 2.33 17.84 -8.34
C VAL C 159 1.44 18.97 -8.84
N SER C 160 1.14 18.97 -10.13
CA SER C 160 0.30 20.00 -10.74
C SER C 160 -0.87 19.34 -11.46
N PHE C 161 -2.02 20.02 -11.43
CA PHE C 161 -3.24 19.51 -12.04
C PHE C 161 -3.51 20.09 -13.42
N GLU C 162 -2.49 20.63 -14.08
CA GLU C 162 -2.74 21.32 -15.34
C GLU C 162 -2.84 20.32 -16.48
N PRO C 163 -3.78 20.49 -17.41
CA PRO C 163 -3.81 19.63 -18.60
C PRO C 163 -2.69 20.01 -19.57
N ILE C 164 -1.82 19.06 -19.82
CA ILE C 164 -0.79 19.20 -20.85
C ILE C 164 -1.26 18.36 -22.03
N PRO C 165 -0.97 18.76 -23.29
CA PRO C 165 -1.42 17.96 -24.43
C PRO C 165 -0.66 16.66 -24.60
N ILE C 166 -1.31 15.55 -24.29
CA ILE C 166 -0.76 14.22 -24.50
C ILE C 166 -1.27 13.69 -25.82
N HIS C 167 -0.61 12.64 -26.32
CA HIS C 167 -1.01 12.00 -27.56
C HIS C 167 -1.33 10.54 -27.24
N TYR C 168 -2.62 10.22 -27.26
CA TYR C 168 -3.12 8.88 -26.97
C TYR C 168 -2.76 7.93 -28.10
N CYS C 169 -1.65 7.20 -27.98
CA CYS C 169 -0.98 6.65 -29.14
C CYS C 169 -1.06 5.12 -29.14
N ALA C 170 -1.22 4.54 -30.36
CA ALA C 170 -1.43 3.13 -30.59
C ALA C 170 -0.09 2.40 -30.74
N PRO C 171 -0.03 1.08 -30.40
CA PRO C 171 1.19 0.32 -30.67
C PRO C 171 1.37 -0.05 -32.14
N ALA C 172 2.48 -0.71 -32.44
CA ALA C 172 2.74 -1.15 -33.81
C ALA C 172 1.89 -2.36 -34.15
N GLY C 173 1.44 -2.43 -35.39
CA GLY C 173 0.56 -3.51 -35.82
C GLY C 173 -0.89 -3.06 -35.88
N PHE C 174 -1.23 -2.09 -35.05
CA PHE C 174 -2.58 -1.56 -34.99
C PHE C 174 -2.61 -0.21 -35.69
N ALA C 175 -3.78 0.40 -35.78
CA ALA C 175 -3.91 1.61 -36.58
C ALA C 175 -5.02 2.48 -36.03
N ILE C 176 -4.87 3.79 -36.23
CA ILE C 176 -5.86 4.78 -35.85
C ILE C 176 -6.33 5.46 -37.13
N LEU C 177 -7.60 5.28 -37.47
CA LEU C 177 -8.16 5.93 -38.64
C LEU C 177 -8.71 7.29 -38.28
N LYS C 178 -8.54 8.24 -39.20
CA LYS C 178 -8.86 9.64 -38.94
C LYS C 178 -9.84 10.14 -40.00
N CYS C 179 -10.83 10.92 -39.55
CA CYS C 179 -11.82 11.52 -40.43
C CYS C 179 -11.50 13.01 -40.55
N LYS C 180 -10.84 13.39 -41.64
CA LYS C 180 -10.59 14.79 -41.93
C LYS C 180 -11.77 15.46 -42.60
N ASP C 181 -12.77 14.70 -43.03
CA ASP C 181 -13.96 15.26 -43.64
C ASP C 181 -14.86 15.87 -42.57
N LYS C 182 -15.30 17.10 -42.82
CA LYS C 182 -16.09 17.85 -41.85
C LYS C 182 -17.58 17.66 -42.01
N LYS C 183 -18.03 16.94 -43.05
CA LYS C 183 -19.45 16.64 -43.21
C LYS C 183 -19.88 15.38 -42.49
N PHE C 184 -18.96 14.72 -41.77
CA PHE C 184 -19.33 13.61 -40.91
C PHE C 184 -20.10 14.14 -39.71
N ASN C 185 -21.42 13.89 -39.71
CA ASN C 185 -22.30 14.53 -38.75
C ASN C 185 -22.26 13.87 -37.37
N GLY C 186 -21.73 12.66 -37.27
CA GLY C 186 -21.62 11.99 -35.98
C GLY C 186 -21.92 10.50 -36.03
N THR C 187 -22.67 10.07 -37.03
CA THR C 187 -22.96 8.65 -37.23
C THR C 187 -23.10 8.41 -38.71
N GLY C 188 -22.22 7.59 -39.27
CA GLY C 188 -22.25 7.29 -40.68
C GLY C 188 -20.86 7.05 -41.23
N PRO C 189 -20.77 6.67 -42.52
CA PRO C 189 -19.45 6.42 -43.12
C PRO C 189 -18.71 7.72 -43.41
N CYS C 190 -17.46 7.80 -42.97
CA CYS C 190 -16.63 8.96 -43.27
C CYS C 190 -16.15 8.87 -44.71
N PRO C 191 -16.26 9.95 -45.50
CA PRO C 191 -15.82 9.87 -46.90
C PRO C 191 -14.31 9.88 -47.06
N SER C 192 -13.59 10.62 -46.22
CA SER C 192 -12.14 10.69 -46.27
C SER C 192 -11.59 10.04 -45.01
N VAL C 193 -11.42 8.72 -45.06
CA VAL C 193 -10.84 7.97 -43.95
C VAL C 193 -9.32 8.10 -44.12
N SER C 194 -8.77 9.14 -43.51
CA SER C 194 -7.34 9.39 -43.60
C SER C 194 -6.59 8.50 -42.61
N THR C 195 -5.26 8.56 -42.68
CA THR C 195 -4.40 7.76 -41.83
C THR C 195 -3.36 8.67 -41.19
N VAL C 196 -3.38 8.72 -39.87
CA VAL C 196 -2.34 9.34 -39.07
C VAL C 196 -1.53 8.20 -38.47
N GLN C 197 -0.31 8.51 -38.00
CA GLN C 197 0.46 7.54 -37.22
C GLN C 197 -0.23 7.23 -35.91
N CYS C 198 -0.37 8.24 -35.05
CA CYS C 198 -1.28 8.22 -33.92
C CYS C 198 -1.71 9.65 -33.64
N THR C 199 -2.52 9.84 -32.59
CA THR C 199 -3.36 11.02 -32.44
C THR C 199 -2.55 12.27 -32.05
N HIS C 200 -3.22 13.41 -32.17
CA HIS C 200 -2.60 14.71 -31.92
C HIS C 200 -2.70 15.05 -30.44
N GLY C 201 -2.36 16.29 -30.09
CA GLY C 201 -2.33 16.73 -28.70
C GLY C 201 -3.69 16.85 -28.05
N ILE C 202 -3.99 15.92 -27.15
CA ILE C 202 -5.26 15.88 -26.44
C ILE C 202 -5.03 16.37 -25.02
N LYS C 203 -5.76 17.41 -24.62
CA LYS C 203 -5.71 17.92 -23.26
C LYS C 203 -6.78 17.21 -22.45
N PRO C 204 -6.41 16.41 -21.43
CA PRO C 204 -7.45 15.73 -20.63
C PRO C 204 -8.09 16.64 -19.60
N VAL C 205 -8.93 17.55 -20.05
CA VAL C 205 -9.55 18.55 -19.18
C VAL C 205 -10.81 17.93 -18.57
N VAL C 206 -11.22 18.45 -17.43
CA VAL C 206 -12.43 18.01 -16.73
C VAL C 206 -13.39 19.18 -16.71
N SER C 207 -14.51 19.04 -17.41
CA SER C 207 -15.50 20.11 -17.48
C SER C 207 -16.88 19.52 -17.68
N THR C 208 -17.85 20.06 -16.95
CA THR C 208 -19.25 19.74 -17.14
C THR C 208 -19.95 20.97 -17.71
N GLN C 209 -20.89 20.72 -18.63
CA GLN C 209 -21.79 21.64 -19.36
C GLN C 209 -21.09 22.51 -20.42
N LEU C 210 -19.76 22.50 -20.48
CA LEU C 210 -18.98 23.30 -21.42
C LEU C 210 -17.74 22.51 -21.78
N LEU C 211 -17.10 22.91 -22.88
CA LEU C 211 -15.87 22.28 -23.34
C LEU C 211 -14.78 23.35 -23.43
N LEU C 212 -13.69 23.15 -22.68
CA LEU C 212 -12.66 24.16 -22.54
C LEU C 212 -11.34 23.69 -23.14
N ASN C 213 -10.74 24.57 -23.96
CA ASN C 213 -9.52 24.34 -24.77
C ASN C 213 -9.62 23.09 -25.63
N GLY C 214 -10.75 22.95 -26.32
CA GLY C 214 -10.98 21.80 -27.18
C GLY C 214 -10.61 22.13 -28.62
N SER C 215 -10.47 21.07 -29.40
CA SER C 215 -10.25 21.24 -30.83
C SER C 215 -11.56 21.65 -31.50
N LEU C 216 -11.53 22.80 -32.17
CA LEU C 216 -12.74 23.41 -32.67
C LEU C 216 -13.17 22.75 -33.98
N ALA C 217 -14.40 23.03 -34.40
CA ALA C 217 -14.90 22.51 -35.66
C ALA C 217 -14.49 23.46 -36.79
N GLU C 218 -14.89 23.14 -38.02
CA GLU C 218 -14.55 23.94 -39.18
C GLU C 218 -15.85 24.52 -39.75
N GLU C 219 -15.98 25.86 -39.68
CA GLU C 219 -16.96 26.77 -40.29
C GLU C 219 -18.45 26.49 -40.05
N GLU C 220 -18.78 25.56 -39.15
CA GLU C 220 -20.16 25.17 -38.88
C GLU C 220 -20.21 24.45 -37.55
N VAL C 221 -21.12 24.86 -36.67
CA VAL C 221 -21.33 24.11 -35.44
C VAL C 221 -22.15 22.86 -35.76
N MET C 222 -21.89 21.79 -35.01
CA MET C 222 -22.46 20.48 -35.30
C MET C 222 -23.23 19.97 -34.09
N ILE C 223 -24.48 19.57 -34.32
CA ILE C 223 -25.30 18.96 -33.26
C ILE C 223 -25.01 17.46 -33.34
N ARG C 224 -24.00 17.05 -32.58
CA ARG C 224 -23.42 15.71 -32.69
C ARG C 224 -23.93 14.86 -31.53
N SER C 225 -25.12 14.30 -31.70
CA SER C 225 -25.79 13.55 -30.63
C SER C 225 -26.33 12.22 -31.14
N GLU C 226 -26.18 11.19 -30.32
CA GLU C 226 -26.68 9.86 -30.65
C GLU C 226 -28.19 9.82 -30.47
N ASN C 227 -28.91 9.61 -31.58
CA ASN C 227 -30.37 9.47 -31.67
C ASN C 227 -31.09 10.71 -31.13
N ILE C 228 -30.95 11.80 -31.90
CA ILE C 228 -31.39 13.14 -31.53
C ILE C 228 -32.92 13.26 -31.42
N THR C 229 -33.68 12.33 -32.03
CA THR C 229 -35.13 12.39 -31.93
C THR C 229 -35.62 11.87 -30.57
N ASN C 230 -34.78 11.15 -29.83
CA ASN C 230 -35.13 10.70 -28.49
C ASN C 230 -34.34 11.51 -27.46
N ASN C 231 -34.95 11.71 -26.29
CA ASN C 231 -34.30 12.41 -25.19
C ASN C 231 -33.57 11.39 -24.32
N ALA C 232 -33.19 11.84 -23.11
CA ALA C 232 -32.36 11.14 -22.11
C ALA C 232 -31.02 10.71 -22.69
N LYS C 233 -30.40 11.62 -23.45
CA LYS C 233 -29.08 11.41 -24.03
C LYS C 233 -28.41 12.77 -24.11
N ASN C 234 -27.12 12.82 -23.81
CA ASN C 234 -26.39 14.08 -23.75
C ASN C 234 -26.10 14.62 -25.15
N ILE C 235 -26.76 15.72 -25.51
CA ILE C 235 -26.59 16.33 -26.82
C ILE C 235 -25.27 17.11 -26.82
N LEU C 236 -24.33 16.67 -27.64
CA LEU C 236 -23.01 17.30 -27.71
C LEU C 236 -22.98 18.28 -28.87
N VAL C 237 -22.48 19.49 -28.59
CA VAL C 237 -22.29 20.54 -29.59
C VAL C 237 -20.80 20.82 -29.66
N GLN C 238 -20.27 20.96 -30.87
CA GLN C 238 -18.94 21.51 -31.09
C GLN C 238 -19.07 22.94 -31.62
N PHE C 239 -17.99 23.71 -31.51
CA PHE C 239 -17.98 25.11 -31.94
C PHE C 239 -16.95 25.33 -33.03
N ASN C 240 -17.19 26.36 -33.85
CA ASN C 240 -16.27 26.72 -34.92
C ASN C 240 -15.46 27.98 -34.61
N THR C 241 -16.03 28.90 -33.83
CA THR C 241 -15.37 30.11 -33.37
C THR C 241 -15.20 30.07 -31.87
N PRO C 242 -14.09 30.58 -31.32
CA PRO C 242 -13.90 30.50 -29.86
C PRO C 242 -14.73 31.52 -29.11
N VAL C 243 -15.39 31.06 -28.06
CA VAL C 243 -16.12 31.91 -27.14
C VAL C 243 -15.19 32.23 -25.99
N GLN C 244 -14.57 33.41 -26.03
CA GLN C 244 -13.52 33.78 -25.08
C GLN C 244 -14.11 34.02 -23.69
N ILE C 245 -13.64 33.24 -22.72
CA ILE C 245 -14.14 33.28 -21.36
C ILE C 245 -12.99 33.68 -20.44
N ASN C 246 -13.20 34.75 -19.68
CA ASN C 246 -12.29 35.13 -18.61
C ASN C 246 -12.92 34.77 -17.28
N CYS C 247 -12.11 34.30 -16.35
CA CYS C 247 -12.60 33.74 -15.10
C CYS C 247 -11.48 33.91 -14.08
N THR C 248 -11.80 34.40 -12.89
CA THR C 248 -10.75 34.68 -11.93
C THR C 248 -11.25 34.53 -10.51
N ARG C 249 -10.31 34.50 -9.58
CA ARG C 249 -10.59 34.52 -8.16
C ARG C 249 -9.84 35.70 -7.56
N PRO C 250 -10.53 36.75 -7.09
CA PRO C 250 -9.82 37.99 -6.75
C PRO C 250 -9.16 37.98 -5.38
N ASN C 251 -9.43 36.97 -4.55
CA ASN C 251 -8.80 36.91 -3.24
C ASN C 251 -7.37 36.43 -3.36
N ASN C 252 -6.56 36.75 -2.35
CA ASN C 252 -5.17 36.29 -2.33
C ASN C 252 -5.06 34.81 -1.97
N ASN C 253 -5.76 34.38 -0.91
CA ASN C 253 -5.70 33.03 -0.30
C ASN C 253 -4.27 32.64 0.07
N THR C 254 -3.79 33.30 1.12
CA THR C 254 -2.47 33.03 1.70
C THR C 254 -2.42 31.61 2.26
N ARG C 255 -1.34 30.90 1.93
CA ARG C 255 -1.20 29.50 2.26
C ARG C 255 -0.40 29.37 3.57
N LYS C 256 -1.00 28.71 4.56
CA LYS C 256 -0.33 28.45 5.82
C LYS C 256 -0.06 26.96 5.96
N SER C 257 0.93 26.63 6.80
CA SER C 257 1.43 25.27 6.91
C SER C 257 1.31 24.82 8.36
N ILE C 258 0.50 23.80 8.59
CA ILE C 258 0.41 23.15 9.89
C ILE C 258 0.60 21.65 9.69
N ARG C 259 1.21 21.00 10.67
CA ARG C 259 1.60 19.60 10.53
C ARG C 259 0.72 18.71 11.39
N ILE C 260 0.29 17.58 10.82
CA ILE C 260 -0.65 16.68 11.47
C ILE C 260 0.02 15.42 11.98
N GLY C 261 1.30 15.22 11.71
CA GLY C 261 1.99 14.04 12.16
C GLY C 261 3.48 14.12 11.91
N PRO C 262 4.20 13.00 12.09
CA PRO C 262 5.64 13.01 11.80
C PRO C 262 5.94 13.01 10.31
N GLY C 263 6.37 14.15 9.79
CA GLY C 263 6.70 14.29 8.39
C GLY C 263 5.56 14.71 7.49
N GLN C 264 4.32 14.61 7.96
CA GLN C 264 3.18 15.02 7.15
C GLN C 264 3.03 16.53 7.18
N TRP C 265 2.44 17.07 6.11
CA TRP C 265 2.20 18.50 5.98
C TRP C 265 0.81 18.71 5.42
N PHE C 266 0.05 19.60 6.06
CA PHE C 266 -1.31 19.92 5.65
C PHE C 266 -1.39 21.41 5.38
N TYR C 267 -1.63 21.77 4.12
CA TYR C 267 -1.66 23.15 3.68
C TYR C 267 -3.10 23.64 3.77
N ALA C 268 -3.33 24.59 4.67
CA ALA C 268 -4.67 25.16 4.90
C ALA C 268 -4.71 26.58 4.37
N THR C 269 -5.93 27.05 4.12
CA THR C 269 -6.15 28.43 3.69
C THR C 269 -6.02 29.33 4.90
N GLY C 270 -5.01 30.19 4.89
CA GLY C 270 -4.77 31.10 5.99
C GLY C 270 -5.64 32.35 5.88
N ASP C 271 -5.25 33.34 6.68
CA ASP C 271 -6.00 34.59 6.77
C ASP C 271 -5.76 35.43 5.52
N ILE C 272 -6.84 35.76 4.81
CA ILE C 272 -6.74 36.47 3.55
C ILE C 272 -6.46 37.95 3.81
N ILE C 273 -5.26 38.39 3.49
CA ILE C 273 -4.95 39.81 3.48
C ILE C 273 -5.37 40.38 2.13
N GLY C 274 -6.21 41.38 2.17
CA GLY C 274 -6.85 41.91 0.99
C GLY C 274 -8.32 42.13 1.25
N ASP C 275 -9.09 42.17 0.17
CA ASP C 275 -10.54 42.37 0.24
C ASP C 275 -11.26 41.06 -0.08
N ILE C 276 -12.30 40.76 0.71
CA ILE C 276 -13.09 39.56 0.49
C ILE C 276 -14.03 39.81 -0.68
N ARG C 277 -13.72 39.23 -1.83
CA ARG C 277 -14.56 39.35 -3.02
C ARG C 277 -15.08 37.97 -3.42
N GLN C 278 -15.95 37.96 -4.42
CA GLN C 278 -16.53 36.75 -4.95
C GLN C 278 -15.88 36.43 -6.30
N ALA C 279 -15.60 35.16 -6.54
CA ALA C 279 -15.00 34.74 -7.79
C ALA C 279 -16.02 34.80 -8.92
N HIS C 280 -15.86 35.78 -9.80
CA HIS C 280 -16.75 35.97 -10.93
C HIS C 280 -16.19 35.29 -12.17
N CYS C 281 -16.98 35.29 -13.23
CA CYS C 281 -16.57 34.60 -14.46
C CYS C 281 -17.25 35.31 -15.63
N ASN C 282 -16.45 35.90 -16.51
CA ASN C 282 -16.97 36.76 -17.56
C ASN C 282 -17.01 36.05 -18.91
N VAL C 283 -17.79 36.61 -19.82
CA VAL C 283 -17.85 36.20 -21.21
C VAL C 283 -18.23 37.43 -22.03
N SER C 284 -17.71 37.53 -23.26
CA SER C 284 -18.13 38.60 -24.15
C SER C 284 -19.52 38.31 -24.66
N LYS C 285 -20.42 39.31 -24.55
CA LYS C 285 -21.83 39.07 -24.80
C LYS C 285 -22.15 38.97 -26.28
N ALA C 286 -21.34 39.63 -27.13
CA ALA C 286 -21.60 39.66 -28.56
C ALA C 286 -21.24 38.33 -29.22
N THR C 287 -20.09 37.77 -28.85
CA THR C 287 -19.68 36.48 -29.41
C THR C 287 -20.49 35.34 -28.84
N TRP C 288 -20.96 35.48 -27.59
CA TRP C 288 -21.84 34.48 -27.00
C TRP C 288 -23.22 34.53 -27.63
N ASN C 289 -23.70 35.73 -27.97
CA ASN C 289 -24.98 35.87 -28.67
C ASN C 289 -24.88 35.39 -30.11
N GLU C 290 -23.70 35.55 -30.73
CA GLU C 290 -23.48 35.07 -32.09
C GLU C 290 -23.40 33.54 -32.13
N THR C 291 -22.74 32.93 -31.14
CA THR C 291 -22.68 31.46 -31.10
C THR C 291 -24.02 30.87 -30.67
N LEU C 292 -24.80 31.62 -29.88
CA LEU C 292 -26.16 31.18 -29.56
C LEU C 292 -27.07 31.24 -30.78
N GLY C 293 -26.91 32.27 -31.62
CA GLY C 293 -27.65 32.34 -32.87
C GLY C 293 -27.23 31.28 -33.87
N LYS C 294 -25.94 30.91 -33.85
CA LYS C 294 -25.45 29.83 -34.71
C LYS C 294 -25.95 28.46 -34.26
N VAL C 295 -26.04 28.24 -32.94
CA VAL C 295 -26.49 26.92 -32.50
C VAL C 295 -28.02 26.81 -32.60
N VAL C 296 -28.76 27.94 -32.51
CA VAL C 296 -30.20 27.89 -32.78
C VAL C 296 -30.45 27.74 -34.29
N LYS C 297 -29.56 28.27 -35.14
CA LYS C 297 -29.68 28.08 -36.58
C LYS C 297 -29.40 26.63 -37.00
N GLN C 298 -28.38 26.01 -36.41
CA GLN C 298 -28.12 24.61 -36.74
C GLN C 298 -29.10 23.65 -36.04
N LEU C 299 -29.69 24.07 -34.91
CA LEU C 299 -30.76 23.27 -34.33
C LEU C 299 -32.06 23.42 -35.09
N ARG C 300 -32.26 24.55 -35.78
CA ARG C 300 -33.38 24.68 -36.71
C ARG C 300 -33.14 23.87 -37.97
N LYS C 301 -31.87 23.71 -38.34
CA LYS C 301 -31.54 22.81 -39.46
C LYS C 301 -31.76 21.35 -39.08
N HIS C 302 -31.46 21.01 -37.82
CA HIS C 302 -31.65 19.63 -37.35
C HIS C 302 -33.09 19.31 -36.96
N PHE C 303 -33.90 20.33 -36.63
CA PHE C 303 -35.23 20.11 -36.10
C PHE C 303 -36.33 20.60 -37.04
N GLY C 304 -36.31 21.87 -37.43
CA GLY C 304 -37.38 22.41 -38.25
C GLY C 304 -37.31 23.92 -38.43
N ASN C 305 -38.03 24.43 -39.42
CA ASN C 305 -37.93 25.85 -39.76
C ASN C 305 -38.70 26.73 -38.78
N ASN C 306 -39.72 26.20 -38.12
CA ASN C 306 -40.51 26.95 -37.16
C ASN C 306 -40.42 26.26 -35.79
N THR C 307 -39.38 26.60 -35.04
CA THR C 307 -39.16 26.07 -33.70
C THR C 307 -38.67 27.18 -32.80
N ILE C 308 -39.30 27.31 -31.63
CA ILE C 308 -38.84 28.22 -30.59
C ILE C 308 -37.83 27.48 -29.73
N ILE C 309 -36.61 27.98 -29.69
CA ILE C 309 -35.55 27.37 -28.89
C ILE C 309 -35.36 28.22 -27.65
N ARG C 310 -35.91 27.75 -26.54
CA ARG C 310 -35.73 28.38 -25.24
C ARG C 310 -34.48 27.84 -24.58
N PHE C 311 -33.93 28.63 -23.65
CA PHE C 311 -32.76 28.24 -22.89
C PHE C 311 -32.99 28.54 -21.42
N ALA C 312 -32.94 27.50 -20.60
CA ALA C 312 -33.10 27.62 -19.17
C ALA C 312 -31.85 27.09 -18.48
N ASN C 313 -31.80 27.25 -17.16
CA ASN C 313 -30.68 26.75 -16.39
C ASN C 313 -30.90 25.27 -16.07
N SER C 314 -29.98 24.72 -15.27
CA SER C 314 -30.07 23.31 -14.91
C SER C 314 -31.18 23.08 -13.88
N SER C 315 -31.69 21.87 -13.86
CA SER C 315 -32.89 21.58 -13.09
C SER C 315 -32.58 21.39 -11.61
N GLY C 316 -31.68 20.47 -11.29
CA GLY C 316 -31.34 20.22 -9.91
C GLY C 316 -30.51 18.98 -9.75
N GLY C 317 -30.23 18.65 -8.48
CA GLY C 317 -29.39 17.56 -8.07
C GLY C 317 -28.33 18.06 -7.13
N ASP C 318 -27.16 17.41 -7.17
CA ASP C 318 -26.02 17.86 -6.38
C ASP C 318 -25.38 19.07 -7.04
N LEU C 319 -24.46 19.70 -6.30
CA LEU C 319 -23.82 20.91 -6.79
C LEU C 319 -22.53 20.60 -7.53
N GLU C 320 -22.59 19.69 -8.51
CA GLU C 320 -21.45 19.38 -9.37
C GLU C 320 -21.88 19.40 -10.83
N VAL C 321 -23.13 19.03 -11.10
CA VAL C 321 -23.65 18.99 -12.46
C VAL C 321 -24.66 20.09 -12.73
N THR C 322 -25.04 20.88 -11.73
CA THR C 322 -25.92 22.01 -11.99
C THR C 322 -25.14 23.26 -12.37
N THR C 323 -23.88 23.35 -11.97
CA THR C 323 -23.01 24.47 -12.29
C THR C 323 -21.92 24.02 -13.24
N HIS C 324 -21.27 24.99 -13.89
CA HIS C 324 -20.12 24.71 -14.74
C HIS C 324 -18.92 24.42 -13.85
N SER C 325 -18.60 23.14 -13.69
CA SER C 325 -17.50 22.71 -12.84
C SER C 325 -16.25 22.53 -13.70
N PHE C 326 -15.25 23.37 -13.47
CA PHE C 326 -14.02 23.28 -14.22
C PHE C 326 -12.85 23.56 -13.29
N ASN C 327 -11.70 22.99 -13.64
CA ASN C 327 -10.50 23.04 -12.82
C ASN C 327 -9.51 24.00 -13.44
N CYS C 328 -9.00 24.93 -12.64
CA CYS C 328 -8.06 25.91 -13.16
C CYS C 328 -7.14 26.39 -12.04
N GLY C 329 -5.84 26.24 -12.27
CA GLY C 329 -4.83 26.82 -11.42
C GLY C 329 -4.57 26.08 -10.11
N GLY C 330 -5.18 24.93 -9.93
CA GLY C 330 -5.11 24.20 -8.68
C GLY C 330 -6.34 24.30 -7.81
N GLU C 331 -7.30 25.13 -8.18
CA GLU C 331 -8.58 25.24 -7.47
C GLU C 331 -9.70 24.79 -8.39
N PHE C 332 -10.80 24.38 -7.77
CA PHE C 332 -11.92 23.77 -8.50
C PHE C 332 -13.11 24.70 -8.40
N PHE C 333 -13.34 25.50 -9.44
CA PHE C 333 -14.47 26.41 -9.47
C PHE C 333 -15.74 25.65 -9.81
N TYR C 334 -16.86 26.18 -9.32
CA TYR C 334 -18.20 25.66 -9.63
C TYR C 334 -19.05 26.87 -10.00
N CYS C 335 -19.05 27.22 -11.29
CA CYS C 335 -19.62 28.47 -11.76
C CYS C 335 -21.06 28.27 -12.21
N ASP C 336 -21.98 28.98 -11.56
CA ASP C 336 -23.41 28.85 -11.87
C ASP C 336 -23.72 29.54 -13.18
N THR C 337 -24.38 28.81 -14.09
CA THR C 337 -24.67 29.29 -15.44
C THR C 337 -26.14 29.66 -15.62
N SER C 338 -26.75 30.28 -14.61
CA SER C 338 -28.13 30.74 -14.77
C SER C 338 -28.20 31.98 -15.66
N GLY C 339 -27.14 32.78 -15.69
CA GLY C 339 -27.11 33.96 -16.54
C GLY C 339 -26.68 33.70 -17.98
N LEU C 340 -26.13 32.51 -18.26
CA LEU C 340 -25.72 32.18 -19.62
C LEU C 340 -26.88 31.66 -20.45
N PHE C 341 -27.53 30.60 -20.00
CA PHE C 341 -28.64 29.99 -20.74
C PHE C 341 -29.94 30.61 -20.25
N ASN C 342 -30.16 31.86 -20.67
CA ASN C 342 -31.41 32.58 -20.40
C ASN C 342 -31.72 33.42 -21.63
N SER C 343 -32.45 32.83 -22.57
CA SER C 343 -32.81 33.46 -23.84
C SER C 343 -34.00 32.73 -24.42
N THR C 344 -34.68 33.39 -25.36
CA THR C 344 -35.81 32.78 -26.06
C THR C 344 -35.72 33.23 -27.52
N TRP C 345 -35.27 32.32 -28.38
CA TRP C 345 -35.18 32.60 -29.81
C TRP C 345 -36.44 32.08 -30.49
N ILE C 346 -37.14 32.97 -31.21
CA ILE C 346 -38.34 32.63 -31.94
C ILE C 346 -38.16 33.05 -33.39
N SER C 347 -38.43 32.12 -34.31
CA SER C 347 -38.38 32.25 -35.78
C SER C 347 -37.03 32.74 -36.34
N ASN C 348 -18.64 45.09 -24.85
CA ASN C 348 -18.80 45.15 -23.40
C ASN C 348 -20.07 44.44 -22.96
N ASP C 349 -20.58 44.85 -21.79
CA ASP C 349 -21.71 44.26 -21.06
C ASP C 349 -21.50 42.76 -20.83
N SER C 350 -20.43 42.45 -20.07
CA SER C 350 -20.04 41.07 -19.86
C SER C 350 -20.94 40.41 -18.81
N ILE C 351 -21.31 39.16 -19.06
CA ILE C 351 -22.16 38.41 -18.14
C ILE C 351 -21.33 37.95 -16.95
N THR C 352 -21.80 38.25 -15.75
CA THR C 352 -21.10 37.91 -14.52
C THR C 352 -21.76 36.70 -13.87
N LEU C 353 -20.98 35.65 -13.63
CA LEU C 353 -21.48 34.40 -13.09
C LEU C 353 -20.89 34.16 -11.70
N PRO C 354 -21.70 33.73 -10.71
CA PRO C 354 -21.12 33.38 -9.41
C PRO C 354 -20.44 32.02 -9.45
N CYS C 355 -19.27 31.94 -8.84
CA CYS C 355 -18.53 30.69 -8.73
C CYS C 355 -18.14 30.48 -7.27
N ARG C 356 -18.75 29.49 -6.64
CA ARG C 356 -18.33 29.05 -5.32
C ARG C 356 -17.27 27.97 -5.47
N ILE C 357 -16.19 28.08 -4.72
CA ILE C 357 -15.05 27.18 -4.87
C ILE C 357 -15.13 26.10 -3.79
N LYS C 358 -15.05 24.84 -4.22
CA LYS C 358 -14.98 23.71 -3.31
C LYS C 358 -13.53 23.23 -3.27
N GLN C 359 -13.08 22.84 -2.07
CA GLN C 359 -11.79 22.18 -1.93
C GLN C 359 -11.94 20.69 -1.64
N ILE C 360 -12.94 20.30 -0.87
CA ILE C 360 -13.19 18.90 -0.55
C ILE C 360 -14.15 18.39 -1.61
N ILE C 361 -13.60 17.85 -2.69
CA ILE C 361 -14.39 17.43 -3.83
C ILE C 361 -14.39 15.91 -3.92
N ASN C 362 -15.32 15.39 -4.73
CA ASN C 362 -15.46 13.96 -5.00
C ASN C 362 -15.35 13.79 -6.51
N MET C 363 -14.17 13.45 -6.99
CA MET C 363 -13.97 13.30 -8.42
C MET C 363 -14.51 11.96 -8.90
N TRP C 364 -14.91 11.96 -10.19
CA TRP C 364 -15.37 10.80 -10.99
C TRP C 364 -16.60 10.10 -10.39
N GLN C 365 -17.42 10.85 -9.63
CA GLN C 365 -18.66 10.40 -8.98
C GLN C 365 -18.46 9.19 -8.06
N ARG C 366 -17.31 9.13 -7.38
CA ARG C 366 -16.97 7.98 -6.56
C ARG C 366 -17.30 8.25 -5.09
N ILE C 367 -17.52 7.16 -4.35
CA ILE C 367 -17.80 7.23 -2.93
C ILE C 367 -16.74 6.42 -2.20
N GLY C 368 -16.38 6.87 -1.00
CA GLY C 368 -15.36 6.20 -0.21
C GLY C 368 -13.96 6.73 -0.39
N GLN C 369 -13.75 7.68 -1.31
CA GLN C 369 -12.42 8.23 -1.56
C GLN C 369 -12.58 9.68 -2.01
N ALA C 370 -12.44 10.61 -1.08
CA ALA C 370 -12.57 12.03 -1.36
C ALA C 370 -11.19 12.65 -1.60
N MET C 371 -11.19 13.91 -2.01
CA MET C 371 -9.97 14.64 -2.27
C MET C 371 -10.08 16.07 -1.76
N TYR C 372 -9.10 16.49 -0.96
CA TYR C 372 -8.99 17.86 -0.48
C TYR C 372 -8.02 18.60 -1.39
N ALA C 373 -8.53 19.57 -2.15
CA ALA C 373 -7.66 20.39 -2.98
C ALA C 373 -6.92 21.41 -2.13
N PRO C 374 -5.63 21.63 -2.38
CA PRO C 374 -4.88 22.60 -1.57
C PRO C 374 -5.16 24.01 -2.03
N PRO C 375 -5.00 25.01 -1.14
CA PRO C 375 -5.15 26.39 -1.58
C PRO C 375 -3.96 26.86 -2.39
N ILE C 376 -4.20 27.84 -3.26
CA ILE C 376 -3.20 28.40 -4.15
C ILE C 376 -2.94 29.82 -3.72
N GLN C 377 -1.66 30.14 -3.45
CA GLN C 377 -1.30 31.49 -3.05
C GLN C 377 -1.26 32.40 -4.27
N GLY C 378 -1.69 33.64 -4.08
CA GLY C 378 -1.78 34.60 -5.17
C GLY C 378 -3.10 34.51 -5.91
N VAL C 379 -3.33 35.50 -6.78
CA VAL C 379 -4.55 35.52 -7.56
C VAL C 379 -4.45 34.54 -8.71
N ILE C 380 -5.58 33.98 -9.11
CA ILE C 380 -5.65 33.01 -10.20
C ILE C 380 -6.35 33.68 -11.38
N ARG C 381 -5.66 33.78 -12.50
CA ARG C 381 -6.24 34.26 -13.75
C ARG C 381 -6.40 33.08 -14.69
N CYS C 382 -7.61 32.92 -15.23
CA CYS C 382 -7.95 31.75 -16.04
C CYS C 382 -8.60 32.23 -17.33
N VAL C 383 -7.80 32.46 -18.35
CA VAL C 383 -8.30 32.80 -19.67
C VAL C 383 -8.31 31.55 -20.55
N SER C 384 -9.48 31.20 -21.06
CA SER C 384 -9.66 30.02 -21.89
C SER C 384 -10.72 30.36 -22.94
N ASN C 385 -11.17 29.36 -23.69
CA ASN C 385 -12.23 29.59 -24.66
C ASN C 385 -13.18 28.39 -24.69
N ILE C 386 -14.48 28.68 -24.69
CA ILE C 386 -15.49 27.63 -24.72
C ILE C 386 -15.62 27.11 -26.14
N THR C 387 -15.37 25.80 -26.31
CA THR C 387 -15.44 25.18 -27.62
C THR C 387 -16.61 24.21 -27.74
N GLY C 388 -17.62 24.32 -26.88
CA GLY C 388 -18.77 23.47 -27.07
C GLY C 388 -19.75 23.52 -25.91
N LEU C 389 -20.82 22.75 -26.06
CA LEU C 389 -21.90 22.70 -25.08
C LEU C 389 -22.25 21.24 -24.81
N ILE C 390 -22.81 20.99 -23.63
CA ILE C 390 -23.42 19.70 -23.31
C ILE C 390 -24.87 20.01 -22.93
N LEU C 391 -25.80 19.68 -23.82
CA LEU C 391 -27.20 20.04 -23.65
C LEU C 391 -28.05 18.77 -23.50
N THR C 392 -29.29 18.96 -23.06
CA THR C 392 -30.24 17.86 -22.87
C THR C 392 -31.60 18.31 -23.38
N ARG C 393 -32.25 17.44 -24.15
CA ARG C 393 -33.60 17.73 -24.62
C ARG C 393 -34.61 17.57 -23.50
N ASP C 394 -35.64 18.41 -23.50
CA ASP C 394 -36.61 18.42 -22.42
C ASP C 394 -37.60 17.27 -22.55
N GLY C 395 -38.35 17.24 -23.65
CA GLY C 395 -39.40 16.25 -23.82
C GLY C 395 -40.62 16.59 -22.99
N GLY C 396 -41.46 15.57 -22.80
CA GLY C 396 -42.66 15.77 -22.00
C GLY C 396 -43.78 16.43 -22.80
N SER C 397 -44.46 17.36 -22.13
CA SER C 397 -45.56 18.07 -22.74
C SER C 397 -45.04 19.11 -23.73
N THR C 398 -45.11 18.79 -25.01
CA THR C 398 -44.58 19.67 -26.05
C THR C 398 -45.61 19.76 -27.17
N ASP C 399 -45.97 20.98 -27.57
CA ASP C 399 -46.87 21.21 -28.69
C ASP C 399 -46.12 21.46 -29.99
N SER C 400 -44.89 20.95 -30.09
CA SER C 400 -44.03 20.90 -31.29
C SER C 400 -43.67 22.28 -31.84
N THR C 401 -43.69 23.31 -31.00
CA THR C 401 -43.22 24.63 -31.40
C THR C 401 -42.14 25.17 -30.47
N THR C 402 -42.24 24.92 -29.16
CA THR C 402 -41.26 25.40 -28.21
C THR C 402 -40.43 24.25 -27.64
N GLU C 403 -39.12 24.46 -27.54
CA GLU C 403 -38.20 23.47 -27.01
C GLU C 403 -37.19 24.17 -26.11
N THR C 404 -36.94 23.58 -24.94
CA THR C 404 -35.92 24.06 -24.02
C THR C 404 -34.78 23.07 -23.98
N PHE C 405 -33.56 23.57 -23.78
CA PHE C 405 -32.38 22.73 -23.69
C PHE C 405 -31.62 23.08 -22.42
N ARG C 406 -31.41 22.08 -21.57
CA ARG C 406 -30.86 22.31 -20.24
C ARG C 406 -29.41 21.84 -20.16
N PRO C 407 -28.55 22.57 -19.43
CA PRO C 407 -27.15 22.13 -19.27
C PRO C 407 -26.99 21.00 -18.26
N SER C 408 -27.25 19.78 -18.71
CA SER C 408 -27.17 18.61 -17.85
C SER C 408 -26.31 17.54 -18.49
N GLY C 409 -25.82 16.63 -17.65
CA GLY C 409 -25.06 15.50 -18.12
C GLY C 409 -23.56 15.66 -17.92
N GLY C 410 -22.79 15.30 -18.93
CA GLY C 410 -21.35 15.36 -18.85
C GLY C 410 -20.75 14.11 -18.21
N ASP C 411 -20.88 14.04 -16.87
CA ASP C 411 -20.39 13.00 -15.92
C ASP C 411 -18.98 12.48 -16.16
N MET C 412 -18.08 13.38 -16.63
CA MET C 412 -16.69 13.14 -17.03
C MET C 412 -16.54 12.01 -18.05
N ARG C 413 -17.51 11.83 -18.94
CA ARG C 413 -17.48 10.81 -19.98
C ARG C 413 -17.65 11.40 -21.37
N ASP C 414 -18.57 12.36 -21.52
CA ASP C 414 -18.87 12.97 -22.80
C ASP C 414 -18.07 14.25 -23.05
N ASN C 415 -16.89 14.37 -22.44
CA ASN C 415 -15.99 15.49 -22.69
C ASN C 415 -14.94 15.11 -23.74
N TRP C 416 -14.45 13.88 -23.70
CA TRP C 416 -13.43 13.44 -24.64
C TRP C 416 -14.02 12.89 -25.93
N ARG C 417 -15.35 12.77 -26.03
CA ARG C 417 -15.95 12.29 -27.26
C ARG C 417 -15.91 13.36 -28.35
N SER C 418 -15.89 14.64 -27.96
CA SER C 418 -15.67 15.74 -28.90
C SER C 418 -14.24 15.79 -29.43
N GLU C 419 -13.29 15.15 -28.76
CA GLU C 419 -11.94 14.97 -29.27
C GLU C 419 -11.74 13.66 -30.01
N LEU C 420 -12.44 12.61 -29.62
CA LEU C 420 -12.25 11.28 -30.21
C LEU C 420 -13.36 10.89 -31.18
N TYR C 421 -14.17 11.85 -31.63
CA TYR C 421 -15.13 11.56 -32.70
C TYR C 421 -14.45 11.36 -34.05
N LYS C 422 -13.27 11.94 -34.25
CA LYS C 422 -12.54 11.81 -35.51
C LYS C 422 -11.40 10.80 -35.40
N TYR C 423 -11.50 9.85 -34.48
CA TYR C 423 -10.49 8.82 -34.32
C TYR C 423 -11.17 7.50 -34.01
N LYS C 424 -10.56 6.42 -34.50
CA LYS C 424 -11.06 5.06 -34.22
C LYS C 424 -9.88 4.10 -34.31
N VAL C 425 -9.64 3.34 -33.25
CA VAL C 425 -8.58 2.35 -33.27
C VAL C 425 -9.09 1.09 -33.97
N VAL C 426 -8.19 0.35 -34.61
CA VAL C 426 -8.57 -0.79 -35.43
C VAL C 426 -7.41 -1.78 -35.42
N LYS C 427 -7.72 -3.06 -35.65
CA LYS C 427 -6.70 -4.10 -35.75
C LYS C 427 -6.51 -4.50 -37.22
N ILE C 428 -5.36 -5.10 -37.49
CA ILE C 428 -4.94 -5.41 -38.86
C ILE C 428 -4.76 -6.90 -39.00
N GLU C 429 -5.46 -7.50 -39.97
CA GLU C 429 -5.29 -8.89 -40.36
C GLU C 429 -4.59 -8.90 -41.72
N PRO C 430 -3.26 -9.07 -41.74
CA PRO C 430 -2.52 -9.02 -43.00
C PRO C 430 -2.41 -10.35 -43.73
N LEU C 431 -3.19 -11.36 -43.37
CA LEU C 431 -3.15 -12.67 -44.00
C LEU C 431 -4.43 -12.89 -44.78
N GLY C 432 -4.36 -12.73 -46.09
CA GLY C 432 -5.53 -12.91 -46.94
C GLY C 432 -5.18 -13.72 -48.16
N VAL C 433 -6.16 -14.49 -48.63
CA VAL C 433 -5.98 -15.37 -49.77
C VAL C 433 -6.85 -14.90 -50.92
N ALA C 434 -6.46 -15.30 -52.15
CA ALA C 434 -7.18 -15.00 -53.38
C ALA C 434 -6.74 -16.02 -54.42
N PRO C 435 -7.63 -16.53 -55.27
CA PRO C 435 -7.20 -17.46 -56.30
C PRO C 435 -6.90 -16.80 -57.64
N THR C 436 -5.77 -17.21 -58.23
CA THR C 436 -5.41 -16.87 -59.61
C THR C 436 -4.56 -18.01 -60.17
N ARG C 437 -3.92 -17.75 -61.31
CA ARG C 437 -3.09 -18.76 -61.97
C ARG C 437 -1.79 -18.95 -61.21
N CYS C 438 -1.67 -20.07 -60.49
CA CYS C 438 -0.46 -20.46 -59.79
C CYS C 438 -0.37 -21.97 -59.68
N LYS C 439 0.86 -22.48 -59.78
CA LYS C 439 1.16 -23.89 -59.58
C LYS C 439 2.47 -23.96 -58.81
N ARG C 440 2.56 -24.90 -57.88
CA ARG C 440 3.80 -25.09 -57.13
C ARG C 440 4.82 -25.82 -57.99
N ARG C 441 5.98 -25.21 -58.18
CA ARG C 441 6.99 -25.76 -59.07
C ARG C 441 7.73 -26.91 -58.41
N VAL C 442 7.87 -28.02 -59.13
CA VAL C 442 8.61 -29.17 -58.63
C VAL C 442 10.11 -28.89 -58.75
N VAL C 443 10.81 -28.93 -57.62
CA VAL C 443 12.24 -28.64 -57.36
C VAL C 443 12.82 -27.43 -58.10
N LEU D 5 28.79 -14.63 -27.86
CA LEU D 5 30.13 -14.08 -27.74
C LEU D 5 30.88 -14.18 -29.08
N GLY D 6 31.37 -13.04 -29.56
CA GLY D 6 32.10 -13.00 -30.81
C GLY D 6 33.32 -12.10 -30.72
N ALA D 7 34.32 -12.38 -31.56
CA ALA D 7 35.54 -11.56 -31.57
C ALA D 7 35.64 -10.76 -32.86
N ALA D 8 35.69 -9.45 -32.72
CA ALA D 8 35.82 -8.54 -33.87
C ALA D 8 37.27 -8.24 -34.20
N GLY D 9 38.18 -8.69 -33.35
CA GLY D 9 39.60 -8.47 -33.54
C GLY D 9 40.10 -9.13 -34.81
N SER D 10 39.60 -10.33 -35.06
CA SER D 10 39.98 -11.12 -36.23
C SER D 10 39.40 -10.54 -37.51
N THR D 11 39.99 -10.94 -38.64
CA THR D 11 39.56 -10.49 -39.96
C THR D 11 38.17 -11.02 -40.31
N MET D 12 37.48 -10.33 -41.22
CA MET D 12 36.12 -10.70 -41.58
C MET D 12 36.03 -12.13 -42.12
N GLY D 13 36.99 -12.54 -42.94
CA GLY D 13 36.95 -13.90 -43.47
C GLY D 13 37.05 -14.89 -42.33
N ALA D 14 37.97 -14.63 -41.39
CA ALA D 14 38.15 -15.48 -40.21
C ALA D 14 36.90 -15.42 -39.33
N ALA D 15 36.35 -14.21 -39.21
CA ALA D 15 35.17 -13.94 -38.41
C ALA D 15 33.94 -14.66 -38.94
N SER D 16 33.86 -14.78 -40.26
CA SER D 16 32.71 -15.38 -40.91
C SER D 16 32.46 -16.84 -40.50
N MET D 17 33.51 -17.65 -40.35
CA MET D 17 33.26 -19.03 -39.96
C MET D 17 32.50 -19.13 -38.65
N THR D 18 32.50 -18.07 -37.83
CA THR D 18 31.93 -18.11 -36.49
C THR D 18 30.68 -17.24 -36.37
N LEU D 19 30.02 -16.93 -37.49
CA LEU D 19 28.82 -16.10 -37.48
C LEU D 19 27.58 -16.82 -36.95
N THR D 20 27.63 -18.15 -36.82
CA THR D 20 26.42 -18.90 -36.52
C THR D 20 26.09 -18.94 -35.03
N VAL D 21 27.07 -18.69 -34.16
CA VAL D 21 26.81 -18.72 -32.72
C VAL D 21 26.41 -17.36 -32.19
N GLN D 22 26.59 -16.31 -32.99
CA GLN D 22 26.15 -14.97 -32.63
C GLN D 22 24.64 -14.82 -32.71
N ALA D 23 23.97 -15.65 -33.51
CA ALA D 23 22.51 -15.74 -33.45
C ALA D 23 22.05 -16.63 -32.30
N ARG D 24 22.89 -17.59 -31.89
CA ARG D 24 22.55 -18.48 -30.78
C ARG D 24 22.64 -17.76 -29.44
N ASN D 25 23.64 -16.88 -29.29
CA ASN D 25 23.77 -16.11 -28.06
C ASN D 25 23.05 -14.77 -28.12
N LEU D 26 22.11 -14.59 -29.05
CA LEU D 26 21.34 -13.36 -29.17
C LEU D 26 19.95 -13.49 -28.56
N LEU D 27 19.42 -14.70 -28.48
CA LEU D 27 18.07 -14.90 -27.98
C LEU D 27 18.06 -15.51 -26.58
N SER D 28 18.79 -16.61 -26.40
CA SER D 28 18.86 -17.27 -25.10
C SER D 28 20.29 -17.64 -24.75
N LEU D 29 7.22 -17.78 -5.88
CA LEU D 29 7.76 -16.46 -5.60
C LEU D 29 6.87 -15.36 -6.16
N LEU D 30 6.87 -14.20 -5.50
CA LEU D 30 6.05 -13.09 -5.95
C LEU D 30 6.70 -12.39 -7.14
N LYS D 31 5.87 -11.69 -7.91
CA LYS D 31 6.32 -10.93 -9.06
C LYS D 31 6.34 -9.43 -8.81
N LEU D 32 6.12 -9.00 -7.56
CA LEU D 32 6.05 -7.58 -7.24
C LEU D 32 7.41 -6.97 -6.94
N THR D 33 8.47 -7.77 -6.96
CA THR D 33 9.80 -7.25 -6.67
C THR D 33 10.38 -6.54 -7.90
N VAL D 34 11.59 -6.00 -7.72
CA VAL D 34 12.21 -5.20 -8.77
C VAL D 34 12.80 -6.10 -9.85
N TRP D 35 13.41 -7.22 -9.43
CA TRP D 35 14.19 -8.06 -10.34
C TRP D 35 13.30 -8.87 -11.28
N GLY D 36 12.06 -9.14 -10.86
CA GLY D 36 11.13 -9.86 -11.72
C GLY D 36 10.65 -9.01 -12.88
N ILE D 37 10.32 -7.74 -12.61
CA ILE D 37 9.90 -6.81 -13.65
C ILE D 37 11.07 -6.44 -14.54
N LYS D 38 12.29 -6.38 -13.97
CA LYS D 38 13.46 -6.05 -14.77
C LYS D 38 13.88 -7.22 -15.68
N GLN D 39 13.77 -8.46 -15.18
CA GLN D 39 14.04 -9.63 -15.99
C GLN D 39 12.98 -9.84 -17.07
N LEU D 40 11.73 -9.49 -16.76
CA LEU D 40 10.64 -9.59 -17.73
C LEU D 40 10.78 -8.53 -18.83
N GLN D 41 11.18 -7.32 -18.45
CA GLN D 41 11.42 -6.25 -19.42
C GLN D 41 12.64 -6.53 -20.28
N ALA D 42 13.66 -7.18 -19.70
CA ALA D 42 14.83 -7.57 -20.45
C ALA D 42 14.53 -8.69 -21.45
N ARG D 43 13.65 -9.64 -21.05
CA ARG D 43 13.25 -10.71 -21.96
C ARG D 43 12.36 -10.19 -23.08
N VAL D 44 11.46 -9.24 -22.78
CA VAL D 44 10.57 -8.66 -23.78
C VAL D 44 11.36 -7.79 -24.77
N LEU D 45 12.36 -7.06 -24.25
CA LEU D 45 13.22 -6.23 -25.11
C LEU D 45 14.14 -7.08 -25.99
N ALA D 46 14.65 -8.20 -25.46
CA ALA D 46 15.49 -9.09 -26.24
C ALA D 46 14.70 -9.84 -27.31
N VAL D 47 13.45 -10.21 -27.00
CA VAL D 47 12.57 -10.87 -27.97
C VAL D 47 12.18 -9.91 -29.09
N GLU D 48 11.83 -8.66 -28.74
CA GLU D 48 11.42 -7.71 -29.78
C GLU D 48 12.60 -7.20 -30.60
N ARG D 49 13.82 -7.19 -30.03
CA ARG D 49 14.98 -6.80 -30.81
C ARG D 49 15.42 -7.91 -31.76
N TYR D 50 15.37 -9.17 -31.28
CA TYR D 50 15.68 -10.31 -32.13
C TYR D 50 14.63 -10.50 -33.23
N LEU D 51 13.38 -10.16 -32.93
CA LEU D 51 12.34 -10.27 -33.95
C LEU D 51 12.40 -9.13 -34.95
N ARG D 52 12.86 -7.94 -34.53
CA ARG D 52 13.06 -6.85 -35.49
C ARG D 52 14.23 -7.15 -36.43
N ASP D 53 15.30 -7.74 -35.89
CA ASP D 53 16.44 -8.12 -36.73
C ASP D 53 16.10 -9.30 -37.64
N GLN D 54 15.33 -10.27 -37.14
CA GLN D 54 14.92 -11.42 -37.94
C GLN D 54 13.88 -11.03 -38.99
N GLN D 55 13.02 -10.05 -38.69
CA GLN D 55 12.05 -9.56 -39.65
C GLN D 55 12.74 -8.76 -40.76
N LEU D 56 13.74 -7.94 -40.40
CA LEU D 56 14.50 -7.20 -41.40
C LEU D 56 15.37 -8.12 -42.24
N LEU D 57 15.84 -9.23 -41.67
CA LEU D 57 16.54 -10.23 -42.46
C LEU D 57 15.59 -11.03 -43.35
N GLY D 58 14.36 -11.27 -42.88
CA GLY D 58 13.41 -12.09 -43.60
C GLY D 58 12.70 -11.40 -44.74
N ILE D 59 12.57 -10.07 -44.69
CA ILE D 59 11.89 -9.36 -45.78
C ILE D 59 12.78 -9.04 -46.96
N TRP D 60 14.04 -9.51 -46.96
CA TRP D 60 14.89 -9.43 -48.13
C TRP D 60 15.09 -10.79 -48.81
N GLY D 61 14.27 -11.78 -48.43
CA GLY D 61 14.41 -13.11 -48.98
C GLY D 61 15.61 -13.87 -48.46
N CYS D 62 16.08 -13.52 -47.27
CA CYS D 62 17.26 -14.13 -46.68
C CYS D 62 16.94 -14.71 -45.31
N SER D 63 15.72 -15.25 -45.17
CA SER D 63 15.30 -15.82 -43.89
C SER D 63 15.90 -17.20 -43.68
N GLY D 64 15.86 -18.05 -44.71
CA GLY D 64 16.40 -19.40 -44.61
C GLY D 64 17.91 -19.46 -44.62
N LYS D 65 18.58 -18.43 -45.13
CA LYS D 65 20.03 -18.39 -45.16
C LYS D 65 20.56 -17.53 -44.04
N LEU D 66 21.79 -17.82 -43.62
CA LEU D 66 22.50 -16.96 -42.68
C LEU D 66 23.32 -15.91 -43.43
N ILE D 67 24.04 -16.34 -44.46
CA ILE D 67 24.72 -15.44 -45.38
C ILE D 67 23.95 -15.47 -46.69
N CYS D 68 23.44 -14.31 -47.10
CA CYS D 68 22.56 -14.23 -48.26
C CYS D 68 22.85 -12.93 -49.01
N CYS D 69 22.42 -12.88 -50.27
CA CYS D 69 22.61 -11.67 -51.07
C CYS D 69 21.53 -11.58 -52.15
N THR D 70 21.28 -10.34 -52.56
CA THR D 70 20.36 -10.01 -53.65
C THR D 70 21.16 -9.40 -54.81
N ASN D 71 20.44 -8.81 -55.76
CA ASN D 71 21.03 -8.22 -56.97
C ASN D 71 20.91 -6.70 -56.99
N VAL D 72 21.09 -6.06 -55.84
CA VAL D 72 21.02 -4.60 -55.73
C VAL D 72 22.41 -4.05 -56.04
N PRO D 73 22.54 -3.08 -56.95
CA PRO D 73 23.87 -2.56 -57.30
C PRO D 73 24.44 -1.64 -56.23
N TRP D 74 25.72 -1.32 -56.39
CA TRP D 74 26.47 -0.50 -55.45
C TRP D 74 26.78 0.85 -56.09
N ASN D 75 26.20 1.90 -55.51
CA ASN D 75 26.48 3.27 -55.93
C ASN D 75 27.90 3.68 -55.53
N SER D 76 28.48 4.59 -56.32
CA SER D 76 29.86 5.01 -56.07
C SER D 76 29.96 5.98 -54.90
N SER D 77 28.85 6.61 -54.51
CA SER D 77 28.88 7.58 -53.42
C SER D 77 28.90 6.92 -52.05
N TRP D 78 28.59 5.63 -51.95
CA TRP D 78 28.55 4.97 -50.66
C TRP D 78 29.96 4.65 -50.16
N SER D 79 30.70 3.82 -50.90
CA SER D 79 32.05 3.45 -50.52
C SER D 79 32.82 3.05 -51.78
N ASN D 80 34.08 3.48 -51.85
CA ASN D 80 34.97 3.13 -52.96
C ASN D 80 36.32 2.74 -52.35
N ARG D 81 36.46 1.45 -52.04
CA ARG D 81 37.70 0.91 -51.51
C ARG D 81 38.02 -0.40 -52.22
N ASN D 82 39.26 -0.85 -52.06
CA ASN D 82 39.68 -2.10 -52.65
C ASN D 82 39.11 -3.27 -51.86
N LEU D 83 38.83 -4.37 -52.57
CA LEU D 83 38.16 -5.52 -51.98
C LEU D 83 39.07 -6.30 -51.05
N SER D 84 40.38 -6.27 -51.30
CA SER D 84 41.34 -6.90 -50.40
C SER D 84 41.50 -6.11 -49.12
N GLU D 85 41.24 -4.79 -49.18
CA GLU D 85 41.20 -3.99 -47.95
C GLU D 85 39.86 -4.13 -47.24
N ILE D 86 38.80 -4.47 -47.98
CA ILE D 86 37.49 -4.62 -47.38
C ILE D 86 37.39 -5.95 -46.61
N TRP D 87 37.77 -7.05 -47.27
CA TRP D 87 37.57 -8.35 -46.65
C TRP D 87 38.79 -8.88 -45.91
N ASP D 88 39.93 -8.18 -45.98
CA ASP D 88 41.11 -8.54 -45.21
C ASP D 88 41.72 -7.26 -44.65
N ASN D 89 42.46 -7.45 -43.54
CA ASN D 89 43.13 -6.40 -42.75
C ASN D 89 42.18 -5.30 -42.26
N MET D 90 40.94 -5.67 -41.95
CA MET D 90 39.95 -4.69 -41.52
C MET D 90 38.93 -5.38 -40.62
N THR D 91 38.57 -4.72 -39.53
CA THR D 91 37.59 -5.22 -38.59
C THR D 91 36.21 -4.76 -39.03
N TRP D 92 35.17 -5.49 -38.62
CA TRP D 92 33.78 -5.18 -38.95
C TRP D 92 33.30 -3.88 -38.31
N LEU D 93 33.93 -3.46 -37.20
CA LEU D 93 33.49 -2.32 -36.39
C LEU D 93 33.67 -1.00 -37.12
N GLN D 94 34.88 -0.76 -37.66
CA GLN D 94 35.15 0.50 -38.34
C GLN D 94 34.46 0.57 -39.70
N TRP D 95 34.24 -0.59 -40.33
CA TRP D 95 33.50 -0.64 -41.59
C TRP D 95 32.02 -0.32 -41.38
N ASP D 96 31.43 -0.86 -40.30
CA ASP D 96 30.04 -0.56 -39.97
C ASP D 96 29.88 0.88 -39.48
N LYS D 97 30.89 1.41 -38.79
CA LYS D 97 30.85 2.82 -38.39
C LYS D 97 31.09 3.75 -39.57
N GLU D 98 31.75 3.26 -40.62
CA GLU D 98 31.90 4.05 -41.84
C GLU D 98 30.62 4.07 -42.66
N ILE D 99 29.89 2.94 -42.73
CA ILE D 99 28.73 2.87 -43.60
C ILE D 99 27.40 3.03 -42.87
N SER D 100 27.43 3.31 -41.55
CA SER D 100 26.19 3.41 -40.77
C SER D 100 25.41 4.69 -41.06
N ASN D 101 26.04 5.69 -41.67
CA ASN D 101 25.30 6.84 -42.15
C ASN D 101 24.60 6.60 -43.49
N TYR D 102 24.87 5.47 -44.15
CA TYR D 102 24.21 5.10 -45.39
C TYR D 102 23.36 3.84 -45.28
N THR D 103 23.44 3.11 -44.14
CA THR D 103 22.75 1.83 -43.97
C THR D 103 21.23 1.90 -44.05
N GLN D 104 20.62 3.05 -43.72
CA GLN D 104 19.17 3.16 -43.75
C GLN D 104 18.66 3.25 -45.19
N ILE D 105 19.35 4.01 -46.05
CA ILE D 105 18.96 4.05 -47.45
C ILE D 105 19.43 2.79 -48.17
N ILE D 106 20.45 2.09 -47.63
CA ILE D 106 20.83 0.76 -48.10
C ILE D 106 19.71 -0.24 -47.87
N TYR D 107 19.11 -0.19 -46.67
CA TYR D 107 18.04 -1.14 -46.32
C TYR D 107 16.75 -0.81 -47.04
N GLY D 108 16.49 0.49 -47.28
CA GLY D 108 15.30 0.89 -48.00
C GLY D 108 15.36 0.55 -49.48
N LEU D 109 16.50 0.85 -50.13
CA LEU D 109 16.67 0.53 -51.55
C LEU D 109 16.77 -0.98 -51.77
N LEU D 110 17.39 -1.69 -50.82
CA LEU D 110 17.50 -3.14 -50.85
C LEU D 110 16.14 -3.81 -50.72
N GLU D 111 15.30 -3.31 -49.79
CA GLU D 111 13.98 -3.89 -49.54
C GLU D 111 13.02 -3.61 -50.69
N GLU D 112 13.05 -2.38 -51.23
CA GLU D 112 12.14 -2.01 -52.31
C GLU D 112 12.55 -2.68 -53.63
N SER D 113 13.85 -2.78 -53.89
CA SER D 113 14.32 -3.42 -55.12
C SER D 113 14.14 -4.94 -55.07
N GLN D 114 14.29 -5.53 -53.88
CA GLN D 114 14.07 -6.97 -53.72
C GLN D 114 12.60 -7.32 -53.86
N ASN D 115 11.71 -6.50 -53.29
CA ASN D 115 10.27 -6.76 -53.40
C ASN D 115 9.76 -6.53 -54.82
N GLN D 116 10.27 -5.49 -55.49
CA GLN D 116 9.81 -5.18 -56.84
C GLN D 116 10.35 -6.18 -57.86
N GLN D 117 11.61 -6.60 -57.73
CA GLN D 117 12.15 -7.59 -58.65
C GLN D 117 11.63 -8.99 -58.34
N GLU D 118 11.27 -9.28 -57.09
CA GLU D 118 10.68 -10.57 -56.78
C GLU D 118 9.24 -10.66 -57.27
N LYS D 119 8.50 -9.55 -57.21
CA LYS D 119 7.17 -9.54 -57.82
C LYS D 119 7.24 -9.52 -59.35
N ASN D 120 8.34 -9.00 -59.91
CA ASN D 120 8.55 -9.05 -61.35
C ASN D 120 8.89 -10.45 -61.82
N GLU D 121 9.66 -11.21 -61.05
CA GLU D 121 10.24 -12.46 -61.55
C GLU D 121 9.54 -13.71 -61.00
N GLN D 122 8.72 -13.60 -59.97
CA GLN D 122 8.10 -14.78 -59.37
C GLN D 122 6.65 -14.98 -59.79
N ASP D 123 5.81 -13.95 -59.64
CA ASP D 123 4.40 -14.11 -59.94
C ASP D 123 4.09 -13.97 -61.42
N LEU D 124 4.95 -13.28 -62.18
CA LEU D 124 4.69 -13.03 -63.59
C LEU D 124 5.37 -14.04 -64.52
N LEU D 125 6.60 -14.46 -64.20
CA LEU D 125 7.30 -15.41 -65.05
C LEU D 125 6.80 -16.83 -64.85
N ALA D 126 6.26 -17.16 -63.68
CA ALA D 126 5.64 -18.45 -63.43
C ALA D 126 4.14 -18.39 -63.58
N LEU D 127 3.61 -17.37 -64.24
CA LEU D 127 2.17 -17.26 -64.46
C LEU D 127 1.72 -18.11 -65.65
N ASP D 128 2.57 -18.28 -66.64
CA ASP D 128 2.23 -19.06 -67.83
C ASP D 128 2.71 -20.51 -67.70
N LEU E 5 -4.42 -33.59 -29.97
CA LEU E 5 -3.31 -33.37 -30.90
C LEU E 5 -2.62 -34.68 -31.28
N GLY E 6 -1.31 -34.62 -31.51
CA GLY E 6 -0.54 -35.78 -31.89
C GLY E 6 -0.48 -36.85 -30.82
N ALA E 7 -0.44 -38.11 -31.24
CA ALA E 7 -0.38 -39.23 -30.31
C ALA E 7 0.99 -39.90 -30.31
N ALA E 8 1.58 -40.00 -29.12
CA ALA E 8 2.89 -40.62 -28.92
C ALA E 8 2.94 -42.09 -29.27
N GLY E 9 1.88 -42.81 -28.95
CA GLY E 9 1.80 -44.24 -29.20
C GLY E 9 1.91 -44.69 -30.64
N SER E 10 1.30 -43.94 -31.55
CA SER E 10 1.34 -44.30 -32.96
C SER E 10 2.77 -44.29 -33.51
N THR E 11 3.06 -45.25 -34.40
CA THR E 11 4.38 -45.39 -35.01
C THR E 11 4.86 -44.11 -35.72
N MET E 12 6.16 -43.86 -35.66
CA MET E 12 6.73 -42.66 -36.27
C MET E 12 5.97 -42.27 -37.54
N GLY E 13 5.63 -43.26 -38.38
CA GLY E 13 4.99 -42.94 -39.65
C GLY E 13 3.52 -42.56 -39.50
N ALA E 14 2.89 -43.02 -38.42
CA ALA E 14 1.53 -42.57 -38.12
C ALA E 14 1.51 -41.19 -37.50
N ALA E 15 2.64 -40.73 -36.94
CA ALA E 15 2.73 -39.38 -36.40
C ALA E 15 3.33 -38.38 -37.39
N SER E 16 3.94 -38.87 -38.47
CA SER E 16 4.59 -37.98 -39.44
C SER E 16 3.57 -37.22 -40.29
N MET E 17 2.36 -37.76 -40.44
CA MET E 17 1.32 -37.05 -41.17
C MET E 17 0.59 -36.03 -40.31
N THR E 18 0.70 -36.15 -38.98
CA THR E 18 0.01 -35.26 -38.06
C THR E 18 0.99 -34.44 -37.20
N LEU E 19 2.27 -34.41 -37.60
CA LEU E 19 3.29 -33.50 -37.08
C LEU E 19 2.92 -32.01 -37.16
N THR E 20 2.15 -31.60 -38.16
CA THR E 20 2.05 -30.17 -38.49
C THR E 20 1.05 -29.42 -37.62
N VAL E 21 0.17 -30.11 -36.89
CA VAL E 21 -0.75 -29.42 -35.98
C VAL E 21 -0.10 -29.13 -34.64
N GLN E 22 1.03 -29.78 -34.36
CA GLN E 22 1.82 -29.50 -33.16
C GLN E 22 2.51 -28.14 -33.24
N ALA E 23 2.77 -27.63 -34.45
CA ALA E 23 3.22 -26.26 -34.61
C ALA E 23 2.13 -25.24 -34.36
N ARG E 24 0.88 -25.57 -34.70
CA ARG E 24 -0.23 -24.66 -34.47
C ARG E 24 -0.65 -24.65 -33.00
N ASN E 25 -0.56 -25.79 -32.33
CA ASN E 25 -0.92 -25.85 -30.92
C ASN E 25 0.24 -25.59 -29.97
N LEU E 26 1.31 -24.95 -30.45
CA LEU E 26 2.45 -24.61 -29.61
C LEU E 26 2.48 -23.13 -29.24
N LEU E 27 2.02 -22.26 -30.13
CA LEU E 27 2.11 -20.82 -29.91
C LEU E 27 0.79 -20.24 -29.40
N SER E 28 -0.31 -20.51 -30.08
CA SER E 28 -1.61 -20.00 -29.67
C SER E 28 -2.66 -21.10 -29.74
N LEU E 29 -10.13 -3.34 -17.06
CA LEU E 29 -9.72 -4.14 -15.91
C LEU E 29 -8.29 -3.81 -15.49
N LEU E 30 -8.02 -3.95 -14.19
CA LEU E 30 -6.69 -3.68 -13.67
C LEU E 30 -5.76 -4.85 -13.97
N LYS E 31 -4.47 -4.55 -14.04
CA LYS E 31 -3.44 -5.55 -14.27
C LYS E 31 -2.60 -5.83 -13.04
N LEU E 32 -3.03 -5.35 -11.87
CA LEU E 32 -2.29 -5.56 -10.63
C LEU E 32 -2.67 -6.86 -9.93
N THR E 33 -3.58 -7.64 -10.49
CA THR E 33 -4.00 -8.88 -9.87
C THR E 33 -2.98 -10.00 -10.15
N VAL E 34 -3.27 -11.18 -9.61
CA VAL E 34 -2.35 -12.30 -9.73
C VAL E 34 -2.43 -12.92 -11.13
N TRP E 35 -3.65 -13.06 -11.66
CA TRP E 35 -3.86 -13.82 -12.88
C TRP E 35 -3.39 -13.06 -14.11
N GLY E 36 -3.34 -11.72 -14.03
CA GLY E 36 -2.84 -10.93 -15.15
C GLY E 36 -1.35 -11.06 -15.33
N ILE E 37 -0.59 -11.01 -14.23
CA ILE E 37 0.86 -11.20 -14.28
C ILE E 37 1.21 -12.65 -14.58
N LYS E 38 0.35 -13.59 -14.13
CA LYS E 38 0.61 -15.00 -14.41
C LYS E 38 0.33 -15.34 -15.89
N GLN E 39 -0.72 -14.75 -16.47
CA GLN E 39 -1.02 -14.95 -17.88
C GLN E 39 0.01 -14.24 -18.77
N LEU E 40 0.51 -13.09 -18.31
CA LEU E 40 1.53 -12.36 -19.05
C LEU E 40 2.87 -13.09 -19.01
N GLN E 41 3.22 -13.67 -17.86
CA GLN E 41 4.45 -14.45 -17.72
C GLN E 41 4.36 -15.75 -18.52
N ALA E 42 3.16 -16.35 -18.57
CA ALA E 42 2.95 -17.56 -19.36
C ALA E 42 3.03 -17.28 -20.86
N ARG E 43 2.54 -16.11 -21.30
CA ARG E 43 2.62 -15.72 -22.71
C ARG E 43 4.05 -15.39 -23.11
N VAL E 44 4.81 -14.71 -22.23
CA VAL E 44 6.21 -14.37 -22.50
C VAL E 44 7.07 -15.63 -22.53
N LEU E 45 6.78 -16.60 -21.64
CA LEU E 45 7.49 -17.86 -21.60
C LEU E 45 7.18 -18.74 -22.82
N ALA E 46 5.92 -18.70 -23.29
CA ALA E 46 5.54 -19.47 -24.47
C ALA E 46 6.14 -18.88 -25.75
N VAL E 47 6.22 -17.54 -25.82
CA VAL E 47 6.84 -16.87 -26.98
C VAL E 47 8.34 -17.12 -27.01
N GLU E 48 9.01 -17.08 -25.84
CA GLU E 48 10.46 -17.30 -25.85
C GLU E 48 10.83 -18.77 -26.03
N ARG E 49 9.95 -19.71 -25.62
CA ARG E 49 10.19 -21.13 -25.88
C ARG E 49 9.99 -21.47 -27.34
N TYR E 50 8.93 -20.90 -27.95
CA TYR E 50 8.67 -21.11 -29.37
C TYR E 50 9.73 -20.44 -30.23
N LEU E 51 10.27 -19.31 -29.78
CA LEU E 51 11.32 -18.65 -30.55
C LEU E 51 12.67 -19.33 -30.40
N ARG E 52 12.93 -19.96 -29.25
CA ARG E 52 14.15 -20.76 -29.11
C ARG E 52 14.09 -22.01 -29.98
N ASP E 53 12.92 -22.66 -30.04
CA ASP E 53 12.77 -23.84 -30.91
C ASP E 53 12.77 -23.45 -32.39
N GLN E 54 12.20 -22.28 -32.72
CA GLN E 54 12.17 -21.81 -34.10
C GLN E 54 13.55 -21.34 -34.56
N GLN E 55 14.34 -20.75 -33.67
CA GLN E 55 15.71 -20.37 -34.02
C GLN E 55 16.61 -21.60 -34.16
N LEU E 56 16.38 -22.62 -33.31
CA LEU E 56 17.13 -23.87 -33.42
C LEU E 56 16.76 -24.62 -34.70
N LEU E 57 15.51 -24.53 -35.14
CA LEU E 57 15.15 -25.07 -36.44
C LEU E 57 15.66 -24.22 -37.60
N GLY E 58 15.69 -22.90 -37.45
CA GLY E 58 16.01 -22.01 -38.54
C GLY E 58 17.47 -21.88 -38.88
N ILE E 59 18.37 -21.96 -37.90
CA ILE E 59 19.79 -21.75 -38.20
C ILE E 59 20.49 -23.00 -38.74
N TRP E 60 19.79 -24.12 -38.91
CA TRP E 60 20.34 -25.28 -39.59
C TRP E 60 19.92 -25.35 -41.05
N GLY E 61 19.34 -24.28 -41.59
CA GLY E 61 18.87 -24.31 -42.96
C GLY E 61 17.58 -25.08 -43.15
N CYS E 62 16.77 -25.18 -42.11
CA CYS E 62 15.50 -25.91 -42.15
C CYS E 62 14.36 -25.02 -41.66
N SER E 63 14.40 -23.73 -42.01
CA SER E 63 13.41 -22.79 -41.51
C SER E 63 12.08 -22.93 -42.25
N GLY E 64 12.12 -22.92 -43.59
CA GLY E 64 10.91 -23.01 -44.38
C GLY E 64 10.27 -24.37 -44.43
N LYS E 65 11.02 -25.42 -44.09
CA LYS E 65 10.50 -26.78 -44.06
C LYS E 65 10.09 -27.15 -42.64
N LEU E 66 9.06 -27.99 -42.55
CA LEU E 66 8.68 -28.60 -41.27
C LEU E 66 9.48 -29.88 -41.05
N ILE E 67 9.60 -30.69 -42.10
CA ILE E 67 10.48 -31.85 -42.12
C ILE E 67 11.65 -31.52 -43.03
N CYS E 68 12.86 -31.54 -42.47
CA CYS E 68 14.05 -31.19 -43.22
C CYS E 68 15.18 -32.12 -42.81
N CYS E 69 16.19 -32.23 -43.67
CA CYS E 69 17.35 -33.03 -43.31
C CYS E 69 18.59 -32.48 -44.01
N THR E 70 19.74 -32.83 -43.44
CA THR E 70 21.03 -32.26 -43.81
C THR E 70 22.00 -33.40 -44.11
N ASN E 71 23.28 -33.07 -44.26
CA ASN E 71 24.28 -34.07 -44.62
C ASN E 71 25.33 -34.27 -43.54
N VAL E 72 24.90 -34.41 -42.29
CA VAL E 72 25.80 -34.70 -41.16
C VAL E 72 25.79 -36.22 -40.95
N PRO E 73 26.95 -36.87 -40.87
CA PRO E 73 26.96 -38.34 -40.70
C PRO E 73 26.60 -38.76 -39.29
N TRP E 74 26.26 -40.04 -39.17
CA TRP E 74 25.80 -40.63 -37.92
C TRP E 74 26.93 -41.43 -37.30
N ASN E 75 27.30 -41.09 -36.06
CA ASN E 75 28.34 -41.82 -35.35
C ASN E 75 27.82 -43.16 -34.85
N SER E 76 28.73 -44.13 -34.76
CA SER E 76 28.33 -45.47 -34.35
C SER E 76 28.10 -45.57 -32.84
N SER E 77 28.66 -44.63 -32.07
CA SER E 77 28.49 -44.65 -30.62
C SER E 77 27.15 -44.07 -30.18
N TRP E 78 26.42 -43.40 -31.07
CA TRP E 78 25.15 -42.80 -30.70
C TRP E 78 24.05 -43.85 -30.61
N SER E 79 23.75 -44.51 -31.72
CA SER E 79 22.69 -45.52 -31.76
C SER E 79 22.99 -46.50 -32.88
N ASN E 80 22.80 -47.79 -32.58
CA ASN E 80 22.97 -48.86 -33.57
C ASN E 80 21.76 -49.79 -33.46
N ARG E 81 20.70 -49.46 -34.20
CA ARG E 81 19.49 -50.25 -34.24
C ARG E 81 19.05 -50.41 -35.68
N ASN E 82 18.13 -51.36 -35.90
CA ASN E 82 17.59 -51.57 -37.24
C ASN E 82 16.61 -50.45 -37.58
N LEU E 83 16.56 -50.12 -38.88
CA LEU E 83 15.75 -48.99 -39.34
C LEU E 83 14.26 -49.30 -39.31
N SER E 84 13.90 -50.58 -39.46
CA SER E 84 12.51 -50.98 -39.34
C SER E 84 12.05 -50.96 -37.89
N GLU E 85 12.99 -51.13 -36.95
CA GLU E 85 12.65 -50.95 -35.55
C GLU E 85 12.68 -49.48 -35.15
N ILE E 86 13.40 -48.64 -35.89
CA ILE E 86 13.46 -47.22 -35.58
C ILE E 86 12.18 -46.53 -36.05
N TRP E 87 11.79 -46.76 -37.31
CA TRP E 87 10.65 -46.03 -37.86
C TRP E 87 9.32 -46.76 -37.72
N ASP E 88 9.33 -48.02 -37.32
CA ASP E 88 8.10 -48.75 -37.04
C ASP E 88 8.25 -49.49 -35.73
N ASN E 89 7.09 -49.76 -35.09
CA ASN E 89 6.94 -50.43 -33.78
C ASN E 89 7.71 -49.72 -32.66
N MET E 90 7.77 -48.38 -32.70
CA MET E 90 8.49 -47.61 -31.71
C MET E 90 7.87 -46.23 -31.60
N THR E 91 7.76 -45.73 -30.37
CA THR E 91 7.21 -44.42 -30.10
C THR E 91 8.36 -43.42 -30.04
N TRP E 92 8.04 -42.14 -30.29
CA TRP E 92 9.03 -41.06 -30.25
C TRP E 92 9.58 -40.80 -28.85
N LEU E 93 8.82 -41.17 -27.81
CA LEU E 93 9.15 -40.84 -26.41
C LEU E 93 10.37 -41.60 -25.93
N GLN E 94 10.38 -42.93 -26.12
CA GLN E 94 11.50 -43.74 -25.65
C GLN E 94 12.74 -43.56 -26.52
N TRP E 95 12.54 -43.20 -27.79
CA TRP E 95 13.66 -42.90 -28.67
C TRP E 95 14.33 -41.59 -28.29
N ASP E 96 13.54 -40.57 -27.95
CA ASP E 96 14.09 -39.29 -27.49
C ASP E 96 14.71 -39.42 -26.11
N LYS E 97 14.14 -40.25 -25.24
CA LYS E 97 14.74 -40.52 -23.94
C LYS E 97 16.00 -41.38 -24.06
N GLU E 98 16.14 -42.15 -25.13
CA GLU E 98 17.37 -42.89 -25.40
C GLU E 98 18.47 -42.00 -25.96
N ILE E 99 18.14 -41.05 -26.83
CA ILE E 99 19.17 -40.23 -27.48
C ILE E 99 19.35 -38.87 -26.83
N SER E 100 18.63 -38.57 -25.73
CA SER E 100 18.67 -37.26 -25.11
C SER E 100 19.99 -36.98 -24.37
N ASN E 101 20.77 -38.01 -24.07
CA ASN E 101 22.10 -37.79 -23.54
C ASN E 101 23.14 -37.49 -24.64
N TYR E 102 22.76 -37.63 -25.91
CA TYR E 102 23.63 -37.31 -27.03
C TYR E 102 23.13 -36.15 -27.88
N THR E 103 21.90 -35.67 -27.65
CA THR E 103 21.26 -34.65 -28.48
C THR E 103 21.98 -33.30 -28.49
N GLN E 104 22.67 -32.96 -27.39
CA GLN E 104 23.35 -31.66 -27.32
C GLN E 104 24.60 -31.64 -28.20
N ILE E 105 25.37 -32.72 -28.19
CA ILE E 105 26.54 -32.79 -29.07
C ILE E 105 26.11 -33.09 -30.51
N ILE E 106 24.92 -33.69 -30.70
CA ILE E 106 24.35 -33.87 -32.04
C ILE E 106 23.96 -32.52 -32.63
N TYR E 107 23.35 -31.65 -31.81
CA TYR E 107 22.94 -30.32 -32.26
C TYR E 107 24.15 -29.42 -32.49
N GLY E 108 25.18 -29.57 -31.66
CA GLY E 108 26.39 -28.76 -31.83
C GLY E 108 27.21 -29.15 -33.05
N LEU E 109 27.36 -30.46 -33.28
CA LEU E 109 28.09 -30.95 -34.45
C LEU E 109 27.31 -30.69 -35.73
N LEU E 110 25.98 -30.81 -35.68
CA LEU E 110 25.11 -30.47 -36.80
C LEU E 110 25.16 -28.99 -37.14
N GLU E 111 25.18 -28.15 -36.10
CA GLU E 111 25.17 -26.70 -36.28
C GLU E 111 26.49 -26.18 -36.86
N GLU E 112 27.61 -26.67 -36.30
CA GLU E 112 28.93 -26.25 -36.77
C GLU E 112 29.25 -26.82 -38.15
N SER E 113 28.84 -28.08 -38.40
CA SER E 113 29.09 -28.71 -39.70
C SER E 113 28.23 -28.11 -40.79
N GLN E 114 26.99 -27.73 -40.45
CA GLN E 114 26.11 -27.14 -41.45
C GLN E 114 26.52 -25.71 -41.80
N ASN E 115 26.99 -24.94 -40.81
CA ASN E 115 27.47 -23.59 -41.11
C ASN E 115 28.80 -23.62 -41.88
N GLN E 116 29.69 -24.55 -41.54
CA GLN E 116 30.98 -24.65 -42.21
C GLN E 116 30.84 -25.17 -43.64
N GLN E 117 29.99 -26.18 -43.85
CA GLN E 117 29.80 -26.70 -45.19
C GLN E 117 28.94 -25.76 -46.05
N GLU E 118 28.02 -25.00 -45.43
CA GLU E 118 27.22 -24.05 -46.20
C GLU E 118 28.06 -22.84 -46.61
N LYS E 119 28.98 -22.41 -45.75
CA LYS E 119 29.93 -21.37 -46.16
C LYS E 119 30.96 -21.90 -47.14
N ASN E 120 31.22 -23.21 -47.13
CA ASN E 120 32.12 -23.80 -48.12
C ASN E 120 31.48 -23.89 -49.50
N GLU E 121 30.19 -24.24 -49.58
CA GLU E 121 29.60 -24.50 -50.89
C GLU E 121 28.59 -23.45 -51.35
N GLN E 122 28.35 -22.38 -50.60
CA GLN E 122 27.42 -21.36 -51.03
C GLN E 122 28.09 -20.10 -51.55
N ASP E 123 28.95 -19.48 -50.73
CA ASP E 123 29.59 -18.24 -51.14
C ASP E 123 30.78 -18.46 -52.05
N LEU E 124 31.38 -19.66 -52.02
CA LEU E 124 32.55 -19.94 -52.84
C LEU E 124 32.18 -20.48 -54.21
N LEU E 125 31.18 -21.36 -54.27
CA LEU E 125 30.81 -21.96 -55.55
C LEU E 125 29.97 -21.02 -56.42
N ALA E 126 29.29 -20.05 -55.82
CA ALA E 126 28.54 -19.04 -56.55
C ALA E 126 29.31 -17.73 -56.69
N LEU E 127 30.62 -17.74 -56.44
CA LEU E 127 31.42 -16.53 -56.56
C LEU E 127 31.84 -16.28 -58.01
N ASP E 128 31.96 -17.34 -58.81
CA ASP E 128 32.38 -17.20 -60.20
C ASP E 128 31.18 -17.23 -61.14
N LEU F 5 1.59 3.26 -44.58
CA LEU F 5 1.26 1.85 -44.68
C LEU F 5 0.84 1.47 -46.10
N GLY F 6 -0.10 2.22 -46.65
CA GLY F 6 -0.60 1.97 -48.00
C GLY F 6 -2.03 2.44 -48.15
N ALA F 7 -2.61 2.22 -49.32
CA ALA F 7 -3.99 2.63 -49.56
C ALA F 7 -4.92 1.46 -49.84
N ALA F 8 -5.97 1.35 -49.04
CA ALA F 8 -6.98 0.31 -49.18
C ALA F 8 -7.74 0.44 -50.49
N GLY F 9 -8.01 1.68 -50.87
CA GLY F 9 -8.77 2.00 -52.06
C GLY F 9 -8.15 1.54 -53.38
N SER F 10 -6.84 1.64 -53.50
CA SER F 10 -6.18 1.24 -54.73
C SER F 10 -6.42 -0.24 -55.01
N THR F 11 -6.65 -0.56 -56.28
CA THR F 11 -6.92 -1.93 -56.70
C THR F 11 -5.81 -2.92 -56.40
N MET F 12 -6.20 -4.17 -56.19
CA MET F 12 -5.26 -5.25 -55.89
C MET F 12 -3.94 -5.14 -56.64
N GLY F 13 -3.95 -4.75 -57.91
CA GLY F 13 -2.66 -4.66 -58.58
C GLY F 13 -1.92 -3.38 -58.27
N ALA F 14 -2.65 -2.31 -57.95
CA ALA F 14 -2.01 -1.08 -57.51
C ALA F 14 -1.50 -1.18 -56.08
N ALA F 15 -2.07 -2.06 -55.26
CA ALA F 15 -1.60 -2.29 -53.92
C ALA F 15 -0.65 -3.47 -53.80
N SER F 16 -0.43 -4.22 -54.89
CA SER F 16 0.46 -5.38 -54.85
C SER F 16 1.92 -4.98 -54.75
N MET F 17 2.28 -3.79 -55.24
CA MET F 17 3.66 -3.35 -55.17
C MET F 17 4.04 -2.81 -53.79
N THR F 18 3.05 -2.46 -52.96
CA THR F 18 3.30 -1.87 -51.65
C THR F 18 2.84 -2.77 -50.51
N LEU F 19 2.90 -4.09 -50.71
CA LEU F 19 2.58 -5.04 -49.65
C LEU F 19 3.70 -5.23 -48.65
N THR F 20 4.88 -4.66 -48.91
CA THR F 20 6.05 -5.02 -48.11
C THR F 20 6.35 -3.99 -47.02
N VAL F 21 5.67 -2.85 -47.03
CA VAL F 21 5.81 -1.90 -45.93
C VAL F 21 4.91 -2.24 -44.76
N GLN F 22 3.90 -3.09 -44.99
CA GLN F 22 2.99 -3.57 -43.95
C GLN F 22 3.69 -4.44 -42.92
N ALA F 23 4.65 -5.27 -43.35
CA ALA F 23 5.44 -6.09 -42.44
C ALA F 23 6.41 -5.27 -41.61
N ARG F 24 6.92 -4.16 -42.17
CA ARG F 24 7.76 -3.25 -41.39
C ARG F 24 6.92 -2.49 -40.36
N ASN F 25 5.70 -2.10 -40.75
CA ASN F 25 4.82 -1.39 -39.83
C ASN F 25 3.90 -2.32 -39.03
N LEU F 26 4.29 -3.57 -38.81
CA LEU F 26 3.50 -4.49 -38.01
C LEU F 26 4.18 -4.79 -36.67
N LEU F 27 5.50 -4.71 -36.63
CA LEU F 27 6.24 -5.10 -35.44
C LEU F 27 6.82 -3.90 -34.69
N SER F 28 7.54 -3.03 -35.39
CA SER F 28 8.12 -1.85 -34.76
C SER F 28 7.86 -0.61 -35.59
N LEU F 29 13.56 5.60 -14.03
CA LEU F 29 12.12 5.78 -13.84
C LEU F 29 11.47 4.52 -13.32
N LEU F 30 10.43 4.68 -12.50
CA LEU F 30 9.71 3.53 -11.98
C LEU F 30 8.80 2.93 -13.04
N LYS F 31 8.58 1.61 -12.93
CA LYS F 31 7.75 0.89 -13.87
C LYS F 31 6.44 0.40 -13.26
N LEU F 32 6.05 0.95 -12.10
CA LEU F 32 4.82 0.53 -11.44
C LEU F 32 3.62 1.37 -11.84
N THR F 33 3.76 2.27 -12.81
CA THR F 33 2.67 3.13 -13.21
C THR F 33 1.76 2.42 -14.22
N VAL F 34 0.79 3.17 -14.74
CA VAL F 34 -0.20 2.58 -15.64
C VAL F 34 0.37 2.42 -17.05
N TRP F 35 1.15 3.43 -17.49
CA TRP F 35 1.60 3.49 -18.89
C TRP F 35 2.68 2.46 -19.18
N GLY F 36 3.44 2.06 -18.16
CA GLY F 36 4.46 1.03 -18.35
C GLY F 36 3.88 -0.35 -18.58
N ILE F 37 2.87 -0.71 -17.77
CA ILE F 37 2.20 -2.00 -17.92
C ILE F 37 1.34 -2.00 -19.19
N LYS F 38 0.80 -0.84 -19.58
CA LYS F 38 0.01 -0.78 -20.81
C LYS F 38 0.89 -0.86 -22.06
N GLN F 39 2.07 -0.22 -22.04
CA GLN F 39 3.01 -0.31 -23.15
C GLN F 39 3.63 -1.71 -23.24
N LEU F 40 3.83 -2.36 -22.09
CA LEU F 40 4.36 -3.71 -22.06
C LEU F 40 3.34 -4.74 -22.55
N GLN F 41 2.06 -4.55 -22.18
CA GLN F 41 0.99 -5.42 -22.67
C GLN F 41 0.75 -5.23 -24.16
N ALA F 42 0.91 -3.98 -24.63
CA ALA F 42 0.77 -3.70 -26.07
C ALA F 42 1.93 -4.28 -26.87
N ARG F 43 3.15 -4.26 -26.31
CA ARG F 43 4.30 -4.86 -26.98
C ARG F 43 4.21 -6.39 -27.01
N VAL F 44 3.73 -6.99 -25.93
CA VAL F 44 3.58 -8.45 -25.85
C VAL F 44 2.46 -8.91 -26.79
N LEU F 45 1.38 -8.13 -26.89
CA LEU F 45 0.27 -8.43 -27.79
C LEU F 45 0.67 -8.28 -29.26
N ALA F 46 1.48 -7.26 -29.57
CA ALA F 46 1.95 -7.06 -30.94
C ALA F 46 2.95 -8.13 -31.37
N VAL F 47 3.80 -8.57 -30.42
CA VAL F 47 4.76 -9.64 -30.71
C VAL F 47 4.04 -10.98 -30.92
N GLU F 48 3.04 -11.29 -30.08
CA GLU F 48 2.35 -12.57 -30.23
C GLU F 48 1.40 -12.57 -31.44
N ARG F 49 0.89 -11.41 -31.85
CA ARG F 49 0.08 -11.35 -33.07
C ARG F 49 0.94 -11.47 -34.32
N TYR F 50 2.12 -10.83 -34.31
CA TYR F 50 3.05 -10.94 -35.43
C TYR F 50 3.62 -12.35 -35.53
N LEU F 51 3.81 -13.02 -34.39
CA LEU F 51 4.32 -14.40 -34.45
C LEU F 51 3.25 -15.39 -34.85
N ARG F 52 1.98 -15.10 -34.52
CA ARG F 52 0.90 -15.96 -34.99
C ARG F 52 0.71 -15.83 -36.51
N ASP F 53 0.80 -14.60 -37.03
CA ASP F 53 0.71 -14.41 -38.48
C ASP F 53 1.95 -14.93 -39.21
N GLN F 54 3.12 -14.83 -38.59
CA GLN F 54 4.35 -15.34 -39.18
C GLN F 54 4.41 -16.86 -39.15
N GLN F 55 3.86 -17.49 -38.11
CA GLN F 55 3.78 -18.95 -38.06
C GLN F 55 2.75 -19.48 -39.05
N LEU F 56 1.63 -18.75 -39.21
CA LEU F 56 0.62 -19.13 -40.19
C LEU F 56 1.12 -18.97 -41.61
N LEU F 57 1.98 -17.98 -41.86
CA LEU F 57 2.64 -17.89 -43.16
C LEU F 57 3.74 -18.93 -43.33
N GLY F 58 4.45 -19.29 -42.26
CA GLY F 58 5.59 -20.16 -42.36
C GLY F 58 5.31 -21.64 -42.47
N ILE F 59 4.18 -22.11 -41.95
CA ILE F 59 3.93 -23.56 -41.99
C ILE F 59 3.22 -24.00 -43.26
N TRP F 60 3.05 -23.09 -44.23
CA TRP F 60 2.57 -23.46 -45.56
C TRP F 60 3.70 -23.48 -46.59
N GLY F 61 4.95 -23.44 -46.14
CA GLY F 61 6.07 -23.41 -47.07
C GLY F 61 6.26 -22.09 -47.76
N CYS F 62 5.77 -21.00 -47.17
CA CYS F 62 5.87 -19.66 -47.73
C CYS F 62 6.51 -18.72 -46.72
N SER F 63 7.53 -19.21 -46.01
CA SER F 63 8.18 -18.41 -44.97
C SER F 63 9.13 -17.38 -45.57
N GLY F 64 9.96 -17.81 -46.53
CA GLY F 64 10.91 -16.89 -47.16
C GLY F 64 10.30 -15.94 -48.15
N LYS F 65 9.10 -16.23 -48.64
CA LYS F 65 8.41 -15.37 -49.61
C LYS F 65 7.39 -14.50 -48.89
N LEU F 66 7.17 -13.32 -49.47
CA LEU F 66 6.06 -12.46 -49.05
C LEU F 66 4.82 -12.75 -49.88
N ILE F 67 4.99 -12.91 -51.19
CA ILE F 67 3.94 -13.38 -52.07
C ILE F 67 4.26 -14.81 -52.45
N CYS F 68 3.37 -15.75 -52.12
CA CYS F 68 3.60 -17.16 -52.35
C CYS F 68 2.30 -17.79 -52.83
N CYS F 69 2.45 -18.94 -53.50
CA CYS F 69 1.29 -19.69 -53.96
C CYS F 69 1.63 -21.17 -53.99
N THR F 70 0.58 -21.99 -53.78
CA THR F 70 0.72 -23.43 -53.55
C THR F 70 -0.05 -24.23 -54.59
N ASN F 71 -0.21 -25.53 -54.35
CA ASN F 71 -0.85 -26.45 -55.28
C ASN F 71 -2.16 -27.00 -54.71
N VAL F 72 -2.98 -26.15 -54.14
CA VAL F 72 -4.27 -26.54 -53.56
C VAL F 72 -5.37 -25.99 -54.46
N PRO F 73 -6.33 -26.81 -54.90
CA PRO F 73 -7.35 -26.33 -55.84
C PRO F 73 -8.41 -25.48 -55.17
N TRP F 74 -9.27 -24.90 -56.00
CA TRP F 74 -10.33 -24.00 -55.56
C TRP F 74 -11.69 -24.64 -55.81
N ASN F 75 -12.41 -24.92 -54.73
CA ASN F 75 -13.75 -25.47 -54.80
C ASN F 75 -14.74 -24.43 -55.32
N SER F 76 -15.80 -24.90 -55.98
CA SER F 76 -16.76 -23.99 -56.60
C SER F 76 -17.73 -23.40 -55.57
N SER F 77 -17.83 -24.01 -54.39
CA SER F 77 -18.75 -23.52 -53.37
C SER F 77 -18.21 -22.30 -52.62
N TRP F 78 -16.91 -22.02 -52.72
CA TRP F 78 -16.33 -20.90 -52.00
C TRP F 78 -16.66 -19.57 -52.69
N SER F 79 -16.20 -19.42 -53.93
CA SER F 79 -16.45 -18.19 -54.69
C SER F 79 -16.41 -18.52 -56.17
N ASN F 80 -17.26 -17.85 -56.95
CA ASN F 80 -17.30 -18.01 -58.40
C ASN F 80 -17.47 -16.62 -59.02
N ARG F 81 -16.35 -15.97 -59.31
CA ARG F 81 -16.35 -14.66 -59.95
C ARG F 81 -15.26 -14.63 -61.00
N ASN F 82 -15.36 -13.65 -61.90
CA ASN F 82 -14.37 -13.49 -62.95
C ASN F 82 -13.07 -12.91 -62.39
N LEU F 83 -11.95 -13.27 -63.04
CA LEU F 83 -10.63 -12.89 -62.53
C LEU F 83 -10.35 -11.40 -62.74
N SER F 84 -10.93 -10.81 -63.78
CA SER F 84 -10.78 -9.37 -63.99
C SER F 84 -11.62 -8.58 -63.01
N GLU F 85 -12.70 -9.19 -62.50
CA GLU F 85 -13.46 -8.56 -61.42
C GLU F 85 -12.77 -8.75 -60.07
N ILE F 86 -11.99 -9.83 -59.92
CA ILE F 86 -11.32 -10.08 -58.65
C ILE F 86 -10.10 -9.19 -58.51
N TRP F 87 -9.22 -9.17 -59.51
CA TRP F 87 -7.96 -8.46 -59.38
C TRP F 87 -7.99 -7.03 -59.87
N ASP F 88 -9.09 -6.59 -60.48
CA ASP F 88 -9.27 -5.20 -60.87
C ASP F 88 -10.68 -4.76 -60.50
N ASN F 89 -10.82 -3.45 -60.27
CA ASN F 89 -12.05 -2.75 -59.85
C ASN F 89 -12.64 -3.32 -58.56
N MET F 90 -11.77 -3.74 -57.64
CA MET F 90 -12.20 -4.36 -56.40
C MET F 90 -11.15 -4.11 -55.33
N THR F 91 -11.60 -3.79 -54.12
CA THR F 91 -10.73 -3.54 -52.99
C THR F 91 -10.58 -4.84 -52.22
N TRP F 92 -9.48 -4.96 -51.46
CA TRP F 92 -9.21 -6.15 -50.63
C TRP F 92 -10.20 -6.32 -49.48
N LEU F 93 -10.84 -5.22 -49.05
CA LEU F 93 -11.67 -5.19 -47.85
C LEU F 93 -12.96 -5.99 -48.02
N GLN F 94 -13.70 -5.72 -49.10
CA GLN F 94 -14.96 -6.40 -49.33
C GLN F 94 -14.75 -7.84 -49.78
N TRP F 95 -13.61 -8.12 -50.42
CA TRP F 95 -13.27 -9.48 -50.79
C TRP F 95 -12.92 -10.34 -49.57
N ASP F 96 -12.18 -9.75 -48.61
CA ASP F 96 -11.87 -10.45 -47.37
C ASP F 96 -13.10 -10.59 -46.48
N LYS F 97 -14.00 -9.61 -46.50
CA LYS F 97 -15.26 -9.72 -45.78
C LYS F 97 -16.22 -10.72 -46.44
N GLU F 98 -16.06 -10.96 -47.74
CA GLU F 98 -16.83 -11.99 -48.42
C GLU F 98 -16.30 -13.39 -48.15
N ILE F 99 -14.97 -13.58 -48.08
CA ILE F 99 -14.41 -14.92 -47.92
C ILE F 99 -14.02 -15.25 -46.48
N SER F 100 -14.26 -14.34 -45.52
CA SER F 100 -13.85 -14.58 -44.13
C SER F 100 -14.72 -15.62 -43.43
N ASN F 101 -15.89 -15.94 -43.96
CA ASN F 101 -16.65 -17.07 -43.45
C ASN F 101 -16.15 -18.42 -43.96
N TYR F 102 -15.23 -18.43 -44.92
CA TYR F 102 -14.63 -19.65 -45.42
C TYR F 102 -13.13 -19.78 -45.16
N THR F 103 -12.47 -18.69 -44.70
CA THR F 103 -11.01 -18.65 -44.55
C THR F 103 -10.43 -19.66 -43.56
N GLN F 104 -11.22 -20.10 -42.58
CA GLN F 104 -10.73 -21.09 -41.61
C GLN F 104 -10.61 -22.48 -42.25
N ILE F 105 -11.57 -22.85 -43.07
CA ILE F 105 -11.46 -24.14 -43.77
C ILE F 105 -10.50 -24.02 -44.96
N ILE F 106 -10.30 -22.80 -45.47
CA ILE F 106 -9.22 -22.52 -46.43
C ILE F 106 -7.85 -22.79 -45.82
N TYR F 107 -7.64 -22.29 -44.59
CA TYR F 107 -6.34 -22.42 -43.93
C TYR F 107 -6.11 -23.85 -43.47
N GLY F 108 -7.18 -24.54 -43.05
CA GLY F 108 -7.06 -25.93 -42.63
C GLY F 108 -6.79 -26.89 -43.77
N LEU F 109 -7.52 -26.73 -44.89
CA LEU F 109 -7.31 -27.58 -46.06
C LEU F 109 -5.98 -27.28 -46.74
N LEU F 110 -5.58 -26.00 -46.74
CA LEU F 110 -4.29 -25.59 -47.28
C LEU F 110 -3.14 -26.13 -46.46
N GLU F 111 -3.27 -26.11 -45.13
CA GLU F 111 -2.22 -26.59 -44.23
C GLU F 111 -2.07 -28.10 -44.30
N GLU F 112 -3.20 -28.83 -44.34
CA GLU F 112 -3.16 -30.29 -44.36
C GLU F 112 -2.70 -30.81 -45.71
N SER F 113 -3.19 -30.20 -46.80
CA SER F 113 -2.78 -30.61 -48.14
C SER F 113 -1.34 -30.24 -48.44
N GLN F 114 -0.88 -29.08 -47.94
CA GLN F 114 0.49 -28.65 -48.15
C GLN F 114 1.48 -29.50 -47.37
N ASN F 115 1.12 -29.89 -46.13
CA ASN F 115 1.99 -30.74 -45.33
C ASN F 115 2.05 -32.17 -45.88
N GLN F 116 0.91 -32.72 -46.29
CA GLN F 116 0.87 -34.09 -46.79
C GLN F 116 1.53 -34.23 -48.16
N GLN F 117 1.26 -33.27 -49.07
CA GLN F 117 1.90 -33.32 -50.37
C GLN F 117 3.36 -32.92 -50.31
N GLU F 118 3.75 -32.06 -49.34
CA GLU F 118 5.15 -31.67 -49.20
C GLU F 118 5.97 -32.80 -48.63
N LYS F 119 5.40 -33.58 -47.69
CA LYS F 119 6.06 -34.80 -47.23
C LYS F 119 6.14 -35.85 -48.32
N ASN F 120 5.09 -35.96 -49.14
CA ASN F 120 5.03 -36.99 -50.19
C ASN F 120 6.00 -36.70 -51.33
N GLU F 121 6.26 -35.43 -51.64
CA GLU F 121 7.24 -35.12 -52.67
C GLU F 121 8.60 -34.71 -52.11
N GLN F 122 8.77 -34.68 -50.79
CA GLN F 122 10.06 -34.35 -50.20
C GLN F 122 10.76 -35.55 -49.57
N ASP F 123 10.09 -36.29 -48.68
CA ASP F 123 10.78 -37.34 -47.95
C ASP F 123 10.81 -38.66 -48.71
N LEU F 124 9.96 -38.82 -49.71
CA LEU F 124 9.89 -40.07 -50.47
C LEU F 124 10.51 -39.95 -51.86
N LEU F 125 10.33 -38.81 -52.52
CA LEU F 125 10.90 -38.63 -53.86
C LEU F 125 12.40 -38.35 -53.83
N ALA F 126 12.90 -37.79 -52.74
CA ALA F 126 14.34 -37.58 -52.55
C ALA F 126 14.97 -38.64 -51.67
N LEU F 127 14.25 -39.75 -51.40
CA LEU F 127 14.80 -40.82 -50.59
C LEU F 127 15.77 -41.69 -51.40
N ASP F 128 15.52 -41.86 -52.69
CA ASP F 128 16.37 -42.68 -53.53
C ASP F 128 17.50 -41.87 -54.16
N GLN G 1 59.25 1.21 57.99
CA GLN G 1 58.05 0.99 58.78
C GLN G 1 57.28 2.30 58.84
N VAL G 2 55.97 2.21 58.60
CA VAL G 2 55.10 3.38 58.64
C VAL G 2 54.57 3.45 60.06
N GLN G 3 55.06 4.42 60.83
CA GLN G 3 54.60 4.65 62.18
C GLN G 3 53.43 5.63 62.16
N LEU G 4 52.38 5.31 62.92
CA LEU G 4 51.17 6.12 62.96
C LEU G 4 50.70 6.21 64.41
N GLN G 5 51.08 7.31 65.07
CA GLN G 5 50.63 7.58 66.44
C GLN G 5 49.36 8.43 66.40
N GLU G 6 48.48 8.20 67.36
CA GLU G 6 47.18 8.88 67.40
C GLU G 6 47.09 9.68 68.69
N SER G 7 47.41 10.97 68.60
CA SER G 7 47.30 11.88 69.74
C SER G 7 45.98 12.67 69.63
N GLY G 8 44.89 11.93 69.72
CA GLY G 8 43.57 12.52 69.66
C GLY G 8 43.16 13.11 71.00
N PRO G 9 42.16 13.99 71.00
CA PRO G 9 41.71 14.58 72.27
C PRO G 9 40.85 13.65 73.11
N GLY G 10 40.12 12.74 72.48
CA GLY G 10 39.28 11.80 73.22
C GLY G 10 37.92 12.30 73.66
N LEU G 11 37.89 13.34 74.49
CA LEU G 11 36.66 13.91 75.01
C LEU G 11 36.43 15.26 74.34
N VAL G 12 35.43 15.33 73.46
CA VAL G 12 35.08 16.55 72.75
C VAL G 12 33.71 17.03 73.20
N LYS G 13 33.38 18.27 72.87
CA LYS G 13 32.15 18.97 73.16
C LYS G 13 31.47 19.39 71.87
N PRO G 14 30.16 19.70 71.90
CA PRO G 14 29.54 20.34 70.72
C PRO G 14 30.07 21.74 70.49
N SER G 15 30.01 22.15 69.21
CA SER G 15 30.60 23.38 68.65
C SER G 15 32.10 23.49 68.96
N GLU G 16 32.81 22.38 68.77
CA GLU G 16 34.24 22.32 68.99
C GLU G 16 34.89 21.52 67.86
N THR G 17 36.11 21.91 67.49
CA THR G 17 36.82 21.26 66.41
C THR G 17 37.53 20.01 66.89
N LEU G 18 38.07 19.25 65.94
CA LEU G 18 38.83 18.05 66.23
C LEU G 18 40.33 18.32 66.11
N SER G 19 41.11 17.52 66.84
CA SER G 19 42.56 17.68 66.84
C SER G 19 43.27 16.33 66.81
N VAL G 20 42.74 15.36 66.05
CA VAL G 20 43.37 14.05 65.97
C VAL G 20 44.54 14.11 64.98
N THR G 21 45.70 13.59 65.40
CA THR G 21 46.94 13.72 64.65
C THR G 21 47.44 12.34 64.22
N CYS G 22 48.21 12.33 63.14
CA CYS G 22 48.98 11.16 62.74
C CYS G 22 50.24 11.63 62.02
N SER G 23 51.40 11.26 62.55
CA SER G 23 52.68 11.66 62.00
C SER G 23 53.44 10.44 61.52
N VAL G 24 53.91 10.49 60.27
CA VAL G 24 54.54 9.36 59.60
C VAL G 24 56.03 9.65 59.44
N SER G 25 56.85 8.71 59.89
CA SER G 25 58.30 8.76 59.69
C SER G 25 58.73 7.57 58.85
N GLY G 26 59.38 7.84 57.72
CA GLY G 26 59.85 6.79 56.85
C GLY G 26 59.58 7.05 55.38
N ASP G 27 59.18 6.01 54.64
CA ASP G 27 58.90 6.12 53.21
C ASP G 27 57.55 6.81 53.01
N SER G 28 57.59 8.15 53.03
CA SER G 28 56.36 8.94 53.06
C SER G 28 56.44 10.16 52.15
N MET G 29 57.05 10.03 50.97
CA MET G 29 57.32 11.24 50.18
C MET G 29 56.11 11.75 49.39
N ASN G 30 55.58 11.00 48.42
CA ASN G 30 54.34 11.40 47.75
C ASN G 30 53.42 10.25 47.37
N ASN G 31 53.88 9.00 47.38
CA ASN G 31 53.15 7.92 46.72
C ASN G 31 52.04 7.36 47.59
N TYR G 32 52.28 7.24 48.89
CA TYR G 32 51.28 6.68 49.80
C TYR G 32 50.20 7.72 50.07
N TYR G 33 49.04 7.53 49.44
CA TYR G 33 47.94 8.50 49.55
C TYR G 33 47.23 8.30 50.88
N TRP G 34 47.37 9.28 51.76
CA TRP G 34 46.82 9.17 53.10
C TRP G 34 45.32 9.43 53.10
N THR G 35 44.62 8.84 54.06
CA THR G 35 43.18 8.98 54.16
C THR G 35 42.76 8.87 55.62
N TRP G 36 41.48 9.10 55.86
CA TRP G 36 40.89 8.99 57.18
C TRP G 36 39.71 8.03 57.14
N ILE G 37 39.69 7.09 58.07
CA ILE G 37 38.66 6.05 58.12
C ILE G 37 38.18 5.92 59.57
N ARG G 38 36.87 5.99 59.76
CA ARG G 38 36.27 5.93 61.09
C ARG G 38 35.37 4.72 61.21
N GLN G 39 35.04 4.37 62.46
CA GLN G 39 34.16 3.23 62.75
C GLN G 39 33.31 3.58 63.97
N SER G 40 32.02 3.74 63.76
CA SER G 40 31.02 4.05 64.78
C SER G 40 30.37 2.75 65.28
N PRO G 41 29.72 2.76 66.44
CA PRO G 41 28.84 1.63 66.79
C PRO G 41 27.59 1.63 65.93
N GLY G 42 27.38 0.54 65.20
CA GLY G 42 26.26 0.38 64.30
C GLY G 42 26.53 0.83 62.87
N LYS G 43 27.01 2.06 62.71
CA LYS G 43 27.42 2.56 61.40
C LYS G 43 28.74 1.93 61.02
N GLY G 44 28.85 1.47 59.77
CA GLY G 44 30.04 0.81 59.31
C GLY G 44 31.22 1.75 59.05
N LEU G 45 32.22 1.21 58.34
CA LEU G 45 33.43 1.97 58.01
C LEU G 45 33.11 2.99 56.93
N GLU G 46 33.14 4.27 57.30
CA GLU G 46 32.82 5.37 56.41
C GLU G 46 34.12 6.02 55.94
N TRP G 47 34.40 5.92 54.65
CA TRP G 47 35.59 6.50 54.05
C TRP G 47 35.33 7.99 53.85
N ILE G 48 35.77 8.80 54.83
CA ILE G 48 35.34 10.19 54.87
C ILE G 48 36.19 11.09 53.98
N GLY G 49 37.33 10.63 53.49
CA GLY G 49 38.10 11.42 52.56
C GLY G 49 39.58 11.09 52.60
N TYR G 50 40.29 11.59 51.60
CA TYR G 50 41.72 11.42 51.42
C TYR G 50 42.34 12.76 51.00
N ILE G 51 43.67 12.78 50.90
CA ILE G 51 44.40 13.97 50.47
C ILE G 51 45.65 13.52 49.72
N SER G 52 45.93 14.20 48.62
CA SER G 52 47.06 13.89 47.75
C SER G 52 47.89 15.15 47.56
N ASP G 53 48.82 15.10 46.60
CA ASP G 53 49.65 16.24 46.25
C ASP G 53 48.94 17.23 45.33
N ARG G 54 47.73 16.92 44.87
CA ARG G 54 46.94 17.85 44.06
C ARG G 54 46.18 18.86 44.90
N GLU G 55 46.17 18.69 46.24
CA GLU G 55 45.48 19.53 47.23
C GLU G 55 43.98 19.62 46.96
N SER G 56 43.38 18.49 46.58
CA SER G 56 41.94 18.40 46.31
C SER G 56 41.40 17.26 47.19
N ALA G 57 41.00 17.60 48.40
CA ALA G 57 40.48 16.62 49.36
C ALA G 57 38.99 16.49 49.14
N THR G 58 38.58 15.46 48.41
CA THR G 58 37.16 15.21 48.20
C THR G 58 36.56 14.56 49.44
N TYR G 59 35.48 15.13 49.93
CA TYR G 59 34.86 14.71 51.17
C TYR G 59 33.64 13.84 50.90
N ASN G 60 33.15 13.22 51.97
CA ASN G 60 31.99 12.33 51.87
C ASN G 60 30.72 13.15 51.76
N PRO G 61 29.77 12.77 50.89
CA PRO G 61 28.50 13.50 50.82
C PRO G 61 27.59 13.26 52.02
N SER G 62 27.76 12.14 52.73
CA SER G 62 27.01 11.92 53.96
C SER G 62 27.63 12.63 55.16
N LEU G 63 28.85 13.16 55.00
CA LEU G 63 29.50 13.95 56.02
C LEU G 63 29.02 15.40 56.04
N ASN G 64 28.29 15.83 55.01
CA ASN G 64 27.68 17.15 54.82
C ASN G 64 28.68 18.31 54.85
N SER G 65 29.92 18.03 54.41
CA SER G 65 31.02 19.00 54.19
C SER G 65 31.38 19.78 55.45
N ARG G 66 31.34 19.11 56.60
CA ARG G 66 31.64 19.74 57.87
C ARG G 66 33.07 19.48 58.33
N VAL G 67 33.92 18.96 57.46
CA VAL G 67 35.29 18.57 57.81
C VAL G 67 36.27 19.25 56.86
N VAL G 68 37.21 20.01 57.43
CA VAL G 68 38.37 20.48 56.69
C VAL G 68 39.55 19.64 57.15
N ILE G 69 40.55 19.50 56.27
CA ILE G 69 41.71 18.66 56.50
C ILE G 69 42.97 19.51 56.36
N SER G 70 44.08 19.01 56.90
CA SER G 70 45.34 19.76 56.91
C SER G 70 46.49 18.76 56.95
N ARG G 71 47.28 18.72 55.87
CA ARG G 71 48.54 17.98 55.82
C ARG G 71 49.66 18.96 55.54
N ASP G 72 50.70 18.93 56.36
CA ASP G 72 51.84 19.83 56.22
C ASP G 72 53.13 19.04 56.29
N THR G 73 54.17 19.58 55.64
CA THR G 73 55.50 18.99 55.69
C THR G 73 56.40 19.66 56.72
N SER G 74 55.96 20.77 57.31
CA SER G 74 56.73 21.41 58.37
C SER G 74 56.61 20.63 59.67
N LYS G 75 55.37 20.34 60.08
CA LYS G 75 55.15 19.50 61.25
C LYS G 75 55.13 18.01 60.91
N ASN G 76 55.14 17.67 59.61
CA ASN G 76 55.29 16.31 59.07
C ASN G 76 54.18 15.37 59.51
N GLN G 77 52.94 15.87 59.50
CA GLN G 77 51.83 15.10 60.03
C GLN G 77 50.55 15.48 59.29
N LEU G 78 49.48 14.75 59.61
CA LEU G 78 48.16 14.93 59.02
C LEU G 78 47.13 15.08 60.13
N SER G 79 46.35 16.15 60.08
CA SER G 79 45.35 16.44 61.09
C SER G 79 43.96 16.50 60.47
N LEU G 80 42.96 16.28 61.32
CA LEU G 80 41.56 16.36 60.94
C LEU G 80 40.86 17.38 61.81
N LYS G 81 39.88 18.08 61.24
CA LYS G 81 39.11 19.09 61.95
C LYS G 81 37.64 18.91 61.60
N LEU G 82 36.88 18.34 62.53
CA LEU G 82 35.45 18.12 62.37
C LEU G 82 34.70 19.14 63.22
N ASN G 83 33.81 19.90 62.60
CA ASN G 83 33.04 20.93 63.28
C ASN G 83 31.57 20.53 63.36
N SER G 84 30.89 21.06 64.39
CA SER G 84 29.46 20.87 64.70
C SER G 84 29.12 19.39 64.90
N VAL G 85 29.69 18.81 65.96
CA VAL G 85 29.61 17.38 66.17
C VAL G 85 28.24 16.98 66.71
N THR G 86 27.88 15.71 66.50
CA THR G 86 26.66 15.03 66.89
C THR G 86 27.00 13.90 67.87
N PRO G 87 26.06 13.53 68.79
CA PRO G 87 26.38 12.46 69.75
C PRO G 87 26.41 11.03 69.20
N ALA G 88 26.13 10.83 67.91
CA ALA G 88 26.31 9.56 67.25
C ALA G 88 27.69 9.43 66.61
N ASP G 89 28.57 10.41 66.82
CA ASP G 89 29.92 10.42 66.25
C ASP G 89 30.97 9.95 67.26
N THR G 90 30.61 9.02 68.14
CA THR G 90 31.56 8.44 69.09
C THR G 90 32.29 7.27 68.41
N ALA G 91 33.23 7.63 67.54
CA ALA G 91 33.86 6.68 66.65
C ALA G 91 35.36 6.58 66.92
N VAL G 92 35.95 5.49 66.44
CA VAL G 92 37.38 5.30 66.47
C VAL G 92 37.96 5.74 65.13
N TYR G 93 38.79 6.77 65.15
CA TYR G 93 39.26 7.45 63.94
C TYR G 93 40.65 6.93 63.60
N TYR G 94 40.72 5.99 62.65
CA TYR G 94 42.00 5.50 62.16
C TYR G 94 42.56 6.44 61.11
N CYS G 95 43.87 6.56 61.08
CA CYS G 95 44.59 7.31 60.05
C CYS G 95 45.41 6.30 59.27
N ALA G 96 44.91 5.90 58.11
CA ALA G 96 45.57 4.92 57.26
C ALA G 96 45.99 5.56 55.95
N THR G 97 46.58 4.75 55.07
CA THR G 97 46.98 5.22 53.75
C THR G 97 46.38 4.31 52.69
N ALA G 98 46.50 4.74 51.44
CA ALA G 98 45.97 3.98 50.31
C ALA G 98 46.87 4.17 49.11
N ARG G 99 46.74 3.26 48.15
CA ARG G 99 47.47 3.33 46.88
C ARG G 99 46.44 3.40 45.76
N ARG G 100 46.37 4.54 45.09
CA ARG G 100 45.41 4.74 44.01
C ARG G 100 45.90 4.05 42.75
N GLY G 101 45.30 2.92 42.44
CA GLY G 101 45.61 2.18 41.21
C GLY G 101 44.43 2.24 40.27
N GLN G 102 44.74 2.24 38.97
CA GLN G 102 43.70 2.30 37.94
C GLN G 102 43.32 0.90 37.49
N ARG G 103 42.14 0.80 36.88
CA ARG G 103 41.65 -0.45 36.30
C ARG G 103 41.21 -0.13 34.87
N ILE G 104 42.03 -0.50 33.90
CA ILE G 104 41.72 -0.22 32.51
C ILE G 104 40.72 -1.25 32.00
N TYR G 105 39.61 -0.77 31.43
CA TYR G 105 38.62 -1.64 30.83
C TYR G 105 38.41 -1.33 29.35
N GLY G 106 39.29 -0.53 28.74
CA GLY G 106 39.13 -0.17 27.34
C GLY G 106 40.27 0.68 26.83
N VAL G 107 39.94 1.72 26.08
CA VAL G 107 40.96 2.60 25.51
C VAL G 107 41.27 3.71 26.51
N VAL G 108 42.56 3.98 26.72
CA VAL G 108 42.95 4.97 27.73
C VAL G 108 42.78 6.39 27.20
N SER G 109 42.70 6.58 25.88
CA SER G 109 42.48 7.91 25.35
C SER G 109 41.01 8.30 25.32
N PHE G 110 40.11 7.35 25.58
CA PHE G 110 38.68 7.61 25.65
C PHE G 110 38.18 7.70 27.08
N GLY G 111 39.08 7.67 28.06
CA GLY G 111 38.69 7.77 29.45
C GLY G 111 38.06 6.52 30.01
N GLU G 112 38.44 5.36 29.50
CA GLU G 112 37.86 4.08 29.94
C GLU G 112 38.70 3.43 31.02
N PHE G 113 38.93 4.16 32.11
CA PHE G 113 39.62 3.62 33.28
C PHE G 113 39.10 4.35 34.51
N PHE G 114 38.92 3.59 35.59
CA PHE G 114 38.46 4.15 36.86
C PHE G 114 39.44 3.77 37.96
N TYR G 115 39.56 4.63 38.95
CA TYR G 115 40.55 4.46 40.01
C TYR G 115 39.91 3.87 41.26
N TYR G 116 40.63 2.98 41.92
CA TYR G 116 40.23 2.42 43.20
C TYR G 116 41.21 2.90 44.27
N TYR G 117 40.93 2.52 45.51
CA TYR G 117 41.76 2.89 46.65
C TYR G 117 41.94 1.67 47.55
N SER G 118 43.12 1.07 47.50
CA SER G 118 43.43 -0.13 48.26
C SER G 118 44.23 0.27 49.50
N MET G 119 43.60 0.16 50.67
CA MET G 119 44.26 0.50 51.92
C MET G 119 45.15 -0.66 52.36
N ASP G 120 46.46 -0.42 52.38
CA ASP G 120 47.43 -1.46 52.70
C ASP G 120 48.06 -1.32 54.09
N VAL G 121 48.44 -0.10 54.49
CA VAL G 121 49.03 0.14 55.80
C VAL G 121 48.01 0.90 56.65
N TRP G 122 47.80 0.42 57.87
CA TRP G 122 46.80 0.98 58.76
C TRP G 122 47.49 1.55 60.02
N GLY G 123 46.69 2.18 60.87
CA GLY G 123 47.18 2.73 62.12
C GLY G 123 46.55 2.10 63.33
N LYS G 124 46.53 2.83 64.45
CA LYS G 124 45.95 2.31 65.68
C LYS G 124 44.51 2.78 65.88
N GLY G 125 44.27 4.09 65.81
CA GLY G 125 42.95 4.65 66.02
C GLY G 125 42.66 4.96 67.47
N THR G 126 42.28 6.21 67.75
CA THR G 126 41.96 6.63 69.10
C THR G 126 40.44 6.73 69.27
N THR G 127 40.00 6.58 70.52
CA THR G 127 38.57 6.54 70.83
C THR G 127 38.10 7.96 71.15
N VAL G 128 37.61 8.66 70.13
CA VAL G 128 37.08 10.00 70.30
C VAL G 128 35.57 9.88 70.48
N THR G 129 35.12 10.02 71.72
CA THR G 129 33.70 9.91 72.05
C THR G 129 33.12 11.30 72.22
N VAL G 130 31.99 11.57 71.55
CA VAL G 130 31.34 12.86 71.64
C VAL G 130 30.58 12.93 72.97
N SER G 131 30.95 13.88 73.82
CA SER G 131 30.28 14.13 75.08
C SER G 131 29.50 15.43 74.97
N SER G 132 28.21 15.38 75.28
CA SER G 132 27.34 16.54 75.19
C SER G 132 27.28 17.34 76.49
N ALA G 133 28.15 17.04 77.45
CA ALA G 133 28.17 17.76 78.72
C ALA G 133 28.95 19.06 78.60
N GLN H 1 -62.78 -37.56 41.59
CA GLN H 1 -62.73 -36.11 41.62
C GLN H 1 -61.52 -35.62 42.41
N VAL H 2 -60.92 -34.53 41.97
CA VAL H 2 -59.76 -33.94 42.66
C VAL H 2 -60.31 -32.88 43.61
N GLN H 3 -60.68 -33.34 44.80
CA GLN H 3 -61.19 -32.45 45.83
C GLN H 3 -60.04 -31.93 46.68
N LEU H 4 -59.97 -30.60 46.84
CA LEU H 4 -58.92 -29.96 47.63
C LEU H 4 -59.57 -29.09 48.69
N GLN H 5 -59.66 -29.61 49.92
CA GLN H 5 -60.19 -28.84 51.04
C GLN H 5 -59.10 -27.98 51.65
N GLU H 6 -59.49 -26.80 52.14
CA GLU H 6 -58.54 -25.82 52.68
C GLU H 6 -58.86 -25.62 54.16
N SER H 7 -58.09 -26.26 55.03
CA SER H 7 -58.22 -26.09 56.47
C SER H 7 -57.20 -25.06 56.99
N GLY H 8 -57.29 -23.85 56.43
CA GLY H 8 -56.41 -22.77 56.81
C GLY H 8 -56.78 -22.16 58.14
N PRO H 9 -55.83 -21.49 58.79
CA PRO H 9 -56.13 -20.89 60.10
C PRO H 9 -56.94 -19.60 60.00
N GLY H 10 -56.83 -18.87 58.90
CA GLY H 10 -57.57 -17.62 58.74
C GLY H 10 -56.92 -16.38 59.32
N LEU H 11 -56.61 -16.40 60.61
CA LEU H 11 -55.97 -15.26 61.28
C LEU H 11 -54.59 -15.70 61.76
N VAL H 12 -53.55 -15.00 61.29
CA VAL H 12 -52.18 -15.32 61.67
C VAL H 12 -51.55 -14.09 62.33
N LYS H 13 -50.57 -14.36 63.18
CA LYS H 13 -49.82 -13.41 63.96
C LYS H 13 -48.40 -13.27 63.41
N PRO H 14 -47.70 -12.17 63.70
CA PRO H 14 -46.27 -12.10 63.36
C PRO H 14 -45.44 -13.06 64.20
N SER H 15 -44.32 -13.50 63.59
CA SER H 15 -43.42 -14.56 64.07
C SER H 15 -44.16 -15.86 64.36
N GLU H 16 -45.09 -16.21 63.48
CA GLU H 16 -45.88 -17.43 63.57
C GLU H 16 -45.92 -18.11 62.21
N THR H 17 -46.02 -19.44 62.22
CA THR H 17 -46.01 -20.21 60.99
C THR H 17 -47.40 -20.31 60.38
N LEU H 18 -47.45 -20.83 59.16
CA LEU H 18 -48.71 -21.06 58.47
C LEU H 18 -49.09 -22.54 58.55
N SER H 19 -50.40 -22.80 58.49
CA SER H 19 -50.90 -24.17 58.58
C SER H 19 -52.02 -24.41 57.57
N VAL H 20 -51.90 -23.88 56.35
CA VAL H 20 -52.91 -24.10 55.33
C VAL H 20 -52.67 -25.47 54.68
N THR H 21 -53.73 -26.25 54.54
CA THR H 21 -53.66 -27.64 54.11
C THR H 21 -54.41 -27.84 52.80
N CYS H 22 -54.02 -28.89 52.07
CA CYS H 22 -54.82 -29.40 50.97
C CYS H 22 -54.59 -30.90 50.86
N SER H 23 -55.67 -31.67 51.00
CA SER H 23 -55.62 -33.13 50.94
C SER H 23 -56.41 -33.62 49.74
N VAL H 24 -55.77 -34.47 48.94
CA VAL H 24 -56.33 -34.94 47.68
C VAL H 24 -56.61 -36.43 47.76
N SER H 25 -57.86 -36.81 47.50
CA SER H 25 -58.25 -38.21 47.36
C SER H 25 -58.56 -38.47 45.90
N GLY H 26 -57.84 -39.41 45.29
CA GLY H 26 -58.06 -39.75 43.89
C GLY H 26 -56.78 -39.99 43.12
N ASP H 27 -56.75 -39.55 41.85
CA ASP H 27 -55.60 -39.76 40.97
C ASP H 27 -54.50 -38.78 41.36
N SER H 28 -53.69 -39.18 42.34
CA SER H 28 -52.69 -38.31 42.94
C SER H 28 -51.37 -39.03 43.20
N MET H 29 -50.94 -39.91 42.28
CA MET H 29 -49.79 -40.74 42.60
C MET H 29 -48.44 -40.02 42.41
N ASN H 30 -48.06 -39.60 41.20
CA ASN H 30 -46.85 -38.80 41.02
C ASN H 30 -46.95 -37.74 39.92
N ASN H 31 -47.94 -37.81 39.03
CA ASN H 31 -47.89 -37.04 37.78
C ASN H 31 -48.33 -35.60 37.98
N TYR H 32 -49.37 -35.38 38.77
CA TYR H 32 -49.90 -34.04 39.00
C TYR H 32 -48.98 -33.29 39.95
N TYR H 33 -48.18 -32.37 39.41
CA TYR H 33 -47.21 -31.62 40.20
C TYR H 33 -47.95 -30.53 40.96
N TRP H 34 -48.03 -30.68 42.27
CA TRP H 34 -48.79 -29.78 43.11
C TRP H 34 -48.01 -28.49 43.36
N THR H 35 -48.75 -27.39 43.51
CA THR H 35 -48.13 -26.09 43.67
C THR H 35 -49.02 -25.21 44.55
N TRP H 36 -48.48 -24.05 44.91
CA TRP H 36 -49.19 -23.08 45.73
C TRP H 36 -49.22 -21.74 45.02
N ILE H 37 -50.42 -21.15 44.92
CA ILE H 37 -50.61 -19.91 44.18
C ILE H 37 -51.46 -18.98 45.05
N ARG H 38 -50.90 -17.80 45.35
CA ARG H 38 -51.55 -16.83 46.23
C ARG H 38 -51.96 -15.59 45.43
N GLN H 39 -52.84 -14.78 46.05
CA GLN H 39 -53.33 -13.54 45.45
C GLN H 39 -53.79 -12.59 46.54
N SER H 40 -53.03 -11.51 46.73
CA SER H 40 -53.30 -10.39 47.62
C SER H 40 -54.05 -9.30 46.85
N PRO H 41 -54.73 -8.36 47.54
CA PRO H 41 -55.24 -7.18 46.83
C PRO H 41 -54.10 -6.27 46.38
N GLY H 42 -54.04 -6.01 45.08
CA GLY H 42 -52.98 -5.23 44.46
C GLY H 42 -51.88 -6.07 43.86
N LYS H 43 -51.49 -7.14 44.55
CA LYS H 43 -50.49 -8.06 44.06
C LYS H 43 -51.16 -9.06 43.10
N GLY H 44 -50.46 -9.40 42.01
CA GLY H 44 -50.95 -10.41 41.10
C GLY H 44 -50.80 -11.83 41.63
N LEU H 45 -51.09 -12.78 40.74
CA LEU H 45 -50.97 -14.20 41.07
C LEU H 45 -49.50 -14.58 41.15
N GLU H 46 -48.99 -14.74 42.37
CA GLU H 46 -47.59 -15.07 42.60
C GLU H 46 -47.43 -16.58 42.66
N TRP H 47 -46.64 -17.11 41.72
CA TRP H 47 -46.35 -18.55 41.67
C TRP H 47 -45.19 -18.81 42.63
N ILE H 48 -45.54 -19.16 43.87
CA ILE H 48 -44.53 -19.20 44.92
C ILE H 48 -43.73 -20.50 44.94
N GLY H 49 -44.12 -21.50 44.16
CA GLY H 49 -43.33 -22.71 44.06
C GLY H 49 -44.19 -23.95 43.94
N TYR H 50 -43.54 -25.04 43.56
CA TYR H 50 -44.17 -26.35 43.38
C TYR H 50 -43.34 -27.42 44.10
N ILE H 51 -43.84 -28.64 44.09
CA ILE H 51 -43.13 -29.78 44.67
C ILE H 51 -43.38 -30.98 43.75
N SER H 52 -42.51 -31.98 43.84
CA SER H 52 -42.58 -33.16 43.00
C SER H 52 -42.04 -34.35 43.78
N ASP H 53 -41.75 -35.45 43.06
CA ASP H 53 -41.16 -36.63 43.66
C ASP H 53 -39.65 -36.50 43.86
N ARG H 54 -39.02 -35.48 43.27
CA ARG H 54 -37.58 -35.28 43.42
C ARG H 54 -37.21 -34.55 44.72
N GLU H 55 -38.22 -34.02 45.44
CA GLU H 55 -38.10 -33.26 46.69
C GLU H 55 -37.20 -32.03 46.54
N SER H 56 -37.29 -31.36 45.39
CA SER H 56 -36.54 -30.14 45.10
C SER H 56 -37.56 -29.04 44.86
N ALA H 57 -38.00 -28.39 45.93
CA ALA H 57 -39.03 -27.35 45.85
C ALA H 57 -38.35 -26.00 45.70
N THR H 58 -38.35 -25.49 44.49
CA THR H 58 -37.83 -24.14 44.24
C THR H 58 -38.83 -23.10 44.73
N TYR H 59 -38.34 -21.91 45.03
CA TYR H 59 -39.16 -20.86 45.61
C TYR H 59 -39.03 -19.56 44.83
N ASN H 60 -39.94 -18.65 45.12
CA ASN H 60 -39.94 -17.35 44.47
C ASN H 60 -38.83 -16.48 45.04
N PRO H 61 -38.07 -15.76 44.20
CA PRO H 61 -37.05 -14.85 44.75
C PRO H 61 -37.62 -13.61 45.41
N SER H 62 -38.85 -13.21 45.07
CA SER H 62 -39.49 -12.10 45.76
C SER H 62 -40.12 -12.53 47.08
N LEU H 63 -40.22 -13.85 47.33
CA LEU H 63 -40.67 -14.38 48.59
C LEU H 63 -39.57 -14.41 49.65
N ASN H 64 -38.32 -14.22 49.23
CA ASN H 64 -37.10 -14.09 50.06
C ASN H 64 -36.81 -15.34 50.89
N SER H 65 -37.22 -16.52 50.37
CA SER H 65 -36.94 -17.86 50.93
C SER H 65 -37.46 -18.03 52.35
N ARG H 66 -38.63 -17.46 52.63
CA ARG H 66 -39.24 -17.53 53.94
C ARG H 66 -40.32 -18.60 54.04
N VAL H 67 -40.31 -19.58 53.14
CA VAL H 67 -41.33 -20.62 53.08
C VAL H 67 -40.63 -21.97 53.02
N VAL H 68 -40.98 -22.86 53.95
CA VAL H 68 -40.69 -24.29 53.82
C VAL H 68 -42.02 -24.97 53.47
N ILE H 69 -41.92 -26.14 52.84
CA ILE H 69 -43.09 -26.83 52.34
C ILE H 69 -42.97 -28.30 52.75
N SER H 70 -44.10 -29.00 52.79
CA SER H 70 -44.15 -30.38 53.24
C SER H 70 -45.27 -31.11 52.52
N ARG H 71 -44.91 -32.10 51.72
CA ARG H 71 -45.88 -33.02 51.11
C ARG H 71 -45.54 -34.43 51.56
N ASP H 72 -46.47 -35.07 52.27
CA ASP H 72 -46.27 -36.40 52.81
C ASP H 72 -47.29 -37.37 52.22
N THR H 73 -46.95 -38.65 52.26
CA THR H 73 -47.85 -39.70 51.81
C THR H 73 -48.53 -40.41 52.97
N SER H 74 -48.09 -40.17 54.20
CA SER H 74 -48.74 -40.77 55.36
C SER H 74 -50.08 -40.11 55.64
N LYS H 75 -50.09 -38.78 55.73
CA LYS H 75 -51.33 -38.03 55.90
C LYS H 75 -51.93 -37.58 54.58
N ASN H 76 -51.32 -37.99 53.45
CA ASN H 76 -51.71 -37.82 52.03
C ASN H 76 -52.14 -36.39 51.67
N GLN H 77 -51.42 -35.42 52.23
CA GLN H 77 -51.77 -34.02 52.03
C GLN H 77 -50.50 -33.21 51.80
N LEU H 78 -50.70 -31.92 51.52
CA LEU H 78 -49.63 -30.97 51.28
C LEU H 78 -49.89 -29.71 52.10
N SER H 79 -48.88 -29.27 52.85
CA SER H 79 -49.02 -28.11 53.72
C SER H 79 -48.00 -27.05 53.34
N LEU H 80 -48.29 -25.81 53.74
CA LEU H 80 -47.43 -24.67 53.54
C LEU H 80 -47.10 -24.04 54.89
N LYS H 81 -45.85 -23.59 55.02
CA LYS H 81 -45.40 -22.92 56.22
C LYS H 81 -44.83 -21.57 55.85
N LEU H 82 -45.28 -20.52 56.52
CA LEU H 82 -44.79 -19.18 56.26
C LEU H 82 -44.16 -18.62 57.52
N ASN H 83 -42.95 -18.08 57.39
CA ASN H 83 -42.24 -17.54 58.54
C ASN H 83 -41.95 -16.04 58.46
N SER H 84 -42.21 -15.34 59.56
CA SER H 84 -42.01 -13.90 59.61
C SER H 84 -42.88 -13.16 58.60
N VAL H 85 -44.13 -13.61 58.46
CA VAL H 85 -45.09 -13.04 57.53
C VAL H 85 -45.41 -11.57 57.82
N THR H 86 -45.48 -10.78 56.75
CA THR H 86 -45.76 -9.34 56.81
C THR H 86 -47.23 -8.97 56.99
N PRO H 87 -47.48 -7.70 57.34
CA PRO H 87 -48.78 -7.03 57.55
C PRO H 87 -49.60 -7.00 56.25
N ALA H 88 -48.89 -6.83 55.14
CA ALA H 88 -49.48 -6.74 53.81
C ALA H 88 -49.57 -8.09 53.10
N ASP H 89 -49.37 -9.16 53.85
CA ASP H 89 -49.40 -10.54 53.31
C ASP H 89 -50.80 -11.15 53.19
N THR H 90 -51.83 -10.38 53.48
CA THR H 90 -53.20 -10.87 53.37
C THR H 90 -53.39 -11.33 51.92
N ALA H 91 -54.00 -12.50 51.78
CA ALA H 91 -54.15 -13.12 50.47
C ALA H 91 -55.01 -14.38 50.55
N VAL H 92 -55.55 -14.75 49.40
CA VAL H 92 -56.26 -16.02 49.24
C VAL H 92 -55.27 -17.05 48.70
N TYR H 93 -55.04 -18.10 49.47
CA TYR H 93 -53.99 -19.07 49.18
C TYR H 93 -54.64 -20.30 48.54
N TYR H 94 -54.46 -20.44 47.23
CA TYR H 94 -55.00 -21.58 46.50
C TYR H 94 -53.96 -22.70 46.43
N CYS H 95 -54.42 -23.93 46.61
CA CYS H 95 -53.61 -25.12 46.40
C CYS H 95 -54.11 -25.75 45.10
N ALA H 96 -53.28 -25.72 44.07
CA ALA H 96 -53.62 -26.27 42.77
C ALA H 96 -52.50 -27.18 42.28
N THR H 97 -52.67 -27.71 41.06
CA THR H 97 -51.65 -28.55 40.44
C THR H 97 -51.27 -27.95 39.09
N ALA H 98 -50.21 -28.51 38.52
CA ALA H 98 -49.76 -28.12 37.19
C ALA H 98 -49.11 -29.33 36.53
N ARG H 99 -49.11 -29.32 35.19
CA ARG H 99 -48.50 -30.37 34.41
C ARG H 99 -47.25 -29.81 33.76
N ARG H 100 -46.09 -30.31 34.18
CA ARG H 100 -44.81 -29.84 33.65
C ARG H 100 -44.59 -30.44 32.27
N GLY H 101 -44.89 -29.65 31.24
CA GLY H 101 -44.68 -30.07 29.86
C GLY H 101 -43.53 -29.29 29.24
N GLN H 102 -42.80 -29.93 28.35
CA GLN H 102 -41.68 -29.30 27.69
C GLN H 102 -42.12 -28.67 26.38
N ARG H 103 -41.33 -27.71 25.91
CA ARG H 103 -41.54 -27.05 24.62
C ARG H 103 -40.22 -27.16 23.85
N ILE H 104 -40.17 -28.10 22.91
CA ILE H 104 -38.95 -28.33 22.15
C ILE H 104 -38.84 -27.28 21.06
N TYR H 105 -37.68 -26.62 20.98
CA TYR H 105 -37.41 -25.66 19.93
C TYR H 105 -36.14 -25.99 19.16
N GLY H 106 -35.50 -27.12 19.45
CA GLY H 106 -34.28 -27.50 18.78
C GLY H 106 -33.90 -28.94 19.04
N VAL H 107 -32.61 -29.22 19.18
CA VAL H 107 -32.14 -30.57 19.43
C VAL H 107 -32.21 -30.85 20.92
N VAL H 108 -32.71 -32.03 21.30
CA VAL H 108 -32.90 -32.34 22.71
C VAL H 108 -31.58 -32.75 23.36
N SER H 109 -30.58 -33.16 22.57
CA SER H 109 -29.30 -33.52 23.16
C SER H 109 -28.41 -32.31 23.42
N PHE H 110 -28.79 -31.13 22.92
CA PHE H 110 -28.06 -29.89 23.18
C PHE H 110 -28.74 -29.04 24.24
N GLY H 111 -29.80 -29.55 24.86
CA GLY H 111 -30.49 -28.80 25.90
C GLY H 111 -31.37 -27.69 25.37
N GLU H 112 -31.88 -27.83 24.16
CA GLU H 112 -32.72 -26.80 23.54
C GLU H 112 -34.21 -27.05 23.78
N PHE H 113 -34.58 -27.20 25.05
CA PHE H 113 -35.97 -27.37 25.43
C PHE H 113 -36.17 -26.77 26.82
N PHE H 114 -37.29 -26.09 27.02
CA PHE H 114 -37.62 -25.49 28.29
C PHE H 114 -39.01 -25.94 28.72
N TYR H 115 -39.19 -26.05 30.03
CA TYR H 115 -40.44 -26.55 30.60
C TYR H 115 -41.35 -25.41 31.01
N TYR H 116 -42.65 -25.63 30.87
CA TYR H 116 -43.67 -24.70 31.34
C TYR H 116 -44.53 -25.39 32.39
N TYR H 117 -45.45 -24.64 32.97
CA TYR H 117 -46.34 -25.16 34.01
C TYR H 117 -47.75 -24.68 33.72
N SER H 118 -48.60 -25.59 33.26
CA SER H 118 -49.99 -25.28 32.90
C SER H 118 -50.90 -25.80 34.02
N MET H 119 -51.55 -24.88 34.73
CA MET H 119 -52.44 -25.24 35.81
C MET H 119 -53.79 -25.65 35.25
N ASP H 120 -54.14 -26.93 35.38
CA ASP H 120 -55.37 -27.47 34.82
C ASP H 120 -56.45 -27.71 35.86
N VAL H 121 -56.10 -28.22 37.04
CA VAL H 121 -57.05 -28.49 38.11
C VAL H 121 -56.73 -27.58 39.28
N TRP H 122 -57.68 -26.73 39.64
CA TRP H 122 -57.52 -25.75 40.71
C TRP H 122 -58.22 -26.25 41.97
N GLY H 123 -58.21 -25.40 43.00
CA GLY H 123 -58.84 -25.71 44.26
C GLY H 123 -59.84 -24.67 44.71
N LYS H 124 -60.11 -24.62 46.01
CA LYS H 124 -61.06 -23.66 46.57
C LYS H 124 -60.38 -22.37 47.03
N GLY H 125 -59.40 -22.50 47.93
CA GLY H 125 -58.68 -21.35 48.45
C GLY H 125 -59.37 -20.71 49.64
N THR H 126 -58.60 -20.50 50.71
CA THR H 126 -59.11 -19.87 51.92
C THR H 126 -58.51 -18.47 52.06
N THR H 127 -59.24 -17.59 52.76
CA THR H 127 -58.84 -16.20 52.93
C THR H 127 -58.06 -16.08 54.23
N VAL H 128 -56.74 -16.22 54.15
CA VAL H 128 -55.86 -16.11 55.30
C VAL H 128 -55.39 -14.66 55.36
N THR H 129 -55.92 -13.90 56.31
CA THR H 129 -55.49 -12.54 56.54
C THR H 129 -54.53 -12.49 57.72
N VAL H 130 -53.79 -11.39 57.84
CA VAL H 130 -52.78 -11.23 58.88
C VAL H 130 -53.23 -10.15 59.85
N SER H 131 -53.20 -10.48 61.14
CA SER H 131 -53.48 -9.53 62.21
C SER H 131 -52.19 -9.28 62.97
N SER H 132 -51.94 -8.02 63.34
CA SER H 132 -50.70 -7.62 63.98
C SER H 132 -50.74 -7.69 65.50
N ALA H 133 -51.66 -8.46 66.07
CA ALA H 133 -51.75 -8.61 67.52
C ALA H 133 -50.66 -9.57 68.04
N GLN I 1 -25.08 79.93 0.88
CA GLN I 1 -24.33 79.60 2.08
C GLN I 1 -25.19 78.66 2.92
N VAL I 2 -24.58 77.59 3.42
CA VAL I 2 -25.28 76.63 4.27
C VAL I 2 -25.07 77.13 5.70
N GLN I 3 -26.12 77.75 6.24
CA GLN I 3 -26.08 78.28 7.60
C GLN I 3 -26.72 77.30 8.56
N LEU I 4 -26.04 77.02 9.67
CA LEU I 4 -26.58 76.14 10.72
C LEU I 4 -26.39 76.84 12.07
N GLN I 5 -27.46 77.49 12.54
CA GLN I 5 -27.45 78.06 13.88
C GLN I 5 -27.78 76.98 14.89
N GLU I 6 -27.21 77.08 16.09
CA GLU I 6 -27.37 76.06 17.14
C GLU I 6 -28.00 76.71 18.35
N SER I 7 -29.32 76.51 18.51
CA SER I 7 -30.05 77.04 19.66
C SER I 7 -30.22 75.95 20.73
N GLY I 8 -29.09 75.55 21.29
CA GLY I 8 -29.08 74.56 22.35
C GLY I 8 -29.51 75.16 23.68
N PRO I 9 -29.97 74.31 24.61
CA PRO I 9 -30.39 74.85 25.91
C PRO I 9 -29.23 75.20 26.84
N GLY I 10 -28.07 74.60 26.64
CA GLY I 10 -26.91 74.90 27.47
C GLY I 10 -26.82 74.18 28.80
N LEU I 11 -27.80 74.36 29.67
CA LEU I 11 -27.83 73.74 30.99
C LEU I 11 -29.00 72.79 31.06
N VAL I 12 -28.72 71.49 31.18
CA VAL I 12 -29.75 70.46 31.21
C VAL I 12 -29.74 69.76 32.55
N LYS I 13 -30.78 68.99 32.79
CA LYS I 13 -31.00 68.18 33.99
C LYS I 13 -31.10 66.70 33.60
N PRO I 14 -30.95 65.77 34.56
CA PRO I 14 -31.29 64.38 34.25
C PRO I 14 -32.80 64.19 34.08
N SER I 15 -33.14 63.14 33.33
CA SER I 15 -34.49 62.83 32.82
C SER I 15 -35.11 64.01 32.08
N GLU I 16 -34.31 64.60 31.18
CA GLU I 16 -34.75 65.72 30.36
C GLU I 16 -34.28 65.51 28.93
N THR I 17 -35.11 65.93 27.97
CA THR I 17 -34.77 65.79 26.56
C THR I 17 -33.85 66.91 26.09
N LEU I 18 -33.36 66.77 24.88
CA LEU I 18 -32.50 67.79 24.28
C LEU I 18 -33.28 68.58 23.25
N SER I 19 -32.85 69.83 23.04
CA SER I 19 -33.52 70.73 22.09
C SER I 19 -32.51 71.49 21.25
N VAL I 20 -31.43 70.83 20.83
CA VAL I 20 -30.46 71.49 19.97
C VAL I 20 -30.98 71.49 18.53
N THR I 21 -30.91 72.66 17.90
CA THR I 21 -31.49 72.87 16.57
C THR I 21 -30.39 73.12 15.56
N CYS I 22 -30.72 72.88 14.29
CA CYS I 22 -29.93 73.35 13.15
C CYS I 22 -30.86 73.51 11.95
N SER I 23 -31.03 74.74 11.50
CA SER I 23 -31.98 75.07 10.43
C SER I 23 -31.21 75.60 9.22
N VAL I 24 -31.37 74.93 8.08
CA VAL I 24 -30.60 75.20 6.88
C VAL I 24 -31.48 75.87 5.85
N SER I 25 -31.02 77.01 5.33
CA SER I 25 -31.67 77.69 4.21
C SER I 25 -30.72 77.68 3.02
N GLY I 26 -31.21 77.21 1.88
CA GLY I 26 -30.40 77.16 0.68
C GLY I 26 -30.51 75.85 -0.08
N ASP I 27 -29.38 75.36 -0.59
CA ASP I 27 -29.34 74.11 -1.37
C ASP I 27 -29.44 72.92 -0.40
N SER I 28 -30.67 72.61 -0.01
CA SER I 28 -30.90 71.63 1.05
C SER I 28 -32.06 70.69 0.74
N MET I 29 -32.20 70.26 -0.51
CA MET I 29 -33.42 69.53 -0.87
C MET I 29 -33.40 68.05 -0.46
N ASN I 30 -32.50 67.21 -1.00
CA ASN I 30 -32.38 65.83 -0.53
C ASN I 30 -30.97 65.28 -0.53
N ASN I 31 -30.00 65.92 -1.20
CA ASN I 31 -28.72 65.27 -1.48
C ASN I 31 -27.77 65.35 -0.29
N TYR I 32 -27.77 66.49 0.41
CA TYR I 32 -26.88 66.69 1.55
C TYR I 32 -27.41 65.91 2.74
N TYR I 33 -26.80 64.76 3.03
CA TYR I 33 -27.25 63.88 4.11
C TYR I 33 -26.78 64.46 5.44
N TRP I 34 -27.74 64.92 6.25
CA TRP I 34 -27.43 65.58 7.49
C TRP I 34 -27.06 64.57 8.57
N THR I 35 -26.21 65.01 9.49
CA THR I 35 -25.74 64.14 10.56
C THR I 35 -25.47 64.99 11.80
N TRP I 36 -25.22 64.30 12.91
CA TRP I 36 -24.87 64.93 14.17
C TRP I 36 -23.50 64.42 14.61
N ILE I 37 -22.71 65.30 15.21
CA ILE I 37 -21.35 64.98 15.64
C ILE I 37 -21.04 65.78 16.89
N ARG I 38 -20.59 65.10 17.94
CA ARG I 38 -20.29 65.72 19.22
C ARG I 38 -18.83 65.51 19.59
N GLN I 39 -18.36 66.28 20.56
CA GLN I 39 -16.99 66.19 21.06
C GLN I 39 -16.95 66.61 22.52
N SER I 40 -16.69 65.65 23.40
CA SER I 40 -16.49 65.82 24.82
C SER I 40 -15.02 66.10 25.13
N PRO I 41 -14.69 66.61 26.31
CA PRO I 41 -13.28 66.58 26.74
C PRO I 41 -12.84 65.15 27.04
N GLY I 42 -11.77 64.73 26.38
CA GLY I 42 -11.23 63.37 26.52
C GLY I 42 -11.77 62.39 25.51
N LYS I 43 -13.10 62.32 25.39
CA LYS I 43 -13.74 61.49 24.38
C LYS I 43 -13.58 62.14 23.01
N GLY I 44 -13.25 61.34 22.00
CA GLY I 44 -13.05 61.85 20.66
C GLY I 44 -14.35 62.19 19.93
N LEU I 45 -14.22 62.41 18.64
CA LEU I 45 -15.36 62.76 17.79
C LEU I 45 -16.23 61.54 17.55
N GLU I 46 -17.38 61.49 18.21
CA GLU I 46 -18.29 60.35 18.13
C GLU I 46 -19.37 60.67 17.11
N TRP I 47 -19.37 59.94 16.00
CA TRP I 47 -20.37 60.10 14.95
C TRP I 47 -21.62 59.35 15.38
N ILE I 48 -22.58 60.08 15.96
CA ILE I 48 -23.70 59.42 16.63
C ILE I 48 -24.81 59.02 15.67
N GLY I 49 -24.78 59.45 14.43
CA GLY I 49 -25.74 59.01 13.45
C GLY I 49 -26.10 60.09 12.42
N TYR I 50 -26.85 59.68 11.41
CA TYR I 50 -27.29 60.52 10.31
C TYR I 50 -28.77 60.26 10.04
N ILE I 51 -29.34 61.04 9.11
CA ILE I 51 -30.73 60.88 8.71
C ILE I 51 -30.84 61.30 7.25
N SER I 52 -31.64 60.57 6.47
CA SER I 52 -31.80 60.81 5.05
C SER I 52 -33.30 60.85 4.73
N ASP I 53 -33.63 60.78 3.44
CA ASP I 53 -35.02 60.77 3.00
C ASP I 53 -35.69 59.41 3.12
N ARG I 54 -34.95 58.36 3.49
CA ARG I 54 -35.53 57.03 3.66
C ARG I 54 -36.19 56.84 5.02
N GLU I 55 -36.03 57.82 5.93
CA GLU I 55 -36.56 57.83 7.31
C GLU I 55 -36.09 56.63 8.13
N SER I 56 -34.85 56.19 7.91
CA SER I 56 -34.24 55.08 8.65
C SER I 56 -32.94 55.60 9.23
N ALA I 57 -33.02 56.22 10.41
CA ALA I 57 -31.87 56.83 11.06
C ALA I 57 -31.25 55.82 12.00
N THR I 58 -30.15 55.21 11.57
CA THR I 58 -29.42 54.29 12.43
C THR I 58 -28.61 55.08 13.46
N TYR I 59 -28.40 54.48 14.62
CA TYR I 59 -27.75 55.16 15.72
C TYR I 59 -26.45 54.46 16.12
N ASN I 60 -25.72 55.09 17.02
CA ASN I 60 -24.46 54.54 17.50
C ASN I 60 -24.74 53.42 18.49
N PRO I 61 -24.05 52.28 18.40
CA PRO I 61 -24.21 51.23 19.44
C PRO I 61 -23.61 51.60 20.78
N SER I 62 -22.65 52.53 20.81
CA SER I 62 -22.13 53.03 22.08
C SER I 62 -23.06 54.05 22.72
N LEU I 63 -24.02 54.59 21.96
CA LEU I 63 -25.03 55.50 22.48
C LEU I 63 -26.17 54.79 23.19
N ASN I 64 -26.27 53.46 23.01
CA ASN I 64 -27.22 52.53 23.65
C ASN I 64 -28.68 52.85 23.36
N SER I 65 -28.94 53.43 22.17
CA SER I 65 -30.27 53.69 21.60
C SER I 65 -31.13 54.60 22.48
N ARG I 66 -30.53 55.61 23.10
CA ARG I 66 -31.25 56.53 23.97
C ARG I 66 -31.57 57.84 23.27
N VAL I 67 -31.49 57.89 21.94
CA VAL I 67 -31.65 59.12 21.18
C VAL I 67 -32.68 58.88 20.08
N VAL I 68 -33.73 59.72 20.06
CA VAL I 68 -34.64 59.80 18.92
C VAL I 68 -34.29 61.11 18.20
N ILE I 69 -34.56 61.14 16.90
CA ILE I 69 -34.19 62.25 16.04
C ILE I 69 -35.44 62.69 15.28
N SER I 70 -35.43 63.94 14.81
CA SER I 70 -36.60 64.54 14.15
C SER I 70 -36.11 65.55 13.12
N ARG I 71 -36.39 65.27 11.85
CA ARG I 71 -36.18 66.23 10.77
C ARG I 71 -37.51 66.46 10.05
N ASP I 72 -37.93 67.71 9.96
CA ASP I 72 -39.16 68.07 9.29
C ASP I 72 -38.89 69.12 8.22
N THR I 73 -39.79 69.18 7.25
CA THR I 73 -39.74 70.19 6.22
C THR I 73 -40.67 71.36 6.48
N SER I 74 -41.54 71.26 7.49
CA SER I 74 -42.42 72.37 7.85
C SER I 74 -41.64 73.47 8.57
N LYS I 75 -41.00 73.13 9.68
CA LYS I 75 -40.19 74.09 10.42
C LYS I 75 -38.79 74.25 9.84
N ASN I 76 -38.40 73.37 8.91
CA ASN I 76 -37.17 73.43 8.08
C ASN I 76 -35.91 73.39 8.95
N GLN I 77 -35.84 72.36 9.80
CA GLN I 77 -34.72 72.22 10.72
C GLN I 77 -34.55 70.76 11.10
N LEU I 78 -33.53 70.50 11.90
CA LEU I 78 -33.21 69.17 12.42
C LEU I 78 -32.92 69.27 13.91
N SER I 79 -33.57 68.40 14.69
CA SER I 79 -33.44 68.41 16.13
C SER I 79 -32.89 67.07 16.60
N LEU I 80 -32.23 67.11 17.76
CA LEU I 80 -31.75 65.93 18.46
C LEU I 80 -32.39 65.87 19.84
N LYS I 81 -32.76 64.66 20.26
CA LYS I 81 -33.42 64.47 21.54
C LYS I 81 -32.70 63.36 22.30
N LEU I 82 -31.87 63.75 23.27
CA LEU I 82 -31.13 62.80 24.09
C LEU I 82 -31.83 62.68 25.44
N ASN I 83 -32.16 61.45 25.83
CA ASN I 83 -32.84 61.18 27.09
C ASN I 83 -31.95 60.32 27.99
N SER I 84 -32.19 60.43 29.30
CA SER I 84 -31.46 59.78 30.41
C SER I 84 -29.95 60.05 30.34
N VAL I 85 -29.60 61.32 30.57
CA VAL I 85 -28.23 61.77 30.36
C VAL I 85 -27.33 61.31 31.50
N THR I 86 -26.03 61.24 31.22
CA THR I 86 -24.91 60.91 32.09
C THR I 86 -24.09 62.17 32.33
N PRO I 87 -23.33 62.27 33.45
CA PRO I 87 -22.49 63.47 33.67
C PRO I 87 -21.28 63.66 32.76
N ALA I 88 -20.99 62.72 31.85
CA ALA I 88 -19.88 62.86 30.91
C ALA I 88 -20.34 63.37 29.55
N ASP I 89 -21.51 64.01 29.47
CA ASP I 89 -22.03 64.54 28.21
C ASP I 89 -21.90 66.06 28.12
N THR I 90 -20.79 66.61 28.59
CA THR I 90 -20.51 68.05 28.43
C THR I 90 -19.78 68.30 27.11
N ALA I 91 -20.51 68.07 26.01
CA ALA I 91 -19.92 68.05 24.69
C ALA I 91 -20.38 69.25 23.85
N VAL I 92 -19.61 69.53 22.81
CA VAL I 92 -19.99 70.52 21.81
C VAL I 92 -20.67 69.80 20.65
N TYR I 93 -21.96 70.02 20.51
CA TYR I 93 -22.81 69.26 19.59
C TYR I 93 -22.89 70.01 18.26
N TYR I 94 -22.08 69.58 17.29
CA TYR I 94 -22.12 70.15 15.95
C TYR I 94 -23.19 69.47 15.12
N CYS I 95 -23.86 70.28 14.28
CA CYS I 95 -24.74 69.76 13.25
C CYS I 95 -24.04 70.00 11.91
N ALA I 96 -23.71 68.91 11.21
CA ALA I 96 -23.03 68.98 9.93
C ALA I 96 -23.78 68.14 8.91
N THR I 97 -23.22 68.05 7.70
CA THR I 97 -23.79 67.23 6.65
C THR I 97 -22.73 66.31 6.10
N ALA I 98 -23.15 65.37 5.26
CA ALA I 98 -22.23 64.42 4.64
C ALA I 98 -22.78 64.03 3.28
N ARG I 99 -21.87 63.59 2.43
CA ARG I 99 -22.23 63.16 1.11
C ARG I 99 -21.95 61.68 1.14
N ARG I 100 -22.94 60.87 0.81
CA ARG I 100 -22.73 59.44 0.86
C ARG I 100 -22.24 59.01 -0.50
N GLY I 101 -21.00 58.54 -0.54
CA GLY I 101 -20.42 58.06 -1.78
C GLY I 101 -20.03 56.60 -1.66
N GLN I 102 -20.15 55.87 -2.76
CA GLN I 102 -19.81 54.46 -2.77
C GLN I 102 -18.36 54.27 -3.19
N ARG I 103 -17.81 53.11 -2.85
CA ARG I 103 -16.44 52.74 -3.18
C ARG I 103 -16.49 51.34 -3.78
N ILE I 104 -16.49 51.27 -5.11
CA ILE I 104 -16.60 49.98 -5.80
C ILE I 104 -15.25 49.29 -5.79
N TYR I 105 -15.22 48.05 -5.31
CA TYR I 105 -14.01 47.23 -5.32
C TYR I 105 -14.19 45.94 -6.11
N GLY I 106 -15.32 45.77 -6.78
CA GLY I 106 -15.60 44.57 -7.53
C GLY I 106 -16.76 44.78 -8.47
N VAL I 107 -17.64 43.79 -8.60
CA VAL I 107 -18.81 43.92 -9.45
C VAL I 107 -19.98 44.40 -8.58
N VAL I 108 -20.87 45.21 -9.16
CA VAL I 108 -21.91 45.83 -8.36
C VAL I 108 -23.11 44.90 -8.19
N SER I 109 -23.20 43.84 -9.01
CA SER I 109 -24.34 42.95 -8.93
C SER I 109 -24.25 41.96 -7.77
N PHE I 110 -23.08 41.78 -7.18
CA PHE I 110 -22.90 40.87 -6.05
C PHE I 110 -22.76 41.63 -4.74
N GLY I 111 -23.02 42.93 -4.73
CA GLY I 111 -22.95 43.71 -3.50
C GLY I 111 -21.56 44.00 -3.03
N GLU I 112 -20.61 44.13 -3.95
CA GLU I 112 -19.21 44.40 -3.59
C GLU I 112 -18.90 45.89 -3.62
N PHE I 113 -19.66 46.67 -2.84
CA PHE I 113 -19.40 48.10 -2.70
C PHE I 113 -19.83 48.51 -1.30
N PHE I 114 -19.05 49.40 -0.68
CA PHE I 114 -19.36 49.91 0.65
C PHE I 114 -19.37 51.42 0.60
N TYR I 115 -20.22 52.01 1.43
CA TYR I 115 -20.44 53.45 1.43
C TYR I 115 -19.64 54.13 2.53
N TYR I 116 -19.17 55.33 2.25
CA TYR I 116 -18.49 56.18 3.23
C TYR I 116 -19.30 57.45 3.44
N TYR I 117 -18.85 58.27 4.39
CA TYR I 117 -19.51 59.53 4.72
C TYR I 117 -18.46 60.61 4.89
N SER I 118 -18.40 61.54 3.94
CA SER I 118 -17.42 62.61 3.93
C SER I 118 -18.10 63.91 4.35
N MET I 119 -17.74 64.39 5.54
CA MET I 119 -18.31 65.63 6.06
C MET I 119 -17.61 66.83 5.44
N ASP I 120 -18.31 67.56 4.58
CA ASP I 120 -17.75 68.70 3.87
C ASP I 120 -18.16 70.05 4.45
N VAL I 121 -19.44 70.21 4.81
CA VAL I 121 -19.94 71.46 5.38
C VAL I 121 -20.29 71.21 6.84
N TRP I 122 -19.72 72.01 7.73
CA TRP I 122 -19.89 71.85 9.17
C TRP I 122 -20.71 73.01 9.72
N GLY I 123 -20.90 73.01 11.03
CA GLY I 123 -21.65 74.05 11.70
C GLY I 123 -20.87 74.75 12.79
N LYS I 124 -21.58 75.39 13.73
CA LYS I 124 -20.93 76.10 14.82
C LYS I 124 -20.74 75.21 16.05
N GLY I 125 -21.83 74.67 16.58
CA GLY I 125 -21.78 73.81 17.74
C GLY I 125 -21.94 74.56 19.05
N THR I 126 -22.95 74.18 19.83
CA THR I 126 -23.20 74.79 21.13
C THR I 126 -22.69 73.89 22.24
N THR I 127 -22.38 74.50 23.38
CA THR I 127 -21.78 73.80 24.52
C THR I 127 -22.89 73.43 25.50
N VAL I 128 -23.40 72.20 25.36
CA VAL I 128 -24.42 71.69 26.26
C VAL I 128 -23.72 71.00 27.43
N THR I 129 -23.76 71.65 28.59
CA THR I 129 -23.18 71.09 29.80
C THR I 129 -24.27 70.53 30.69
N VAL I 130 -23.99 69.38 31.29
CA VAL I 130 -24.99 68.68 32.11
C VAL I 130 -24.74 68.98 33.59
N SER I 131 -25.78 69.43 34.27
CA SER I 131 -25.80 69.59 35.72
C SER I 131 -26.71 68.52 36.30
N SER I 132 -26.29 67.91 37.40
CA SER I 132 -27.00 66.77 37.98
C SER I 132 -28.07 67.17 38.99
N ALA I 133 -28.45 68.44 39.04
CA ALA I 133 -29.50 68.89 39.96
C ALA I 133 -30.88 68.50 39.44
N VAL J 1 14.81 29.24 -13.35
CA VAL J 1 15.95 29.20 -12.44
C VAL J 1 16.33 30.60 -11.99
N GLN J 2 16.22 30.86 -10.69
CA GLN J 2 16.58 32.17 -10.15
C GLN J 2 17.10 31.96 -8.73
N LEU J 3 18.13 32.72 -8.37
CA LEU J 3 18.74 32.66 -7.05
C LEU J 3 18.51 33.98 -6.33
N VAL J 4 17.71 33.95 -5.27
CA VAL J 4 17.36 35.14 -4.51
C VAL J 4 18.11 35.09 -3.19
N GLN J 5 18.92 36.10 -2.92
CA GLN J 5 19.73 36.16 -1.71
C GLN J 5 19.07 37.06 -0.68
N SER J 6 19.74 37.20 0.47
CA SER J 6 19.26 38.08 1.51
C SER J 6 19.70 39.53 1.23
N ARG J 7 19.23 40.43 2.08
CA ARG J 7 19.52 41.85 1.87
C ARG J 7 20.92 42.20 2.37
N ALA J 8 21.36 43.41 2.02
CA ALA J 8 22.67 43.87 2.41
C ALA J 8 22.68 44.34 3.86
N GLU J 9 23.77 44.05 4.56
CA GLU J 9 23.90 44.40 5.98
C GLU J 9 25.25 45.05 6.22
N VAL J 10 25.31 45.88 7.26
CA VAL J 10 26.53 46.51 7.72
C VAL J 10 26.96 45.81 9.00
N LYS J 11 28.22 45.38 9.04
CA LYS J 11 28.73 44.62 10.17
C LYS J 11 29.87 45.35 10.85
N LYS J 12 30.31 44.78 11.97
CA LYS J 12 31.37 45.29 12.82
C LYS J 12 32.54 44.31 12.84
N PRO J 13 33.78 44.79 13.03
CA PRO J 13 34.90 43.86 13.16
C PRO J 13 34.87 43.13 14.51
N GLY J 14 35.11 41.83 14.46
CA GLY J 14 35.06 40.97 15.63
C GLY J 14 33.82 40.10 15.71
N ALA J 15 32.71 40.56 15.13
CA ALA J 15 31.46 39.81 15.17
C ALA J 15 31.39 38.87 13.97
N SER J 16 30.20 38.29 13.75
CA SER J 16 29.99 37.33 12.67
C SER J 16 28.82 37.78 11.80
N VAL J 17 28.66 37.08 10.67
CA VAL J 17 27.59 37.36 9.72
C VAL J 17 27.06 36.02 9.23
N LYS J 18 25.81 36.00 8.78
CA LYS J 18 25.19 34.81 8.23
C LYS J 18 24.35 35.20 7.02
N VAL J 19 24.65 34.61 5.88
CA VAL J 19 24.04 34.98 4.60
C VAL J 19 23.32 33.77 4.03
N SER J 20 22.03 33.91 3.78
CA SER J 20 21.22 32.89 3.13
C SER J 20 21.21 33.11 1.62
N CYS J 21 20.84 32.05 0.88
CA CYS J 21 20.72 32.12 -0.57
C CYS J 21 19.58 31.18 -0.96
N GLU J 22 18.41 31.74 -1.22
CA GLU J 22 17.21 30.96 -1.52
C GLU J 22 17.16 30.63 -3.00
N ALA J 23 16.93 29.35 -3.31
CA ALA J 23 16.89 28.87 -4.69
C ALA J 23 15.47 28.55 -5.10
N SER J 24 15.19 28.76 -6.39
CA SER J 24 13.85 28.51 -6.94
C SER J 24 13.98 28.24 -8.43
N GLY J 25 13.25 27.23 -8.92
CA GLY J 25 13.15 26.97 -10.34
C GLY J 25 13.87 25.74 -10.84
N TYR J 26 14.52 24.98 -9.96
CA TYR J 26 15.35 23.85 -10.37
C TYR J 26 15.47 22.89 -9.18
N ASN J 27 16.04 21.73 -9.45
CA ASN J 27 16.31 20.74 -8.40
C ASN J 27 17.53 21.18 -7.61
N PHE J 28 17.29 21.64 -6.37
CA PHE J 28 18.30 22.29 -5.55
C PHE J 28 19.37 21.33 -5.05
N VAL J 29 19.01 20.08 -4.76
CA VAL J 29 19.98 19.13 -4.24
C VAL J 29 20.79 18.43 -5.33
N ASP J 30 20.45 18.63 -6.59
CA ASP J 30 21.17 17.95 -7.66
C ASP J 30 22.48 18.66 -8.02
N HIS J 31 22.52 19.98 -7.88
CA HIS J 31 23.66 20.76 -8.32
C HIS J 31 24.30 21.48 -7.15
N TYR J 32 25.58 21.83 -7.32
CA TYR J 32 26.36 22.43 -6.26
C TYR J 32 25.99 23.89 -6.05
N ILE J 33 26.39 24.42 -4.89
CA ILE J 33 26.26 25.84 -4.57
C ILE J 33 27.67 26.37 -4.34
N HIS J 34 28.11 27.29 -5.20
CA HIS J 34 29.46 27.84 -5.14
C HIS J 34 29.39 29.26 -4.60
N TRP J 35 30.04 29.49 -3.47
CA TRP J 35 30.10 30.82 -2.88
C TRP J 35 31.35 31.53 -3.36
N VAL J 36 31.19 32.77 -3.81
CA VAL J 36 32.29 33.56 -4.35
C VAL J 36 32.08 35.01 -3.94
N ARG J 37 33.12 35.61 -3.35
CA ARG J 37 33.08 37.01 -2.94
C ARG J 37 33.90 37.85 -3.90
N GLN J 38 33.57 39.15 -3.95
CA GLN J 38 34.21 40.05 -4.90
C GLN J 38 34.32 41.43 -4.28
N ALA J 39 35.55 41.89 -4.07
CA ALA J 39 35.83 43.24 -3.63
C ALA J 39 35.46 44.24 -4.73
N PRO J 40 34.89 45.42 -4.37
CA PRO J 40 34.41 46.37 -5.39
C PRO J 40 35.50 47.03 -6.21
N GLY J 41 35.58 46.67 -7.48
CA GLY J 41 36.63 47.12 -8.37
C GLY J 41 37.79 46.16 -8.52
N GLN J 42 37.81 45.06 -7.78
CA GLN J 42 38.91 44.11 -7.78
C GLN J 42 38.46 42.76 -8.35
N ARG J 43 39.38 41.80 -8.33
CA ARG J 43 39.12 40.46 -8.82
C ARG J 43 38.28 39.66 -7.83
N PRO J 44 37.38 38.79 -8.31
CA PRO J 44 36.56 38.00 -7.39
C PRO J 44 37.35 36.86 -6.78
N GLN J 45 36.95 36.48 -5.56
CA GLN J 45 37.61 35.44 -4.79
C GLN J 45 36.62 34.30 -4.57
N TRP J 46 36.95 33.12 -5.09
CA TRP J 46 36.11 31.94 -4.90
C TRP J 46 36.26 31.43 -3.47
N VAL J 47 35.18 31.48 -2.69
CA VAL J 47 35.28 31.11 -1.29
C VAL J 47 35.24 29.60 -1.13
N GLY J 48 34.25 28.94 -1.71
CA GLY J 48 34.13 27.50 -1.62
C GLY J 48 32.81 27.01 -2.15
N TRP J 49 32.78 25.72 -2.48
CA TRP J 49 31.58 25.04 -2.95
C TRP J 49 31.04 24.12 -1.87
N MET J 50 29.73 23.93 -1.86
CA MET J 50 29.06 23.07 -0.89
C MET J 50 28.08 22.16 -1.61
N ASN J 51 28.26 20.86 -1.43
CA ASN J 51 27.31 19.88 -1.95
C ASN J 51 26.07 19.88 -1.07
N PRO J 52 24.88 20.18 -1.59
CA PRO J 52 23.70 20.23 -0.72
C PRO J 52 23.08 18.86 -0.47
N ARG J 53 23.34 17.87 -1.32
CA ARG J 53 22.74 16.55 -1.15
C ARG J 53 23.45 15.77 -0.05
N GLY J 54 24.76 15.59 -0.17
CA GLY J 54 25.51 14.88 0.84
C GLY J 54 25.76 15.72 2.08
N GLY J 55 25.89 17.03 1.93
CA GLY J 55 26.23 17.92 3.02
C GLY J 55 27.67 18.36 3.05
N GLY J 56 28.51 17.84 2.16
CA GLY J 56 29.92 18.16 2.18
C GLY J 56 30.20 19.52 1.57
N VAL J 57 31.35 20.08 1.99
CA VAL J 57 31.73 21.43 1.61
C VAL J 57 33.26 21.49 1.65
N ALA J 58 33.85 22.11 0.62
CA ALA J 58 35.30 22.26 0.51
C ALA J 58 35.61 23.76 0.37
N TYR J 59 36.17 24.34 1.44
CA TYR J 59 36.55 25.75 1.42
C TYR J 59 37.89 25.94 0.73
N SER J 60 38.30 27.20 0.62
CA SER J 60 39.62 27.52 0.09
C SER J 60 40.67 27.38 1.18
N GLN J 61 41.92 27.54 0.79
CA GLN J 61 43.04 27.40 1.73
C GLN J 61 43.34 28.70 2.48
N ARG J 62 42.64 29.79 2.18
CA ARG J 62 42.82 31.05 2.89
C ARG J 62 41.65 31.42 3.79
N PHE J 63 40.54 30.67 3.73
CA PHE J 63 39.37 30.94 4.55
C PHE J 63 39.05 29.80 5.50
N GLN J 64 40.05 29.01 5.87
CA GLN J 64 39.82 27.85 6.74
C GLN J 64 39.68 28.30 8.19
N GLY J 65 38.57 27.91 8.81
CA GLY J 65 38.33 28.20 10.21
C GLY J 65 37.49 29.42 10.49
N ARG J 66 37.05 30.13 9.45
CA ARG J 66 36.27 31.34 9.63
C ARG J 66 34.90 31.32 8.96
N VAL J 67 34.67 30.41 8.01
CA VAL J 67 33.40 30.34 7.31
C VAL J 67 32.84 28.92 7.43
N THR J 68 31.55 28.83 7.82
CA THR J 68 30.82 27.58 7.85
C THR J 68 29.68 27.67 6.85
N MET J 69 29.60 26.71 5.93
CA MET J 69 28.53 26.66 4.96
C MET J 69 27.62 25.48 5.27
N THR J 70 26.39 25.78 5.70
CA THR J 70 25.38 24.77 5.93
C THR J 70 24.28 24.92 4.88
N ARG J 71 23.31 24.00 4.93
CA ARG J 71 22.18 24.05 4.01
C ARG J 71 20.96 23.48 4.71
N ASP J 72 19.78 23.83 4.18
CA ASP J 72 18.51 23.40 4.73
C ASP J 72 17.61 22.98 3.58
N THR J 73 17.30 21.69 3.49
CA THR J 73 16.53 21.14 2.40
C THR J 73 15.04 21.46 2.54
N SER J 74 14.57 21.75 3.76
CA SER J 74 13.14 21.96 3.98
C SER J 74 12.68 23.33 3.48
N ILE J 75 13.60 24.28 3.33
CA ILE J 75 13.30 25.59 2.76
C ILE J 75 14.10 25.87 1.50
N ASP J 76 15.02 24.97 1.11
CA ASP J 76 15.86 25.00 -0.11
C ASP J 76 16.73 26.25 -0.18
N THR J 77 17.25 26.69 0.95
CA THR J 77 18.16 27.82 1.02
C THR J 77 19.53 27.36 1.49
N ALA J 78 20.56 27.67 0.70
CA ALA J 78 21.93 27.49 1.15
C ALA J 78 22.28 28.57 2.17
N TYR J 79 23.24 28.27 3.03
CA TYR J 79 23.66 29.19 4.07
C TYR J 79 25.16 29.42 3.99
N MET J 80 25.60 30.50 4.62
CA MET J 80 27.02 30.87 4.66
C MET J 80 27.21 31.72 5.91
N GLN J 81 27.78 31.12 6.96
CA GLN J 81 28.01 31.81 8.22
C GLN J 81 29.50 32.09 8.34
N LEU J 82 29.87 33.37 8.21
CA LEU J 82 31.27 33.80 8.24
C LEU J 82 31.56 34.45 9.59
N ASN J 83 32.40 33.80 10.39
CA ASN J 83 32.83 34.32 11.68
C ASN J 83 34.21 34.94 11.56
N ARG J 84 34.61 35.65 12.62
CA ARG J 84 35.87 36.39 12.79
C ARG J 84 36.07 37.40 11.65
N LEU J 85 35.19 38.40 11.63
CA LEU J 85 35.15 39.40 10.56
C LEU J 85 36.34 40.35 10.66
N THR J 86 37.32 40.16 9.79
CA THR J 86 38.49 41.01 9.73
C THR J 86 38.20 42.23 8.85
N SER J 87 39.20 43.10 8.68
CA SER J 87 39.01 44.32 7.89
C SER J 87 38.96 44.06 6.39
N GLY J 88 39.47 42.92 5.94
CA GLY J 88 39.48 42.60 4.52
C GLY J 88 38.30 41.78 4.05
N ASP J 89 37.11 42.08 4.59
CA ASP J 89 35.90 41.38 4.21
C ASP J 89 34.86 42.29 3.57
N THR J 90 35.23 43.52 3.23
CA THR J 90 34.31 44.44 2.55
C THR J 90 34.14 44.03 1.10
N ALA J 91 33.13 43.22 0.82
CA ALA J 91 32.95 42.66 -0.52
C ALA J 91 31.48 42.38 -0.74
N VAL J 92 31.12 42.18 -2.01
CA VAL J 92 29.80 41.69 -2.39
C VAL J 92 29.92 40.18 -2.54
N TYR J 93 28.84 39.47 -2.23
CA TYR J 93 28.88 38.01 -2.12
C TYR J 93 27.84 37.38 -3.05
N TYR J 94 28.20 36.24 -3.63
CA TYR J 94 27.37 35.59 -4.64
C TYR J 94 27.30 34.09 -4.38
N CYS J 95 26.16 33.51 -4.71
CA CYS J 95 25.96 32.06 -4.76
C CYS J 95 25.62 31.69 -6.20
N ALA J 96 26.26 30.64 -6.71
CA ALA J 96 26.19 30.33 -8.13
C ALA J 96 26.22 28.82 -8.35
N THR J 97 25.45 28.39 -9.35
CA THR J 97 25.24 26.97 -9.67
C THR J 97 25.68 26.72 -11.10
N GLN J 98 25.34 25.54 -11.62
CA GLN J 98 25.49 25.20 -13.04
C GLN J 98 24.34 24.28 -13.41
N VAL J 99 23.32 24.81 -14.08
CA VAL J 99 22.13 24.05 -14.46
C VAL J 99 21.87 24.12 -15.97
N LYS J 100 21.92 25.31 -16.56
CA LYS J 100 21.55 25.50 -17.96
C LYS J 100 22.79 25.52 -18.86
N LEU J 101 23.57 24.45 -18.78
CA LEU J 101 24.80 24.34 -19.55
C LEU J 101 24.95 22.92 -20.07
N ASP J 102 26.01 22.69 -20.83
CA ASP J 102 26.34 21.37 -21.35
C ASP J 102 27.54 20.74 -20.64
N SER J 103 28.30 21.52 -19.89
CA SER J 103 29.47 20.99 -19.18
C SER J 103 29.04 20.29 -17.90
N SER J 104 29.64 19.13 -17.65
CA SER J 104 29.33 18.32 -16.47
C SER J 104 30.51 18.29 -15.50
N ALA J 105 31.16 19.44 -15.30
CA ALA J 105 32.33 19.53 -14.44
C ALA J 105 32.17 20.56 -13.33
N GLY J 106 30.94 20.99 -13.06
CA GLY J 106 30.69 21.93 -11.97
C GLY J 106 30.95 23.37 -12.34
N TYR J 107 32.20 23.72 -12.57
CA TYR J 107 32.56 25.02 -13.09
C TYR J 107 32.32 25.05 -14.60
N PRO J 108 31.96 26.22 -15.18
CA PRO J 108 31.77 27.58 -14.65
C PRO J 108 30.38 27.84 -14.10
N PHE J 109 30.02 29.12 -13.98
CA PHE J 109 28.82 29.57 -13.28
C PHE J 109 27.93 30.33 -14.25
N ASP J 110 26.80 29.74 -14.65
CA ASP J 110 25.90 30.40 -15.57
C ASP J 110 24.81 31.20 -14.86
N ILE J 111 24.38 30.78 -13.67
CA ILE J 111 23.32 31.44 -12.93
C ILE J 111 23.93 32.08 -11.70
N TRP J 112 23.66 33.38 -11.51
CA TRP J 112 24.20 34.13 -10.41
C TRP J 112 23.07 34.77 -9.62
N GLY J 113 23.35 35.12 -8.37
CA GLY J 113 22.40 35.80 -7.52
C GLY J 113 22.43 37.31 -7.73
N GLN J 114 21.59 37.99 -6.97
CA GLN J 114 21.53 39.45 -7.06
C GLN J 114 22.64 40.12 -6.24
N GLY J 115 23.28 39.39 -5.34
CA GLY J 115 24.40 39.92 -4.58
C GLY J 115 23.99 40.68 -3.34
N THR J 116 24.62 40.36 -2.22
CA THR J 116 24.44 41.10 -0.97
C THR J 116 25.76 41.73 -0.56
N MET J 117 25.68 42.93 0.02
CA MET J 117 26.85 43.72 0.33
C MET J 117 27.09 43.72 1.83
N VAL J 118 28.27 43.26 2.23
CA VAL J 118 28.72 43.27 3.62
C VAL J 118 29.87 44.27 3.72
N THR J 119 29.63 45.40 4.38
CA THR J 119 30.63 46.44 4.57
C THR J 119 31.03 46.42 6.04
N VAL J 120 32.08 45.65 6.35
CA VAL J 120 32.57 45.56 7.71
C VAL J 120 33.54 46.70 8.00
N VAL K 1 21.23 -25.27 12.57
CA VAL K 1 20.09 -26.05 13.05
C VAL K 1 20.45 -26.79 14.33
N GLN K 2 19.74 -26.45 15.41
CA GLN K 2 20.00 -27.08 16.70
C GLN K 2 18.71 -27.05 17.52
N LEU K 3 18.58 -28.03 18.41
CA LEU K 3 17.41 -28.15 19.27
C LEU K 3 17.87 -28.11 20.72
N VAL K 4 17.45 -27.07 21.45
CA VAL K 4 17.84 -26.86 22.84
C VAL K 4 16.63 -27.14 23.71
N GLN K 5 16.75 -28.11 24.60
CA GLN K 5 15.66 -28.50 25.49
C GLN K 5 15.81 -27.81 26.84
N SER K 6 14.87 -28.12 27.74
CA SER K 6 14.94 -27.61 29.09
C SER K 6 15.86 -28.47 29.95
N ARG K 7 16.08 -28.03 31.19
CA ARG K 7 16.97 -28.74 32.08
C ARG K 7 16.28 -29.95 32.70
N ALA K 8 17.08 -30.79 33.36
CA ALA K 8 16.56 -32.00 33.98
C ALA K 8 15.89 -31.67 35.32
N GLU K 9 14.80 -32.41 35.60
CA GLU K 9 14.06 -32.24 36.84
C GLU K 9 13.75 -33.61 37.43
N VAL K 10 13.46 -33.62 38.73
CA VAL K 10 13.06 -34.83 39.44
C VAL K 10 11.62 -34.66 39.87
N LYS K 11 10.76 -35.60 39.47
CA LYS K 11 9.32 -35.49 39.72
C LYS K 11 8.88 -36.52 40.74
N LYS K 12 7.60 -36.42 41.11
CA LYS K 12 6.93 -37.25 42.09
C LYS K 12 5.80 -38.03 41.43
N PRO K 13 5.46 -39.22 41.94
CA PRO K 13 4.29 -39.94 41.41
C PRO K 13 2.98 -39.28 41.80
N GLY K 14 2.08 -39.20 40.84
CA GLY K 14 0.79 -38.56 41.01
C GLY K 14 0.69 -37.18 40.39
N ALA K 15 1.82 -36.46 40.31
CA ALA K 15 1.84 -35.12 39.75
C ALA K 15 2.08 -35.19 38.25
N SER K 16 2.36 -34.04 37.64
CA SER K 16 2.58 -33.94 36.20
C SER K 16 3.89 -33.24 35.91
N VAL K 17 4.29 -33.25 34.64
CA VAL K 17 5.52 -32.62 34.18
C VAL K 17 5.19 -31.91 32.87
N LYS K 18 5.97 -30.86 32.55
CA LYS K 18 5.83 -30.15 31.29
C LYS K 18 7.22 -29.82 30.77
N VAL K 19 7.54 -30.32 29.58
CA VAL K 19 8.87 -30.22 28.99
C VAL K 19 8.79 -29.39 27.72
N SER K 20 9.59 -28.32 27.66
CA SER K 20 9.71 -27.50 26.47
C SER K 20 10.84 -28.01 25.59
N CYS K 21 10.81 -27.61 24.32
CA CYS K 21 11.85 -27.95 23.35
C CYS K 21 12.01 -26.75 22.42
N GLU K 22 12.99 -25.90 22.71
CA GLU K 22 13.20 -24.67 21.96
C GLU K 22 14.02 -24.97 20.71
N ALA K 23 13.53 -24.52 19.56
CA ALA K 23 14.17 -24.77 18.30
C ALA K 23 14.74 -23.48 17.73
N SER K 24 15.87 -23.59 17.03
CA SER K 24 16.55 -22.44 16.44
C SER K 24 17.39 -22.90 15.27
N GLY K 25 17.45 -22.07 14.22
CA GLY K 25 18.32 -22.31 13.09
C GLY K 25 17.63 -22.79 11.83
N TYR K 26 16.31 -22.94 11.83
CA TYR K 26 15.59 -23.51 10.70
C TYR K 26 14.14 -23.02 10.78
N ASN K 27 13.37 -23.32 9.73
CA ASN K 27 11.95 -22.99 9.70
C ASN K 27 11.18 -23.99 10.55
N PHE K 28 10.77 -23.55 11.75
CA PHE K 28 10.21 -24.42 12.78
C PHE K 28 8.82 -24.94 12.42
N VAL K 29 8.01 -24.15 11.71
CA VAL K 29 6.66 -24.58 11.36
C VAL K 29 6.61 -25.48 10.13
N ASP K 30 7.73 -25.67 9.43
CA ASP K 30 7.71 -26.47 8.21
C ASP K 30 7.79 -27.96 8.51
N HIS K 31 8.64 -28.35 9.45
CA HIS K 31 8.93 -29.75 9.71
C HIS K 31 8.33 -30.17 11.05
N TYR K 32 8.14 -31.49 11.20
CA TYR K 32 7.48 -32.05 12.36
C TYR K 32 8.40 -32.03 13.58
N ILE K 33 7.78 -32.23 14.76
CA ILE K 33 8.49 -32.40 16.01
C ILE K 33 8.11 -33.77 16.56
N HIS K 34 9.08 -34.68 16.64
CA HIS K 34 8.84 -36.05 17.07
C HIS K 34 9.38 -36.23 18.49
N TRP K 35 8.49 -36.53 19.43
CA TRP K 35 8.89 -36.78 20.80
C TRP K 35 9.15 -38.28 20.99
N VAL K 36 10.28 -38.61 21.61
CA VAL K 36 10.67 -39.99 21.82
C VAL K 36 11.38 -40.09 23.18
N ARG K 37 10.93 -41.03 24.01
CA ARG K 37 11.54 -41.27 25.31
C ARG K 37 12.37 -42.54 25.26
N GLN K 38 13.30 -42.65 26.22
CA GLN K 38 14.26 -43.73 26.23
C GLN K 38 14.66 -44.04 27.67
N ALA K 39 14.32 -45.24 28.14
CA ALA K 39 14.76 -45.71 29.43
C ALA K 39 16.28 -45.99 29.39
N PRO K 40 17.02 -45.64 30.48
CA PRO K 40 18.49 -45.72 30.43
C PRO K 40 19.04 -47.15 30.40
N GLY K 41 19.63 -47.51 29.25
CA GLY K 41 20.08 -48.85 28.99
C GLY K 41 19.12 -49.71 28.20
N GLN K 42 17.93 -49.20 27.91
CA GLN K 42 16.89 -49.96 27.22
C GLN K 42 16.61 -49.36 25.85
N ARG K 43 15.61 -49.92 25.18
CA ARG K 43 15.20 -49.49 23.85
C ARG K 43 14.37 -48.20 23.93
N PRO K 44 14.51 -47.30 22.95
CA PRO K 44 13.72 -46.07 22.99
C PRO K 44 12.28 -46.28 22.57
N GLN K 45 11.39 -45.45 23.13
CA GLN K 45 9.96 -45.53 22.88
C GLN K 45 9.52 -44.24 22.20
N TRP K 46 9.00 -44.36 20.99
CA TRP K 46 8.49 -43.20 20.25
C TRP K 46 7.15 -42.77 20.84
N VAL K 47 7.09 -41.55 21.37
CA VAL K 47 5.88 -41.11 22.06
C VAL K 47 4.85 -40.61 21.04
N GLY K 48 5.24 -39.67 20.21
CA GLY K 48 4.33 -39.13 19.21
C GLY K 48 4.93 -37.96 18.48
N TRP K 49 4.34 -37.67 17.32
CA TRP K 49 4.74 -36.54 16.49
C TRP K 49 3.67 -35.47 16.51
N MET K 50 4.08 -34.20 16.39
CA MET K 50 3.18 -33.07 16.42
C MET K 50 3.48 -32.16 15.24
N ASN K 51 2.48 -31.90 14.43
CA ASN K 51 2.60 -30.92 13.35
C ASN K 51 2.50 -29.53 13.93
N PRO K 52 3.52 -28.67 13.80
CA PRO K 52 3.45 -27.34 14.42
C PRO K 52 2.68 -26.32 13.59
N ARG K 53 2.51 -26.59 12.29
CA ARG K 53 1.82 -25.64 11.43
C ARG K 53 0.31 -25.72 11.62
N GLY K 54 -0.26 -26.91 11.42
CA GLY K 54 -1.69 -27.09 11.62
C GLY K 54 -2.08 -27.15 13.08
N GLY K 55 -1.18 -27.63 13.94
CA GLY K 55 -1.46 -27.83 15.35
C GLY K 55 -1.81 -29.25 15.71
N GLY K 56 -1.91 -30.15 14.74
CA GLY K 56 -2.29 -31.52 15.01
C GLY K 56 -1.16 -32.34 15.60
N VAL K 57 -1.55 -33.42 16.27
CA VAL K 57 -0.63 -34.28 16.98
C VAL K 57 -1.23 -35.69 17.01
N ALA K 58 -0.39 -36.69 16.81
CA ALA K 58 -0.79 -38.10 16.82
C ALA K 58 0.08 -38.84 17.83
N TYR K 59 -0.51 -39.18 18.99
CA TYR K 59 0.18 -39.94 20.01
C TYR K 59 0.17 -41.43 19.68
N SER K 60 0.89 -42.21 20.47
CA SER K 60 0.88 -43.65 20.31
C SER K 60 -0.32 -44.27 21.01
N GLN K 61 -0.47 -45.58 20.86
CA GLN K 61 -1.61 -46.28 21.45
C GLN K 61 -1.41 -46.62 22.92
N ARG K 62 -0.21 -46.43 23.47
CA ARG K 62 0.05 -46.72 24.86
C ARG K 62 0.14 -45.48 25.75
N PHE K 63 0.14 -44.29 25.17
CA PHE K 63 0.21 -43.05 25.93
C PHE K 63 -1.03 -42.18 25.73
N GLN K 64 -2.16 -42.77 25.39
CA GLN K 64 -3.38 -42.01 25.15
C GLN K 64 -4.01 -41.58 26.46
N GLY K 65 -4.26 -40.28 26.59
CA GLY K 65 -4.92 -39.72 27.75
C GLY K 65 -4.00 -39.19 28.82
N ARG K 66 -2.69 -39.30 28.64
CA ARG K 66 -1.73 -38.87 29.64
C ARG K 66 -0.75 -37.82 29.17
N VAL K 67 -0.60 -37.61 27.87
CA VAL K 67 0.35 -36.64 27.33
C VAL K 67 -0.39 -35.71 26.36
N THR K 68 -0.17 -34.41 26.54
CA THR K 68 -0.65 -33.38 25.62
C THR K 68 0.54 -32.65 25.05
N MET K 69 0.60 -32.53 23.73
CA MET K 69 1.68 -31.82 23.05
C MET K 69 1.11 -30.57 22.39
N THR K 70 1.44 -29.41 22.93
CA THR K 70 1.10 -28.13 22.33
C THR K 70 2.36 -27.50 21.73
N ARG K 71 2.19 -26.33 21.11
CA ARG K 71 3.31 -25.60 20.55
C ARG K 71 3.00 -24.12 20.62
N ASP K 72 4.06 -23.31 20.54
CA ASP K 72 3.96 -21.85 20.62
C ASP K 72 4.87 -21.25 19.55
N THR K 73 4.28 -20.59 18.57
CA THR K 73 5.04 -20.01 17.47
C THR K 73 5.65 -18.67 17.86
N SER K 74 5.16 -18.04 18.93
CA SER K 74 5.63 -16.72 19.32
C SER K 74 7.03 -16.76 19.96
N ILE K 75 7.42 -17.90 20.51
CA ILE K 75 8.77 -18.10 21.02
C ILE K 75 9.45 -19.30 20.36
N ASP K 76 8.78 -19.94 19.39
CA ASP K 76 9.29 -21.00 18.50
C ASP K 76 9.76 -22.24 19.26
N THR K 77 8.85 -22.80 20.06
CA THR K 77 9.15 -23.98 20.86
C THR K 77 8.01 -24.98 20.80
N ALA K 78 8.34 -26.22 21.08
CA ALA K 78 7.35 -27.28 21.25
C ALA K 78 7.15 -27.54 22.74
N TYR K 79 6.01 -28.16 23.07
CA TYR K 79 5.70 -28.48 24.44
C TYR K 79 5.27 -29.94 24.55
N MET K 80 5.39 -30.47 25.77
CA MET K 80 5.01 -31.85 26.05
C MET K 80 4.61 -31.90 27.52
N GLN K 81 3.32 -31.88 27.78
CA GLN K 81 2.79 -31.90 29.14
C GLN K 81 2.30 -33.31 29.44
N LEU K 82 3.06 -34.03 30.26
CA LEU K 82 2.77 -35.43 30.59
C LEU K 82 2.12 -35.48 31.98
N ASN K 83 0.85 -35.84 32.02
CA ASN K 83 0.11 -35.99 33.26
C ASN K 83 0.01 -37.47 33.63
N ARG K 84 -0.42 -37.70 34.89
CA ARG K 84 -0.59 -39.02 35.54
C ARG K 84 0.71 -39.82 35.51
N LEU K 85 1.70 -39.30 36.23
CA LEU K 85 3.06 -39.86 36.23
C LEU K 85 3.09 -41.16 37.03
N THR K 86 3.18 -42.28 36.30
CA THR K 86 3.29 -43.59 36.92
C THR K 86 4.76 -43.87 37.25
N SER K 87 5.03 -45.05 37.83
CA SER K 87 6.39 -45.39 38.24
C SER K 87 7.27 -45.78 37.06
N GLY K 88 6.69 -46.13 35.92
CA GLY K 88 7.47 -46.54 34.76
C GLY K 88 7.74 -45.42 33.78
N ASP K 89 7.99 -44.21 34.28
CA ASP K 89 8.32 -43.08 33.43
C ASP K 89 9.70 -42.51 33.67
N THR K 90 10.56 -43.22 34.41
CA THR K 90 11.92 -42.78 34.68
C THR K 90 12.76 -43.00 33.42
N ALA K 91 12.88 -41.96 32.60
CA ALA K 91 13.53 -42.07 31.31
C ALA K 91 14.11 -40.70 30.94
N VAL K 92 14.88 -40.69 29.85
CA VAL K 92 15.35 -39.46 29.22
C VAL K 92 14.47 -39.21 28.01
N TYR K 93 14.27 -37.94 27.68
CA TYR K 93 13.29 -37.53 26.68
C TYR K 93 13.95 -36.70 25.59
N TYR K 94 13.48 -36.86 24.36
CA TYR K 94 14.10 -36.23 23.21
C TYR K 94 13.04 -35.68 22.26
N CYS K 95 13.35 -34.55 21.64
CA CYS K 95 12.58 -34.00 20.53
C CYS K 95 13.49 -33.97 19.31
N ALA K 96 12.94 -34.33 18.15
CA ALA K 96 13.75 -34.53 16.96
C ALA K 96 12.95 -34.24 15.70
N THR K 97 13.65 -33.75 14.67
CA THR K 97 13.05 -33.28 13.42
C THR K 97 13.65 -34.08 12.26
N GLN K 98 13.37 -33.62 11.05
CA GLN K 98 14.03 -34.12 9.82
C GLN K 98 14.21 -32.92 8.89
N VAL K 99 15.43 -32.37 8.86
CA VAL K 99 15.70 -31.18 8.05
C VAL K 99 16.85 -31.38 7.07
N LYS K 100 17.99 -31.89 7.53
CA LYS K 100 19.19 -31.99 6.70
C LYS K 100 19.30 -33.39 6.11
N LEU K 101 18.27 -33.77 5.35
CA LEU K 101 18.21 -35.09 4.74
C LEU K 101 17.63 -34.98 3.35
N ASP K 102 17.55 -36.11 2.66
CA ASP K 102 16.94 -36.19 1.34
C ASP K 102 15.60 -36.91 1.34
N SER K 103 15.26 -37.61 2.43
CA SER K 103 13.99 -38.32 2.50
C SER K 103 12.85 -37.37 2.83
N SER K 104 11.70 -37.60 2.21
CA SER K 104 10.51 -36.77 2.41
C SER K 104 9.37 -37.59 3.02
N ALA K 105 9.68 -38.40 4.03
CA ALA K 105 8.69 -39.24 4.67
C ALA K 105 8.65 -39.05 6.19
N GLY K 106 9.15 -37.93 6.70
CA GLY K 106 9.07 -37.65 8.12
C GLY K 106 10.15 -38.35 8.95
N TYR K 107 10.05 -39.67 9.07
CA TYR K 107 11.09 -40.47 9.67
C TYR K 107 12.22 -40.66 8.66
N PRO K 108 13.49 -40.80 9.11
CA PRO K 108 14.08 -40.84 10.45
C PRO K 108 14.41 -39.47 11.03
N PHE K 109 15.27 -39.46 12.05
CA PHE K 109 15.55 -38.28 12.85
C PHE K 109 17.04 -37.97 12.76
N ASP K 110 17.39 -36.84 12.14
CA ASP K 110 18.81 -36.50 12.00
C ASP K 110 19.29 -35.55 13.09
N ILE K 111 18.47 -34.58 13.49
CA ILE K 111 18.84 -33.58 14.49
C ILE K 111 18.14 -33.93 15.78
N TRP K 112 18.91 -34.06 16.86
CA TRP K 112 18.38 -34.43 18.16
C TRP K 112 18.72 -33.35 19.17
N GLY K 113 18.01 -33.37 20.30
CA GLY K 113 18.26 -32.46 21.39
C GLY K 113 19.32 -32.99 22.34
N GLN K 114 19.59 -32.22 23.40
CA GLN K 114 20.56 -32.65 24.40
C GLN K 114 19.94 -33.60 25.42
N GLY K 115 18.62 -33.71 25.47
CA GLY K 115 17.96 -34.65 26.34
C GLY K 115 17.77 -34.15 27.77
N THR K 116 16.58 -34.37 28.31
CA THR K 116 16.28 -34.05 29.70
C THR K 116 15.83 -35.32 30.43
N MET K 117 16.34 -35.48 31.65
CA MET K 117 16.11 -36.69 32.43
C MET K 117 15.07 -36.40 33.51
N VAL K 118 14.12 -37.32 33.65
CA VAL K 118 13.15 -37.28 34.75
C VAL K 118 13.25 -38.58 35.53
N THR K 119 13.12 -38.49 36.85
CA THR K 119 13.21 -39.63 37.75
C THR K 119 12.01 -39.58 38.68
N VAL K 120 10.90 -40.18 38.25
CA VAL K 120 9.68 -40.18 39.03
C VAL K 120 9.65 -41.37 39.97
N VAL L 1 -32.91 -8.55 -10.43
CA VAL L 1 -33.28 -7.14 -10.52
C VAL L 1 -34.72 -6.95 -10.05
N GLN L 2 -34.89 -6.16 -8.99
CA GLN L 2 -36.21 -5.89 -8.47
C GLN L 2 -36.22 -4.49 -7.85
N LEU L 3 -37.31 -3.76 -8.09
CA LEU L 3 -37.46 -2.39 -7.60
C LEU L 3 -38.60 -2.35 -6.60
N VAL L 4 -38.28 -2.05 -5.34
CA VAL L 4 -39.25 -2.03 -4.25
C VAL L 4 -39.49 -0.57 -3.86
N GLN L 5 -40.71 -0.10 -4.02
CA GLN L 5 -41.08 1.26 -3.66
C GLN L 5 -41.67 1.30 -2.26
N SER L 6 -42.07 2.50 -1.85
CA SER L 6 -42.71 2.67 -0.55
C SER L 6 -44.19 2.31 -0.61
N ARG L 7 -44.83 2.33 0.55
CA ARG L 7 -46.24 1.95 0.63
C ARG L 7 -47.13 3.10 0.19
N ALA L 8 -48.42 2.80 0.06
CA ALA L 8 -49.39 3.78 -0.39
C ALA L 8 -49.79 4.72 0.75
N GLU L 9 -49.94 5.99 0.42
CA GLU L 9 -50.34 7.01 1.38
C GLU L 9 -51.45 7.85 0.78
N VAL L 10 -52.22 8.48 1.66
CA VAL L 10 -53.27 9.43 1.28
C VAL L 10 -52.83 10.82 1.71
N LYS L 11 -52.87 11.77 0.78
CA LYS L 11 -52.39 13.12 1.03
C LYS L 11 -53.52 14.13 0.95
N LYS L 12 -53.18 15.38 1.26
CA LYS L 12 -54.06 16.52 1.30
C LYS L 12 -53.64 17.56 0.26
N PRO L 13 -54.58 18.35 -0.27
CA PRO L 13 -54.17 19.44 -1.18
C PRO L 13 -53.49 20.57 -0.43
N GLY L 14 -52.41 21.07 -1.02
CA GLY L 14 -51.59 22.11 -0.42
C GLY L 14 -50.30 21.61 0.20
N ALA L 15 -50.28 20.37 0.65
CA ALA L 15 -49.10 19.79 1.27
C ALA L 15 -48.23 19.12 0.21
N SER L 16 -47.23 18.36 0.64
CA SER L 16 -46.29 17.70 -0.24
C SER L 16 -46.22 16.22 0.06
N VAL L 17 -45.50 15.49 -0.80
CA VAL L 17 -45.33 14.05 -0.67
C VAL L 17 -43.86 13.74 -1.02
N LYS L 18 -43.36 12.63 -0.49
CA LYS L 18 -42.01 12.16 -0.81
C LYS L 18 -42.05 10.65 -0.96
N VAL L 19 -41.67 10.16 -2.13
CA VAL L 19 -41.74 8.75 -2.48
C VAL L 19 -40.34 8.21 -2.73
N SER L 20 -39.97 7.17 -1.99
CA SER L 20 -38.71 6.48 -2.20
C SER L 20 -38.89 5.32 -3.17
N CYS L 21 -37.77 4.86 -3.73
CA CYS L 21 -37.78 3.70 -4.62
C CYS L 21 -36.46 2.96 -4.39
N GLU L 22 -36.51 1.89 -3.60
CA GLU L 22 -35.33 1.13 -3.23
C GLU L 22 -35.05 0.09 -4.32
N ALA L 23 -33.83 0.08 -4.81
CA ALA L 23 -33.42 -0.81 -5.89
C ALA L 23 -32.52 -1.91 -5.34
N SER L 24 -32.59 -3.09 -5.98
CA SER L 24 -31.81 -4.24 -5.55
C SER L 24 -31.62 -5.19 -6.72
N GLY L 25 -30.41 -5.76 -6.84
CA GLY L 25 -30.13 -6.80 -7.80
C GLY L 25 -29.27 -6.40 -8.97
N TYR L 26 -28.82 -5.15 -9.04
CA TYR L 26 -28.10 -4.64 -10.20
C TYR L 26 -27.25 -3.44 -9.75
N ASN L 27 -26.42 -2.95 -10.67
CA ASN L 27 -25.59 -1.77 -10.41
C ASN L 27 -26.45 -0.53 -10.53
N PHE L 28 -26.82 0.05 -9.38
CA PHE L 28 -27.77 1.16 -9.30
C PHE L 28 -27.20 2.46 -9.87
N VAL L 29 -25.88 2.65 -9.81
CA VAL L 29 -25.29 3.89 -10.28
C VAL L 29 -25.13 3.94 -11.81
N ASP L 30 -25.31 2.81 -12.49
CA ASP L 30 -25.02 2.78 -13.93
C ASP L 30 -26.24 3.19 -14.75
N HIS L 31 -27.43 2.74 -14.36
CA HIS L 31 -28.62 2.89 -15.18
C HIS L 31 -29.53 3.97 -14.60
N TYR L 32 -30.38 4.53 -15.46
CA TYR L 32 -31.24 5.65 -15.10
C TYR L 32 -32.42 5.17 -14.25
N ILE L 33 -33.07 6.14 -13.61
CA ILE L 33 -34.32 5.92 -12.89
C ILE L 33 -35.37 6.83 -13.52
N HIS L 34 -36.38 6.24 -14.14
CA HIS L 34 -37.42 6.97 -14.84
C HIS L 34 -38.70 6.94 -14.02
N TRP L 35 -39.15 8.10 -13.58
CA TRP L 35 -40.40 8.20 -12.84
C TRP L 35 -41.55 8.44 -13.81
N VAL L 36 -42.63 7.69 -13.63
CA VAL L 36 -43.80 7.78 -14.50
C VAL L 36 -45.06 7.59 -13.66
N ARG L 37 -46.01 8.52 -13.81
CA ARG L 37 -47.27 8.44 -13.09
C ARG L 37 -48.39 8.03 -14.05
N GLN L 38 -49.45 7.48 -13.47
CA GLN L 38 -50.55 6.93 -14.27
C GLN L 38 -51.85 7.06 -13.51
N ALA L 39 -52.77 7.87 -14.05
CA ALA L 39 -54.13 7.96 -13.52
C ALA L 39 -54.87 6.66 -13.79
N PRO L 40 -55.69 6.18 -12.80
CA PRO L 40 -56.32 4.85 -12.93
C PRO L 40 -57.39 4.75 -14.01
N GLY L 41 -57.08 3.98 -15.05
CA GLY L 41 -57.93 3.88 -16.23
C GLY L 41 -57.53 4.77 -17.38
N GLN L 42 -56.53 5.62 -17.21
CA GLN L 42 -56.11 6.58 -18.22
C GLN L 42 -54.69 6.24 -18.71
N ARG L 43 -54.18 7.10 -19.59
CA ARG L 43 -52.85 6.93 -20.16
C ARG L 43 -51.79 7.35 -19.15
N PRO L 44 -50.63 6.67 -19.11
CA PRO L 44 -49.58 7.07 -18.17
C PRO L 44 -48.84 8.32 -18.62
N GLN L 45 -48.35 9.07 -17.63
CA GLN L 45 -47.64 10.32 -17.86
C GLN L 45 -46.22 10.17 -17.36
N TRP L 46 -45.25 10.33 -18.25
CA TRP L 46 -43.84 10.24 -17.89
C TRP L 46 -43.43 11.51 -17.16
N VAL L 47 -43.00 11.37 -15.90
CA VAL L 47 -42.65 12.54 -15.10
C VAL L 47 -41.26 13.05 -15.46
N GLY L 48 -40.26 12.19 -15.32
CA GLY L 48 -38.90 12.58 -15.62
C GLY L 48 -37.92 11.50 -15.25
N TRP L 49 -36.74 11.57 -15.87
CA TRP L 49 -35.65 10.66 -15.59
C TRP L 49 -34.57 11.37 -14.78
N MET L 50 -33.88 10.60 -13.94
CA MET L 50 -32.83 11.13 -13.07
C MET L 50 -31.60 10.25 -13.19
N ASN L 51 -30.49 10.84 -13.59
CA ASN L 51 -29.22 10.13 -13.62
C ASN L 51 -28.69 10.01 -12.20
N PRO L 52 -28.48 8.80 -11.68
CA PRO L 52 -28.02 8.69 -10.29
C PRO L 52 -26.52 8.85 -10.13
N ARG L 53 -25.74 8.69 -11.20
CA ARG L 53 -24.30 8.81 -11.09
C ARG L 53 -23.87 10.26 -11.01
N GLY L 54 -24.24 11.06 -12.01
CA GLY L 54 -23.90 12.48 -11.99
C GLY L 54 -24.76 13.28 -11.04
N GLY L 55 -25.99 12.83 -10.79
CA GLY L 55 -26.93 13.55 -9.97
C GLY L 55 -27.95 14.37 -10.75
N GLY L 56 -27.82 14.43 -12.07
CA GLY L 56 -28.70 15.26 -12.88
C GLY L 56 -30.06 14.62 -13.08
N VAL L 57 -31.02 15.48 -13.43
CA VAL L 57 -32.42 15.08 -13.59
C VAL L 57 -33.05 16.02 -14.61
N ALA L 58 -33.85 15.47 -15.50
CA ALA L 58 -34.57 16.24 -16.52
C ALA L 58 -36.06 15.91 -16.40
N TYR L 59 -36.85 16.90 -15.96
CA TYR L 59 -38.28 16.73 -15.79
C TYR L 59 -39.00 16.95 -17.12
N SER L 60 -40.34 16.93 -17.04
CA SER L 60 -41.15 17.29 -18.19
C SER L 60 -41.42 18.79 -18.20
N GLN L 61 -42.12 19.25 -19.24
CA GLN L 61 -42.44 20.66 -19.37
C GLN L 61 -43.75 21.04 -18.67
N ARG L 62 -44.44 20.08 -18.06
CA ARG L 62 -45.66 20.37 -17.32
C ARG L 62 -45.53 20.18 -15.82
N PHE L 63 -44.40 19.62 -15.34
CA PHE L 63 -44.17 19.40 -13.92
C PHE L 63 -43.01 20.23 -13.39
N GLN L 64 -42.70 21.35 -14.04
CA GLN L 64 -41.56 22.16 -13.63
C GLN L 64 -41.91 23.00 -12.41
N GLY L 65 -41.07 22.91 -11.38
CA GLY L 65 -41.24 23.70 -10.18
C GLY L 65 -42.03 23.04 -9.08
N ARG L 66 -42.47 21.80 -9.27
CA ARG L 66 -43.28 21.11 -8.28
C ARG L 66 -42.72 19.77 -7.83
N VAL L 67 -41.77 19.18 -8.57
CA VAL L 67 -41.21 17.89 -8.23
C VAL L 67 -39.68 18.01 -8.19
N THR L 68 -39.08 17.51 -7.10
CA THR L 68 -37.64 17.39 -6.97
C THR L 68 -37.29 15.92 -6.86
N MET L 69 -36.35 15.46 -7.69
CA MET L 69 -35.91 14.08 -7.67
C MET L 69 -34.45 14.04 -7.21
N THR L 70 -34.24 13.56 -6.00
CA THR L 70 -32.90 13.35 -5.47
C THR L 70 -32.61 11.85 -5.40
N ARG L 71 -31.39 11.51 -4.98
CA ARG L 71 -31.00 10.12 -4.83
C ARG L 71 -30.00 10.02 -3.69
N ASP L 72 -29.87 8.80 -3.16
CA ASP L 72 -28.97 8.52 -2.05
C ASP L 72 -28.24 7.21 -2.37
N THR L 73 -26.93 7.30 -2.56
CA THR L 73 -26.11 6.16 -2.94
C THR L 73 -25.75 5.28 -1.74
N SER L 74 -25.89 5.81 -0.51
CA SER L 74 -25.49 5.07 0.68
C SER L 74 -26.46 3.95 1.02
N ILE L 75 -27.74 4.11 0.65
CA ILE L 75 -28.73 3.08 0.81
C ILE L 75 -29.29 2.60 -0.52
N ASP L 76 -28.66 3.02 -1.63
CA ASP L 76 -29.01 2.80 -3.07
C ASP L 76 -30.50 2.92 -3.39
N THR L 77 -31.13 3.98 -2.87
CA THR L 77 -32.52 4.30 -3.20
C THR L 77 -32.58 5.60 -3.98
N ALA L 78 -33.67 5.75 -4.74
CA ALA L 78 -33.99 7.00 -5.39
C ALA L 78 -35.11 7.70 -4.63
N TYR L 79 -35.27 9.00 -4.89
CA TYR L 79 -36.29 9.79 -4.22
C TYR L 79 -37.07 10.60 -5.23
N MET L 80 -38.27 11.03 -4.81
CA MET L 80 -39.14 11.85 -5.64
C MET L 80 -40.02 12.66 -4.69
N GLN L 81 -39.69 13.93 -4.50
CA GLN L 81 -40.42 14.80 -3.59
C GLN L 81 -41.29 15.75 -4.42
N LEU L 82 -42.60 15.51 -4.40
CA LEU L 82 -43.56 16.28 -5.18
C LEU L 82 -44.26 17.27 -4.25
N ASN L 83 -44.00 18.55 -4.46
CA ASN L 83 -44.63 19.62 -3.71
C ASN L 83 -45.75 20.26 -4.52
N ARG L 84 -46.55 21.10 -3.84
CA ARG L 84 -47.72 21.82 -4.35
C ARG L 84 -48.76 20.86 -4.97
N LEU L 85 -49.32 20.03 -4.10
CA LEU L 85 -50.22 18.95 -4.51
C LEU L 85 -51.56 19.52 -4.95
N THR L 86 -51.79 19.54 -6.26
CA THR L 86 -53.04 20.00 -6.84
C THR L 86 -54.04 18.84 -6.87
N SER L 87 -55.24 19.08 -7.40
CA SER L 87 -56.27 18.05 -7.45
C SER L 87 -56.01 16.99 -8.51
N GLY L 88 -55.19 17.31 -9.51
CA GLY L 88 -54.92 16.37 -10.58
C GLY L 88 -53.68 15.51 -10.37
N ASP L 89 -53.43 15.08 -9.14
CA ASP L 89 -52.31 14.22 -8.81
C ASP L 89 -52.73 12.87 -8.27
N THR L 90 -54.01 12.52 -8.35
CA THR L 90 -54.51 11.23 -7.89
C THR L 90 -54.11 10.17 -8.91
N ALA L 91 -52.98 9.53 -8.68
CA ALA L 91 -52.42 8.59 -9.65
C ALA L 91 -51.57 7.57 -8.90
N VAL L 92 -51.19 6.51 -9.62
CA VAL L 92 -50.22 5.53 -9.14
C VAL L 92 -48.88 5.89 -9.77
N TYR L 93 -47.80 5.64 -9.04
CA TYR L 93 -46.48 6.13 -9.40
C TYR L 93 -45.50 4.97 -9.51
N TYR L 94 -44.63 5.04 -10.52
CA TYR L 94 -43.71 3.94 -10.83
C TYR L 94 -42.30 4.47 -11.05
N CYS L 95 -41.32 3.67 -10.65
CA CYS L 95 -39.91 3.90 -10.97
C CYS L 95 -39.44 2.73 -11.82
N ALA L 96 -38.72 3.02 -12.90
CA ALA L 96 -38.39 2.01 -13.90
C ALA L 96 -37.02 2.28 -14.51
N THR L 97 -36.33 1.19 -14.84
CA THR L 97 -34.94 1.22 -15.34
C THR L 97 -34.90 0.55 -16.71
N GLN L 98 -33.69 0.32 -17.20
CA GLN L 98 -33.44 -0.50 -18.38
C GLN L 98 -32.14 -1.28 -18.16
N VAL L 99 -32.26 -2.58 -17.82
CA VAL L 99 -31.09 -3.39 -17.55
C VAL L 99 -31.02 -4.65 -18.42
N LYS L 100 -32.11 -5.41 -18.50
CA LYS L 100 -32.10 -6.71 -19.16
C LYS L 100 -32.63 -6.58 -20.59
N LEU L 101 -31.97 -5.72 -21.36
CA LEU L 101 -32.37 -5.46 -22.73
C LEU L 101 -31.12 -5.36 -23.60
N ASP L 102 -31.32 -5.17 -24.90
CA ASP L 102 -30.23 -4.99 -25.83
C ASP L 102 -30.12 -3.55 -26.34
N SER L 103 -31.11 -2.71 -26.07
CA SER L 103 -31.10 -1.33 -26.53
C SER L 103 -30.26 -0.47 -25.59
N SER L 104 -29.46 0.42 -26.19
CA SER L 104 -28.58 1.32 -25.46
C SER L 104 -29.03 2.76 -25.59
N ALA L 105 -30.35 2.99 -25.54
CA ALA L 105 -30.92 4.32 -25.72
C ALA L 105 -31.79 4.75 -24.54
N GLY L 106 -31.64 4.10 -23.38
CA GLY L 106 -32.38 4.49 -22.20
C GLY L 106 -33.79 3.96 -22.15
N TYR L 107 -34.65 4.45 -23.03
CA TYR L 107 -35.98 3.90 -23.22
C TYR L 107 -35.87 2.60 -24.02
N PRO L 108 -36.80 1.64 -23.81
CA PRO L 108 -37.98 1.53 -22.95
C PRO L 108 -37.68 1.02 -21.55
N PHE L 109 -38.72 0.56 -20.86
CA PHE L 109 -38.64 0.18 -19.46
C PHE L 109 -39.02 -1.29 -19.33
N ASP L 110 -38.05 -2.13 -18.98
CA ASP L 110 -38.32 -3.57 -18.82
C ASP L 110 -38.65 -3.95 -17.38
N ILE L 111 -38.01 -3.30 -16.41
CA ILE L 111 -38.20 -3.61 -14.99
C ILE L 111 -39.02 -2.50 -14.37
N TRP L 112 -40.12 -2.86 -13.72
CA TRP L 112 -41.02 -1.90 -13.10
C TRP L 112 -41.15 -2.23 -11.61
N GLY L 113 -41.56 -1.24 -10.83
CA GLY L 113 -41.82 -1.43 -9.43
C GLY L 113 -43.24 -1.90 -9.17
N GLN L 114 -43.55 -2.10 -7.89
CA GLN L 114 -44.89 -2.54 -7.51
C GLN L 114 -45.90 -1.41 -7.48
N GLY L 115 -45.45 -0.16 -7.50
CA GLY L 115 -46.35 0.97 -7.57
C GLY L 115 -46.93 1.41 -6.25
N THR L 116 -46.97 2.71 -6.02
CA THR L 116 -47.61 3.29 -4.85
C THR L 116 -48.70 4.26 -5.26
N MET L 117 -49.82 4.22 -4.57
CA MET L 117 -51.00 4.99 -4.92
C MET L 117 -51.17 6.17 -3.96
N VAL L 118 -51.43 7.34 -4.53
CA VAL L 118 -51.78 8.52 -3.74
C VAL L 118 -53.12 9.05 -4.23
N THR L 119 -53.95 9.52 -3.29
CA THR L 119 -55.27 10.04 -3.59
C THR L 119 -55.41 11.38 -2.87
N VAL L 120 -54.99 12.44 -3.54
CA VAL L 120 -55.06 13.78 -2.97
C VAL L 120 -56.43 14.40 -3.23
N VAL M 1 23.58 -5.70 60.24
CA VAL M 1 24.77 -6.53 60.06
C VAL M 1 24.37 -7.99 59.85
N ARG M 2 24.66 -8.50 58.66
CA ARG M 2 24.29 -9.87 58.31
C ARG M 2 25.26 -10.85 58.94
N PRO M 3 24.80 -11.83 59.72
CA PRO M 3 25.71 -12.85 60.25
C PRO M 3 25.86 -14.04 59.31
N LEU M 4 26.90 -14.83 59.56
CA LEU M 4 27.15 -16.05 58.81
C LEU M 4 27.83 -17.05 59.74
N SER M 5 27.51 -18.33 59.56
CA SER M 5 28.03 -19.38 60.40
C SER M 5 28.83 -20.38 59.58
N VAL M 6 29.95 -20.84 60.16
CA VAL M 6 30.79 -21.85 59.53
C VAL M 6 31.44 -22.64 60.66
N ALA M 7 31.88 -23.87 60.33
CA ALA M 7 32.52 -24.75 61.28
C ALA M 7 34.03 -24.76 61.04
N LEU M 8 34.72 -25.65 61.74
CA LEU M 8 36.16 -25.77 61.59
C LEU M 8 36.49 -26.56 60.32
N GLY M 9 37.36 -26.01 59.49
CA GLY M 9 37.84 -26.69 58.30
C GLY M 9 37.01 -26.48 57.05
N GLU M 10 35.77 -26.01 57.17
CA GLU M 10 34.93 -25.83 56.00
C GLU M 10 35.30 -24.54 55.27
N THR M 11 35.20 -24.58 53.94
CA THR M 11 35.58 -23.46 53.09
C THR M 11 34.49 -22.38 53.18
N ALA M 12 34.77 -21.33 53.94
CA ALA M 12 33.79 -20.26 54.15
C ALA M 12 33.78 -19.33 52.95
N ARG M 13 32.71 -19.39 52.15
CA ARG M 13 32.54 -18.57 50.96
C ARG M 13 31.47 -17.52 51.27
N ILE M 14 31.90 -16.37 51.76
CA ILE M 14 31.01 -15.30 52.15
C ILE M 14 30.60 -14.50 50.92
N SER M 15 29.41 -13.89 50.98
CA SER M 15 28.88 -13.16 49.85
C SER M 15 29.28 -11.68 49.93
N CYS M 16 28.84 -10.90 48.95
CA CYS M 16 29.17 -9.50 48.81
C CYS M 16 27.93 -8.65 49.11
N GLY M 17 28.05 -7.35 48.86
CA GLY M 17 26.99 -6.41 49.13
C GLY M 17 26.13 -6.16 47.90
N ARG M 18 26.36 -5.04 47.22
CA ARG M 18 25.57 -4.68 46.05
C ARG M 18 25.92 -5.56 44.84
N GLN M 19 25.10 -5.43 43.80
CA GLN M 19 25.28 -6.22 42.58
C GLN M 19 26.44 -5.69 41.77
N ALA M 20 27.16 -6.60 41.11
CA ALA M 20 28.27 -6.24 40.26
C ALA M 20 27.79 -5.60 38.97
N LEU M 21 28.42 -4.48 38.58
CA LEU M 21 28.04 -3.73 37.40
C LEU M 21 29.29 -3.48 36.55
N GLY M 22 29.51 -4.33 35.57
CA GLY M 22 30.63 -4.12 34.66
C GLY M 22 31.92 -4.67 35.21
N SER M 23 32.97 -3.85 35.16
CA SER M 23 34.26 -4.25 35.69
C SER M 23 34.25 -4.21 37.21
N ARG M 24 35.16 -4.96 37.82
CA ARG M 24 35.19 -5.10 39.26
C ARG M 24 36.61 -5.00 39.79
N ALA M 25 36.77 -4.24 40.86
CA ALA M 25 37.98 -4.27 41.69
C ALA M 25 37.48 -4.29 43.13
N VAL M 26 37.21 -5.50 43.65
CA VAL M 26 36.69 -5.61 45.00
C VAL M 26 37.82 -5.45 46.00
N GLN M 27 37.46 -5.02 47.21
CA GLN M 27 38.42 -4.73 48.27
C GLN M 27 37.92 -5.41 49.54
N TRP M 28 38.42 -6.62 49.79
CA TRP M 28 37.99 -7.42 50.94
C TRP M 28 38.85 -7.07 52.14
N TYR M 29 38.21 -6.84 53.28
CA TYR M 29 38.90 -6.48 54.51
C TYR M 29 38.36 -7.31 55.67
N GLN M 30 39.26 -7.68 56.58
CA GLN M 30 38.90 -8.33 57.83
C GLN M 30 39.10 -7.33 58.95
N HIS M 31 38.01 -6.77 59.45
CA HIS M 31 38.04 -5.80 60.55
C HIS M 31 37.95 -6.56 61.86
N ARG M 32 39.06 -6.60 62.60
CA ARG M 32 39.05 -7.23 63.91
C ARG M 32 38.36 -6.32 64.92
N PRO M 33 37.63 -6.88 65.91
CA PRO M 33 36.97 -6.03 66.92
C PRO M 33 37.96 -5.42 67.90
N GLY M 34 38.15 -4.11 67.80
CA GLY M 34 39.09 -3.42 68.65
C GLY M 34 40.38 -3.06 67.93
N GLN M 35 40.85 -3.97 67.07
CA GLN M 35 42.08 -3.76 66.34
C GLN M 35 41.82 -3.07 65.00
N ALA M 36 42.86 -3.01 64.16
CA ALA M 36 42.84 -2.41 62.84
C ALA M 36 42.40 -3.42 61.79
N PRO M 37 41.71 -2.97 60.72
CA PRO M 37 41.38 -3.89 59.62
C PRO M 37 42.62 -4.26 58.81
N ILE M 38 42.57 -5.45 58.23
CA ILE M 38 43.68 -6.03 57.49
C ILE M 38 43.24 -6.23 56.04
N LEU M 39 44.06 -5.78 55.10
CA LEU M 39 43.79 -5.97 53.68
C LEU M 39 43.93 -7.44 53.30
N LEU M 40 42.92 -7.97 52.60
CA LEU M 40 42.91 -9.36 52.20
C LEU M 40 43.01 -9.55 50.69
N ILE M 41 42.07 -8.96 49.93
CA ILE M 41 41.99 -9.18 48.49
C ILE M 41 41.84 -7.82 47.81
N TYR M 42 42.76 -7.51 46.90
CA TYR M 42 42.65 -6.35 46.03
C TYR M 42 42.82 -6.82 44.60
N ASN M 43 42.13 -6.11 43.67
CA ASN M 43 42.06 -6.36 42.23
C ASN M 43 41.56 -7.76 41.88
N ASN M 44 40.65 -8.30 42.72
CA ASN M 44 39.89 -9.55 42.62
C ASN M 44 40.71 -10.86 42.71
N GLN M 45 42.03 -10.79 42.71
CA GLN M 45 42.86 -11.98 42.86
C GLN M 45 44.09 -11.80 43.73
N ASP M 46 44.60 -10.59 43.92
CA ASP M 46 45.91 -10.39 44.51
C ASP M 46 45.82 -10.29 46.03
N ARG M 47 46.89 -10.71 46.70
CA ARG M 47 47.02 -10.69 48.14
C ARG M 47 48.23 -9.86 48.54
N PRO M 48 48.18 -9.14 49.65
CA PRO M 48 49.37 -8.45 50.16
C PRO M 48 50.23 -9.38 51.00
N SER M 49 51.26 -8.79 51.61
CA SER M 49 52.18 -9.55 52.45
C SER M 49 51.55 -9.90 53.79
N GLY M 50 51.85 -11.10 54.27
CA GLY M 50 51.32 -11.56 55.53
C GLY M 50 50.02 -12.32 55.46
N ILE M 51 49.52 -12.61 54.27
CA ILE M 51 48.24 -13.30 54.10
C ILE M 51 48.50 -14.61 53.35
N PRO M 52 48.06 -15.77 53.88
CA PRO M 52 48.32 -17.05 53.19
C PRO M 52 47.41 -17.30 52.00
N GLU M 53 47.50 -18.51 51.45
CA GLU M 53 46.70 -18.91 50.29
C GLU M 53 45.26 -19.30 50.62
N ARG M 54 44.85 -19.22 51.89
CA ARG M 54 43.48 -19.55 52.26
C ARG M 54 42.51 -18.46 51.83
N PHE M 55 42.85 -17.20 52.09
CA PHE M 55 42.01 -16.08 51.69
C PHE M 55 42.21 -15.80 50.21
N SER M 56 41.15 -15.95 49.42
CA SER M 56 41.22 -15.73 47.98
C SER M 56 39.85 -15.34 47.46
N GLY M 57 39.82 -14.33 46.58
CA GLY M 57 38.59 -13.93 45.92
C GLY M 57 38.47 -14.48 44.52
N THR M 58 37.34 -14.19 43.88
CA THR M 58 37.07 -14.66 42.54
C THR M 58 37.56 -13.61 41.53
N PRO M 59 38.44 -13.96 40.59
CA PRO M 59 38.88 -13.00 39.58
C PRO M 59 37.81 -12.76 38.53
N ASP M 60 37.53 -11.49 38.25
CA ASP M 60 36.45 -11.11 37.34
C ASP M 60 36.92 -11.23 35.90
N ILE M 61 36.84 -12.45 35.36
CA ILE M 61 37.09 -12.71 33.95
C ILE M 61 35.80 -13.26 33.36
N ASN M 62 35.35 -12.65 32.24
CA ASN M 62 34.09 -12.93 31.52
C ASN M 62 32.89 -12.74 32.46
N PHE M 63 32.66 -11.46 32.76
CA PHE M 63 31.73 -10.93 33.77
C PHE M 63 30.32 -11.50 33.65
N GLY M 64 29.74 -11.81 34.81
CA GLY M 64 28.50 -12.55 34.93
C GLY M 64 28.58 -13.42 36.17
N THR M 65 29.77 -13.45 36.77
CA THR M 65 30.04 -14.19 37.99
C THR M 65 29.99 -13.23 39.19
N ARG M 66 29.32 -13.66 40.26
CA ARG M 66 29.22 -12.82 41.44
C ARG M 66 30.52 -12.90 42.27
N ALA M 67 30.83 -11.79 42.94
CA ALA M 67 32.06 -11.68 43.72
C ALA M 67 31.84 -12.30 45.10
N THR M 68 32.70 -13.25 45.46
CA THR M 68 32.68 -13.87 46.78
C THR M 68 34.10 -13.91 47.32
N LEU M 69 34.23 -14.36 48.56
CA LEU M 69 35.54 -14.51 49.20
C LEU M 69 35.59 -15.86 49.90
N THR M 70 36.49 -16.72 49.44
CA THR M 70 36.64 -18.07 49.98
C THR M 70 37.67 -18.06 51.10
N ILE M 71 37.28 -18.61 52.25
CA ILE M 71 38.17 -18.77 53.40
C ILE M 71 38.24 -20.27 53.68
N SER M 72 39.30 -20.91 53.21
CA SER M 72 39.46 -22.36 53.34
C SER M 72 40.22 -22.69 54.62
N GLY M 73 39.59 -23.47 55.50
CA GLY M 73 40.22 -23.85 56.75
C GLY M 73 40.31 -22.72 57.76
N VAL M 74 39.16 -22.27 58.28
CA VAL M 74 39.14 -21.16 59.21
C VAL M 74 39.58 -21.64 60.59
N GLU M 75 40.03 -20.70 61.42
CA GLU M 75 40.47 -20.96 62.78
C GLU M 75 39.65 -20.08 63.73
N ALA M 76 40.03 -20.12 65.02
CA ALA M 76 39.35 -19.30 66.01
C ALA M 76 39.83 -17.84 65.98
N GLY M 77 41.05 -17.62 65.51
CA GLY M 77 41.57 -16.25 65.46
C GLY M 77 41.01 -15.46 64.29
N ASP M 78 40.67 -16.13 63.21
CA ASP M 78 40.12 -15.47 62.02
C ASP M 78 38.59 -15.47 62.04
N GLU M 79 38.03 -14.92 63.11
CA GLU M 79 36.58 -14.82 63.30
C GLU M 79 36.28 -13.38 63.69
N ALA M 80 35.96 -12.56 62.71
CA ALA M 80 35.79 -11.12 62.93
C ALA M 80 34.84 -10.57 61.87
N ASP M 81 34.72 -9.25 61.83
CA ASP M 81 33.87 -8.56 60.85
C ASP M 81 34.55 -8.58 59.48
N TYR M 82 33.72 -8.49 58.43
CA TYR M 82 34.20 -8.51 57.06
C TYR M 82 33.51 -7.42 56.25
N TYR M 83 34.27 -6.80 55.34
CA TYR M 83 33.77 -5.72 54.51
C TYR M 83 34.11 -6.00 53.05
N CYS M 84 33.27 -5.50 52.15
CA CYS M 84 33.45 -5.65 50.70
C CYS M 84 33.22 -4.29 50.05
N HIS M 85 34.31 -3.56 49.81
CA HIS M 85 34.24 -2.27 49.14
C HIS M 85 34.16 -2.52 47.64
N MET M 86 32.96 -2.36 47.07
CA MET M 86 32.71 -2.65 45.67
C MET M 86 33.07 -1.43 44.83
N TRP M 87 34.04 -1.60 43.93
CA TRP M 87 34.45 -0.54 43.00
C TRP M 87 34.14 -1.00 41.58
N ASP M 88 33.22 -0.30 40.92
CA ASP M 88 32.81 -0.67 39.58
C ASP M 88 32.88 0.53 38.64
N SER M 89 32.36 0.37 37.43
CA SER M 89 32.42 1.42 36.42
C SER M 89 31.08 2.09 36.13
N ARG M 90 29.96 1.43 36.42
CA ARG M 90 28.65 1.97 36.11
C ARG M 90 27.99 2.68 37.28
N SER M 91 28.68 2.77 38.43
CA SER M 91 28.18 3.54 39.55
C SER M 91 29.06 4.74 39.89
N GLY M 92 30.17 4.91 39.18
CA GLY M 92 31.04 6.03 39.46
C GLY M 92 31.89 5.78 40.69
N PHE M 93 31.95 6.78 41.58
CA PHE M 93 32.72 6.66 42.79
C PHE M 93 31.94 5.87 43.84
N SER M 94 32.68 5.15 44.68
CA SER M 94 32.11 4.39 45.79
C SER M 94 32.57 5.04 47.09
N TRP M 95 31.61 5.51 47.87
CA TRP M 95 31.93 6.22 49.11
C TRP M 95 31.70 5.39 50.36
N SER M 96 30.86 4.36 50.29
CA SER M 96 30.60 3.49 51.41
C SER M 96 31.25 2.13 51.20
N PHE M 97 31.45 1.41 52.30
CA PHE M 97 32.08 0.09 52.27
C PHE M 97 31.08 -1.04 52.09
N GLY M 98 29.81 -0.74 51.83
CA GLY M 98 28.82 -1.77 51.63
C GLY M 98 28.32 -2.36 52.93
N GLY M 99 27.49 -3.39 52.79
CA GLY M 99 26.95 -4.07 53.94
C GLY M 99 27.98 -5.00 54.55
N ALA M 100 28.26 -4.84 55.85
CA ALA M 100 29.25 -5.65 56.53
C ALA M 100 28.67 -7.01 56.88
N THR M 101 29.43 -8.07 56.60
CA THR M 101 29.06 -9.42 56.98
C THR M 101 29.93 -9.88 58.15
N ARG M 102 29.31 -10.58 59.09
CA ARG M 102 29.98 -11.02 60.31
C ARG M 102 30.12 -12.53 60.27
N LEU M 103 31.36 -13.02 60.27
CA LEU M 103 31.65 -14.44 60.28
C LEU M 103 31.70 -14.97 61.70
N THR M 104 31.02 -16.09 61.94
CA THR M 104 31.01 -16.74 63.24
C THR M 104 31.49 -18.17 63.09
N VAL M 105 32.33 -18.61 64.01
CA VAL M 105 32.90 -19.94 64.01
C VAL M 105 32.36 -20.71 65.21
N LEU M 106 31.71 -21.84 64.95
CA LEU M 106 31.20 -22.68 66.02
C LEU M 106 32.33 -23.46 66.66
N GLY M 107 32.43 -23.39 67.99
CA GLY M 107 33.47 -24.10 68.72
C GLY M 107 34.39 -23.18 69.50
N VAL N 1 -53.33 -1.82 36.98
CA VAL N 1 -54.18 -2.73 36.22
C VAL N 1 -54.77 -2.01 35.01
N ARG N 2 -54.42 -2.48 33.83
CA ARG N 2 -54.89 -1.87 32.59
C ARG N 2 -56.32 -2.28 32.29
N PRO N 3 -57.25 -1.35 32.11
CA PRO N 3 -58.61 -1.72 31.73
C PRO N 3 -58.78 -1.80 30.22
N LEU N 4 -59.90 -2.43 29.82
CA LEU N 4 -60.28 -2.50 28.41
C LEU N 4 -61.79 -2.56 28.35
N SER N 5 -62.35 -1.89 27.34
CA SER N 5 -63.80 -1.79 27.18
C SER N 5 -64.22 -2.45 25.86
N VAL N 6 -65.33 -3.16 25.89
CA VAL N 6 -65.85 -3.85 24.73
C VAL N 6 -67.38 -3.90 24.87
N ALA N 7 -68.07 -4.06 23.73
CA ALA N 7 -69.52 -4.14 23.71
C ALA N 7 -69.96 -5.59 23.55
N LEU N 8 -71.26 -5.77 23.34
CA LEU N 8 -71.80 -7.11 23.18
C LEU N 8 -71.55 -7.62 21.77
N GLY N 9 -71.02 -8.83 21.66
CA GLY N 9 -70.83 -9.49 20.39
C GLY N 9 -69.55 -9.18 19.66
N GLU N 10 -68.82 -8.14 20.06
CA GLU N 10 -67.59 -7.77 19.37
C GLU N 10 -66.45 -8.67 19.81
N THR N 11 -65.58 -9.01 18.87
CA THR N 11 -64.46 -9.94 19.12
C THR N 11 -63.38 -9.20 19.90
N ALA N 12 -63.34 -9.44 21.21
CA ALA N 12 -62.37 -8.77 22.08
C ALA N 12 -61.01 -9.44 21.95
N ARG N 13 -60.04 -8.72 21.40
CA ARG N 13 -58.68 -9.22 21.22
C ARG N 13 -57.79 -8.45 22.21
N ILE N 14 -57.59 -9.04 23.39
CA ILE N 14 -56.83 -8.40 24.45
C ILE N 14 -55.34 -8.64 24.21
N SER N 15 -54.51 -7.70 24.66
CA SER N 15 -53.08 -7.76 24.46
C SER N 15 -52.41 -8.53 25.59
N CYS N 16 -51.09 -8.65 25.51
CA CYS N 16 -50.27 -9.39 26.45
C CYS N 16 -49.43 -8.41 27.27
N GLY N 17 -48.53 -8.96 28.07
CA GLY N 17 -47.67 -8.17 28.94
C GLY N 17 -46.35 -7.81 28.28
N ARG N 18 -45.29 -8.54 28.62
CA ARG N 18 -43.97 -8.29 28.07
C ARG N 18 -43.88 -8.76 26.62
N GLN N 19 -42.79 -8.35 25.96
CA GLN N 19 -42.58 -8.66 24.56
C GLN N 19 -42.15 -10.12 24.40
N ALA N 20 -42.61 -10.74 23.32
CA ALA N 20 -42.26 -12.12 23.03
C ALA N 20 -40.81 -12.24 22.58
N LEU N 21 -40.10 -13.23 23.12
CA LEU N 21 -38.69 -13.45 22.82
C LEU N 21 -38.50 -14.90 22.38
N GLY N 22 -38.55 -15.13 21.07
CA GLY N 22 -38.31 -16.45 20.53
C GLY N 22 -39.52 -17.37 20.56
N SER N 23 -39.34 -18.55 21.13
CA SER N 23 -40.43 -19.51 21.25
C SER N 23 -41.42 -19.06 22.33
N ARG N 24 -42.64 -19.55 22.23
CA ARG N 24 -43.71 -19.12 23.12
C ARG N 24 -44.55 -20.31 23.57
N ALA N 25 -44.84 -20.34 24.87
CA ALA N 25 -45.88 -21.21 25.41
C ALA N 25 -46.68 -20.32 26.37
N VAL N 26 -47.66 -19.60 25.82
CA VAL N 26 -48.41 -18.65 26.63
C VAL N 26 -49.48 -19.39 27.43
N GLN N 27 -49.84 -18.82 28.57
CA GLN N 27 -50.79 -19.43 29.50
C GLN N 27 -51.82 -18.37 29.86
N TRP N 28 -52.98 -18.41 29.19
CA TRP N 28 -54.03 -17.43 29.41
C TRP N 28 -54.99 -17.94 30.48
N TYR N 29 -55.28 -17.09 31.47
CA TYR N 29 -56.15 -17.44 32.58
C TYR N 29 -57.20 -16.37 32.78
N GLN N 30 -58.38 -16.79 33.22
CA GLN N 30 -59.47 -15.89 33.56
C GLN N 30 -59.71 -15.99 35.06
N HIS N 31 -59.27 -14.99 35.81
CA HIS N 31 -59.50 -14.93 37.25
C HIS N 31 -60.88 -14.29 37.46
N ARG N 32 -61.82 -15.08 37.98
CA ARG N 32 -63.10 -14.52 38.35
C ARG N 32 -63.02 -13.90 39.74
N PRO N 33 -63.69 -12.76 39.98
CA PRO N 33 -63.58 -12.08 41.28
C PRO N 33 -64.31 -12.81 42.40
N GLY N 34 -63.55 -13.43 43.29
CA GLY N 34 -64.11 -14.24 44.35
C GLY N 34 -63.92 -15.72 44.12
N GLN N 35 -63.99 -16.13 42.85
CA GLN N 35 -63.86 -17.54 42.49
C GLN N 35 -62.40 -17.87 42.16
N ALA N 36 -62.20 -19.10 41.61
CA ALA N 36 -60.94 -19.69 41.19
C ALA N 36 -60.64 -19.35 39.73
N PRO N 37 -59.36 -19.20 39.37
CA PRO N 37 -59.02 -18.97 37.97
C PRO N 37 -59.18 -20.21 37.10
N ILE N 38 -59.56 -20.00 35.85
CA ILE N 38 -59.86 -21.06 34.90
C ILE N 38 -58.84 -20.99 33.78
N LEU N 39 -58.24 -22.14 33.44
CA LEU N 39 -57.31 -22.23 32.32
C LEU N 39 -58.06 -22.07 31.01
N LEU N 40 -57.54 -21.21 30.13
CA LEU N 40 -58.16 -20.92 28.84
C LEU N 40 -57.34 -21.39 27.66
N ILE N 41 -56.08 -20.94 27.55
CA ILE N 41 -55.24 -21.24 26.41
C ILE N 41 -53.88 -21.69 26.92
N TYR N 42 -53.46 -22.89 26.50
CA TYR N 42 -52.11 -23.38 26.75
C TYR N 42 -51.50 -23.79 25.41
N ASN N 43 -50.18 -23.58 25.30
CA ASN N 43 -49.34 -23.84 24.11
C ASN N 43 -49.82 -23.11 22.86
N ASN N 44 -50.38 -21.90 23.04
CA ASN N 44 -50.80 -20.90 22.06
C ASN N 44 -51.96 -21.28 21.14
N GLN N 45 -52.43 -22.52 21.16
CA GLN N 45 -53.59 -22.92 20.36
C GLN N 45 -54.55 -23.86 21.08
N ASP N 46 -54.12 -24.58 22.11
CA ASP N 46 -54.92 -25.65 22.68
C ASP N 46 -55.82 -25.14 23.80
N ARG N 47 -56.96 -25.79 23.97
CA ARG N 47 -57.95 -25.48 24.99
C ARG N 47 -58.20 -26.71 25.86
N PRO N 48 -58.45 -26.52 27.15
CA PRO N 48 -58.85 -27.64 28.00
C PRO N 48 -60.36 -27.88 27.92
N SER N 49 -60.84 -28.80 28.75
CA SER N 49 -62.25 -29.13 28.78
C SER N 49 -63.06 -28.05 29.47
N GLY N 50 -64.26 -27.80 28.96
CA GLY N 50 -65.14 -26.78 29.48
C GLY N 50 -65.00 -25.41 28.86
N ILE N 51 -64.20 -25.27 27.80
CA ILE N 51 -63.99 -23.99 27.14
C ILE N 51 -64.44 -24.11 25.69
N PRO N 52 -65.33 -23.21 25.21
CA PRO N 52 -65.80 -23.31 23.82
C PRO N 52 -64.79 -22.79 22.80
N GLU N 53 -65.23 -22.68 21.54
CA GLU N 53 -64.40 -22.18 20.45
C GLU N 53 -64.27 -20.66 20.42
N ARG N 54 -64.92 -19.94 21.35
CA ARG N 54 -64.80 -18.48 21.38
C ARG N 54 -63.43 -18.05 21.89
N PHE N 55 -62.98 -18.62 23.00
CA PHE N 55 -61.67 -18.31 23.55
C PHE N 55 -60.58 -19.03 22.73
N SER N 56 -59.71 -18.26 22.09
CA SER N 56 -58.65 -18.81 21.28
C SER N 56 -57.49 -17.84 21.21
N GLY N 57 -56.26 -18.36 21.30
CA GLY N 57 -55.07 -17.55 21.18
C GLY N 57 -54.42 -17.65 19.81
N THR N 58 -53.35 -16.89 19.63
CA THR N 58 -52.62 -16.87 18.38
C THR N 58 -51.52 -17.93 18.41
N PRO N 59 -51.51 -18.90 17.50
CA PRO N 59 -50.45 -19.92 17.51
C PRO N 59 -49.15 -19.37 16.95
N ASP N 60 -48.06 -19.61 17.68
CA ASP N 60 -46.76 -19.04 17.32
C ASP N 60 -46.11 -19.88 16.24
N ILE N 61 -46.41 -19.57 14.98
CA ILE N 61 -45.75 -20.14 13.82
C ILE N 61 -45.14 -18.99 13.04
N ASN N 62 -43.83 -19.09 12.75
CA ASN N 62 -43.00 -18.08 12.08
C ASN N 62 -43.03 -16.75 12.84
N PHE N 63 -42.34 -16.80 14.00
CA PHE N 63 -42.32 -15.80 15.07
C PHE N 63 -42.00 -14.39 14.59
N GLY N 64 -42.73 -13.42 15.14
CA GLY N 64 -42.75 -12.05 14.69
C GLY N 64 -44.14 -11.49 14.91
N THR N 65 -45.05 -12.36 15.30
CA THR N 65 -46.43 -11.99 15.61
C THR N 65 -46.60 -11.88 17.11
N ARG N 66 -47.28 -10.82 17.55
CA ARG N 66 -47.51 -10.62 18.98
C ARG N 66 -48.64 -11.54 19.47
N ALA N 67 -48.51 -11.98 20.72
CA ALA N 67 -49.45 -12.92 21.31
C ALA N 67 -50.67 -12.17 21.84
N THR N 68 -51.85 -12.54 21.36
CA THR N 68 -53.11 -11.97 21.82
C THR N 68 -54.07 -13.11 22.20
N LEU N 69 -55.24 -12.73 22.70
CA LEU N 69 -56.30 -13.68 23.03
C LEU N 69 -57.62 -13.12 22.52
N THR N 70 -58.25 -13.85 21.60
CA THR N 70 -59.51 -13.43 20.99
C THR N 70 -60.68 -14.00 21.77
N ILE N 71 -61.62 -13.14 22.14
CA ILE N 71 -62.87 -13.53 22.79
C ILE N 71 -64.01 -13.07 21.88
N SER N 72 -64.58 -14.00 21.12
CA SER N 72 -65.63 -13.68 20.17
C SER N 72 -67.00 -13.91 20.80
N GLY N 73 -67.83 -12.87 20.80
CA GLY N 73 -69.16 -12.94 21.38
C GLY N 73 -69.15 -13.00 22.89
N VAL N 74 -68.72 -11.91 23.53
CA VAL N 74 -68.62 -11.88 24.99
C VAL N 74 -70.01 -11.70 25.59
N GLU N 75 -70.20 -12.23 26.79
CA GLU N 75 -71.46 -12.13 27.53
C GLU N 75 -71.21 -11.36 28.83
N ALA N 76 -72.25 -11.28 29.66
CA ALA N 76 -72.13 -10.58 30.94
C ALA N 76 -71.41 -11.44 31.98
N GLY N 77 -71.45 -12.77 31.81
CA GLY N 77 -70.79 -13.64 32.77
C GLY N 77 -69.29 -13.70 32.57
N ASP N 78 -68.83 -13.54 31.32
CA ASP N 78 -67.41 -13.60 31.01
C ASP N 78 -66.78 -12.21 31.00
N GLU N 79 -66.91 -11.50 32.12
CA GLU N 79 -66.39 -10.15 32.29
C GLU N 79 -65.62 -10.14 33.61
N ALA N 80 -64.32 -10.40 33.55
CA ALA N 80 -63.52 -10.58 34.76
C ALA N 80 -62.07 -10.25 34.43
N ASP N 81 -61.18 -10.55 35.36
CA ASP N 81 -59.75 -10.29 35.20
C ASP N 81 -59.12 -11.34 34.29
N TYR N 82 -58.02 -10.95 33.65
CA TYR N 82 -57.30 -11.83 32.74
C TYR N 82 -55.81 -11.73 33.01
N TYR N 83 -55.10 -12.86 32.81
CA TYR N 83 -53.67 -12.94 33.02
C TYR N 83 -53.03 -13.64 31.83
N CYS N 84 -51.76 -13.32 31.58
CA CYS N 84 -50.99 -13.90 30.49
C CYS N 84 -49.60 -14.26 31.01
N HIS N 85 -49.40 -15.54 31.31
CA HIS N 85 -48.11 -16.03 31.78
C HIS N 85 -47.22 -16.29 30.56
N MET N 86 -46.29 -15.37 30.29
CA MET N 86 -45.43 -15.46 29.13
C MET N 86 -44.24 -16.36 29.43
N TRP N 87 -44.16 -17.49 28.73
CA TRP N 87 -43.04 -18.42 28.86
C TRP N 87 -42.25 -18.42 27.56
N ASP N 88 -40.97 -18.05 27.66
CA ASP N 88 -40.12 -17.98 26.48
C ASP N 88 -38.79 -18.70 26.72
N SER N 89 -37.85 -18.54 25.80
CA SER N 89 -36.55 -19.19 25.91
C SER N 89 -35.42 -18.26 26.26
N ARG N 90 -35.56 -16.95 26.03
CA ARG N 90 -34.50 -16.00 26.25
C ARG N 90 -34.61 -15.26 27.58
N SER N 91 -35.62 -15.55 28.39
CA SER N 91 -35.73 -14.99 29.73
C SER N 91 -35.67 -16.04 30.82
N GLY N 92 -35.64 -17.33 30.47
CA GLY N 92 -35.56 -18.36 31.47
C GLY N 92 -36.91 -18.61 32.14
N PHE N 93 -36.90 -18.66 33.46
CA PHE N 93 -38.13 -18.88 34.20
C PHE N 93 -38.93 -17.60 34.33
N SER N 94 -40.24 -17.74 34.35
CA SER N 94 -41.16 -16.62 34.51
C SER N 94 -41.88 -16.80 35.84
N TRP N 95 -41.55 -15.94 36.81
CA TRP N 95 -42.11 -16.06 38.15
C TRP N 95 -43.40 -15.27 38.33
N SER N 96 -43.61 -14.21 37.56
CA SER N 96 -44.81 -13.39 37.66
C SER N 96 -45.71 -13.64 36.46
N PHE N 97 -46.98 -13.29 36.62
CA PHE N 97 -47.97 -13.47 35.58
C PHE N 97 -48.13 -12.25 34.67
N GLY N 98 -47.24 -11.26 34.81
CA GLY N 98 -47.29 -10.09 33.98
C GLY N 98 -48.38 -9.12 34.38
N GLY N 99 -48.57 -8.11 33.53
CA GLY N 99 -49.61 -7.11 33.75
C GLY N 99 -51.00 -7.63 33.45
N ALA N 100 -51.87 -7.59 34.43
CA ALA N 100 -53.23 -8.10 34.25
C ALA N 100 -54.10 -7.09 33.51
N THR N 101 -54.87 -7.59 32.55
CA THR N 101 -55.84 -6.76 31.84
C THR N 101 -57.24 -7.04 32.35
N ARG N 102 -58.03 -5.98 32.48
CA ARG N 102 -59.39 -6.07 33.05
C ARG N 102 -60.39 -5.81 31.93
N LEU N 103 -61.22 -6.81 31.65
CA LEU N 103 -62.25 -6.69 30.62
C LEU N 103 -63.51 -6.07 31.23
N THR N 104 -64.13 -5.15 30.48
CA THR N 104 -65.34 -4.48 30.92
C THR N 104 -66.34 -4.48 29.77
N VAL N 105 -67.49 -5.10 29.98
CA VAL N 105 -68.55 -5.20 28.98
C VAL N 105 -69.56 -4.10 29.25
N LEU N 106 -69.79 -3.25 28.25
CA LEU N 106 -70.73 -2.15 28.38
C LEU N 106 -72.16 -2.68 28.27
N GLY N 107 -72.99 -2.38 29.26
CA GLY N 107 -74.37 -2.80 29.26
C GLY N 107 -74.64 -3.98 30.19
N VAL O 1 -4.23 60.47 23.76
CA VAL O 1 -3.97 61.26 22.56
C VAL O 1 -2.48 61.24 22.24
N ARG O 2 -2.15 60.71 21.06
CA ARG O 2 -0.75 60.58 20.64
C ARG O 2 -0.22 61.92 20.17
N PRO O 3 0.89 62.42 20.71
CA PRO O 3 1.50 63.65 20.17
C PRO O 3 2.49 63.36 19.07
N LEU O 4 2.82 64.43 18.33
CA LEU O 4 3.83 64.37 17.30
C LEU O 4 4.50 65.73 17.20
N SER O 5 5.81 65.73 16.95
CA SER O 5 6.60 66.95 16.90
C SER O 5 7.21 67.11 15.52
N VAL O 6 7.21 68.35 15.03
CA VAL O 6 7.79 68.68 13.73
C VAL O 6 8.29 70.13 13.80
N ALA O 7 9.23 70.46 12.93
CA ALA O 7 9.78 71.80 12.85
C ALA O 7 9.17 72.55 11.66
N LEU O 8 9.69 73.74 11.39
CA LEU O 8 9.19 74.55 10.29
C LEU O 8 9.76 74.04 8.97
N GLY O 9 8.87 73.85 7.99
CA GLY O 9 9.25 73.48 6.65
C GLY O 9 9.41 71.99 6.39
N GLU O 10 9.50 71.17 7.43
CA GLU O 10 9.70 69.74 7.23
C GLU O 10 8.38 69.06 6.88
N THR O 11 8.49 68.03 6.04
CA THR O 11 7.32 67.30 5.54
C THR O 11 6.76 66.41 6.65
N ALA O 12 5.70 66.86 7.29
CA ALA O 12 5.10 66.12 8.39
C ALA O 12 4.22 64.99 7.83
N ARG O 13 4.69 63.76 7.96
CA ARG O 13 3.97 62.58 7.50
C ARG O 13 3.43 61.85 8.73
N ILE O 14 2.21 62.20 9.13
CA ILE O 14 1.59 61.64 10.33
C ILE O 14 1.02 60.27 10.01
N SER O 15 0.93 59.43 11.03
CA SER O 15 0.46 58.07 10.88
C SER O 15 -1.06 58.01 11.06
N CYS O 16 -1.61 56.80 10.93
CA CYS O 16 -3.03 56.54 11.03
C CYS O 16 -3.33 55.77 12.32
N GLY O 17 -4.57 55.34 12.45
CA GLY O 17 -5.02 54.61 13.63
C GLY O 17 -4.91 53.11 13.45
N ARG O 18 -6.03 52.46 13.17
CA ARG O 18 -6.05 51.01 12.99
C ARG O 18 -5.40 50.61 11.66
N GLN O 19 -5.12 49.32 11.54
CA GLN O 19 -4.48 48.77 10.35
C GLN O 19 -5.48 48.70 9.21
N ALA O 20 -5.00 48.98 7.99
CA ALA O 20 -5.84 48.94 6.81
C ALA O 20 -6.15 47.49 6.43
N LEU O 21 -7.42 47.22 6.15
CA LEU O 21 -7.88 45.88 5.80
C LEU O 21 -8.57 45.95 4.44
N GLY O 22 -7.81 45.68 3.38
CA GLY O 22 -8.41 45.60 2.06
C GLY O 22 -8.50 46.96 1.40
N SER O 23 -9.71 47.33 0.99
CA SER O 23 -9.93 48.61 0.35
C SER O 23 -9.90 49.73 1.38
N ARG O 24 -9.72 50.96 0.89
CA ARG O 24 -9.56 52.11 1.76
C ARG O 24 -10.30 53.30 1.20
N ALA O 25 -11.03 54.00 2.06
CA ALA O 25 -11.55 55.34 1.80
C ALA O 25 -11.27 56.14 3.07
N VAL O 26 -10.07 56.71 3.17
CA VAL O 26 -9.69 57.41 4.39
C VAL O 26 -10.28 58.81 4.39
N GLN O 27 -10.56 59.32 5.58
CA GLN O 27 -11.18 60.62 5.78
C GLN O 27 -10.35 61.40 6.79
N TRP O 28 -9.43 62.23 6.29
CA TRP O 28 -8.53 63.00 7.13
C TRP O 28 -9.17 64.33 7.48
N TYR O 29 -9.13 64.69 8.77
CA TYR O 29 -9.74 65.92 9.26
C TYR O 29 -8.76 66.66 10.15
N GLN O 30 -8.87 67.98 10.15
CA GLN O 30 -8.11 68.84 11.04
C GLN O 30 -9.09 69.54 11.98
N HIS O 31 -9.17 69.05 13.21
CA HIS O 31 -10.00 69.66 14.24
C HIS O 31 -9.21 70.83 14.82
N ARG O 32 -9.70 72.04 14.60
CA ARG O 32 -9.07 73.19 15.24
C ARG O 32 -9.65 73.39 16.63
N PRO O 33 -8.81 73.73 17.63
CA PRO O 33 -9.30 73.83 19.02
C PRO O 33 -10.17 75.06 19.26
N GLY O 34 -11.46 74.82 19.44
CA GLY O 34 -12.43 75.89 19.58
C GLY O 34 -13.28 76.05 18.34
N GLN O 35 -12.68 75.84 17.18
CA GLN O 35 -13.39 75.96 15.91
C GLN O 35 -13.94 74.62 15.46
N ALA O 36 -14.43 74.57 14.21
CA ALA O 36 -15.01 73.42 13.52
C ALA O 36 -13.93 72.63 12.79
N PRO O 37 -14.10 71.31 12.67
CA PRO O 37 -13.14 70.51 11.88
C PRO O 37 -13.30 70.75 10.39
N ILE O 38 -12.19 70.65 9.67
CA ILE O 38 -12.13 70.95 8.25
C ILE O 38 -11.76 69.65 7.53
N LEU O 39 -12.49 69.33 6.46
CA LEU O 39 -12.18 68.18 5.63
C LEU O 39 -10.90 68.43 4.83
N LEU O 40 -9.94 67.54 5.04
CA LEU O 40 -8.66 67.62 4.38
C LEU O 40 -8.53 66.47 3.41
N ILE O 41 -8.94 65.29 3.86
CA ILE O 41 -8.88 64.09 3.03
C ILE O 41 -10.28 63.64 2.69
N TYR O 42 -10.60 63.64 1.41
CA TYR O 42 -11.91 63.20 0.95
C TYR O 42 -11.65 62.12 -0.07
N ASN O 43 -12.10 60.91 0.25
CA ASN O 43 -12.05 59.73 -0.60
C ASN O 43 -10.65 59.16 -0.80
N ASN O 44 -9.70 59.80 -0.09
CA ASN O 44 -8.24 59.53 -0.05
C ASN O 44 -7.44 60.11 -1.23
N GLN O 45 -8.14 60.61 -2.23
CA GLN O 45 -7.57 61.25 -3.40
C GLN O 45 -8.28 62.59 -3.54
N ASP O 46 -9.54 62.60 -3.10
CA ASP O 46 -10.39 63.76 -3.14
C ASP O 46 -9.78 64.88 -2.30
N ARG O 47 -9.84 66.09 -2.84
CA ARG O 47 -9.31 67.26 -2.17
C ARG O 47 -10.44 68.25 -1.98
N PRO O 48 -10.61 68.77 -0.76
CA PRO O 48 -11.68 69.74 -0.53
C PRO O 48 -11.31 71.16 -0.99
N SER O 49 -12.32 71.99 -1.26
CA SER O 49 -12.10 73.38 -1.67
C SER O 49 -11.46 74.14 -0.51
N GLY O 50 -10.57 75.08 -0.80
CA GLY O 50 -9.92 75.76 0.30
C GLY O 50 -8.70 75.05 0.86
N ILE O 51 -8.25 73.98 0.24
CA ILE O 51 -7.09 73.22 0.72
C ILE O 51 -6.02 73.23 -0.37
N PRO O 52 -4.78 73.64 -0.07
CA PRO O 52 -3.73 73.65 -1.10
C PRO O 52 -3.14 72.28 -1.40
N GLU O 53 -2.06 72.26 -2.19
CA GLU O 53 -1.37 71.03 -2.56
C GLU O 53 -0.44 70.49 -1.47
N ARG O 54 -0.35 71.15 -0.30
CA ARG O 54 0.49 70.66 0.78
C ARG O 54 -0.12 69.43 1.45
N PHE O 55 -1.41 69.51 1.79
CA PHE O 55 -2.10 68.39 2.40
C PHE O 55 -2.45 67.36 1.33
N SER O 56 -1.92 66.15 1.47
CA SER O 56 -2.16 65.09 0.49
C SER O 56 -1.99 63.74 1.17
N GLY O 57 -2.92 62.81 0.88
CA GLY O 57 -2.82 61.46 1.41
C GLY O 57 -2.23 60.49 0.40
N THR O 58 -2.09 59.24 0.84
CA THR O 58 -1.53 58.19 0.00
C THR O 58 -2.65 57.49 -0.75
N PRO O 59 -2.65 57.49 -2.09
CA PRO O 59 -3.71 56.80 -2.83
C PRO O 59 -3.50 55.28 -2.80
N ASP O 60 -4.57 54.57 -2.45
CA ASP O 60 -4.49 53.12 -2.26
C ASP O 60 -4.56 52.43 -3.61
N ILE O 61 -3.40 52.25 -4.24
CA ILE O 61 -3.25 51.44 -5.45
C ILE O 61 -2.27 50.33 -5.12
N ASN O 62 -2.70 49.07 -5.37
CA ASN O 62 -1.97 47.82 -5.09
C ASN O 62 -1.62 47.72 -3.60
N PHE O 63 -2.69 47.45 -2.83
CA PHE O 63 -2.76 47.50 -1.37
C PHE O 63 -1.68 46.67 -0.67
N GLY O 64 -1.13 47.25 0.40
CA GLY O 64 0.05 46.76 1.07
C GLY O 64 0.83 47.93 1.61
N THR O 65 0.40 49.13 1.25
CA THR O 65 0.99 50.37 1.71
C THR O 65 0.13 50.97 2.82
N ARG O 66 0.79 51.42 3.89
CA ARG O 66 0.06 52.02 5.01
C ARG O 66 -0.37 53.44 4.67
N ALA O 67 -1.52 53.84 5.20
CA ALA O 67 -2.12 55.13 4.91
C ALA O 67 -1.53 56.20 5.82
N THR O 68 -0.92 57.22 5.23
CA THR O 68 -0.37 58.37 5.94
C THR O 68 -0.94 59.65 5.37
N LEU O 69 -0.56 60.77 5.97
CA LEU O 69 -0.96 62.10 5.51
C LEU O 69 0.25 63.01 5.55
N THR O 70 0.68 63.48 4.39
CA THR O 70 1.87 64.33 4.26
C THR O 70 1.46 65.79 4.35
N ILE O 71 2.14 66.55 5.21
CA ILE O 71 1.95 67.99 5.35
C ILE O 71 3.29 68.63 5.05
N SER O 72 3.43 69.21 3.85
CA SER O 72 4.68 69.82 3.42
C SER O 72 4.66 71.32 3.68
N GLY O 73 5.64 71.81 4.44
CA GLY O 73 5.72 73.21 4.77
C GLY O 73 4.66 73.66 5.76
N VAL O 74 4.75 73.16 6.99
CA VAL O 74 3.75 73.49 8.00
C VAL O 74 4.04 74.88 8.58
N GLU O 75 2.97 75.58 8.94
CA GLU O 75 3.05 76.92 9.51
C GLU O 75 2.57 76.88 10.96
N ALA O 76 2.49 78.05 11.59
CA ALA O 76 2.03 78.12 12.97
C ALA O 76 0.52 78.02 13.07
N GLY O 77 -0.20 78.40 12.00
CA GLY O 77 -1.65 78.31 12.01
C GLY O 77 -2.17 76.90 11.82
N ASP O 78 -1.41 76.07 11.11
CA ASP O 78 -1.81 74.68 10.86
C ASP O 78 -1.19 73.74 11.89
N GLU O 79 -1.45 74.01 13.16
CA GLU O 79 -0.92 73.22 14.28
C GLU O 79 -2.11 72.93 15.19
N ALA O 80 -2.76 71.79 14.98
CA ALA O 80 -3.99 71.46 15.68
C ALA O 80 -4.15 69.95 15.72
N ASP O 81 -5.31 69.48 16.16
CA ASP O 81 -5.61 68.07 16.25
C ASP O 81 -5.91 67.49 14.87
N TYR O 82 -5.67 66.19 14.74
CA TYR O 82 -5.90 65.48 13.48
C TYR O 82 -6.66 64.18 13.75
N TYR O 83 -7.52 63.81 12.80
CA TYR O 83 -8.32 62.59 12.89
C TYR O 83 -8.21 61.81 11.60
N CYS O 84 -8.33 60.49 11.69
CA CYS O 84 -8.26 59.59 10.53
C CYS O 84 -9.42 58.60 10.64
N HIS O 85 -10.49 58.86 9.91
CA HIS O 85 -11.65 57.96 9.87
C HIS O 85 -11.38 56.89 8.83
N MET O 86 -11.06 55.68 9.28
CA MET O 86 -10.70 54.57 8.40
C MET O 86 -11.97 53.84 7.97
N TRP O 87 -12.21 53.79 6.66
CA TRP O 87 -13.34 53.08 6.08
C TRP O 87 -12.80 51.96 5.19
N ASP O 88 -13.09 50.72 5.57
CA ASP O 88 -12.59 49.57 4.82
C ASP O 88 -13.73 48.61 4.49
N SER O 89 -13.39 47.42 3.99
CA SER O 89 -14.39 46.44 3.60
C SER O 89 -14.45 45.22 4.52
N ARG O 90 -13.38 44.91 5.24
CA ARG O 90 -13.33 43.74 6.10
C ARG O 90 -13.71 44.03 7.55
N SER O 91 -14.06 45.28 7.87
CA SER O 91 -14.55 45.62 9.20
C SER O 91 -15.98 46.12 9.18
N GLY O 92 -16.58 46.30 8.00
CA GLY O 92 -17.95 46.77 7.94
C GLY O 92 -18.03 48.26 8.18
N PHE O 93 -18.98 48.66 9.02
CA PHE O 93 -19.16 50.07 9.34
C PHE O 93 -18.16 50.49 10.41
N SER O 94 -17.73 51.75 10.32
CA SER O 94 -16.80 52.34 11.29
C SER O 94 -17.53 53.49 11.99
N TRP O 95 -17.78 53.32 13.29
CA TRP O 95 -18.52 54.30 14.06
C TRP O 95 -17.64 55.31 14.77
N SER O 96 -16.37 55.00 14.98
CA SER O 96 -15.44 55.89 15.65
C SER O 96 -14.48 56.51 14.65
N PHE O 97 -13.87 57.62 15.04
CA PHE O 97 -12.93 58.33 14.20
C PHE O 97 -11.48 57.89 14.43
N GLY O 98 -11.26 56.81 15.17
CA GLY O 98 -9.92 56.32 15.41
C GLY O 98 -9.17 57.11 16.44
N GLY O 99 -7.89 56.76 16.61
CA GLY O 99 -7.04 57.44 17.55
C GLY O 99 -6.57 58.76 16.98
N ALA O 100 -6.83 59.85 17.70
CA ALA O 100 -6.46 61.18 17.22
C ALA O 100 -4.98 61.45 17.47
N THR O 101 -4.32 62.06 16.49
CA THR O 101 -2.93 62.47 16.62
C THR O 101 -2.85 63.99 16.69
N ARG O 102 -2.00 64.47 17.59
CA ARG O 102 -1.86 65.90 17.87
C ARG O 102 -0.52 66.39 17.30
N LEU O 103 -0.59 67.33 16.37
CA LEU O 103 0.60 67.89 15.75
C LEU O 103 1.07 69.09 16.56
N THR O 104 2.38 69.13 16.82
CA THR O 104 3.00 70.22 17.58
C THR O 104 4.18 70.76 16.79
N VAL O 105 4.13 72.05 16.48
CA VAL O 105 5.18 72.72 15.71
C VAL O 105 6.06 73.49 16.68
N LEU O 106 7.35 73.16 16.70
CA LEU O 106 8.30 73.83 17.57
C LEU O 106 8.64 75.21 17.01
N GLY O 107 8.47 76.25 17.83
CA GLY O 107 8.75 77.60 17.41
C GLY O 107 7.56 78.53 17.53
N SER P 1 45.45 31.34 -9.30
CA SER P 1 46.67 30.90 -9.96
C SER P 1 47.32 32.04 -10.73
N ALA P 2 48.37 31.72 -11.48
CA ALA P 2 49.08 32.71 -12.28
C ALA P 2 48.28 33.03 -13.53
N LEU P 3 47.60 34.17 -13.55
CA LEU P 3 46.77 34.58 -14.67
C LEU P 3 47.13 36.00 -15.04
N THR P 4 47.55 36.20 -16.29
CA THR P 4 47.93 37.52 -16.80
C THR P 4 46.82 38.07 -17.67
N GLN P 5 46.40 39.30 -17.38
CA GLN P 5 45.32 39.94 -18.10
C GLN P 5 45.60 41.44 -18.14
N PRO P 6 45.28 42.14 -19.23
CA PRO P 6 45.52 43.60 -19.28
C PRO P 6 44.53 44.39 -18.42
N ARG P 7 44.74 45.70 -18.41
CA ARG P 7 43.91 46.59 -17.60
C ARG P 7 42.76 47.18 -18.38
N SER P 8 43.06 47.94 -19.43
CA SER P 8 42.04 48.66 -20.19
C SER P 8 42.58 49.01 -21.57
N VAL P 9 41.85 48.61 -22.61
CA VAL P 9 42.09 49.08 -23.96
C VAL P 9 40.81 49.74 -24.46
N SER P 10 40.97 50.61 -25.45
CA SER P 10 39.88 51.43 -25.95
C SER P 10 39.16 50.71 -27.09
N GLY P 11 38.21 51.41 -27.70
CA GLY P 11 37.46 50.83 -28.81
C GLY P 11 36.48 51.84 -29.37
N SER P 12 35.98 51.52 -30.57
CA SER P 12 35.00 52.31 -31.29
C SER P 12 33.74 51.48 -31.54
N PRO P 13 32.56 52.10 -31.64
CA PRO P 13 31.35 51.35 -32.01
C PRO P 13 31.38 50.93 -33.47
N GLY P 14 31.39 49.62 -33.70
CA GLY P 14 31.52 49.06 -35.03
C GLY P 14 32.95 48.69 -35.34
N GLN P 15 33.60 47.95 -34.43
CA GLN P 15 35.01 47.63 -34.58
C GLN P 15 35.18 46.15 -34.25
N SER P 16 36.35 45.58 -34.54
CA SER P 16 36.67 44.20 -34.17
C SER P 16 37.98 44.20 -33.40
N VAL P 17 37.92 43.82 -32.12
CA VAL P 17 39.07 43.87 -31.22
C VAL P 17 39.21 42.47 -30.61
N THR P 18 40.41 42.18 -30.10
CA THR P 18 40.72 40.87 -29.54
C THR P 18 41.56 41.06 -28.28
N ILE P 19 41.05 40.54 -27.16
CA ILE P 19 41.77 40.57 -25.90
C ILE P 19 42.65 39.34 -25.83
N SER P 20 43.66 39.36 -24.96
CA SER P 20 44.58 38.25 -24.82
C SER P 20 44.74 37.87 -23.36
N CYS P 21 45.03 36.59 -23.13
CA CYS P 21 45.32 36.07 -21.80
C CYS P 21 46.62 35.28 -21.87
N THR P 22 47.51 35.51 -20.90
CA THR P 22 48.83 34.90 -20.88
C THR P 22 48.99 34.09 -19.59
N GLY P 23 48.00 33.24 -19.31
CA GLY P 23 48.07 32.39 -18.14
C GLY P 23 49.00 31.22 -18.39
N THR P 24 50.01 31.07 -17.53
CA THR P 24 51.05 30.06 -17.72
C THR P 24 50.84 28.86 -16.83
N SER P 25 50.89 27.68 -17.44
CA SER P 25 50.72 26.37 -16.79
C SER P 25 51.32 25.33 -17.72
N SER P 26 50.96 24.06 -17.50
CA SER P 26 51.34 23.00 -18.43
C SER P 26 50.58 23.15 -19.75
N ASP P 27 49.26 23.26 -19.67
CA ASP P 27 48.43 23.66 -20.79
C ASP P 27 47.53 24.79 -20.31
N VAL P 28 46.89 25.48 -21.27
CA VAL P 28 46.12 26.67 -20.91
C VAL P 28 44.75 26.29 -20.34
N GLY P 29 44.31 25.06 -20.55
CA GLY P 29 43.10 24.57 -19.91
C GLY P 29 43.18 23.09 -19.59
N GLY P 30 44.35 22.51 -19.77
CA GLY P 30 44.47 21.06 -19.78
C GLY P 30 44.27 20.54 -21.19
N TYR P 31 43.03 20.55 -21.68
CA TYR P 31 42.80 20.29 -23.10
C TYR P 31 42.17 21.47 -23.82
N ASN P 32 40.95 21.86 -23.45
CA ASN P 32 40.25 22.96 -24.14
C ASN P 32 39.39 23.76 -23.17
N TYR P 33 39.90 24.04 -21.98
CA TYR P 33 39.04 24.53 -20.89
C TYR P 33 39.44 25.95 -20.46
N VAL P 34 38.91 26.94 -21.16
CA VAL P 34 39.09 28.35 -20.83
C VAL P 34 37.72 29.02 -20.86
N SER P 35 37.33 29.65 -19.76
CA SER P 35 36.03 30.30 -19.67
C SER P 35 36.18 31.82 -19.58
N TRP P 36 35.09 32.52 -19.85
CA TRP P 36 35.07 33.98 -19.91
C TRP P 36 33.84 34.49 -19.16
N TYR P 37 33.92 35.76 -18.75
CA TYR P 37 32.88 36.35 -17.91
C TYR P 37 32.66 37.80 -18.30
N GLN P 38 31.47 38.31 -17.96
CA GLN P 38 31.08 39.69 -18.21
C GLN P 38 30.58 40.29 -16.91
N GLN P 39 31.41 41.13 -16.28
CA GLN P 39 31.09 41.71 -14.98
C GLN P 39 30.59 43.13 -15.17
N HIS P 40 29.28 43.33 -14.99
CA HIS P 40 28.71 44.67 -15.00
C HIS P 40 28.98 45.36 -13.67
N PRO P 41 29.28 46.66 -13.65
CA PRO P 41 29.51 47.34 -12.37
C PRO P 41 28.19 47.64 -11.67
N GLY P 42 27.99 46.98 -10.52
CA GLY P 42 26.79 47.16 -9.72
C GLY P 42 25.69 46.16 -9.98
N LYS P 43 25.90 45.18 -10.85
CA LYS P 43 24.91 44.18 -11.18
C LYS P 43 25.53 42.79 -11.07
N ALA P 44 24.78 41.78 -11.50
CA ALA P 44 25.23 40.40 -11.42
C ALA P 44 26.15 40.08 -12.59
N PRO P 45 27.34 39.50 -12.34
CA PRO P 45 28.21 39.10 -13.45
C PRO P 45 27.74 37.82 -14.13
N LYS P 46 27.19 37.95 -15.34
CA LYS P 46 26.66 36.81 -16.05
C LYS P 46 27.80 36.05 -16.77
N LEU P 47 27.44 34.92 -17.37
CA LEU P 47 28.40 34.05 -18.01
C LEU P 47 28.52 34.38 -19.49
N MET P 48 29.76 34.45 -19.97
CA MET P 48 30.09 34.57 -21.38
C MET P 48 30.22 33.19 -22.01
N ILE P 49 30.92 33.13 -23.15
CA ILE P 49 31.19 31.86 -23.82
C ILE P 49 32.06 30.98 -22.93
N TYR P 50 31.49 29.86 -22.50
CA TYR P 50 32.04 29.08 -21.40
C TYR P 50 33.13 28.13 -21.86
N ASP P 51 32.97 27.53 -23.03
CA ASP P 51 34.02 26.73 -23.63
C ASP P 51 34.82 27.63 -24.56
N VAL P 52 35.65 27.03 -25.42
CA VAL P 52 36.35 27.85 -26.41
C VAL P 52 35.43 28.16 -27.58
N SER P 53 34.55 27.23 -27.96
CA SER P 53 33.72 27.41 -29.13
C SER P 53 32.24 27.10 -28.92
N LYS P 54 31.82 26.70 -27.72
CA LYS P 54 30.42 26.35 -27.51
C LYS P 54 29.58 27.58 -27.19
N ARG P 55 28.32 27.54 -27.60
CA ARG P 55 27.41 28.68 -27.41
C ARG P 55 26.76 28.60 -26.02
N PRO P 56 26.81 29.67 -25.22
CA PRO P 56 26.16 29.66 -23.91
C PRO P 56 24.72 30.13 -23.93
N SER P 57 24.17 30.42 -25.11
CA SER P 57 22.84 30.99 -25.36
C SER P 57 22.59 32.30 -24.60
N GLY P 58 23.61 33.14 -24.48
CA GLY P 58 23.46 34.42 -23.83
C GLY P 58 23.87 35.57 -24.72
N VAL P 59 24.71 35.28 -25.72
CA VAL P 59 25.21 36.27 -26.65
C VAL P 59 24.67 35.94 -28.04
N PRO P 60 24.19 36.96 -28.83
CA PRO P 60 23.69 36.70 -30.19
C PRO P 60 24.76 36.66 -31.28
N ASP P 61 25.73 35.74 -31.10
CA ASP P 61 26.77 35.36 -32.08
C ASP P 61 27.67 36.53 -32.49
N ARG P 62 28.16 37.27 -31.49
CA ARG P 62 29.10 38.36 -31.73
C ARG P 62 30.32 38.33 -30.83
N PHE P 63 30.28 37.59 -29.74
CA PHE P 63 31.42 37.42 -28.85
C PHE P 63 31.80 35.94 -28.86
N SER P 64 32.85 35.61 -29.60
CA SER P 64 33.30 34.24 -29.77
C SER P 64 34.73 34.07 -29.30
N GLY P 65 35.09 32.81 -29.02
CA GLY P 65 36.44 32.47 -28.64
C GLY P 65 37.26 31.97 -29.81
N SER P 66 38.54 31.70 -29.54
CA SER P 66 39.46 31.23 -30.55
C SER P 66 40.39 30.19 -29.96
N LYS P 67 40.54 29.07 -30.65
CA LYS P 67 41.46 28.01 -30.21
C LYS P 67 42.87 28.37 -30.66
N SER P 68 43.79 28.47 -29.70
CA SER P 68 45.15 28.88 -29.97
C SER P 68 46.09 28.04 -29.11
N GLY P 69 47.34 28.47 -29.01
CA GLY P 69 48.36 27.71 -28.31
C GLY P 69 48.54 28.13 -26.87
N ASN P 70 49.60 28.87 -26.58
CA ASN P 70 49.95 29.26 -25.21
C ASN P 70 49.10 30.41 -24.69
N THR P 71 48.34 31.06 -25.57
CA THR P 71 47.45 32.15 -25.19
C THR P 71 46.00 31.75 -25.38
N ALA P 72 45.10 32.51 -24.77
CA ALA P 72 43.67 32.32 -24.92
C ALA P 72 43.04 33.67 -25.24
N SER P 73 42.42 33.78 -26.41
CA SER P 73 41.91 35.04 -26.91
C SER P 73 40.40 35.00 -27.07
N LEU P 74 39.79 36.18 -27.05
CA LEU P 74 38.34 36.34 -27.20
C LEU P 74 38.10 37.28 -28.38
N THR P 75 37.45 36.77 -29.42
CA THR P 75 37.23 37.55 -30.63
C THR P 75 35.90 38.29 -30.57
N ILE P 76 35.93 39.58 -30.93
CA ILE P 76 34.75 40.43 -30.96
C ILE P 76 34.46 40.76 -32.41
N SER P 77 33.25 40.43 -32.87
CA SER P 77 32.80 40.74 -34.21
C SER P 77 31.61 41.70 -34.10
N GLY P 78 31.78 42.94 -34.55
CA GLY P 78 30.71 43.92 -34.46
C GLY P 78 30.49 44.47 -33.08
N LEU P 79 31.45 45.25 -32.57
CA LEU P 79 31.35 45.84 -31.25
C LEU P 79 30.31 46.97 -31.24
N GLN P 80 29.35 46.87 -30.34
CA GLN P 80 28.27 47.85 -30.21
C GLN P 80 28.55 48.80 -29.06
N ALA P 81 27.57 49.65 -28.76
CA ALA P 81 27.69 50.65 -27.71
C ALA P 81 27.05 50.21 -26.40
N GLU P 82 27.02 48.91 -26.12
CA GLU P 82 26.45 48.36 -24.89
C GLU P 82 27.43 47.40 -24.24
N ASP P 83 28.70 47.80 -24.20
CA ASP P 83 29.78 46.99 -23.64
C ASP P 83 30.40 47.69 -22.43
N GLU P 84 29.55 48.22 -21.55
CA GLU P 84 30.01 48.89 -20.34
C GLU P 84 30.11 47.90 -19.17
N ALA P 85 31.02 46.94 -19.34
CA ALA P 85 31.22 45.88 -18.36
C ALA P 85 32.64 45.37 -18.48
N ASP P 86 33.13 44.77 -17.40
CA ASP P 86 34.47 44.20 -17.36
C ASP P 86 34.48 42.81 -17.99
N TYR P 87 35.63 42.44 -18.52
CA TYR P 87 35.80 41.19 -19.26
C TYR P 87 36.85 40.35 -18.56
N TYR P 88 36.44 39.21 -18.01
CA TYR P 88 37.33 38.37 -17.23
C TYR P 88 37.88 37.21 -18.05
N CYS P 89 38.81 36.48 -17.44
CA CYS P 89 39.50 35.37 -18.11
C CYS P 89 39.78 34.31 -17.05
N SER P 90 38.87 33.34 -16.95
CA SER P 90 38.96 32.29 -15.94
C SER P 90 39.49 31.00 -16.56
N SER P 91 40.45 30.37 -15.86
CA SER P 91 41.07 29.15 -16.38
C SER P 91 40.37 27.91 -15.85
N TYR P 92 40.41 27.70 -14.54
CA TYR P 92 39.71 26.58 -13.93
C TYR P 92 38.64 27.03 -12.95
N GLU P 93 39.03 27.75 -11.88
CA GLU P 93 38.05 28.38 -11.00
C GLU P 93 38.48 29.76 -10.54
N TYR P 94 39.68 30.21 -10.89
CA TYR P 94 40.18 31.52 -10.49
C TYR P 94 39.98 32.51 -11.62
N PHE P 95 39.62 33.73 -11.26
CA PHE P 95 39.36 34.77 -12.23
C PHE P 95 40.59 35.64 -12.42
N GLY P 96 40.66 36.32 -13.57
CA GLY P 96 41.79 37.18 -13.87
C GLY P 96 41.66 38.58 -13.30
N GLY P 97 42.24 39.56 -14.00
CA GLY P 97 42.17 40.93 -13.53
C GLY P 97 40.90 41.65 -13.93
N GLY P 98 40.46 41.41 -15.17
CA GLY P 98 39.27 42.08 -15.68
C GLY P 98 39.59 43.27 -16.56
N THR P 99 39.42 43.12 -17.87
CA THR P 99 39.70 44.20 -18.81
C THR P 99 38.44 44.99 -19.09
N LYS P 100 38.60 46.30 -19.22
CA LYS P 100 37.51 47.20 -19.58
C LYS P 100 37.62 47.55 -21.06
N LEU P 101 36.53 47.35 -21.79
CA LEU P 101 36.53 47.53 -23.24
C LEU P 101 35.46 48.54 -23.65
N THR P 102 35.45 49.71 -23.00
CA THR P 102 34.45 50.72 -23.28
C THR P 102 34.68 51.40 -24.62
N VAL P 103 33.63 52.04 -25.12
CA VAL P 103 33.66 52.66 -26.44
C VAL P 103 34.29 54.05 -26.36
N LEU P 104 34.62 54.61 -27.51
CA LEU P 104 35.11 55.98 -27.54
C LEU P 104 33.96 56.97 -27.34
N SER P 105 32.99 56.94 -28.26
CA SER P 105 31.82 57.85 -28.37
C SER P 105 32.14 59.35 -28.26
N SER Q 1 7.48 -52.94 16.91
CA SER Q 1 7.06 -54.14 16.18
C SER Q 1 8.02 -55.29 16.44
N ALA Q 2 7.90 -56.33 15.62
CA ALA Q 2 8.78 -57.50 15.75
C ALA Q 2 10.14 -57.18 15.14
N LEU Q 3 11.10 -56.85 16.00
CA LEU Q 3 12.45 -56.50 15.57
C LEU Q 3 13.45 -57.34 16.34
N THR Q 4 14.29 -58.08 15.63
CA THR Q 4 15.30 -58.93 16.22
C THR Q 4 16.68 -58.32 16.06
N GLN Q 5 17.43 -58.26 17.16
CA GLN Q 5 18.75 -57.67 17.16
C GLN Q 5 19.58 -58.36 18.24
N PRO Q 6 20.88 -58.57 18.03
CA PRO Q 6 21.71 -59.20 19.07
C PRO Q 6 22.00 -58.26 20.24
N ARG Q 7 22.70 -58.80 21.24
CA ARG Q 7 23.00 -58.05 22.44
C ARG Q 7 24.38 -57.39 22.37
N SER Q 8 25.44 -58.19 22.25
CA SER Q 8 26.80 -57.67 22.27
C SER Q 8 27.73 -58.66 21.58
N VAL Q 9 28.50 -58.16 20.61
CA VAL Q 9 29.58 -58.93 20.00
C VAL Q 9 30.87 -58.17 20.17
N SER Q 10 31.98 -58.90 20.09
CA SER Q 10 33.30 -58.32 20.33
C SER Q 10 33.90 -57.81 19.02
N GLY Q 11 35.13 -57.32 19.11
CA GLY Q 11 35.81 -56.81 17.93
C GLY Q 11 37.21 -56.35 18.29
N SER Q 12 38.00 -56.13 17.24
CA SER Q 12 39.38 -55.67 17.35
C SER Q 12 39.53 -54.32 16.64
N PRO Q 13 40.47 -53.47 17.09
CA PRO Q 13 40.74 -52.23 16.34
C PRO Q 13 41.47 -52.51 15.03
N GLY Q 14 40.79 -52.18 13.93
CA GLY Q 14 41.30 -52.49 12.61
C GLY Q 14 40.71 -53.77 12.05
N GLN Q 15 39.39 -53.91 12.15
CA GLN Q 15 38.68 -55.11 11.74
C GLN Q 15 37.49 -54.72 10.88
N SER Q 16 36.87 -55.74 10.28
CA SER Q 16 35.64 -55.56 9.49
C SER Q 16 34.60 -56.52 10.03
N VAL Q 17 33.64 -56.01 10.80
CA VAL Q 17 32.57 -56.81 11.37
C VAL Q 17 31.26 -56.44 10.70
N THR Q 18 30.28 -57.33 10.84
CA THR Q 18 28.99 -57.17 10.19
C THR Q 18 27.88 -57.60 11.16
N ILE Q 19 26.97 -56.68 11.46
CA ILE Q 19 25.87 -56.95 12.36
C ILE Q 19 24.70 -57.42 11.50
N SER Q 20 23.72 -58.08 12.14
CA SER Q 20 22.56 -58.59 11.44
C SER Q 20 21.28 -58.10 12.09
N CYS Q 21 20.24 -57.93 11.27
CA CYS Q 21 18.92 -57.53 11.74
C CYS Q 21 17.90 -58.47 11.12
N THR Q 22 17.09 -59.11 11.96
CA THR Q 22 16.13 -60.11 11.52
C THR Q 22 14.70 -59.63 11.83
N GLY Q 23 14.39 -58.41 11.39
CA GLY Q 23 13.04 -57.90 11.53
C GLY Q 23 12.12 -58.52 10.49
N THR Q 24 11.08 -59.20 10.96
CA THR Q 24 10.22 -59.99 10.09
C THR Q 24 8.94 -59.23 9.78
N SER Q 25 8.68 -59.05 8.48
CA SER Q 25 7.48 -58.40 7.96
C SER Q 25 7.30 -58.88 6.53
N SER Q 26 6.49 -58.14 5.75
CA SER Q 26 6.31 -58.45 4.34
C SER Q 26 7.58 -58.19 3.55
N ASP Q 27 8.12 -56.98 3.67
CA ASP Q 27 9.48 -56.69 3.22
C ASP Q 27 10.19 -55.97 4.36
N VAL Q 28 11.52 -55.85 4.24
CA VAL Q 28 12.30 -55.32 5.36
C VAL Q 28 12.22 -53.80 5.43
N GLY Q 29 11.78 -53.15 4.34
CA GLY Q 29 11.48 -51.73 4.38
C GLY Q 29 10.33 -51.35 3.49
N GLY Q 30 9.64 -52.36 2.96
CA GLY Q 30 8.74 -52.12 1.85
C GLY Q 30 9.51 -52.20 0.55
N TYR Q 31 10.28 -51.15 0.23
CA TYR Q 31 11.22 -51.23 -0.89
C TYR Q 31 12.66 -51.06 -0.47
N ASN Q 32 13.03 -49.91 0.11
CA ASN Q 32 14.44 -49.60 0.37
C ASN Q 32 14.61 -48.80 1.67
N TYR Q 33 13.92 -49.20 2.73
CA TYR Q 33 13.78 -48.32 3.90
C TYR Q 33 14.23 -49.00 5.19
N VAL Q 34 15.53 -48.95 5.47
CA VAL Q 34 16.11 -49.44 6.71
C VAL Q 34 17.05 -48.36 7.25
N SER Q 35 16.83 -47.92 8.49
CA SER Q 35 17.63 -46.87 9.10
C SER Q 35 18.45 -47.44 10.25
N TRP Q 36 19.51 -46.71 10.60
CA TRP Q 36 20.45 -47.11 11.63
C TRP Q 36 20.73 -45.92 12.55
N TYR Q 37 21.17 -46.23 13.78
CA TYR Q 37 21.38 -45.19 14.77
C TYR Q 37 22.63 -45.50 15.59
N GLN Q 38 23.20 -44.45 16.18
CA GLN Q 38 24.38 -44.54 17.04
C GLN Q 38 24.05 -43.87 18.36
N GLN Q 39 23.87 -44.67 19.41
CA GLN Q 39 23.44 -44.16 20.71
C GLN Q 39 24.62 -44.14 21.66
N HIS Q 40 25.16 -42.95 21.93
CA HIS Q 40 26.21 -42.81 22.91
C HIS Q 40 25.61 -42.79 24.31
N PRO Q 41 26.23 -43.45 25.30
CA PRO Q 41 25.68 -43.44 26.67
C PRO Q 41 25.95 -42.12 27.38
N GLY Q 42 24.88 -41.36 27.63
CA GLY Q 42 24.99 -40.09 28.32
C GLY Q 42 25.05 -38.87 27.42
N LYS Q 43 24.95 -39.06 26.11
CA LYS Q 43 25.01 -37.97 25.14
C LYS Q 43 23.82 -38.08 24.20
N ALA Q 44 23.84 -37.26 23.14
CA ALA Q 44 22.75 -37.25 22.18
C ALA Q 44 22.94 -38.36 21.15
N PRO Q 45 21.93 -39.22 20.94
CA PRO Q 45 22.05 -40.24 19.89
C PRO Q 45 21.89 -39.67 18.49
N LYS Q 46 22.98 -39.62 17.74
CA LYS Q 46 22.95 -39.05 16.40
C LYS Q 46 22.44 -40.09 15.39
N LEU Q 47 22.31 -39.64 14.14
CA LEU Q 47 21.81 -40.48 13.06
C LEU Q 47 22.96 -41.09 12.29
N MET Q 48 22.88 -42.39 12.03
CA MET Q 48 23.80 -43.13 11.18
C MET Q 48 23.34 -43.05 9.73
N ILE Q 49 23.80 -44.00 8.91
CA ILE Q 49 23.33 -44.11 7.53
C ILE Q 49 21.84 -44.40 7.49
N TYR Q 50 21.08 -43.49 6.89
CA TYR Q 50 19.64 -43.41 7.09
C TYR Q 50 18.87 -44.27 6.09
N ASP Q 51 19.34 -44.33 4.85
CA ASP Q 51 18.83 -45.29 3.88
C ASP Q 51 19.70 -46.53 3.95
N VAL Q 52 19.58 -47.41 2.96
CA VAL Q 52 20.48 -48.55 2.90
C VAL Q 52 21.79 -48.15 2.24
N SER Q 53 21.76 -47.20 1.30
CA SER Q 53 22.95 -46.83 0.56
C SER Q 53 23.23 -45.33 0.48
N LYS Q 54 22.38 -44.48 1.06
CA LYS Q 54 22.57 -43.04 0.93
C LYS Q 54 23.45 -42.51 2.06
N ARG Q 55 24.13 -41.40 1.77
CA ARG Q 55 25.07 -40.79 2.73
C ARG Q 55 24.34 -39.79 3.63
N PRO Q 56 24.51 -39.87 4.94
CA PRO Q 56 23.87 -38.89 5.85
C PRO Q 56 24.74 -37.68 6.18
N SER Q 57 25.95 -37.59 5.60
CA SER Q 57 27.02 -36.62 5.93
C SER Q 57 27.32 -36.57 7.44
N GLY Q 58 27.36 -37.73 8.09
CA GLY Q 58 27.71 -37.80 9.50
C GLY Q 58 28.88 -38.72 9.75
N VAL Q 59 29.11 -39.66 8.83
CA VAL Q 59 30.21 -40.61 8.92
C VAL Q 59 31.14 -40.36 7.75
N PRO Q 60 32.49 -40.44 7.93
CA PRO Q 60 33.43 -40.30 6.80
C PRO Q 60 33.65 -41.58 5.99
N ASP Q 61 32.54 -42.13 5.44
CA ASP Q 61 32.50 -43.19 4.42
C ASP Q 61 33.11 -44.51 4.89
N ARG Q 62 33.02 -44.77 6.19
CA ARG Q 62 33.53 -46.01 6.75
C ARG Q 62 32.46 -46.91 7.34
N PHE Q 63 31.25 -46.40 7.59
CA PHE Q 63 30.11 -47.20 8.05
C PHE Q 63 29.07 -47.17 6.94
N SER Q 64 29.02 -48.23 6.14
CA SER Q 64 28.10 -48.32 5.02
C SER Q 64 27.12 -49.46 5.23
N GLY Q 65 25.97 -49.35 4.56
CA GLY Q 65 24.98 -50.40 4.59
C GLY Q 65 25.06 -51.29 3.37
N SER Q 66 24.37 -52.43 3.45
CA SER Q 66 24.38 -53.41 2.37
C SER Q 66 22.95 -53.81 2.04
N LYS Q 67 22.61 -53.76 0.75
CA LYS Q 67 21.30 -54.18 0.28
C LYS Q 67 21.26 -55.70 0.20
N SER Q 68 20.32 -56.31 0.92
CA SER Q 68 20.23 -57.76 1.02
C SER Q 68 18.75 -58.14 0.97
N GLY Q 69 18.45 -59.39 1.34
CA GLY Q 69 17.10 -59.90 1.26
C GLY Q 69 16.33 -59.71 2.55
N ASN Q 70 16.12 -60.79 3.29
CA ASN Q 70 15.32 -60.77 4.52
C ASN Q 70 16.07 -60.16 5.70
N THR Q 71 17.39 -60.01 5.57
CA THR Q 71 18.21 -59.40 6.61
C THR Q 71 18.74 -58.05 6.12
N ALA Q 72 19.05 -57.19 7.08
CA ALA Q 72 19.65 -55.88 6.81
C ALA Q 72 20.93 -55.78 7.64
N SER Q 73 22.06 -55.55 6.97
CA SER Q 73 23.36 -55.59 7.60
C SER Q 73 24.07 -54.25 7.49
N LEU Q 74 25.02 -54.03 8.39
CA LEU Q 74 25.81 -52.82 8.46
C LEU Q 74 27.28 -53.18 8.27
N THR Q 75 27.87 -52.76 7.16
CA THR Q 75 29.25 -53.08 6.85
C THR Q 75 30.18 -52.04 7.48
N ILE Q 76 31.20 -52.52 8.17
CA ILE Q 76 32.19 -51.66 8.82
C ILE Q 76 33.52 -51.85 8.11
N SER Q 77 34.09 -50.76 7.61
CA SER Q 77 35.39 -50.77 6.96
C SER Q 77 36.34 -49.92 7.78
N GLY Q 78 37.36 -50.55 8.37
CA GLY Q 78 38.30 -49.83 9.20
C GLY Q 78 37.76 -49.44 10.56
N LEU Q 79 37.53 -50.43 11.41
CA LEU Q 79 37.00 -50.18 12.75
C LEU Q 79 38.07 -49.54 13.64
N GLN Q 80 37.73 -48.40 14.23
CA GLN Q 80 38.63 -47.63 15.06
C GLN Q 80 38.33 -47.86 16.53
N ALA Q 81 39.02 -47.11 17.39
CA ALA Q 81 38.87 -47.20 18.84
C ALA Q 81 37.96 -46.13 19.41
N GLU Q 82 36.99 -45.65 18.63
CA GLU Q 82 36.08 -44.59 19.04
C GLU Q 82 34.63 -45.02 18.84
N ASP Q 83 34.35 -46.31 19.05
CA ASP Q 83 33.03 -46.89 18.83
C ASP Q 83 32.41 -47.32 20.15
N GLU Q 84 32.49 -46.46 21.16
CA GLU Q 84 31.88 -46.73 22.47
C GLU Q 84 30.44 -46.21 22.52
N ALA Q 85 29.60 -46.82 21.69
CA ALA Q 85 28.21 -46.40 21.55
C ALA Q 85 27.39 -47.60 21.08
N ASP Q 86 26.09 -47.55 21.36
CA ASP Q 86 25.20 -48.61 20.94
C ASP Q 86 24.81 -48.44 19.47
N TYR Q 87 24.46 -49.56 18.83
CA TYR Q 87 24.16 -49.59 17.41
C TYR Q 87 22.75 -50.13 17.22
N TYR Q 88 21.84 -49.27 16.80
CA TYR Q 88 20.43 -49.63 16.68
C TYR Q 88 20.08 -50.05 15.27
N CYS Q 89 18.85 -50.54 15.11
CA CYS Q 89 18.35 -51.05 13.83
C CYS Q 89 16.85 -50.76 13.79
N SER Q 90 16.50 -49.62 13.19
CA SER Q 90 15.11 -49.18 13.14
C SER Q 90 14.54 -49.42 11.75
N SER Q 91 13.31 -49.93 11.70
CA SER Q 91 12.69 -50.30 10.42
C SER Q 91 11.88 -49.14 9.86
N TYR Q 92 10.81 -48.75 10.56
CA TYR Q 92 10.00 -47.62 10.13
C TYR Q 92 9.99 -46.50 11.15
N GLU Q 93 9.50 -46.76 12.37
CA GLU Q 93 9.60 -45.79 13.45
C GLU Q 93 9.92 -46.43 14.79
N TYR Q 94 10.00 -47.75 14.87
CA TYR Q 94 10.34 -48.46 16.10
C TYR Q 94 11.81 -48.83 16.07
N PHE Q 95 12.46 -48.72 17.21
CA PHE Q 95 13.88 -49.02 17.32
C PHE Q 95 14.08 -50.44 17.84
N GLY Q 96 15.25 -51.00 17.56
CA GLY Q 96 15.56 -52.35 17.98
C GLY Q 96 16.10 -52.46 19.40
N GLY Q 97 16.92 -53.47 19.66
CA GLY Q 97 17.48 -53.64 20.98
C GLY Q 97 18.74 -52.82 21.21
N GLY Q 98 19.59 -52.75 20.20
CA GLY Q 98 20.84 -52.02 20.31
C GLY Q 98 22.02 -52.91 20.63
N THR Q 99 22.90 -53.11 19.66
CA THR Q 99 24.09 -53.94 19.83
C THR Q 99 25.26 -53.08 20.30
N LYS Q 100 26.17 -53.70 21.04
CA LYS Q 100 27.40 -53.06 21.45
C LYS Q 100 28.57 -53.68 20.69
N LEU Q 101 29.42 -52.83 20.13
CA LEU Q 101 30.52 -53.28 19.28
C LEU Q 101 31.84 -52.74 19.81
N THR Q 102 32.10 -52.95 21.09
CA THR Q 102 33.29 -52.41 21.73
C THR Q 102 34.56 -53.14 21.28
N VAL Q 103 35.70 -52.51 21.51
CA VAL Q 103 36.97 -53.00 21.01
C VAL Q 103 37.59 -53.95 22.04
N LEU Q 104 38.58 -54.72 21.59
CA LEU Q 104 39.33 -55.56 22.51
C LEU Q 104 40.28 -54.72 23.36
N SER Q 105 41.22 -54.04 22.69
CA SER Q 105 42.31 -53.19 23.25
C SER Q 105 43.11 -53.83 24.39
N SER R 1 -47.29 12.80 -27.15
CA SER R 1 -47.35 13.32 -28.51
C SER R 1 -48.61 12.85 -29.22
N ALA R 2 -48.63 13.00 -30.54
CA ALA R 2 -49.77 12.57 -31.36
C ALA R 2 -49.73 11.05 -31.50
N LEU R 3 -50.44 10.35 -30.63
CA LEU R 3 -50.47 8.89 -30.63
C LEU R 3 -51.92 8.46 -30.69
N THR R 4 -52.29 7.77 -31.77
CA THR R 4 -53.65 7.30 -31.97
C THR R 4 -53.74 5.80 -31.68
N GLN R 5 -54.72 5.43 -30.84
CA GLN R 5 -54.91 4.06 -30.45
C GLN R 5 -56.41 3.86 -30.21
N PRO R 6 -56.97 2.69 -30.52
CA PRO R 6 -58.40 2.45 -30.25
C PRO R 6 -58.70 2.24 -28.77
N ARG R 7 -59.98 2.01 -28.49
CA ARG R 7 -60.43 1.85 -27.11
C ARG R 7 -60.48 0.38 -26.70
N SER R 8 -61.31 -0.42 -27.38
CA SER R 8 -61.53 -1.80 -26.99
C SER R 8 -62.00 -2.60 -28.19
N VAL R 9 -61.36 -3.74 -28.44
CA VAL R 9 -61.82 -4.70 -29.43
C VAL R 9 -62.04 -6.04 -28.72
N SER R 10 -62.85 -6.88 -29.35
CA SER R 10 -63.22 -8.17 -28.77
C SER R 10 -62.26 -9.26 -29.24
N GLY R 11 -62.55 -10.50 -28.85
CA GLY R 11 -61.72 -11.62 -29.26
C GLY R 11 -62.29 -12.92 -28.73
N SER R 12 -61.79 -14.01 -29.32
CA SER R 12 -62.12 -15.38 -28.95
C SER R 12 -60.84 -16.14 -28.60
N PRO R 13 -60.90 -17.15 -27.72
CA PRO R 13 -59.70 -17.97 -27.46
C PRO R 13 -59.35 -18.85 -28.64
N GLY R 14 -58.15 -18.63 -29.19
CA GLY R 14 -57.70 -19.33 -30.38
C GLY R 14 -57.93 -18.54 -31.65
N GLN R 15 -57.48 -17.29 -31.66
CA GLN R 15 -57.79 -16.39 -32.77
C GLN R 15 -56.51 -15.63 -33.12
N SER R 16 -56.51 -14.90 -34.25
CA SER R 16 -55.39 -14.05 -34.64
C SER R 16 -55.93 -12.67 -34.95
N VAL R 17 -55.66 -11.70 -34.07
CA VAL R 17 -56.16 -10.35 -34.21
C VAL R 17 -54.95 -9.42 -34.30
N THR R 18 -55.18 -8.22 -34.83
CA THR R 18 -54.12 -7.25 -35.07
C THR R 18 -54.60 -5.85 -34.72
N ILE R 19 -53.91 -5.20 -33.79
CA ILE R 19 -54.21 -3.84 -33.41
C ILE R 19 -53.39 -2.93 -34.33
N SER R 20 -53.79 -1.65 -34.40
CA SER R 20 -53.12 -0.67 -35.26
C SER R 20 -52.78 0.58 -34.47
N CYS R 21 -51.69 1.24 -34.87
CA CYS R 21 -51.29 2.53 -34.29
C CYS R 21 -51.03 3.50 -35.44
N THR R 22 -51.92 4.47 -35.62
CA THR R 22 -51.87 5.38 -36.75
C THR R 22 -51.53 6.82 -36.34
N GLY R 23 -50.74 6.97 -35.28
CA GLY R 23 -50.26 8.29 -34.91
C GLY R 23 -49.17 8.77 -35.86
N THR R 24 -49.32 9.99 -36.33
CA THR R 24 -48.48 10.52 -37.40
C THR R 24 -47.30 11.30 -36.85
N SER R 25 -46.20 11.27 -37.60
CA SER R 25 -44.94 11.96 -37.33
C SER R 25 -44.20 12.04 -38.67
N SER R 26 -42.89 12.31 -38.60
CA SER R 26 -42.05 12.19 -39.80
C SER R 26 -41.90 10.74 -40.22
N ASP R 27 -41.38 9.91 -39.32
CA ASP R 27 -41.45 8.46 -39.43
C ASP R 27 -42.07 7.92 -38.15
N VAL R 28 -42.50 6.65 -38.20
CA VAL R 28 -43.28 6.11 -37.08
C VAL R 28 -42.39 5.72 -35.91
N GLY R 29 -41.07 5.62 -36.13
CA GLY R 29 -40.15 5.43 -35.04
C GLY R 29 -38.83 6.14 -35.28
N GLY R 30 -38.78 6.98 -36.31
CA GLY R 30 -37.52 7.50 -36.78
C GLY R 30 -36.91 6.55 -37.79
N TYR R 31 -36.39 5.41 -37.34
CA TYR R 31 -36.02 4.34 -38.25
C TYR R 31 -36.81 3.06 -38.00
N ASN R 32 -36.66 2.44 -36.84
CA ASN R 32 -37.35 1.18 -36.53
C ASN R 32 -37.72 1.09 -35.06
N TYR R 33 -38.21 2.17 -34.47
CA TYR R 33 -38.33 2.25 -33.01
C TYR R 33 -39.77 2.42 -32.56
N VAL R 34 -40.48 1.31 -32.40
CA VAL R 34 -41.84 1.29 -31.86
C VAL R 34 -41.87 0.24 -30.75
N SER R 35 -42.27 0.64 -29.55
CA SER R 35 -42.35 -0.25 -28.41
C SER R 35 -43.79 -0.49 -28.01
N TRP R 36 -44.01 -1.53 -27.22
CA TRP R 36 -45.34 -1.96 -26.80
C TRP R 36 -45.32 -2.29 -25.32
N TYR R 37 -46.49 -2.22 -24.69
CA TYR R 37 -46.63 -2.45 -23.26
C TYR R 37 -47.92 -3.19 -22.96
N GLN R 38 -47.88 -4.03 -21.92
CA GLN R 38 -49.05 -4.74 -21.41
C GLN R 38 -49.23 -4.36 -19.95
N GLN R 39 -50.36 -3.73 -19.63
CA GLN R 39 -50.63 -3.23 -18.29
C GLN R 39 -51.80 -4.00 -17.69
N HIS R 40 -51.52 -4.80 -16.66
CA HIS R 40 -52.58 -5.46 -15.91
C HIS R 40 -53.24 -4.46 -14.96
N PRO R 41 -54.56 -4.55 -14.76
CA PRO R 41 -55.23 -3.65 -13.81
C PRO R 41 -54.95 -4.01 -12.37
N GLY R 42 -54.22 -3.15 -11.67
CA GLY R 42 -53.87 -3.38 -10.28
C GLY R 42 -52.53 -4.03 -10.05
N LYS R 43 -51.73 -4.23 -11.08
CA LYS R 43 -50.42 -4.85 -10.98
C LYS R 43 -49.39 -4.01 -11.74
N ALA R 44 -48.18 -4.54 -11.87
CA ALA R 44 -47.10 -3.82 -12.52
C ALA R 44 -47.20 -3.98 -14.03
N PRO R 45 -47.11 -2.89 -14.81
CA PRO R 45 -47.13 -3.02 -16.27
C PRO R 45 -45.79 -3.48 -16.82
N LYS R 46 -45.73 -4.72 -17.31
CA LYS R 46 -44.48 -5.28 -17.81
C LYS R 46 -44.23 -4.80 -19.24
N LEU R 47 -43.06 -5.20 -19.76
CA LEU R 47 -42.65 -4.81 -21.10
C LEU R 47 -43.01 -5.91 -22.10
N MET R 48 -43.58 -5.50 -23.22
CA MET R 48 -43.86 -6.37 -24.37
C MET R 48 -42.64 -6.43 -25.28
N ILE R 49 -42.85 -6.81 -26.54
CA ILE R 49 -41.80 -6.76 -27.56
C ILE R 49 -41.36 -5.31 -27.78
N TYR R 50 -40.10 -5.04 -27.43
CA TYR R 50 -39.61 -3.67 -27.28
C TYR R 50 -39.20 -3.07 -28.61
N ASP R 51 -38.62 -3.87 -29.49
CA ASP R 51 -38.33 -3.46 -30.84
C ASP R 51 -39.50 -3.85 -31.74
N VAL R 52 -39.31 -3.81 -33.05
CA VAL R 52 -40.36 -4.32 -33.92
C VAL R 52 -40.26 -5.84 -34.04
N SER R 53 -39.05 -6.40 -33.96
CA SER R 53 -38.88 -7.83 -34.16
C SER R 53 -37.99 -8.52 -33.12
N LYS R 54 -37.41 -7.81 -32.17
CA LYS R 54 -36.52 -8.44 -31.21
C LYS R 54 -37.29 -9.03 -30.04
N ARG R 55 -36.79 -10.17 -29.54
CA ARG R 55 -37.46 -10.88 -28.46
C ARG R 55 -37.09 -10.26 -27.11
N PRO R 56 -38.07 -9.93 -26.26
CA PRO R 56 -37.76 -9.38 -24.94
C PRO R 56 -37.60 -10.41 -23.85
N SER R 57 -37.65 -11.70 -24.20
CA SER R 57 -37.65 -12.87 -23.30
C SER R 57 -38.75 -12.83 -22.25
N GLY R 58 -39.93 -12.32 -22.61
CA GLY R 58 -41.05 -12.28 -21.70
C GLY R 58 -42.28 -12.97 -22.26
N VAL R 59 -42.34 -13.07 -23.58
CA VAL R 59 -43.47 -13.68 -24.27
C VAL R 59 -42.97 -14.96 -24.96
N PRO R 60 -43.70 -16.12 -24.85
CA PRO R 60 -43.25 -17.37 -25.48
C PRO R 60 -43.62 -17.51 -26.96
N ASP R 61 -43.19 -16.53 -27.77
CA ASP R 61 -43.28 -16.50 -29.24
C ASP R 61 -44.72 -16.57 -29.76
N ARG R 62 -45.60 -15.77 -29.17
CA ARG R 62 -46.98 -15.68 -29.63
C ARG R 62 -47.45 -14.25 -29.89
N PHE R 63 -46.75 -13.26 -29.36
CA PHE R 63 -47.05 -11.85 -29.61
C PHE R 63 -45.83 -11.25 -30.30
N SER R 64 -46.02 -10.85 -31.56
CA SER R 64 -44.93 -10.28 -32.36
C SER R 64 -45.37 -8.97 -32.99
N GLY R 65 -44.39 -8.25 -33.53
CA GLY R 65 -44.63 -7.03 -34.26
C GLY R 65 -44.50 -7.22 -35.76
N SER R 66 -44.72 -6.15 -36.50
CA SER R 66 -44.66 -6.18 -37.95
C SER R 66 -44.08 -4.88 -38.47
N LYS R 67 -43.09 -4.99 -39.37
CA LYS R 67 -42.52 -3.83 -40.03
C LYS R 67 -43.46 -3.37 -41.14
N SER R 68 -43.92 -2.13 -41.06
CA SER R 68 -44.90 -1.60 -42.00
C SER R 68 -44.53 -0.15 -42.32
N GLY R 69 -45.47 0.56 -42.93
CA GLY R 69 -45.24 1.92 -43.37
C GLY R 69 -45.67 2.96 -42.35
N ASN R 70 -46.79 3.64 -42.63
CA ASN R 70 -47.25 4.74 -41.80
C ASN R 70 -47.96 4.29 -40.52
N THR R 71 -48.24 3.00 -40.41
CA THR R 71 -48.85 2.43 -39.21
C THR R 71 -47.88 1.48 -38.52
N ALA R 72 -48.23 1.11 -37.30
CA ALA R 72 -47.47 0.15 -36.50
C ALA R 72 -48.43 -0.84 -35.89
N SER R 73 -48.24 -2.12 -36.21
CA SER R 73 -49.18 -3.16 -35.83
C SER R 73 -48.53 -4.20 -34.95
N LEU R 74 -49.35 -4.90 -34.17
CA LEU R 74 -48.92 -5.95 -33.25
C LEU R 74 -49.62 -7.24 -33.64
N THR R 75 -48.86 -8.22 -34.12
CA THR R 75 -49.43 -9.47 -34.59
C THR R 75 -49.60 -10.45 -33.43
N ILE R 76 -50.73 -11.15 -33.42
CA ILE R 76 -51.05 -12.13 -32.40
C ILE R 76 -51.24 -13.48 -33.07
N SER R 77 -50.45 -14.48 -32.65
CA SER R 77 -50.55 -15.84 -33.16
C SER R 77 -50.94 -16.74 -32.00
N GLY R 78 -52.15 -17.29 -32.04
CA GLY R 78 -52.62 -18.14 -30.96
C GLY R 78 -53.02 -17.40 -29.71
N LEU R 79 -54.12 -16.64 -29.80
CA LEU R 79 -54.62 -15.89 -28.65
C LEU R 79 -55.22 -16.82 -27.61
N GLN R 80 -54.74 -16.69 -26.37
CA GLN R 80 -55.18 -17.52 -25.26
C GLN R 80 -56.10 -16.74 -24.34
N ALA R 81 -56.47 -17.37 -23.22
CA ALA R 81 -57.39 -16.79 -22.25
C ALA R 81 -56.68 -16.14 -21.07
N GLU R 82 -55.52 -15.55 -21.29
CA GLU R 82 -54.75 -14.88 -20.25
C GLU R 82 -54.37 -13.47 -20.68
N ASP R 83 -55.27 -12.81 -21.40
CA ASP R 83 -55.05 -11.46 -21.91
C ASP R 83 -56.03 -10.48 -21.29
N GLU R 84 -56.18 -10.53 -19.96
CA GLU R 84 -57.05 -9.62 -19.22
C GLU R 84 -56.26 -8.40 -18.76
N ALA R 85 -55.78 -7.63 -19.74
CA ALA R 85 -54.90 -6.50 -19.47
C ALA R 85 -55.01 -5.50 -20.61
N ASP R 86 -54.64 -4.26 -20.30
CA ASP R 86 -54.60 -3.20 -21.30
C ASP R 86 -53.31 -3.30 -22.10
N TYR R 87 -53.39 -2.92 -23.37
CA TYR R 87 -52.27 -3.03 -24.30
C TYR R 87 -51.95 -1.67 -24.88
N TYR R 88 -50.71 -1.21 -24.68
CA TYR R 88 -50.31 0.14 -25.04
C TYR R 88 -49.48 0.15 -26.32
N CYS R 89 -49.18 1.37 -26.78
CA CYS R 89 -48.45 1.61 -28.03
C CYS R 89 -47.58 2.85 -27.82
N SER R 90 -46.32 2.64 -27.47
CA SER R 90 -45.41 3.73 -27.15
C SER R 90 -44.43 3.97 -28.30
N SER R 91 -44.21 5.24 -28.63
CA SER R 91 -43.34 5.59 -29.76
C SER R 91 -41.91 5.83 -29.30
N TYR R 92 -41.69 6.88 -28.50
CA TYR R 92 -40.37 7.13 -27.94
C TYR R 92 -40.37 7.08 -26.42
N GLU R 93 -41.15 7.94 -25.76
CA GLU R 93 -41.32 7.87 -24.32
C GLU R 93 -42.76 8.08 -23.88
N TYR R 94 -43.65 8.54 -24.76
CA TYR R 94 -45.05 8.74 -24.44
C TYR R 94 -45.83 7.48 -24.76
N PHE R 95 -46.85 7.20 -23.97
CA PHE R 95 -47.64 5.99 -24.12
C PHE R 95 -48.93 6.31 -24.85
N GLY R 96 -49.57 5.27 -25.39
CA GLY R 96 -50.82 5.42 -26.10
C GLY R 96 -52.04 5.45 -25.21
N GLY R 97 -53.21 5.19 -25.78
CA GLY R 97 -54.44 5.20 -25.00
C GLY R 97 -54.66 3.94 -24.20
N GLY R 98 -54.32 2.78 -24.78
CA GLY R 98 -54.53 1.52 -24.10
C GLY R 98 -55.73 0.74 -24.62
N THR R 99 -55.46 -0.31 -25.39
CA THR R 99 -56.52 -1.15 -25.94
C THR R 99 -56.77 -2.34 -25.02
N LYS R 100 -58.03 -2.70 -24.87
CA LYS R 100 -58.41 -3.89 -24.11
C LYS R 100 -58.60 -5.06 -25.08
N LEU R 101 -57.96 -6.18 -24.78
CA LEU R 101 -57.93 -7.32 -25.68
C LEU R 101 -58.56 -8.54 -25.01
N THR R 102 -59.74 -8.35 -24.42
CA THR R 102 -60.37 -9.42 -23.65
C THR R 102 -60.96 -10.49 -24.56
N VAL R 103 -61.15 -11.67 -24.00
CA VAL R 103 -61.72 -12.81 -24.71
C VAL R 103 -63.23 -12.78 -24.61
N LEU R 104 -63.89 -13.60 -25.43
CA LEU R 104 -65.34 -13.75 -25.33
C LEU R 104 -65.72 -14.49 -24.05
N SER R 105 -65.25 -15.74 -23.93
CA SER R 105 -65.53 -16.72 -22.85
C SER R 105 -67.01 -16.89 -22.48
#